data_7KSQ
#
_entry.id   7KSQ
#
_cell.length_a   1.00
_cell.length_b   1.00
_cell.length_c   1.00
_cell.angle_alpha   90.00
_cell.angle_beta   90.00
_cell.angle_gamma   90.00
#
_symmetry.space_group_name_H-M   'P 1'
#
loop_
_entity.id
_entity.type
_entity.pdbx_description
1 polymer 'Photosystem I P700 chlorophyll a apoprotein A1'
2 polymer 'Photosystem I P700 chlorophyll a apoprotein A2'
3 polymer 'Chlorophyll a-b binding protein, chloroplastic'
4 polymer 'Chlorophyll a-b binding protein, chloroplastic'
5 polymer 'Chlorophyll a-b binding protein, chloroplastic'
6 polymer 'Chlorophyll a-b binding protein, chloroplastic'
7 polymer 'Photosystem I iron-sulfur center'
8 polymer PsaD
9 polymer PsaE
10 polymer PSI-F
11 polymer PSI-G
12 polymer PsaH
13 polymer 'Photosystem I reaction center subunit VIII'
14 polymer 'Photosystem I reaction center subunit IX'
15 polymer PsaK
16 polymer 'PSI subunit V'
17 polymer 'Photosystem I reaction center subunit XII'
18 polymer PsaO
19 non-polymer 'CHLOROPHYLL A ISOMER'
20 non-polymer 'CHLOROPHYLL A'
21 non-polymer PHYLLOQUINONE
22 non-polymer 'IRON/SULFUR CLUSTER'
23 non-polymer BETA-CAROTENE
24 non-polymer 1,2-DIPALMITOYL-PHOSPHATIDYL-GLYCEROLE
25 non-polymer 1,2-DISTEAROYL-MONOGALACTOSYL-DIGLYCERIDE
26 non-polymer DODECYL-BETA-D-MALTOSIDE
27 non-polymer 'DIGALACTOSYL DIACYL GLYCEROL (DGDG)'
28 non-polymer 'CHLOROPHYLL B'
29 non-polymer "(3R,3'R,6S)-4,5-DIDEHYDRO-5,6-DIHYDRO-BETA,BETA-CAROTENE-3,3'-DIOL"
30 water water
#
loop_
_entity_poly.entity_id
_entity_poly.type
_entity_poly.pdbx_seq_one_letter_code
_entity_poly.pdbx_strand_id
1 'polypeptide(L)'
;EVKIMVEKDPVKTSFEKWAKPGHFSRTLAKGPNTTTWIWNLHADAHDFDSHTNDLEEISRKVFSAHFGQLAVIFIWLSGM
YFHGARFSNYEAWLSDPTHIKPSAQVVWPIVGQKILNGDVGGGFQGIQITSGFFQLWRASGITSELQLYTTAIGGLIFAA
LMLFAGWFHYHKAAPKLAWFQNVESMLNHHLAGLLGLGSLAWAGHQVHVSLPINRLLDAGVDPKEIPLPHEFILNRDLLA
QLYPSFSKGLTPFFTLNWSEYSDFLTFRGGLNPVTGGLWLTDTAHHHLAIAVLFLVAGHMYRTNFGIGHSMKEILEAHKG
PFTGEGHKGLYEILTTSWHAQLAINLAMLGSLTIIVAHHMYAMPPYPYLATDYATQLSLFTHHMWIGGFLVVGAAAHAAI
FMVRDYDPTTQYNNLLDRVLRHRDAIISHLNWVCIFLGFHSFGLYIHNDTMSALGRPQDMFSDTAIQLQPVFAQWIQNTH
ALAPSLTAPNATASTSLTWGGGDLVAVGGKVALLPIPLGTADFLVHHIHAFTIHVTVLILLKGVLFARSSRLIPDKANLG
FRFPCDGPGRGGTCQVSAWDHVFLGLFWMYNAISVVIFHFSWKMQSDVWGSISDQGVVTHITGGNFAQSSITINGWLRDF
LWAQASQVIQSYGSSLSAYGLLFLGAHFVWAFSLMFLFSGRGYWQELIESIVWAHNKLKVAPAIQPRALSIVQGRAVGVA
HYLLGGIATTWAFFLARIISVG
;
A
2 'polypeptide(L)'
;SRFPKFSRGLSQDPTTRRIWFGIATAHDFESHDDMTEERLYQKIFASHFGQLAIIFLWTSGNLFHVAWQGNFEAWGQDPL
HVRPIAHAIWDPHFGQPAVEAFTRGGASGPVNIAYSGVYQWWYTIGLRTNQDLYGGSIFLLFVSALFLIAGWLHLQPKWK
PSVSWFKNAESRLNHHLSGLFGVSSLAWTGHLVHVAIPESRGEHVRWNNLLTALPHPQGLGPFFAGQWNVYAQNPDSNSH
LFGTSEGAGTAILTFLGGFHPQTQSLWLTDMAHHHLAIAVIFIIAGHMYRTNFGIGHSMKEILEAHTPPGGRLGRGHKGL
YDTINNSLHFQLGLALASLGVITSLVAQHMYSLPPYAFLAQDFTTQAALYTHHQYIAGFIMTGAFAHGAIFFIRDYNPEQ
NKDNVLARMLEHKEAIISHLSWASLFLGFHTLGLYVHNDVMLAFGTPEKQILIEPVFAQWIQSAHGKALYGFDVLLSSAD
SPAFNAGQTLWLPGWLDAINNNSNSLFLTIGPGDFLVHHAIALGLHTTTLILVKGALDARGSKLMPDKKEFGYSFPCDGP
GRGGTCDISAWDAFYLAVFWMLNTIGWVTFYWHWKHITLWQGNVAQFNESSTYLMGWLRDYLWLNSSQLINGYNPFGMNS
LSVWAWMFLFGHLVWATGFMFLISWRGYWQELIETLAWAHERTPLANLVRWKDKPVALSIVQARLVGLAHFSVGYIFTYA
AFLIASTSGKFG
;
B
3 'polypeptide(L)'
;EWLPGNPRPSYLDGSAPGDFGFDPLGLGEVPENLERFKESELIHARWAMLAVPGVLIPEALGYGNWVSAQKWAATPGGQA
TYLGNPVPWGNLPVILAIEFLAIAFAESQRNGEPDPEKRKYPGGAFDPLGFSKGANLEELKLKEIKNGRLALVAFLGFAV
QAIAYPGTGPLENLKTHLADPWHNTIAHVIIP
;
1
4 'polypeptide(L)'
;RPLWFPGSQPPEWLDGSLPGDFGFDPLGLGSDPELLKWFVQAELVHCRWAMLGAAGIFIPEALTKAGILNTPSWTVAGDQ
QYFTDATTLFVIEIILFAWAEGRRWADIINPGCVNVDPVFPNNKLTGTDVGYPGGLWFDPLGWGQTGDAAKLKDLRTREI
KNGRLAMLAVLGAVVQANYTHTGPIDNLLAHLADPGHNTIFAL
;
2
5 'polypeptide(L)'
;RSLIFASKQSLSYLDGTLPGDYGFDPLGLMDPEGAGGFIDPQWLPYAEIINGRFAMLGAAGAIAPEVLGRIGLIPQETAI
PWFQSGVIPPVGNYSYWADPYTLFVLEMALMGFAEHRRAQDYYKPGSMGKQYFLGLEKFLGGSGNPAYPGGPIFNFLGFG
KNEKELQELKVKEVKNGRLAMMAVLGYFTQAIFTGVGPFQNLLDHLADPVHNNVLTNL
;
3
6 'polypeptide(L)'
;RPLWLPGSEAPKWLDGSLPGDYGFDPLDLAAEPGRLNWMVQAELVHCRWAMLGAAGIFIPELLTKIGILNTPSWYKAGDA
TYFADQGTLFIVELLLMAWAESRRWADIARPGSVNTDPIFPNNKLTGTDVGYPGGLWFDPLGWGSGSEDKLKEIRTKEVK
NGRLAMLAVLGAFVQANVTHVGPIDNLFAHLADPYHTTILQSL
;
4
7 'polypeptide(L)' AHSVKIYDTCIGCTQCVRACPTDVLEMVPWDGCKASQIASAPRTEDCVGCKRCESACPTDFLSVRVYLGAETTRSMGLAY C
8 'polypeptide(L)'
;FTPPTLNADTPAPIFGGSTGGLLRKAQVEEFYVITWESPKEQIFEMPTGGAAIMRSGPNLLKLARKEQCLALGARLRTKF
KIQYQFYRVFPNGEVQYLHPKDGVYPEKVNAGRTAVGVNNRSIGQNANPAELKFAHKQAYDL
;
D
9 'polypeptide(L)' IGPKRGSIVKVLRRESYWFNDTGKVVAVDQAPGVRYPVVVRFDKVNYAGVSTNNYSPDELEQS E
10 'polypeptide(L)'
;VAGLTPCKESKGFAKRQKQEIKKLEGRLKLYAPDSAPALAINATIEKTKRRFEFYGNQGLLCGTDGLPHLIVDGDQAHLG
EFVYPGLVFLYIAGWIGWVGRAYLIDVRTSKKPTEKEIIIDVPLALRIMSKGLTWPVAAIGELRSGKLVEKSSNITVSPR
;
F
11 'polypeptide(L)'
;ANTALTITLSTGALLFLGRFVFLPFQRDNVSRQGLPVQNGVTHFDAGDSRAQEVTSFLKTNDPAGFTIVDVLAWGALGHA
VGFFILATINN
;
G
12 'polypeptide(L)'
;YFDLGEIDNTTGNWDLYGNDDPNRYNGFQNKFFETFAGAFTKRGLLLKFLVLGGATTIGYLGSTSSGDLLAIKNGPKQAP
IMGPRGR
;
H
13 'polypeptide(L)' MTASYLPSIFVPLIGLVFPAITMASLFIYIEQDE I
14 'polypeptide(L)' MQDVKTYLSTAPVLATLWFGFLAGLLIEINRFFPDALVLPL J
15 'polypeptide(L)'
;YIGSSTNLIMVASTTLMLFAGRFGLAPSANRKSTAGLKLVDRDSGLQTGDPAGFTATDTLACGAMGHVIGVGIVLGLKAT
A
;
K
16 'polypeptide(L)'
;QVIEPLNGDPFIGGLETPVTSSPLIAWYLSNLPAYRTAVAPLLRGVEIGLAHGYLLVGPFVLAGPLRNSAVRGEAGSLAA
AGLVAILTMCLTIYGIASFKEGEASKAPSLTLTGRQKAADKLQTAEGWAGFTGGFFFGGLSGVAWAYILLYVLNLPYPVK
;
L
17 'polypeptide(L)' SISDSQIIVALVSAFITGILALRLGKSLYQ M
18 'polypeptide(L)'
;NRDWLRRDLSVIGFGLIGWLAPSSLPVINGNSLTGLFLGSIGPELAHFPTGPALTSPFWLWMVTWHVGLFIVLTFGQIGF
KGRQDGYW
;
O
#
# COMPACT_ATOMS: atom_id res chain seq x y z
N GLU A 1 41.45 -33.84 -3.21
CA GLU A 1 40.08 -34.27 -2.98
C GLU A 1 39.11 -33.40 -3.78
N VAL A 2 39.59 -32.26 -4.26
CA VAL A 2 38.78 -31.38 -5.10
C VAL A 2 38.82 -31.88 -6.53
N LYS A 3 37.64 -32.21 -7.06
CA LYS A 3 37.45 -32.77 -8.39
C LYS A 3 35.99 -32.61 -8.74
N ILE A 4 35.64 -32.93 -9.99
CA ILE A 4 34.28 -32.70 -10.48
C ILE A 4 33.39 -33.86 -10.10
N MET A 5 32.42 -33.61 -9.23
CA MET A 5 31.32 -34.54 -8.94
C MET A 5 30.03 -33.98 -9.56
N VAL A 6 29.60 -34.58 -10.67
CA VAL A 6 28.27 -34.36 -11.22
C VAL A 6 27.60 -35.72 -11.40
N GLU A 7 26.29 -35.68 -11.63
CA GLU A 7 25.57 -36.87 -12.05
C GLU A 7 24.57 -36.49 -13.13
N LYS A 8 24.22 -37.50 -13.93
CA LYS A 8 23.57 -37.29 -15.22
C LYS A 8 22.06 -37.47 -15.12
N ASP A 9 21.33 -36.50 -15.66
CA ASP A 9 19.86 -36.42 -15.77
C ASP A 9 19.14 -36.62 -14.45
N PRO A 10 19.16 -35.63 -13.54
CA PRO A 10 18.45 -35.80 -12.27
C PRO A 10 16.94 -35.72 -12.42
N VAL A 11 16.48 -34.71 -13.15
CA VAL A 11 15.06 -34.53 -13.45
C VAL A 11 14.88 -34.40 -14.96
N LYS A 12 13.82 -35.02 -15.48
CA LYS A 12 13.55 -35.01 -16.90
C LYS A 12 12.95 -33.67 -17.30
N THR A 13 13.42 -33.13 -18.43
CA THR A 13 12.94 -31.84 -18.91
C THR A 13 11.53 -31.99 -19.44
N SER A 14 10.54 -31.74 -18.59
CA SER A 14 9.15 -31.99 -18.92
C SER A 14 8.30 -30.80 -18.54
N PHE A 15 7.21 -30.61 -19.29
CA PHE A 15 6.25 -29.55 -19.02
C PHE A 15 5.12 -30.00 -18.10
N GLU A 16 5.11 -31.26 -17.66
CA GLU A 16 4.07 -31.72 -16.75
C GLU A 16 4.23 -31.15 -15.36
N LYS A 17 5.43 -30.70 -15.00
CA LYS A 17 5.65 -30.03 -13.74
C LYS A 17 5.43 -28.52 -13.86
N TRP A 18 5.40 -28.00 -15.09
CA TRP A 18 4.99 -26.62 -15.31
C TRP A 18 3.49 -26.45 -15.09
N ALA A 19 2.71 -27.48 -15.41
CA ALA A 19 1.26 -27.37 -15.33
C ALA A 19 0.77 -27.38 -13.88
N LYS A 20 1.40 -28.17 -13.03
CA LYS A 20 1.11 -28.14 -11.60
C LYS A 20 1.91 -27.01 -10.97
N PRO A 21 1.27 -25.98 -10.42
CA PRO A 21 2.02 -24.81 -9.97
C PRO A 21 2.78 -25.03 -8.67
N GLY A 22 2.16 -25.67 -7.68
CA GLY A 22 2.79 -25.82 -6.38
C GLY A 22 3.52 -27.13 -6.18
N HIS A 23 4.26 -27.55 -7.21
CA HIS A 23 4.92 -28.85 -7.19
C HIS A 23 6.07 -28.90 -6.19
N PHE A 24 6.69 -27.77 -5.89
CA PHE A 24 7.87 -27.75 -5.05
C PHE A 24 7.54 -27.96 -3.58
N SER A 25 6.35 -27.56 -3.14
CA SER A 25 5.94 -27.69 -1.75
C SER A 25 4.88 -28.77 -1.61
N ARG A 26 4.93 -29.49 -0.50
CA ARG A 26 3.94 -30.54 -0.25
C ARG A 26 2.56 -29.97 0.07
N THR A 27 2.52 -28.80 0.71
CA THR A 27 1.24 -28.18 1.03
C THR A 27 0.57 -27.60 -0.22
N LEU A 28 1.36 -27.08 -1.16
CA LEU A 28 0.81 -26.48 -2.37
C LEU A 28 0.60 -27.48 -3.50
N ALA A 29 1.06 -28.73 -3.32
CA ALA A 29 0.87 -29.74 -4.35
C ALA A 29 -0.53 -30.33 -4.36
N LYS A 30 -1.34 -30.06 -3.32
CA LYS A 30 -2.72 -30.52 -3.28
C LYS A 30 -3.65 -29.64 -4.10
N GLY A 31 -3.16 -28.53 -4.64
CA GLY A 31 -3.98 -27.60 -5.38
C GLY A 31 -4.45 -26.47 -4.48
N PRO A 32 -5.11 -25.47 -5.07
CA PRO A 32 -5.62 -24.37 -4.27
C PRO A 32 -6.91 -24.73 -3.54
N ASN A 33 -7.07 -24.12 -2.37
CA ASN A 33 -8.34 -24.12 -1.68
C ASN A 33 -8.78 -22.75 -1.20
N THR A 34 -7.85 -21.81 -1.03
CA THR A 34 -8.13 -20.42 -0.70
C THR A 34 -7.29 -19.53 -1.61
N THR A 35 -7.52 -18.23 -1.55
CA THR A 35 -6.73 -17.30 -2.34
C THR A 35 -5.36 -17.03 -1.73
N THR A 36 -5.11 -17.48 -0.50
CA THR A 36 -3.78 -17.40 0.08
C THR A 36 -2.81 -18.40 -0.51
N TRP A 37 -3.32 -19.43 -1.20
CA TRP A 37 -2.48 -20.40 -1.90
C TRP A 37 -1.66 -19.74 -3.00
N ILE A 38 -2.23 -18.74 -3.67
CA ILE A 38 -1.53 -18.00 -4.73
C ILE A 38 -0.36 -17.21 -4.15
N TRP A 39 -0.55 -16.63 -2.98
CA TRP A 39 0.51 -15.86 -2.36
C TRP A 39 1.58 -16.76 -1.76
N ASN A 40 1.19 -17.91 -1.19
CA ASN A 40 2.22 -18.85 -0.76
C ASN A 40 2.87 -19.57 -1.93
N LEU A 41 2.22 -19.58 -3.10
CA LEU A 41 2.85 -20.08 -4.32
C LEU A 41 4.01 -19.20 -4.73
N HIS A 42 3.84 -17.88 -4.62
CA HIS A 42 4.96 -17.01 -4.96
C HIS A 42 5.95 -16.85 -3.81
N ALA A 43 5.47 -16.91 -2.57
CA ALA A 43 6.34 -16.78 -1.41
C ALA A 43 7.29 -17.96 -1.26
N ASP A 44 6.84 -19.16 -1.60
CA ASP A 44 7.65 -20.36 -1.51
C ASP A 44 8.22 -20.78 -2.85
N ALA A 45 8.16 -19.91 -3.86
CA ALA A 45 8.65 -20.26 -5.20
C ALA A 45 10.17 -20.37 -5.22
N HIS A 46 10.86 -19.39 -4.65
CA HIS A 46 12.31 -19.38 -4.61
C HIS A 46 12.88 -19.98 -3.34
N ASP A 47 12.06 -20.18 -2.31
CA ASP A 47 12.54 -20.74 -1.05
C ASP A 47 12.84 -22.22 -1.22
N PHE A 48 14.05 -22.54 -1.68
CA PHE A 48 14.39 -23.91 -2.02
C PHE A 48 14.63 -24.79 -0.79
N ASP A 49 14.92 -24.19 0.36
CA ASP A 49 15.11 -24.97 1.58
C ASP A 49 13.79 -25.50 2.11
N SER A 50 12.70 -24.80 1.88
CA SER A 50 11.39 -25.27 2.29
C SER A 50 10.81 -26.34 1.36
N HIS A 51 11.42 -26.52 0.18
CA HIS A 51 10.94 -27.54 -0.75
C HIS A 51 11.45 -28.92 -0.34
N THR A 52 12.77 -29.08 -0.28
CA THR A 52 13.39 -30.35 0.04
C THR A 52 14.35 -30.17 1.21
N ASN A 53 14.63 -31.28 1.89
CA ASN A 53 15.62 -31.30 2.95
C ASN A 53 17.00 -31.69 2.46
N ASP A 54 17.13 -32.05 1.18
CA ASP A 54 18.41 -32.46 0.60
C ASP A 54 19.14 -31.24 0.08
N LEU A 55 20.32 -30.95 0.64
CA LEU A 55 21.10 -29.78 0.26
C LEU A 55 21.69 -29.89 -1.14
N GLU A 56 21.80 -31.11 -1.68
CA GLU A 56 22.33 -31.31 -3.03
C GLU A 56 21.39 -30.75 -4.09
N GLU A 57 20.10 -31.11 -4.00
CA GLU A 57 19.11 -30.58 -4.94
C GLU A 57 18.86 -29.10 -4.73
N ILE A 58 18.98 -28.63 -3.49
CA ILE A 58 18.91 -27.20 -3.18
C ILE A 58 20.04 -26.45 -3.86
N SER A 59 21.25 -26.99 -3.79
CA SER A 59 22.41 -26.35 -4.41
C SER A 59 22.33 -26.37 -5.93
N ARG A 60 21.78 -27.45 -6.51
CA ARG A 60 21.54 -27.49 -7.96
C ARG A 60 20.50 -26.46 -8.38
N LYS A 61 19.43 -26.30 -7.57
CA LYS A 61 18.42 -25.29 -7.81
C LYS A 61 19.00 -23.89 -7.76
N VAL A 62 19.90 -23.65 -6.80
CA VAL A 62 20.53 -22.34 -6.64
C VAL A 62 21.49 -22.06 -7.79
N PHE A 63 22.23 -23.07 -8.25
CA PHE A 63 23.15 -22.93 -9.37
C PHE A 63 22.41 -22.60 -10.68
N SER A 64 21.32 -23.33 -10.96
CA SER A 64 20.56 -23.03 -12.17
C SER A 64 19.77 -21.73 -12.04
N ALA A 65 19.41 -21.34 -10.81
CA ALA A 65 18.81 -20.03 -10.60
C ALA A 65 19.81 -18.90 -10.81
N HIS A 66 21.07 -19.13 -10.44
CA HIS A 66 22.14 -18.19 -10.77
C HIS A 66 22.31 -18.04 -12.27
N PHE A 67 22.23 -19.15 -12.99
CA PHE A 67 22.33 -19.09 -14.45
C PHE A 67 21.13 -18.38 -15.07
N GLY A 68 19.94 -18.58 -14.52
CA GLY A 68 18.78 -17.82 -14.99
C GLY A 68 18.87 -16.34 -14.69
N GLN A 69 19.44 -15.99 -13.54
CA GLN A 69 19.71 -14.59 -13.22
C GLN A 69 20.73 -13.98 -14.16
N LEU A 70 21.79 -14.73 -14.48
CA LEU A 70 22.79 -14.27 -15.45
C LEU A 70 22.20 -14.11 -16.83
N ALA A 71 21.26 -14.99 -17.21
CA ALA A 71 20.54 -14.84 -18.47
C ALA A 71 19.68 -13.58 -18.49
N VAL A 72 19.03 -13.27 -17.36
CA VAL A 72 18.21 -12.07 -17.26
C VAL A 72 19.06 -10.80 -17.34
N ILE A 73 20.21 -10.79 -16.67
CA ILE A 73 21.13 -9.65 -16.73
C ILE A 73 21.75 -9.51 -18.14
N PHE A 74 22.05 -10.62 -18.81
CA PHE A 74 22.55 -10.50 -20.18
C PHE A 74 21.46 -10.07 -21.18
N ILE A 75 20.21 -10.46 -20.95
CA ILE A 75 19.09 -9.92 -21.74
C ILE A 75 18.93 -8.42 -21.50
N TRP A 76 19.10 -7.99 -20.25
CA TRP A 76 19.04 -6.56 -19.90
C TRP A 76 20.17 -5.77 -20.55
N LEU A 77 21.39 -6.31 -20.52
CA LEU A 77 22.53 -5.65 -21.17
C LEU A 77 22.40 -5.65 -22.69
N SER A 78 21.82 -6.71 -23.25
CA SER A 78 21.49 -6.76 -24.66
C SER A 78 20.50 -5.68 -25.04
N GLY A 79 19.49 -5.48 -24.20
CA GLY A 79 18.55 -4.40 -24.42
C GLY A 79 19.18 -3.04 -24.31
N MET A 80 20.13 -2.85 -23.39
CA MET A 80 20.67 -1.51 -23.23
C MET A 80 21.72 -1.19 -24.29
N TYR A 81 22.32 -2.22 -24.88
CA TYR A 81 23.19 -1.98 -26.03
C TYR A 81 22.39 -1.88 -27.31
N PHE A 82 21.26 -2.59 -27.43
CA PHE A 82 20.40 -2.43 -28.59
C PHE A 82 19.73 -1.06 -28.58
N HIS A 83 19.39 -0.55 -27.39
CA HIS A 83 18.86 0.79 -27.28
C HIS A 83 19.90 1.84 -27.58
N GLY A 84 21.16 1.60 -27.22
CA GLY A 84 22.22 2.47 -27.68
C GLY A 84 22.45 2.39 -29.18
N ALA A 85 22.28 1.21 -29.77
CA ALA A 85 22.53 1.01 -31.20
C ALA A 85 21.44 1.64 -32.06
N ARG A 86 20.18 1.49 -31.69
CA ARG A 86 19.07 1.87 -32.56
C ARG A 86 18.27 3.06 -32.07
N PHE A 87 18.06 3.20 -30.76
CA PHE A 87 17.14 4.19 -30.23
C PHE A 87 17.86 5.28 -29.44
N SER A 88 19.08 5.60 -29.82
CA SER A 88 19.88 6.58 -29.08
C SER A 88 20.50 7.59 -30.03
N ASN A 89 21.13 8.59 -29.43
CA ASN A 89 21.93 9.58 -30.14
C ASN A 89 23.38 9.48 -29.70
N TYR A 90 23.90 8.25 -29.58
CA TYR A 90 25.23 8.03 -29.02
C TYR A 90 26.33 8.56 -29.92
N GLU A 91 26.17 8.48 -31.24
CA GLU A 91 27.13 9.11 -32.14
C GLU A 91 27.02 10.63 -32.08
N ALA A 92 25.80 11.15 -31.96
CA ALA A 92 25.59 12.59 -31.83
C ALA A 92 26.10 13.11 -30.49
N TRP A 93 25.87 12.36 -29.41
CA TRP A 93 26.44 12.71 -28.11
C TRP A 93 27.95 12.57 -28.11
N LEU A 94 28.48 11.60 -28.86
CA LEU A 94 29.90 11.36 -28.91
C LEU A 94 30.63 12.41 -29.74
N SER A 95 29.93 13.07 -30.66
CA SER A 95 30.51 14.19 -31.39
C SER A 95 30.79 15.37 -30.46
N ASP A 96 29.81 15.76 -29.64
CA ASP A 96 29.99 16.76 -28.61
C ASP A 96 29.05 16.52 -27.43
N PRO A 97 29.56 16.10 -26.28
CA PRO A 97 28.71 15.71 -25.15
C PRO A 97 28.43 16.81 -24.13
N THR A 98 28.95 18.01 -24.32
CA THR A 98 28.72 19.09 -23.36
C THR A 98 27.42 19.85 -23.62
N HIS A 99 26.72 19.55 -24.71
CA HIS A 99 25.52 20.29 -25.07
C HIS A 99 24.35 19.34 -25.37
N ILE A 100 24.65 18.12 -25.78
CA ILE A 100 23.64 17.11 -26.08
C ILE A 100 23.51 16.17 -24.89
N LYS A 101 22.28 16.03 -24.39
CA LYS A 101 22.00 15.15 -23.26
C LYS A 101 21.98 13.69 -23.71
N PRO A 102 22.43 12.78 -22.85
CA PRO A 102 22.39 11.35 -23.18
C PRO A 102 20.95 10.83 -23.18
N SER A 103 20.53 10.26 -24.31
CA SER A 103 19.19 9.73 -24.46
C SER A 103 19.24 8.44 -25.24
N ALA A 104 18.55 7.41 -24.75
CA ALA A 104 18.57 6.11 -25.42
C ALA A 104 17.22 5.41 -25.44
N GLN A 105 16.12 6.13 -25.19
CA GLN A 105 14.80 5.53 -25.17
C GLN A 105 13.84 6.40 -25.96
N VAL A 106 13.27 5.85 -27.03
CA VAL A 106 12.27 6.53 -27.85
C VAL A 106 10.92 5.92 -27.52
N VAL A 107 9.93 6.77 -27.26
CA VAL A 107 8.58 6.29 -26.98
C VAL A 107 7.78 6.34 -28.28
N TRP A 108 6.65 5.64 -28.28
CA TRP A 108 5.80 5.58 -29.46
C TRP A 108 4.77 6.70 -29.42
N PRO A 109 4.52 7.38 -30.54
CA PRO A 109 3.56 8.50 -30.54
C PRO A 109 2.11 8.03 -30.56
N ILE A 110 1.52 7.73 -29.40
CA ILE A 110 0.22 7.08 -29.36
C ILE A 110 -0.85 7.92 -28.65
N VAL A 111 -0.60 8.35 -27.41
CA VAL A 111 -1.68 8.89 -26.59
C VAL A 111 -1.32 10.25 -26.01
N GLY A 112 -0.47 11.00 -26.69
CA GLY A 112 0.06 12.22 -26.15
C GLY A 112 1.39 12.06 -25.46
N GLN A 113 1.90 10.83 -25.35
CA GLN A 113 3.18 10.57 -24.71
C GLN A 113 4.37 10.93 -25.60
N LYS A 114 4.13 11.33 -26.84
CA LYS A 114 5.18 11.77 -27.76
C LYS A 114 5.81 13.10 -27.36
N ILE A 115 5.21 13.83 -26.40
CA ILE A 115 5.86 14.99 -25.81
C ILE A 115 7.02 14.55 -24.91
N LEU A 116 7.01 13.29 -24.45
CA LEU A 116 8.12 12.76 -23.67
C LEU A 116 9.38 12.55 -24.50
N ASN A 117 9.25 12.46 -25.82
CA ASN A 117 10.39 12.50 -26.73
C ASN A 117 10.87 13.94 -26.83
N GLY A 118 11.71 14.34 -25.88
CA GLY A 118 12.11 15.73 -25.78
C GLY A 118 13.33 16.08 -26.60
N ASP A 119 13.63 17.38 -26.64
CA ASP A 119 14.77 17.90 -27.38
C ASP A 119 16.02 17.67 -26.55
N VAL A 120 16.63 16.50 -26.72
CA VAL A 120 17.88 16.17 -26.02
C VAL A 120 19.11 16.63 -26.79
N GLY A 121 18.97 17.03 -28.04
CA GLY A 121 20.07 17.55 -28.82
C GLY A 121 20.53 16.57 -29.89
N GLY A 122 21.27 17.11 -30.86
CA GLY A 122 21.80 16.30 -31.93
C GLY A 122 20.79 15.87 -32.97
N GLY A 123 19.66 16.58 -33.07
CA GLY A 123 18.60 16.21 -33.97
C GLY A 123 17.93 14.90 -33.57
N PHE A 124 17.64 14.74 -32.28
CA PHE A 124 17.12 13.48 -31.76
C PHE A 124 16.04 13.78 -30.72
N GLN A 125 15.04 12.92 -30.67
CA GLN A 125 13.96 13.01 -29.71
C GLN A 125 13.84 11.71 -28.93
N GLY A 126 13.81 11.81 -27.61
CA GLY A 126 13.69 10.63 -26.79
C GLY A 126 13.82 10.97 -25.31
N ILE A 127 13.65 9.92 -24.50
CA ILE A 127 13.81 10.05 -23.05
C ILE A 127 15.29 10.20 -22.73
N GLN A 128 15.62 11.27 -22.01
CA GLN A 128 17.00 11.48 -21.58
C GLN A 128 17.37 10.47 -20.51
N ILE A 129 18.32 9.59 -20.81
CA ILE A 129 18.69 8.54 -19.88
C ILE A 129 19.67 9.07 -18.86
N THR A 130 19.61 8.50 -17.66
CA THR A 130 20.47 8.87 -16.55
C THR A 130 21.29 7.68 -16.04
N SER A 131 21.32 6.59 -16.81
CA SER A 131 21.99 5.37 -16.37
C SER A 131 23.49 5.39 -16.60
N GLY A 132 24.00 6.36 -17.35
CA GLY A 132 25.43 6.47 -17.52
C GLY A 132 26.02 5.55 -18.56
N PHE A 133 25.19 4.94 -19.41
CA PHE A 133 25.69 4.02 -20.43
C PHE A 133 26.52 4.74 -21.48
N PHE A 134 26.20 6.00 -21.78
CA PHE A 134 26.91 6.74 -22.83
C PHE A 134 28.35 7.02 -22.42
N GLN A 135 28.55 7.45 -21.17
CA GLN A 135 29.89 7.69 -20.66
C GLN A 135 30.64 6.38 -20.46
N LEU A 136 29.92 5.29 -20.16
CA LEU A 136 30.54 3.98 -20.04
C LEU A 136 31.03 3.48 -21.40
N TRP A 137 30.27 3.72 -22.47
CA TRP A 137 30.71 3.31 -23.79
C TRP A 137 31.80 4.23 -24.33
N ARG A 138 31.81 5.50 -23.90
CA ARG A 138 32.91 6.38 -24.24
C ARG A 138 34.19 5.93 -23.54
N ALA A 139 34.09 5.46 -22.31
CA ALA A 139 35.23 4.89 -21.61
C ALA A 139 35.62 3.53 -22.14
N SER A 140 34.70 2.81 -22.79
CA SER A 140 35.02 1.55 -23.41
C SER A 140 35.63 1.72 -24.80
N GLY A 141 35.62 2.93 -25.34
CA GLY A 141 36.13 3.16 -26.68
C GLY A 141 35.14 2.87 -27.78
N ILE A 142 33.85 2.81 -27.48
CA ILE A 142 32.85 2.52 -28.50
C ILE A 142 32.61 3.77 -29.33
N THR A 143 32.84 3.65 -30.65
CA THR A 143 32.72 4.79 -31.56
C THR A 143 31.47 4.77 -32.41
N SER A 144 30.98 3.60 -32.79
CA SER A 144 29.83 3.48 -33.68
C SER A 144 28.75 2.66 -33.02
N GLU A 145 27.54 2.74 -33.58
CA GLU A 145 26.41 1.96 -33.10
C GLU A 145 26.42 0.53 -33.62
N LEU A 146 27.25 0.22 -34.62
CA LEU A 146 27.44 -1.16 -35.05
C LEU A 146 28.13 -1.97 -33.97
N GLN A 147 29.05 -1.35 -33.24
CA GLN A 147 29.68 -2.01 -32.09
C GLN A 147 28.69 -2.25 -30.96
N LEU A 148 27.74 -1.31 -30.77
CA LEU A 148 26.69 -1.50 -29.79
C LEU A 148 25.74 -2.62 -30.19
N TYR A 149 25.42 -2.72 -31.48
CA TYR A 149 24.57 -3.82 -31.96
C TYR A 149 25.28 -5.15 -31.87
N THR A 150 26.59 -5.17 -32.13
CA THR A 150 27.37 -6.39 -31.99
C THR A 150 27.45 -6.84 -30.53
N THR A 151 27.61 -5.89 -29.61
CA THR A 151 27.61 -6.22 -28.20
C THR A 151 26.23 -6.68 -27.73
N ALA A 152 25.17 -6.12 -28.31
CA ALA A 152 23.81 -6.54 -27.98
C ALA A 152 23.54 -7.98 -28.45
N ILE A 153 23.94 -8.31 -29.67
CA ILE A 153 23.70 -9.68 -30.15
C ILE A 153 24.66 -10.67 -29.49
N GLY A 154 25.85 -10.21 -29.10
CA GLY A 154 26.75 -11.06 -28.33
C GLY A 154 26.22 -11.32 -26.93
N GLY A 155 25.61 -10.32 -26.31
CA GLY A 155 24.95 -10.52 -25.03
C GLY A 155 23.73 -11.42 -25.13
N LEU A 156 23.00 -11.35 -26.25
CA LEU A 156 21.91 -12.28 -26.48
C LEU A 156 22.42 -13.72 -26.65
N ILE A 157 23.58 -13.87 -27.30
CA ILE A 157 24.24 -15.17 -27.41
C ILE A 157 24.63 -15.69 -26.03
N PHE A 158 25.22 -14.83 -25.20
CA PHE A 158 25.56 -15.22 -23.83
C PHE A 158 24.32 -15.46 -22.96
N ALA A 159 23.21 -14.77 -23.22
CA ALA A 159 21.98 -15.04 -22.49
C ALA A 159 21.41 -16.40 -22.84
N ALA A 160 21.49 -16.77 -24.13
CA ALA A 160 21.13 -18.12 -24.54
C ALA A 160 22.08 -19.16 -23.94
N LEU A 161 23.36 -18.80 -23.77
CA LEU A 161 24.31 -19.71 -23.13
C LEU A 161 24.01 -19.89 -21.65
N MET A 162 23.59 -18.82 -20.97
CA MET A 162 23.22 -18.96 -19.55
C MET A 162 21.93 -19.75 -19.38
N LEU A 163 20.97 -19.58 -20.30
CA LEU A 163 19.76 -20.40 -20.27
C LEU A 163 20.07 -21.86 -20.54
N PHE A 164 20.96 -22.12 -21.50
CA PHE A 164 21.38 -23.49 -21.80
C PHE A 164 22.14 -24.11 -20.63
N ALA A 165 22.96 -23.32 -19.94
CA ALA A 165 23.69 -23.83 -18.79
C ALA A 165 22.79 -24.04 -17.58
N GLY A 166 21.75 -23.21 -17.42
CA GLY A 166 20.78 -23.43 -16.37
C GLY A 166 19.95 -24.68 -16.61
N TRP A 167 19.63 -24.96 -17.87
CA TRP A 167 18.98 -26.24 -18.18
C TRP A 167 19.94 -27.40 -18.02
N PHE A 168 21.21 -27.19 -18.38
CA PHE A 168 22.21 -28.26 -18.38
C PHE A 168 22.59 -28.69 -16.96
N HIS A 169 22.71 -27.73 -16.04
CA HIS A 169 23.12 -28.00 -14.69
C HIS A 169 21.94 -28.26 -13.76
N TYR A 170 20.79 -28.57 -14.31
CA TYR A 170 19.68 -29.11 -13.55
C TYR A 170 19.06 -30.34 -14.19
N HIS A 171 19.17 -30.53 -15.51
CA HIS A 171 18.49 -31.60 -16.19
C HIS A 171 19.40 -32.54 -16.97
N LYS A 172 20.65 -32.16 -17.24
CA LYS A 172 21.55 -33.01 -18.01
C LYS A 172 22.76 -33.47 -17.22
N ALA A 173 23.47 -32.54 -16.59
CA ALA A 173 24.64 -32.89 -15.77
C ALA A 173 24.62 -31.95 -14.56
N ALA A 174 23.99 -32.40 -13.48
CA ALA A 174 23.98 -31.46 -12.37
C ALA A 174 25.01 -31.86 -11.33
N PRO A 175 25.69 -30.89 -10.72
CA PRO A 175 26.74 -31.23 -9.75
C PRO A 175 26.17 -31.78 -8.44
N LYS A 176 27.00 -32.53 -7.73
CA LYS A 176 26.62 -33.08 -6.45
C LYS A 176 27.03 -32.12 -5.34
N LEU A 177 26.73 -32.51 -4.09
CA LEU A 177 26.86 -31.61 -2.95
C LEU A 177 28.32 -31.30 -2.63
N ALA A 178 29.21 -32.27 -2.83
CA ALA A 178 30.61 -32.05 -2.51
C ALA A 178 31.32 -31.21 -3.57
N TRP A 179 30.71 -31.05 -4.75
CA TRP A 179 31.21 -30.11 -5.74
C TRP A 179 31.00 -28.67 -5.28
N PHE A 180 29.82 -28.38 -4.73
CA PHE A 180 29.55 -27.05 -4.20
C PHE A 180 30.26 -26.79 -2.89
N GLN A 181 30.63 -27.84 -2.16
CA GLN A 181 31.32 -27.72 -0.89
C GLN A 181 32.81 -27.55 -1.04
N ASN A 182 33.32 -27.53 -2.27
CA ASN A 182 34.72 -27.19 -2.55
C ASN A 182 34.85 -25.67 -2.63
N VAL A 183 34.79 -25.05 -1.46
CA VAL A 183 34.81 -23.59 -1.37
C VAL A 183 36.21 -23.02 -1.58
N GLU A 184 37.25 -23.82 -1.31
CA GLU A 184 38.62 -23.37 -1.55
C GLU A 184 38.90 -23.24 -3.04
N SER A 185 38.44 -24.20 -3.84
CA SER A 185 38.58 -24.13 -5.29
C SER A 185 37.71 -23.01 -5.87
N MET A 186 36.54 -22.80 -5.27
CA MET A 186 35.64 -21.78 -5.77
C MET A 186 36.21 -20.39 -5.51
N LEU A 187 36.84 -20.21 -4.35
CA LEU A 187 37.51 -18.95 -4.05
C LEU A 187 38.79 -18.79 -4.89
N ASN A 188 39.50 -19.88 -5.16
CA ASN A 188 40.68 -19.82 -6.02
C ASN A 188 40.32 -19.47 -7.45
N HIS A 189 39.16 -19.90 -7.94
CA HIS A 189 38.79 -19.61 -9.31
C HIS A 189 37.92 -18.38 -9.44
N HIS A 190 37.44 -17.82 -8.33
CA HIS A 190 36.77 -16.54 -8.36
C HIS A 190 37.76 -15.40 -8.18
N LEU A 191 38.77 -15.59 -7.32
CA LEU A 191 39.79 -14.57 -7.15
C LEU A 191 40.72 -14.50 -8.35
N ALA A 192 41.17 -15.64 -8.85
CA ALA A 192 42.11 -15.64 -9.96
C ALA A 192 41.41 -15.67 -11.32
N GLY A 193 40.49 -16.62 -11.50
CA GLY A 193 39.85 -16.78 -12.79
C GLY A 193 38.80 -15.75 -13.13
N LEU A 194 38.04 -15.27 -12.14
CA LEU A 194 36.96 -14.33 -12.39
C LEU A 194 37.39 -12.89 -12.18
N LEU A 195 37.86 -12.56 -10.97
CA LEU A 195 38.25 -11.18 -10.68
C LEU A 195 39.66 -10.85 -11.10
N GLY A 196 40.53 -11.84 -11.24
CA GLY A 196 41.89 -11.61 -11.68
C GLY A 196 42.02 -11.55 -13.18
N LEU A 197 41.52 -12.60 -13.86
CA LEU A 197 41.56 -12.61 -15.32
C LEU A 197 40.56 -11.63 -15.92
N GLY A 198 39.46 -11.33 -15.21
CA GLY A 198 38.56 -10.30 -15.67
C GLY A 198 39.18 -8.91 -15.64
N SER A 199 39.90 -8.60 -14.55
CA SER A 199 40.63 -7.35 -14.45
C SER A 199 41.78 -7.31 -15.45
N LEU A 200 42.41 -8.45 -15.71
CA LEU A 200 43.50 -8.50 -16.69
C LEU A 200 42.99 -8.30 -18.11
N ALA A 201 41.84 -8.89 -18.44
CA ALA A 201 41.26 -8.75 -19.76
C ALA A 201 40.74 -7.34 -19.97
N TRP A 202 40.12 -6.74 -18.94
CA TRP A 202 39.70 -5.36 -19.08
C TRP A 202 40.88 -4.41 -19.08
N ALA A 203 41.99 -4.78 -18.44
CA ALA A 203 43.23 -4.02 -18.55
C ALA A 203 43.78 -4.09 -19.96
N GLY A 204 43.70 -5.25 -20.61
CA GLY A 204 44.13 -5.36 -22.00
C GLY A 204 43.26 -4.55 -22.95
N HIS A 205 41.96 -4.51 -22.69
CA HIS A 205 41.06 -3.63 -23.44
C HIS A 205 41.40 -2.16 -23.20
N GLN A 206 41.74 -1.81 -21.97
CA GLN A 206 42.04 -0.42 -21.64
C GLN A 206 43.47 -0.03 -21.98
N VAL A 207 44.28 -0.98 -22.40
CA VAL A 207 45.55 -0.68 -23.05
C VAL A 207 45.37 -0.52 -24.57
N HIS A 208 44.60 -1.39 -25.20
CA HIS A 208 44.54 -1.36 -26.66
C HIS A 208 43.39 -0.57 -27.24
N VAL A 209 42.25 -0.50 -26.57
CA VAL A 209 41.03 0.04 -27.17
C VAL A 209 40.60 1.34 -26.50
N SER A 210 40.41 1.31 -25.17
CA SER A 210 39.92 2.49 -24.44
C SER A 210 40.92 3.63 -24.47
N LEU A 211 42.19 3.32 -24.25
CA LEU A 211 43.22 4.35 -24.15
C LEU A 211 43.48 5.12 -25.45
N PRO A 212 43.72 4.51 -26.63
CA PRO A 212 44.01 5.36 -27.80
C PRO A 212 42.78 6.06 -28.35
N ILE A 213 41.62 5.40 -28.32
CA ILE A 213 40.38 6.02 -28.77
C ILE A 213 40.00 7.19 -27.85
N ASN A 214 40.14 7.00 -26.54
CA ASN A 214 39.85 8.10 -25.61
C ASN A 214 40.92 9.17 -25.63
N ARG A 215 42.15 8.85 -26.06
CA ARG A 215 43.15 9.90 -26.28
C ARG A 215 42.81 10.71 -27.52
N LEU A 216 42.31 10.05 -28.57
CA LEU A 216 41.90 10.77 -29.77
C LEU A 216 40.63 11.58 -29.53
N LEU A 217 39.75 11.12 -28.62
CA LEU A 217 38.57 11.88 -28.24
C LEU A 217 38.92 13.11 -27.41
N ASP A 218 40.07 13.13 -26.73
CA ASP A 218 40.52 14.34 -26.05
C ASP A 218 41.14 15.35 -27.01
N ALA A 219 41.53 14.92 -28.20
CA ALA A 219 42.17 15.78 -29.18
C ALA A 219 41.18 16.48 -30.09
N GLY A 220 39.88 16.28 -29.88
CA GLY A 220 38.88 16.87 -30.75
C GLY A 220 38.68 16.17 -32.07
N VAL A 221 39.21 14.96 -32.22
CA VAL A 221 39.05 14.21 -33.47
C VAL A 221 37.62 13.69 -33.57
N ASP A 222 37.03 13.83 -34.75
CA ASP A 222 35.68 13.33 -35.00
C ASP A 222 35.65 11.82 -34.93
N PRO A 223 34.65 11.23 -34.26
CA PRO A 223 34.63 9.76 -34.09
C PRO A 223 34.38 8.98 -35.37
N LYS A 224 33.88 9.62 -36.43
CA LYS A 224 33.74 8.95 -37.72
C LYS A 224 35.07 8.82 -38.44
N GLU A 225 36.07 9.63 -38.08
CA GLU A 225 37.40 9.54 -38.68
C GLU A 225 38.44 9.00 -37.72
N ILE A 226 38.06 8.69 -36.48
CA ILE A 226 38.95 7.96 -35.56
C ILE A 226 39.13 6.53 -36.08
N PRO A 227 40.35 6.00 -36.11
CA PRO A 227 40.55 4.61 -36.53
C PRO A 227 39.90 3.62 -35.59
N LEU A 228 39.51 2.48 -36.16
CA LEU A 228 38.75 1.47 -35.44
C LEU A 228 39.65 0.76 -34.43
N PRO A 229 39.07 0.15 -33.37
CA PRO A 229 39.89 -0.42 -32.29
C PRO A 229 40.89 -1.51 -32.68
N HIS A 230 40.62 -2.27 -33.74
CA HIS A 230 41.59 -3.28 -34.17
C HIS A 230 42.75 -2.70 -34.96
N GLU A 231 42.63 -1.45 -35.42
CA GLU A 231 43.72 -0.83 -36.17
C GLU A 231 44.89 -0.47 -35.26
N PHE A 232 44.63 -0.26 -33.97
CA PHE A 232 45.73 -0.04 -33.03
C PHE A 232 46.48 -1.34 -32.76
N ILE A 233 45.76 -2.46 -32.72
CA ILE A 233 46.40 -3.76 -32.55
C ILE A 233 47.17 -4.15 -33.81
N LEU A 234 46.58 -3.93 -34.98
CA LEU A 234 47.22 -4.30 -36.25
C LEU A 234 48.36 -3.36 -36.58
N ASN A 235 48.06 -2.08 -36.79
CA ASN A 235 49.08 -1.08 -37.09
C ASN A 235 49.55 -0.59 -35.73
N ARG A 236 50.66 -1.16 -35.26
CA ARG A 236 51.21 -0.75 -33.97
C ARG A 236 51.98 0.55 -34.05
N ASP A 237 52.30 1.05 -35.25
CA ASP A 237 52.85 2.39 -35.36
C ASP A 237 51.79 3.45 -35.07
N LEU A 238 50.54 3.17 -35.43
CA LEU A 238 49.42 4.04 -35.08
C LEU A 238 49.21 4.09 -33.57
N LEU A 239 49.45 2.96 -32.90
CA LEU A 239 49.44 2.90 -31.45
C LEU A 239 50.67 3.54 -30.84
N ALA A 240 51.81 3.50 -31.55
CA ALA A 240 53.05 4.08 -31.05
C ALA A 240 53.12 5.59 -31.19
N GLN A 241 52.35 6.17 -32.12
CA GLN A 241 52.33 7.63 -32.26
C GLN A 241 51.63 8.31 -31.09
N LEU A 242 50.72 7.59 -30.43
CA LEU A 242 50.07 8.13 -29.24
C LEU A 242 50.85 7.81 -27.97
N TYR A 243 51.57 6.69 -27.94
CA TYR A 243 52.41 6.32 -26.82
C TYR A 243 53.71 5.70 -27.29
N PRO A 244 54.86 6.39 -27.14
CA PRO A 244 56.12 5.87 -27.68
C PRO A 244 56.63 4.60 -27.01
N SER A 245 56.14 4.30 -25.80
CA SER A 245 56.51 3.08 -25.08
C SER A 245 56.03 1.81 -25.75
N PHE A 246 55.08 1.92 -26.69
CA PHE A 246 54.64 0.80 -27.49
C PHE A 246 55.63 0.44 -28.58
N SER A 247 56.61 1.31 -28.87
CA SER A 247 57.58 1.01 -29.91
C SER A 247 58.58 -0.06 -29.47
N LYS A 248 58.69 -0.33 -28.17
CA LYS A 248 59.60 -1.36 -27.70
C LYS A 248 59.02 -2.75 -27.88
N GLY A 249 57.71 -2.91 -27.73
CA GLY A 249 57.02 -4.13 -28.11
C GLY A 249 57.23 -5.30 -27.18
N LEU A 250 56.70 -5.18 -25.96
CA LEU A 250 56.57 -6.23 -24.92
C LEU A 250 57.90 -6.71 -24.32
N THR A 251 59.03 -6.29 -24.85
CA THR A 251 60.31 -6.52 -24.18
C THR A 251 60.56 -5.80 -22.85
N PRO A 252 59.98 -4.64 -22.49
CA PRO A 252 60.18 -4.18 -21.10
C PRO A 252 59.35 -4.92 -20.07
N PHE A 253 58.34 -5.68 -20.49
CA PHE A 253 57.53 -6.43 -19.54
C PHE A 253 58.28 -7.62 -18.97
N PHE A 254 58.97 -8.37 -19.83
CA PHE A 254 59.68 -9.57 -19.40
C PHE A 254 61.11 -9.29 -18.95
N THR A 255 61.61 -8.07 -19.15
CA THR A 255 62.92 -7.68 -18.66
C THR A 255 62.83 -6.74 -17.45
N LEU A 256 61.63 -6.59 -16.88
CA LEU A 256 61.35 -5.80 -15.66
C LEU A 256 61.71 -4.33 -15.81
N ASN A 257 61.65 -3.80 -17.03
CA ASN A 257 61.79 -2.37 -17.26
C ASN A 257 60.40 -1.72 -17.33
N TRP A 258 59.66 -1.86 -16.23
CA TRP A 258 58.27 -1.41 -16.21
C TRP A 258 58.16 0.11 -16.19
N SER A 259 59.19 0.81 -15.72
CA SER A 259 59.21 2.26 -15.75
C SER A 259 59.26 2.82 -17.17
N GLU A 260 59.78 2.02 -18.12
CA GLU A 260 59.69 2.37 -19.54
C GLU A 260 58.26 2.29 -20.06
N TYR A 261 57.36 1.59 -19.36
CA TYR A 261 55.92 1.68 -19.58
C TYR A 261 55.29 2.87 -18.85
N SER A 262 56.07 3.87 -18.45
CA SER A 262 55.54 5.04 -17.75
C SER A 262 54.76 5.99 -18.67
N ASP A 263 54.81 5.79 -19.99
CA ASP A 263 54.03 6.63 -20.89
C ASP A 263 52.54 6.34 -20.79
N PHE A 264 52.17 5.06 -20.70
CA PHE A 264 50.77 4.67 -20.68
C PHE A 264 50.33 3.99 -19.37
N LEU A 265 51.23 3.74 -18.43
CA LEU A 265 50.84 3.19 -17.13
C LEU A 265 51.31 4.17 -16.07
N THR A 266 50.41 5.06 -15.64
CA THR A 266 50.77 6.17 -14.76
C THR A 266 49.99 6.12 -13.45
N PHE A 267 50.50 6.83 -12.45
CA PHE A 267 49.83 6.97 -11.17
C PHE A 267 49.45 8.45 -10.98
N ARG A 268 48.99 9.10 -12.06
CA ARG A 268 48.59 10.52 -12.06
C ARG A 268 47.64 10.93 -10.94
N GLY A 269 46.40 10.50 -11.04
CA GLY A 269 45.41 10.90 -10.06
C GLY A 269 44.71 12.17 -10.47
N GLY A 270 43.43 12.26 -10.11
CA GLY A 270 42.66 13.41 -10.44
C GLY A 270 41.84 13.14 -11.67
N LEU A 271 41.39 14.21 -12.30
CA LEU A 271 40.48 14.08 -13.42
C LEU A 271 41.14 14.64 -14.68
N ASN A 272 40.68 14.15 -15.82
CA ASN A 272 41.06 14.69 -17.11
C ASN A 272 40.41 16.06 -17.26
N PRO A 273 41.19 17.13 -17.49
CA PRO A 273 40.57 18.45 -17.65
C PRO A 273 39.77 18.59 -18.93
N VAL A 274 40.03 17.73 -19.93
CA VAL A 274 39.25 17.76 -21.15
C VAL A 274 37.84 17.22 -20.89
N THR A 275 37.73 16.12 -20.17
CA THR A 275 36.45 15.41 -20.03
C THR A 275 35.83 15.48 -18.64
N GLY A 276 36.64 15.60 -17.58
CA GLY A 276 36.11 15.52 -16.23
C GLY A 276 36.03 14.13 -15.66
N GLY A 277 36.67 13.14 -16.27
CA GLY A 277 36.63 11.77 -15.80
C GLY A 277 38.05 11.29 -15.57
N LEU A 278 38.27 10.25 -14.74
CA LEU A 278 39.59 9.71 -14.44
C LEU A 278 40.42 9.34 -15.68
N TRP A 279 41.73 9.25 -15.51
CA TRP A 279 42.60 8.96 -16.64
C TRP A 279 42.53 7.47 -16.91
N LEU A 280 42.63 7.10 -18.19
CA LEU A 280 42.59 5.67 -18.47
C LEU A 280 43.99 5.05 -18.45
N THR A 281 45.02 5.85 -18.24
CA THR A 281 46.33 5.28 -18.02
C THR A 281 46.42 4.83 -16.58
N ASP A 282 45.57 5.44 -15.75
CA ASP A 282 45.54 5.15 -14.33
C ASP A 282 44.55 4.04 -14.12
N THR A 283 43.49 4.02 -14.92
CA THR A 283 42.49 2.97 -14.84
C THR A 283 43.00 1.68 -15.48
N ALA A 284 44.04 1.79 -16.31
CA ALA A 284 44.63 0.60 -16.91
C ALA A 284 45.76 0.10 -16.04
N HIS A 285 46.40 1.00 -15.29
CA HIS A 285 47.40 0.58 -14.35
C HIS A 285 46.70 0.02 -13.12
N HIS A 286 45.53 0.57 -12.80
CA HIS A 286 44.68 0.09 -11.72
C HIS A 286 44.24 -1.33 -11.98
N HIS A 287 43.85 -1.62 -13.24
CA HIS A 287 43.27 -2.92 -13.50
C HIS A 287 44.37 -3.95 -13.64
N LEU A 288 45.51 -3.54 -14.20
CA LEU A 288 46.68 -4.40 -14.25
C LEU A 288 47.22 -4.71 -12.84
N ALA A 289 47.04 -3.79 -11.90
CA ALA A 289 47.57 -4.02 -10.56
C ALA A 289 46.62 -4.90 -9.76
N ILE A 290 45.33 -4.57 -9.75
CA ILE A 290 44.34 -5.45 -9.12
C ILE A 290 44.20 -6.80 -9.84
N ALA A 291 44.84 -7.00 -11.00
CA ALA A 291 44.81 -8.29 -11.67
C ALA A 291 46.03 -9.08 -11.25
N VAL A 292 47.19 -8.42 -11.15
CA VAL A 292 48.45 -9.03 -10.69
C VAL A 292 48.39 -9.19 -9.14
N LEU A 293 47.26 -8.85 -8.54
CA LEU A 293 47.02 -8.92 -7.10
C LEU A 293 45.86 -9.86 -6.80
N PHE A 294 44.85 -9.94 -7.67
CA PHE A 294 43.79 -10.91 -7.48
C PHE A 294 44.24 -12.27 -7.98
N LEU A 295 45.11 -12.31 -8.99
CA LEU A 295 45.67 -13.58 -9.43
C LEU A 295 46.69 -14.11 -8.42
N VAL A 296 47.39 -13.23 -7.70
CA VAL A 296 48.22 -13.68 -6.59
C VAL A 296 47.34 -14.21 -5.46
N ALA A 297 46.25 -13.49 -5.13
CA ALA A 297 45.38 -13.92 -4.04
C ALA A 297 44.55 -15.16 -4.37
N GLY A 298 44.40 -15.49 -5.65
CA GLY A 298 43.74 -16.71 -6.07
C GLY A 298 44.55 -17.97 -5.99
N HIS A 299 45.81 -17.88 -5.57
CA HIS A 299 46.68 -19.04 -5.37
C HIS A 299 46.93 -19.28 -3.89
N MET A 300 45.92 -19.05 -3.07
CA MET A 300 46.07 -19.08 -1.63
C MET A 300 45.57 -20.38 -1.01
N TYR A 301 44.45 -20.91 -1.48
CA TYR A 301 43.78 -22.01 -0.81
C TYR A 301 44.13 -23.35 -1.43
N ARG A 302 43.85 -24.42 -0.68
CA ARG A 302 44.29 -25.78 -0.98
C ARG A 302 43.18 -26.53 -1.69
N THR A 303 43.39 -26.86 -2.96
CA THR A 303 42.36 -27.61 -3.66
C THR A 303 42.67 -29.11 -3.69
N ASN A 304 43.62 -29.49 -4.55
CA ASN A 304 44.07 -30.88 -4.60
C ASN A 304 45.54 -31.00 -4.99
N PHE A 305 46.30 -29.91 -5.01
CA PHE A 305 47.68 -29.93 -5.47
C PHE A 305 48.68 -29.79 -4.33
N GLY A 306 48.25 -30.02 -3.09
CA GLY A 306 49.17 -29.99 -1.99
C GLY A 306 49.36 -28.61 -1.38
N ILE A 307 49.84 -27.65 -2.18
CA ILE A 307 50.04 -26.30 -1.67
C ILE A 307 48.70 -25.61 -1.45
N GLY A 308 48.64 -24.76 -0.45
CA GLY A 308 47.46 -23.97 -0.22
C GLY A 308 47.10 -23.95 1.25
N HIS A 309 45.87 -23.51 1.51
CA HIS A 309 45.30 -23.45 2.85
C HIS A 309 44.01 -24.24 2.88
N SER A 310 43.87 -25.13 3.86
CA SER A 310 42.54 -25.50 4.28
C SER A 310 42.02 -24.39 5.17
N MET A 311 40.85 -23.85 4.84
CA MET A 311 40.39 -22.68 5.58
C MET A 311 39.78 -23.09 6.92
N LYS A 312 39.42 -24.37 7.07
CA LYS A 312 39.12 -24.90 8.40
C LYS A 312 40.35 -24.85 9.29
N GLU A 313 41.54 -25.04 8.72
CA GLU A 313 42.77 -24.93 9.50
C GLU A 313 43.09 -23.47 9.80
N ILE A 314 42.68 -22.54 8.94
CA ILE A 314 42.81 -21.12 9.23
C ILE A 314 41.89 -20.73 10.38
N LEU A 315 40.64 -21.18 10.31
CA LEU A 315 39.64 -20.81 11.31
C LEU A 315 39.96 -21.44 12.66
N GLU A 316 40.23 -22.75 12.69
CA GLU A 316 40.40 -23.46 13.96
C GLU A 316 41.70 -23.11 14.68
N ALA A 317 42.64 -22.46 14.01
CA ALA A 317 43.80 -21.91 14.69
C ALA A 317 43.58 -20.50 15.20
N HIS A 318 42.44 -19.88 14.85
CA HIS A 318 42.10 -18.53 15.31
C HIS A 318 41.18 -18.66 16.52
N LYS A 319 41.77 -18.71 17.71
CA LYS A 319 41.05 -18.89 18.95
C LYS A 319 41.75 -18.06 20.02
N GLY A 320 40.96 -17.41 20.87
CA GLY A 320 41.50 -16.43 21.78
C GLY A 320 41.03 -16.61 23.21
N PRO A 321 41.72 -15.98 24.16
CA PRO A 321 41.35 -16.14 25.56
C PRO A 321 40.05 -15.44 25.94
N PHE A 322 39.64 -14.44 25.18
CA PHE A 322 38.33 -13.81 25.39
C PHE A 322 37.21 -14.59 24.72
N THR A 323 37.53 -15.64 23.98
CA THR A 323 36.51 -16.43 23.31
C THR A 323 36.66 -17.93 23.60
N GLY A 324 37.87 -18.42 23.73
CA GLY A 324 38.04 -19.83 24.04
C GLY A 324 38.13 -20.68 22.80
N GLU A 325 37.01 -21.30 22.42
CA GLU A 325 36.97 -22.24 21.29
C GLU A 325 36.38 -21.58 20.05
N GLY A 326 36.73 -20.32 19.81
CA GLY A 326 36.13 -19.56 18.74
C GLY A 326 36.60 -20.00 17.36
N HIS A 327 35.83 -19.56 16.36
CA HIS A 327 35.98 -19.80 14.93
C HIS A 327 35.82 -21.26 14.52
N LYS A 328 35.46 -22.16 15.43
CA LYS A 328 35.40 -23.58 15.15
C LYS A 328 33.97 -23.96 14.81
N GLY A 329 33.80 -24.66 13.70
CA GLY A 329 32.49 -24.97 13.18
C GLY A 329 31.95 -23.96 12.20
N LEU A 330 32.61 -22.81 12.05
CA LEU A 330 32.18 -21.80 11.08
C LEU A 330 32.39 -22.24 9.65
N TYR A 331 33.39 -23.12 9.42
CA TYR A 331 33.49 -23.79 8.13
C TYR A 331 32.30 -24.71 7.88
N GLU A 332 31.85 -25.40 8.93
CA GLU A 332 30.65 -26.22 8.81
C GLU A 332 29.39 -25.39 8.71
N ILE A 333 29.39 -24.18 9.26
CA ILE A 333 28.33 -23.21 8.98
C ILE A 333 28.31 -22.81 7.51
N LEU A 334 29.46 -22.41 6.98
CA LEU A 334 29.50 -21.76 5.68
C LEU A 334 29.63 -22.74 4.51
N THR A 335 29.68 -24.05 4.77
CA THR A 335 29.62 -25.04 3.71
C THR A 335 28.39 -25.93 3.76
N THR A 336 27.60 -25.87 4.82
CA THR A 336 26.35 -26.63 4.89
C THR A 336 25.12 -25.73 4.92
N SER A 337 25.28 -24.42 4.94
CA SER A 337 24.17 -23.47 4.93
C SER A 337 24.36 -22.49 3.79
N TRP A 338 23.38 -22.42 2.90
CA TRP A 338 23.40 -21.44 1.82
C TRP A 338 23.07 -20.05 2.34
N HIS A 339 22.28 -19.95 3.42
CA HIS A 339 21.84 -18.66 3.93
C HIS A 339 22.94 -17.91 4.64
N ALA A 340 23.88 -18.62 5.28
CA ALA A 340 24.99 -17.96 5.96
C ALA A 340 25.95 -17.34 4.95
N GLN A 341 26.28 -18.09 3.91
CA GLN A 341 27.09 -17.56 2.82
C GLN A 341 26.35 -16.46 2.08
N LEU A 342 25.02 -16.57 1.97
CA LEU A 342 24.23 -15.51 1.35
C LEU A 342 24.22 -14.24 2.20
N ALA A 343 24.23 -14.39 3.52
CA ALA A 343 24.31 -13.25 4.43
C ALA A 343 25.64 -12.52 4.28
N ILE A 344 26.74 -13.28 4.26
CA ILE A 344 28.07 -12.66 4.12
C ILE A 344 28.24 -12.02 2.75
N ASN A 345 27.84 -12.73 1.69
CA ASN A 345 27.96 -12.21 0.33
C ASN A 345 27.06 -11.02 0.09
N LEU A 346 25.87 -11.00 0.70
CA LEU A 346 24.98 -9.86 0.53
C LEU A 346 25.45 -8.65 1.30
N ALA A 347 26.07 -8.87 2.48
CA ALA A 347 26.63 -7.77 3.24
C ALA A 347 27.81 -7.14 2.50
N MET A 348 28.66 -7.98 1.92
CA MET A 348 29.80 -7.47 1.16
C MET A 348 29.37 -6.83 -0.15
N LEU A 349 28.33 -7.36 -0.81
CA LEU A 349 27.88 -6.75 -2.06
C LEU A 349 27.15 -5.44 -1.81
N GLY A 350 26.37 -5.34 -0.74
CA GLY A 350 25.70 -4.09 -0.43
C GLY A 350 26.63 -3.01 0.04
N SER A 351 27.56 -3.36 0.95
CA SER A 351 28.58 -2.43 1.39
C SER A 351 29.50 -2.03 0.24
N LEU A 352 29.80 -2.98 -0.66
CA LEU A 352 30.61 -2.71 -1.82
C LEU A 352 29.90 -1.78 -2.80
N THR A 353 28.57 -1.90 -2.94
CA THR A 353 27.81 -1.02 -3.81
C THR A 353 27.78 0.40 -3.24
N ILE A 354 27.79 0.52 -1.91
CA ILE A 354 27.91 1.82 -1.26
C ILE A 354 29.31 2.41 -1.48
N ILE A 355 30.36 1.56 -1.43
CA ILE A 355 31.72 1.94 -1.83
C ILE A 355 31.75 2.44 -3.28
N VAL A 356 31.02 1.77 -4.17
CA VAL A 356 30.93 2.13 -5.59
C VAL A 356 30.31 3.53 -5.76
N ALA A 357 29.25 3.81 -4.99
CA ALA A 357 28.55 5.10 -5.05
C ALA A 357 29.47 6.24 -4.62
N HIS A 358 30.23 6.02 -3.53
CA HIS A 358 31.11 7.07 -3.06
C HIS A 358 32.33 7.22 -3.96
N HIS A 359 32.84 6.10 -4.47
CA HIS A 359 34.01 6.13 -5.33
C HIS A 359 33.63 6.39 -6.77
N MET A 360 32.44 6.91 -7.03
CA MET A 360 32.10 7.35 -8.36
C MET A 360 31.68 8.80 -8.35
N TYR A 361 30.95 9.29 -7.32
CA TYR A 361 30.83 10.75 -7.31
C TYR A 361 32.19 11.39 -7.09
N ALA A 362 33.03 10.74 -6.26
CA ALA A 362 34.24 11.42 -5.83
C ALA A 362 35.37 11.27 -6.81
N MET A 363 35.52 10.08 -7.40
CA MET A 363 36.54 9.81 -8.41
C MET A 363 35.83 9.34 -9.68
N PRO A 364 35.21 10.26 -10.45
CA PRO A 364 34.35 9.85 -11.59
C PRO A 364 35.15 9.11 -12.66
N PRO A 365 34.83 7.83 -12.86
CA PRO A 365 35.66 6.99 -13.73
C PRO A 365 35.40 7.15 -15.22
N TYR A 366 34.39 7.90 -15.63
CA TYR A 366 34.04 7.88 -17.02
C TYR A 366 34.09 9.28 -17.59
N PRO A 367 34.47 9.45 -18.86
CA PRO A 367 34.58 10.80 -19.43
C PRO A 367 33.22 11.48 -19.52
N TYR A 368 33.18 12.75 -19.09
CA TYR A 368 31.96 13.56 -18.96
C TYR A 368 30.90 12.88 -18.09
N LEU A 369 31.35 12.25 -17.02
CA LEU A 369 30.44 11.71 -16.01
C LEU A 369 30.05 12.76 -14.99
N ALA A 370 31.05 13.51 -14.50
CA ALA A 370 30.83 14.45 -13.42
C ALA A 370 30.02 15.65 -13.88
N THR A 371 30.27 16.15 -15.09
CA THR A 371 29.59 17.33 -15.57
C THR A 371 28.16 17.05 -16.03
N ASP A 372 27.83 15.80 -16.31
CA ASP A 372 26.43 15.40 -16.50
C ASP A 372 25.92 15.03 -15.11
N TYR A 373 25.29 16.02 -14.46
CA TYR A 373 24.90 15.89 -13.06
C TYR A 373 23.79 14.86 -12.85
N ALA A 374 22.96 14.66 -13.89
CA ALA A 374 21.87 13.69 -13.82
C ALA A 374 22.41 12.27 -13.66
N THR A 375 23.47 11.95 -14.40
CA THR A 375 24.12 10.67 -14.30
C THR A 375 24.73 10.46 -12.91
N GLN A 376 25.39 11.49 -12.36
CA GLN A 376 26.04 11.36 -11.06
C GLN A 376 25.04 11.16 -9.93
N LEU A 377 23.96 11.96 -9.93
CA LEU A 377 22.92 11.81 -8.92
C LEU A 377 22.20 10.47 -9.04
N SER A 378 21.90 10.04 -10.27
CA SER A 378 21.18 8.79 -10.45
C SER A 378 22.04 7.58 -10.15
N LEU A 379 23.34 7.64 -10.46
CA LEU A 379 24.23 6.52 -10.18
C LEU A 379 24.49 6.37 -8.69
N PHE A 380 24.74 7.49 -8.00
CA PHE A 380 24.90 7.45 -6.54
C PHE A 380 23.63 6.97 -5.87
N THR A 381 22.47 7.50 -6.29
CA THR A 381 21.21 7.17 -5.65
C THR A 381 20.83 5.71 -5.88
N HIS A 382 21.04 5.22 -7.12
CA HIS A 382 20.75 3.84 -7.46
C HIS A 382 21.64 2.88 -6.68
N HIS A 383 22.93 3.17 -6.58
CA HIS A 383 23.82 2.27 -5.86
C HIS A 383 23.64 2.34 -4.36
N MET A 384 23.25 3.49 -3.81
CA MET A 384 22.84 3.53 -2.40
C MET A 384 21.60 2.70 -2.12
N TRP A 385 20.61 2.74 -3.02
CA TRP A 385 19.39 1.96 -2.76
C TRP A 385 19.66 0.47 -2.92
N ILE A 386 20.45 0.08 -3.91
CA ILE A 386 20.82 -1.33 -4.08
C ILE A 386 21.66 -1.81 -2.90
N GLY A 387 22.60 -0.98 -2.43
CA GLY A 387 23.42 -1.37 -1.31
C GLY A 387 22.66 -1.50 0.01
N GLY A 388 21.71 -0.58 0.25
CA GLY A 388 20.88 -0.70 1.43
C GLY A 388 19.95 -1.90 1.39
N PHE A 389 19.38 -2.19 0.21
CA PHE A 389 18.55 -3.38 0.06
C PHE A 389 19.35 -4.66 0.26
N LEU A 390 20.59 -4.69 -0.22
CA LEU A 390 21.39 -5.90 -0.08
C LEU A 390 21.90 -6.08 1.35
N VAL A 391 22.15 -5.00 2.10
CA VAL A 391 22.55 -5.23 3.49
C VAL A 391 21.36 -5.61 4.38
N VAL A 392 20.15 -5.12 4.06
CA VAL A 392 18.96 -5.59 4.76
C VAL A 392 18.69 -7.06 4.43
N GLY A 393 18.91 -7.46 3.17
CA GLY A 393 18.80 -8.86 2.81
C GLY A 393 19.89 -9.72 3.40
N ALA A 394 21.07 -9.14 3.67
CA ALA A 394 22.12 -9.84 4.38
C ALA A 394 21.69 -10.20 5.79
N ALA A 395 21.08 -9.24 6.49
CA ALA A 395 20.53 -9.54 7.80
C ALA A 395 19.35 -10.49 7.73
N ALA A 396 18.59 -10.44 6.64
CA ALA A 396 17.48 -11.37 6.42
C ALA A 396 17.96 -12.81 6.35
N HIS A 397 18.94 -13.07 5.49
CA HIS A 397 19.42 -14.43 5.33
C HIS A 397 20.31 -14.88 6.48
N ALA A 398 20.90 -13.94 7.22
CA ALA A 398 21.48 -14.27 8.51
C ALA A 398 20.42 -14.83 9.46
N ALA A 399 19.27 -14.16 9.52
CA ALA A 399 18.17 -14.61 10.38
C ALA A 399 17.55 -15.92 9.89
N ILE A 400 17.49 -16.13 8.58
CA ILE A 400 16.99 -17.40 8.05
C ILE A 400 17.97 -18.53 8.35
N PHE A 401 19.28 -18.24 8.34
CA PHE A 401 20.27 -19.23 8.78
C PHE A 401 20.06 -19.59 10.25
N MET A 402 19.73 -18.61 11.09
CA MET A 402 19.47 -18.92 12.50
C MET A 402 18.21 -19.76 12.66
N VAL A 403 17.11 -19.40 12.00
CA VAL A 403 15.87 -20.14 12.23
C VAL A 403 15.80 -21.46 11.50
N ARG A 404 16.65 -21.73 10.50
CA ARG A 404 16.49 -22.95 9.72
C ARG A 404 17.76 -23.73 9.46
N ASP A 405 18.95 -23.20 9.74
CA ASP A 405 20.18 -23.91 9.45
C ASP A 405 21.19 -23.88 10.60
N TYR A 406 20.91 -23.15 11.68
CA TYR A 406 21.82 -23.09 12.82
C TYR A 406 21.66 -24.35 13.66
N ASP A 407 22.69 -25.20 13.68
CA ASP A 407 22.67 -26.40 14.49
C ASP A 407 23.42 -26.12 15.78
N PRO A 408 22.77 -26.14 16.95
CA PRO A 408 23.47 -25.79 18.19
C PRO A 408 24.43 -26.85 18.68
N THR A 409 24.31 -28.09 18.19
CA THR A 409 25.22 -29.16 18.62
C THR A 409 26.62 -28.96 18.04
N THR A 410 26.71 -28.51 16.80
CA THR A 410 28.00 -28.28 16.16
C THR A 410 28.62 -26.94 16.55
N GLN A 411 27.86 -26.04 17.17
CA GLN A 411 28.35 -24.73 17.57
C GLN A 411 28.22 -24.61 19.09
N TYR A 412 29.23 -25.07 19.81
CA TYR A 412 29.35 -24.86 21.24
C TYR A 412 30.64 -24.09 21.49
N ASN A 413 30.53 -22.99 22.23
CA ASN A 413 31.64 -22.17 22.73
C ASN A 413 32.50 -21.57 21.62
N ASN A 414 31.94 -21.41 20.43
CA ASN A 414 32.59 -20.70 19.36
C ASN A 414 32.18 -19.22 19.41
N LEU A 415 32.45 -18.48 18.34
CA LEU A 415 32.09 -17.07 18.32
C LEU A 415 30.58 -16.87 18.26
N LEU A 416 29.90 -17.66 17.44
CA LEU A 416 28.46 -17.48 17.22
C LEU A 416 27.66 -17.86 18.45
N ASP A 417 28.08 -18.92 19.17
CA ASP A 417 27.42 -19.34 20.39
C ASP A 417 27.57 -18.29 21.49
N ARG A 418 28.74 -17.66 21.58
CA ARG A 418 28.96 -16.63 22.58
C ARG A 418 28.29 -15.32 22.22
N VAL A 419 28.14 -15.04 20.91
CA VAL A 419 27.41 -13.86 20.47
C VAL A 419 25.92 -14.03 20.78
N LEU A 420 25.39 -15.24 20.61
CA LEU A 420 24.05 -15.54 21.10
C LEU A 420 23.97 -15.54 22.62
N ARG A 421 25.06 -15.84 23.31
CA ARG A 421 25.02 -15.90 24.76
C ARG A 421 25.01 -14.52 25.43
N HIS A 422 25.38 -13.47 24.71
CA HIS A 422 25.34 -12.13 25.31
C HIS A 422 24.60 -11.15 24.41
N ARG A 423 23.59 -11.64 23.67
CA ARG A 423 22.84 -10.82 22.72
C ARG A 423 22.05 -9.71 23.39
N ASP A 424 21.69 -9.87 24.68
CA ASP A 424 21.08 -8.79 25.44
C ASP A 424 22.04 -7.62 25.61
N ALA A 425 23.32 -7.91 25.84
CA ALA A 425 24.34 -6.86 25.97
C ALA A 425 24.56 -6.14 24.64
N ILE A 426 24.62 -6.90 23.54
CA ILE A 426 24.82 -6.31 22.22
C ILE A 426 23.65 -5.41 21.84
N ILE A 427 22.42 -5.91 22.02
CA ILE A 427 21.25 -5.15 21.61
C ILE A 427 20.99 -3.97 22.56
N SER A 428 21.32 -4.12 23.85
CA SER A 428 21.12 -3.02 24.79
C SER A 428 22.15 -1.91 24.60
N HIS A 429 23.41 -2.25 24.35
CA HIS A 429 24.41 -1.21 24.14
C HIS A 429 24.26 -0.57 22.76
N LEU A 430 23.81 -1.34 21.76
CA LEU A 430 23.42 -0.78 20.49
C LEU A 430 22.22 0.15 20.65
N ASN A 431 21.26 -0.22 21.52
CA ASN A 431 20.11 0.62 21.82
C ASN A 431 20.53 1.93 22.47
N TRP A 432 21.51 1.87 23.38
CA TRP A 432 22.02 3.08 24.02
C TRP A 432 22.72 3.99 23.03
N VAL A 433 23.56 3.42 22.15
CA VAL A 433 24.29 4.27 21.22
C VAL A 433 23.35 4.80 20.13
N CYS A 434 22.26 4.09 19.84
CA CYS A 434 21.26 4.59 18.91
C CYS A 434 20.46 5.75 19.50
N ILE A 435 20.08 5.65 20.77
CA ILE A 435 19.34 6.74 21.42
C ILE A 435 20.26 7.95 21.63
N PHE A 436 21.53 7.70 21.99
CA PHE A 436 22.51 8.77 22.13
C PHE A 436 22.77 9.48 20.82
N LEU A 437 22.89 8.73 19.72
CA LEU A 437 23.05 9.31 18.40
C LEU A 437 21.79 10.05 17.96
N GLY A 438 20.62 9.53 18.34
CA GLY A 438 19.37 10.17 17.95
C GLY A 438 19.17 11.52 18.60
N PHE A 439 19.44 11.62 19.90
CA PHE A 439 19.45 12.92 20.54
C PHE A 439 20.58 13.80 20.00
N HIS A 440 21.81 13.32 20.00
CA HIS A 440 22.95 14.16 19.67
C HIS A 440 23.10 14.47 18.18
N SER A 441 22.21 13.97 17.33
CA SER A 441 22.11 14.47 15.97
C SER A 441 20.76 15.12 15.69
N PHE A 442 19.66 14.39 15.88
CA PHE A 442 18.37 14.95 15.52
C PHE A 442 17.88 15.98 16.53
N GLY A 443 18.15 15.81 17.82
CA GLY A 443 17.83 16.86 18.75
C GLY A 443 18.68 18.10 18.58
N LEU A 444 19.88 17.95 18.01
CA LEU A 444 20.66 19.11 17.59
C LEU A 444 19.98 19.82 16.42
N TYR A 445 19.40 19.04 15.49
CA TYR A 445 18.58 19.63 14.44
C TYR A 445 17.33 20.32 14.99
N ILE A 446 16.68 19.71 16.00
CA ILE A 446 15.51 20.29 16.64
C ILE A 446 15.88 21.56 17.40
N HIS A 447 17.07 21.57 18.02
CA HIS A 447 17.58 22.76 18.70
C HIS A 447 17.83 23.89 17.72
N ASN A 448 18.41 23.58 16.56
CA ASN A 448 18.63 24.59 15.54
C ASN A 448 17.31 25.13 14.98
N ASP A 449 16.32 24.25 14.78
CA ASP A 449 14.99 24.67 14.35
C ASP A 449 14.31 25.54 15.40
N THR A 450 14.50 25.22 16.67
CA THR A 450 13.85 25.95 17.74
C THR A 450 14.46 27.35 17.90
N MET A 451 15.80 27.44 18.00
CA MET A 451 16.41 28.77 18.12
C MET A 451 16.37 29.58 16.83
N SER A 452 16.24 28.94 15.66
CA SER A 452 15.98 29.72 14.46
C SER A 452 14.53 30.18 14.43
N ALA A 453 13.62 29.41 15.04
CA ALA A 453 12.23 29.83 15.13
C ALA A 453 12.04 30.91 16.19
N LEU A 454 12.81 30.86 17.28
CA LEU A 454 12.70 31.81 18.38
C LEU A 454 13.52 33.07 18.17
N GLY A 455 14.07 33.27 16.97
CA GLY A 455 14.87 34.46 16.69
C GLY A 455 16.19 34.51 17.42
N ARG A 456 16.86 33.37 17.58
CA ARG A 456 18.18 33.30 18.21
C ARG A 456 19.12 32.58 17.27
N PRO A 457 19.64 33.26 16.24
CA PRO A 457 20.59 32.58 15.34
C PRO A 457 21.95 32.33 15.96
N GLN A 458 22.30 33.01 17.04
CA GLN A 458 23.56 32.79 17.73
C GLN A 458 23.51 31.61 18.70
N ASP A 459 22.32 31.08 18.98
CA ASP A 459 22.15 29.98 19.92
C ASP A 459 22.01 28.64 19.21
N MET A 460 22.45 28.56 17.96
CA MET A 460 22.24 27.41 17.10
C MET A 460 23.53 26.59 17.00
N PHE A 461 23.52 25.61 16.10
CA PHE A 461 24.74 24.91 15.68
C PHE A 461 24.94 25.20 14.20
N SER A 462 25.60 26.32 13.92
CA SER A 462 25.86 26.81 12.58
C SER A 462 27.37 26.89 12.40
N ASP A 463 27.79 27.43 11.26
CA ASP A 463 29.17 27.85 11.10
C ASP A 463 29.43 29.23 11.70
N THR A 464 28.36 29.99 11.99
CA THR A 464 28.44 31.29 12.64
C THR A 464 28.04 31.25 14.11
N ALA A 465 27.19 30.29 14.49
CA ALA A 465 26.80 30.00 15.86
C ALA A 465 27.84 29.07 16.49
N ILE A 466 27.45 28.31 17.53
CA ILE A 466 28.30 27.30 18.15
C ILE A 466 28.74 26.29 17.10
N GLN A 467 30.03 26.28 16.82
CA GLN A 467 30.56 25.47 15.73
C GLN A 467 30.83 24.05 16.20
N LEU A 468 30.62 23.11 15.30
CA LEU A 468 30.81 21.69 15.51
C LEU A 468 31.64 21.10 14.37
N GLN A 469 32.79 21.72 14.10
CA GLN A 469 33.57 21.40 12.91
C GLN A 469 34.12 19.97 12.98
N PRO A 470 33.96 19.18 11.91
CA PRO A 470 34.44 17.79 11.94
C PRO A 470 35.95 17.75 11.79
N VAL A 471 36.67 17.89 12.90
CA VAL A 471 38.12 18.06 12.86
C VAL A 471 38.82 16.79 12.39
N PHE A 472 38.22 15.62 12.62
CA PHE A 472 38.81 14.40 12.11
C PHE A 472 38.65 14.30 10.60
N ALA A 473 37.46 14.64 10.08
CA ALA A 473 37.26 14.62 8.63
C ALA A 473 38.02 15.75 7.96
N GLN A 474 38.02 16.94 8.56
CA GLN A 474 38.79 18.08 8.03
C GLN A 474 40.30 17.84 8.14
N TRP A 475 40.73 16.89 8.95
CA TRP A 475 42.15 16.57 8.99
C TRP A 475 42.44 15.45 8.00
N ILE A 476 41.51 14.51 7.81
CA ILE A 476 41.76 13.39 6.89
C ILE A 476 41.63 13.85 5.45
N GLN A 477 41.06 15.04 5.25
CA GLN A 477 40.85 15.55 3.90
C GLN A 477 42.05 16.40 3.53
N ASN A 478 42.71 16.93 4.57
CA ASN A 478 43.95 17.66 4.39
C ASN A 478 45.08 16.65 4.27
N THR A 479 44.93 15.50 4.92
CA THR A 479 45.93 14.44 4.85
C THR A 479 45.88 13.79 3.47
N HIS A 480 44.72 13.84 2.83
CA HIS A 480 44.56 13.24 1.52
C HIS A 480 44.80 14.26 0.42
N ALA A 481 44.93 15.54 0.78
CA ALA A 481 45.25 16.56 -0.19
C ALA A 481 46.75 16.84 -0.17
N LEU A 482 47.35 16.87 1.02
CA LEU A 482 48.77 17.10 1.20
C LEU A 482 49.55 15.78 1.25
N ALA A 483 49.05 14.75 0.58
CA ALA A 483 49.68 13.43 0.49
C ALA A 483 50.80 13.45 -0.57
N PRO A 484 50.54 13.70 -1.97
CA PRO A 484 51.61 13.64 -2.99
C PRO A 484 53.00 14.23 -2.71
N SER A 485 53.08 15.19 -1.79
CA SER A 485 54.35 15.86 -1.51
C SER A 485 55.28 15.02 -0.64
N LEU A 486 54.74 14.14 0.22
CA LEU A 486 55.62 13.41 1.13
C LEU A 486 55.17 11.96 1.36
N THR A 487 53.89 11.68 1.58
CA THR A 487 53.53 10.30 1.94
C THR A 487 53.24 9.42 0.74
N ALA A 488 52.87 10.01 -0.40
CA ALA A 488 52.67 9.28 -1.65
C ALA A 488 53.43 9.95 -2.79
N PRO A 489 54.82 9.88 -2.81
CA PRO A 489 55.64 10.62 -3.79
C PRO A 489 55.25 10.48 -5.25
N ASN A 490 55.56 9.35 -5.91
CA ASN A 490 55.24 8.99 -7.31
C ASN A 490 53.88 9.35 -7.95
N ALA A 491 53.06 10.18 -7.30
CA ALA A 491 51.78 10.65 -7.81
C ALA A 491 51.93 12.04 -8.42
N THR A 492 51.42 12.21 -9.64
CA THR A 492 51.48 13.51 -10.31
C THR A 492 50.56 14.50 -9.62
N ALA A 493 49.33 14.08 -9.33
CA ALA A 493 48.35 14.93 -8.67
C ALA A 493 47.82 14.17 -7.47
N SER A 494 46.63 14.49 -6.99
CA SER A 494 46.05 13.78 -5.87
C SER A 494 44.94 12.85 -6.34
N THR A 495 44.55 11.96 -5.43
CA THR A 495 43.57 10.90 -5.71
C THR A 495 42.24 11.45 -6.21
N SER A 496 41.66 12.39 -5.47
CA SER A 496 40.42 13.03 -5.87
C SER A 496 40.58 14.54 -5.78
N LEU A 497 39.75 15.24 -6.55
CA LEU A 497 39.72 16.70 -6.49
C LEU A 497 39.01 17.22 -5.26
N THR A 498 38.19 16.39 -4.62
CA THR A 498 37.38 16.80 -3.47
C THR A 498 38.17 16.83 -2.15
N TRP A 499 39.50 16.78 -2.21
CA TRP A 499 40.36 16.70 -1.05
C TRP A 499 40.95 18.06 -0.69
N GLY A 500 41.37 18.86 -1.67
CA GLY A 500 41.86 20.18 -1.38
C GLY A 500 43.16 20.52 -2.08
N GLY A 501 43.34 20.00 -3.29
CA GLY A 501 44.55 20.22 -4.03
C GLY A 501 44.35 21.21 -5.14
N GLY A 502 43.27 21.98 -5.07
CA GLY A 502 42.97 22.94 -6.11
C GLY A 502 42.38 22.26 -7.32
N ASP A 503 42.85 22.67 -8.51
CA ASP A 503 42.49 22.11 -9.82
C ASP A 503 40.99 22.20 -10.09
N LEU A 504 40.53 23.44 -10.23
CA LEU A 504 39.14 23.72 -10.54
C LEU A 504 38.87 23.29 -11.97
N VAL A 505 38.39 22.06 -12.15
CA VAL A 505 38.22 21.48 -13.48
C VAL A 505 36.91 21.97 -14.07
N ALA A 506 36.99 22.65 -15.20
CA ALA A 506 35.83 23.17 -15.93
C ALA A 506 35.73 22.43 -17.25
N VAL A 507 34.66 21.66 -17.41
CA VAL A 507 34.42 20.89 -18.63
C VAL A 507 33.07 21.33 -19.18
N GLY A 508 33.09 21.99 -20.33
CA GLY A 508 31.86 22.45 -20.94
C GLY A 508 31.19 23.61 -20.22
N GLY A 509 31.93 24.36 -19.44
CA GLY A 509 31.35 25.44 -18.66
C GLY A 509 30.64 25.00 -17.40
N LYS A 510 30.76 23.73 -17.02
CA LYS A 510 30.10 23.17 -15.86
C LYS A 510 31.14 22.53 -14.96
N VAL A 511 30.89 22.57 -13.66
CA VAL A 511 31.90 22.14 -12.68
C VAL A 511 31.91 20.63 -12.63
N ALA A 512 33.07 20.03 -12.87
CA ALA A 512 33.20 18.59 -12.67
C ALA A 512 33.32 18.30 -11.17
N LEU A 513 34.42 18.75 -10.56
CA LEU A 513 34.62 18.67 -9.13
C LEU A 513 35.52 19.80 -8.65
N LEU A 514 35.46 20.05 -7.35
CA LEU A 514 36.35 20.97 -6.66
C LEU A 514 36.48 20.48 -5.23
N PRO A 515 37.40 21.10 -4.40
CA PRO A 515 37.40 20.87 -2.95
C PRO A 515 36.05 20.97 -2.23
N ILE A 516 35.60 19.85 -1.65
CA ILE A 516 34.34 19.80 -0.92
C ILE A 516 34.56 20.29 0.51
N PRO A 517 33.89 21.36 0.93
CA PRO A 517 34.02 21.79 2.32
C PRO A 517 33.24 20.89 3.26
N LEU A 518 33.72 20.79 4.50
CA LEU A 518 33.04 20.05 5.55
C LEU A 518 32.93 20.95 6.76
N GLY A 519 31.70 21.27 7.16
CA GLY A 519 31.45 22.19 8.25
C GLY A 519 30.51 21.59 9.27
N THR A 520 29.82 22.49 9.98
CA THR A 520 28.87 22.09 11.02
C THR A 520 27.70 21.31 10.43
N ALA A 521 27.23 21.72 9.25
CA ALA A 521 26.11 21.06 8.58
C ALA A 521 26.48 19.63 8.19
N ASP A 522 27.70 19.44 7.68
CA ASP A 522 28.16 18.10 7.32
C ASP A 522 28.36 17.22 8.54
N PHE A 523 28.79 17.81 9.67
CA PHE A 523 28.90 17.09 10.93
C PHE A 523 27.54 16.61 11.41
N LEU A 524 26.54 17.51 11.36
CA LEU A 524 25.19 17.16 11.79
C LEU A 524 24.58 16.08 10.91
N VAL A 525 24.73 16.21 9.59
CA VAL A 525 24.10 15.22 8.72
C VAL A 525 24.89 13.90 8.69
N HIS A 526 26.20 13.92 8.98
CA HIS A 526 26.92 12.66 9.13
C HIS A 526 26.58 11.97 10.43
N HIS A 527 26.24 12.73 11.46
CA HIS A 527 25.76 12.09 12.68
C HIS A 527 24.33 11.57 12.53
N ILE A 528 23.51 12.23 11.72
CA ILE A 528 22.24 11.65 11.26
C ILE A 528 22.48 10.33 10.53
N HIS A 529 23.48 10.30 9.64
CA HIS A 529 23.77 9.10 8.86
C HIS A 529 24.25 7.96 9.76
N ALA A 530 25.15 8.26 10.69
CA ALA A 530 25.63 7.26 11.65
C ALA A 530 24.50 6.77 12.54
N PHE A 531 23.61 7.67 12.95
CA PHE A 531 22.45 7.31 13.76
C PHE A 531 21.51 6.38 12.99
N THR A 532 21.20 6.70 11.74
CA THR A 532 20.24 5.92 10.98
C THR A 532 20.81 4.56 10.59
N ILE A 533 22.11 4.51 10.26
CA ILE A 533 22.79 3.24 9.99
C ILE A 533 22.81 2.39 11.25
N HIS A 534 23.06 3.00 12.41
CA HIS A 534 23.07 2.28 13.68
C HIS A 534 21.71 1.74 14.04
N VAL A 535 20.64 2.50 13.80
CA VAL A 535 19.31 2.00 14.14
C VAL A 535 18.90 0.88 13.19
N THR A 536 19.26 0.99 11.91
CA THR A 536 19.02 -0.10 10.96
C THR A 536 19.77 -1.37 11.37
N VAL A 537 21.02 -1.20 11.83
CA VAL A 537 21.79 -2.27 12.45
C VAL A 537 21.11 -2.80 13.71
N LEU A 538 20.43 -1.93 14.48
CA LEU A 538 19.79 -2.36 15.72
C LEU A 538 18.60 -3.27 15.47
N ILE A 539 17.67 -2.87 14.58
CA ILE A 539 16.54 -3.75 14.25
C ILE A 539 17.03 -5.03 13.56
N LEU A 540 17.98 -4.90 12.63
CA LEU A 540 18.42 -6.05 11.86
C LEU A 540 19.22 -7.04 12.69
N LEU A 541 20.12 -6.54 13.54
CA LEU A 541 20.90 -7.39 14.43
C LEU A 541 20.04 -7.96 15.55
N LYS A 542 19.00 -7.25 15.96
CA LYS A 542 18.06 -7.80 16.93
C LYS A 542 17.28 -8.96 16.33
N GLY A 543 16.92 -8.84 15.04
CA GLY A 543 16.27 -9.95 14.38
C GLY A 543 17.17 -11.13 14.12
N VAL A 544 18.46 -10.89 13.89
CA VAL A 544 19.40 -11.99 13.75
C VAL A 544 19.63 -12.68 15.09
N LEU A 545 19.81 -11.90 16.15
CA LEU A 545 20.19 -12.47 17.45
C LEU A 545 19.01 -13.13 18.15
N PHE A 546 17.82 -12.55 18.03
CA PHE A 546 16.62 -13.11 18.64
C PHE A 546 15.78 -13.89 17.65
N ALA A 547 16.42 -14.48 16.64
CA ALA A 547 15.72 -15.37 15.72
C ALA A 547 15.47 -16.72 16.34
N ARG A 548 16.42 -17.21 17.14
CA ARG A 548 16.28 -18.51 17.78
C ARG A 548 15.24 -18.45 18.89
N SER A 549 15.45 -17.56 19.86
CA SER A 549 14.59 -17.46 21.03
C SER A 549 14.70 -16.05 21.59
N SER A 550 13.95 -15.80 22.66
CA SER A 550 14.01 -14.53 23.36
C SER A 550 13.67 -14.79 24.82
N ARG A 551 13.69 -13.72 25.62
CA ARG A 551 13.06 -13.78 26.93
C ARG A 551 11.54 -13.86 26.80
N LEU A 552 11.00 -13.28 25.73
CA LEU A 552 9.56 -13.33 25.50
C LEU A 552 9.14 -14.70 25.00
N ILE A 553 9.66 -15.12 23.86
CA ILE A 553 9.31 -16.39 23.23
C ILE A 553 10.56 -17.26 23.19
N PRO A 554 10.66 -18.26 24.08
CA PRO A 554 11.82 -19.15 24.07
C PRO A 554 11.77 -20.24 23.00
N ASP A 555 10.64 -20.43 22.34
CA ASP A 555 10.50 -21.40 21.26
C ASP A 555 10.21 -20.71 19.94
N LYS A 556 10.93 -19.62 19.66
CA LYS A 556 10.71 -18.84 18.44
C LYS A 556 11.27 -19.52 17.20
N ALA A 557 12.27 -20.39 17.35
CA ALA A 557 12.84 -21.07 16.19
C ALA A 557 11.90 -22.13 15.65
N ASN A 558 11.03 -22.69 16.50
CA ASN A 558 10.03 -23.63 16.03
C ASN A 558 8.92 -22.94 15.24
N LEU A 559 8.68 -21.65 15.51
CA LEU A 559 7.67 -20.90 14.79
C LEU A 559 8.10 -20.54 13.38
N GLY A 560 9.40 -20.52 13.10
CA GLY A 560 9.90 -20.30 11.76
C GLY A 560 10.42 -18.89 11.54
N PHE A 561 10.48 -18.53 10.25
CA PHE A 561 10.90 -17.19 9.84
C PHE A 561 9.70 -16.31 9.52
N ARG A 562 8.87 -16.72 8.56
CA ARG A 562 7.70 -15.96 8.15
C ARG A 562 6.46 -16.32 8.95
N PHE A 563 6.58 -16.29 10.24
CA PHE A 563 5.37 -16.37 11.02
C PHE A 563 5.00 -14.98 11.53
N PRO A 564 3.70 -14.66 11.67
CA PRO A 564 3.32 -13.30 12.10
C PRO A 564 3.68 -13.00 13.53
N CYS A 565 3.29 -13.91 14.41
CA CYS A 565 3.25 -13.66 15.84
C CYS A 565 3.06 -15.00 16.54
N ASP A 566 3.12 -14.95 17.87
CA ASP A 566 2.62 -16.07 18.66
C ASP A 566 1.15 -15.89 18.97
N GLY A 567 0.74 -14.65 19.26
CA GLY A 567 -0.63 -14.33 19.54
C GLY A 567 -0.72 -13.06 20.37
N PRO A 568 -1.90 -12.77 20.91
CA PRO A 568 -2.05 -11.61 21.79
C PRO A 568 -1.54 -11.82 23.22
N GLY A 569 -0.89 -12.94 23.49
CA GLY A 569 -0.40 -13.21 24.81
C GLY A 569 0.95 -12.59 25.09
N ARG A 570 1.34 -12.72 26.36
CA ARG A 570 2.49 -12.04 26.94
C ARG A 570 2.42 -10.53 26.72
N GLY A 571 1.21 -9.98 26.86
CA GLY A 571 0.92 -8.61 26.51
C GLY A 571 0.64 -8.37 25.05
N GLY A 572 0.97 -9.31 24.18
CA GLY A 572 0.96 -9.13 22.75
C GLY A 572 2.31 -9.45 22.15
N THR A 573 2.34 -10.41 21.23
CA THR A 573 3.58 -10.86 20.62
C THR A 573 3.61 -10.51 19.14
N CYS A 574 3.09 -9.34 18.81
CA CYS A 574 3.02 -8.89 17.42
C CYS A 574 4.41 -8.51 16.93
N GLN A 575 4.77 -8.99 15.74
CA GLN A 575 6.06 -8.72 15.08
C GLN A 575 7.27 -9.19 15.91
N VAL A 576 7.12 -10.34 16.57
CA VAL A 576 8.25 -10.96 17.25
C VAL A 576 9.23 -11.61 16.29
N SER A 577 8.82 -11.86 15.06
CA SER A 577 9.60 -12.69 14.16
C SER A 577 10.82 -11.93 13.64
N ALA A 578 11.80 -12.71 13.18
CA ALA A 578 12.98 -12.14 12.55
C ALA A 578 12.64 -11.50 11.21
N TRP A 579 11.63 -12.05 10.51
CA TRP A 579 11.12 -11.45 9.29
C TRP A 579 10.59 -10.05 9.54
N ASP A 580 9.92 -9.86 10.67
CA ASP A 580 9.37 -8.54 10.98
C ASP A 580 10.47 -7.55 11.32
N HIS A 581 11.61 -8.04 11.80
CA HIS A 581 12.76 -7.17 11.96
C HIS A 581 13.38 -6.81 10.63
N VAL A 582 13.38 -7.72 9.65
CA VAL A 582 13.78 -7.35 8.29
C VAL A 582 12.80 -6.33 7.72
N PHE A 583 11.51 -6.54 8.01
CA PHE A 583 10.44 -5.66 7.58
C PHE A 583 10.61 -4.24 8.12
N LEU A 584 10.97 -4.10 9.39
CA LEU A 584 11.23 -2.78 9.98
C LEU A 584 12.58 -2.20 9.57
N GLY A 585 13.58 -3.05 9.34
CA GLY A 585 14.85 -2.59 8.85
C GLY A 585 14.79 -2.12 7.41
N LEU A 586 13.79 -2.58 6.66
CA LEU A 586 13.53 -2.01 5.34
C LEU A 586 13.10 -0.55 5.43
N PHE A 587 12.24 -0.21 6.41
CA PHE A 587 11.89 1.18 6.65
C PHE A 587 13.09 1.97 7.13
N TRP A 588 13.91 1.38 7.99
CA TRP A 588 15.06 2.13 8.47
C TRP A 588 16.14 2.24 7.39
N MET A 589 16.13 1.34 6.41
CA MET A 589 16.96 1.51 5.23
C MET A 589 16.44 2.64 4.36
N TYR A 590 15.11 2.74 4.19
CA TYR A 590 14.50 3.90 3.54
C TYR A 590 14.93 5.21 4.19
N ASN A 591 14.84 5.27 5.53
CA ASN A 591 15.21 6.48 6.26
C ASN A 591 16.70 6.79 6.10
N ALA A 592 17.56 5.78 6.29
CA ALA A 592 19.01 5.95 6.20
C ALA A 592 19.46 6.37 4.82
N ILE A 593 19.14 5.56 3.81
CA ILE A 593 19.56 5.81 2.43
C ILE A 593 18.90 7.05 1.85
N SER A 594 17.66 7.38 2.25
CA SER A 594 17.00 8.58 1.75
C SER A 594 17.65 9.84 2.32
N VAL A 595 18.05 9.83 3.60
CA VAL A 595 18.78 11.00 4.09
C VAL A 595 20.20 11.04 3.51
N VAL A 596 20.79 9.89 3.17
CA VAL A 596 22.11 9.85 2.52
C VAL A 596 22.06 10.50 1.15
N ILE A 597 21.08 10.12 0.33
CA ILE A 597 20.97 10.70 -1.01
C ILE A 597 20.43 12.13 -0.96
N PHE A 598 19.72 12.51 0.11
CA PHE A 598 19.28 13.89 0.24
C PHE A 598 20.45 14.79 0.60
N HIS A 599 21.31 14.34 1.52
CA HIS A 599 22.55 15.02 1.84
C HIS A 599 23.46 15.10 0.64
N PHE A 600 23.49 14.04 -0.17
CA PHE A 600 24.28 14.03 -1.41
C PHE A 600 23.79 15.08 -2.39
N SER A 601 22.48 15.07 -2.67
CA SER A 601 21.90 15.95 -3.68
C SER A 601 22.03 17.40 -3.27
N TRP A 602 21.73 17.72 -2.00
CA TRP A 602 21.85 19.10 -1.56
C TRP A 602 23.31 19.53 -1.42
N LYS A 603 24.17 18.64 -0.91
CA LYS A 603 25.57 18.96 -0.69
C LYS A 603 26.31 19.24 -1.99
N MET A 604 26.05 18.46 -3.04
CA MET A 604 26.73 18.76 -4.28
C MET A 604 25.99 19.73 -5.19
N GLN A 605 24.67 19.91 -5.03
CA GLN A 605 24.04 21.01 -5.72
C GLN A 605 24.38 22.36 -5.09
N SER A 606 24.79 22.38 -3.83
CA SER A 606 25.16 23.62 -3.17
C SER A 606 26.65 23.90 -3.17
N ASP A 607 27.49 22.88 -3.10
CA ASP A 607 28.91 23.10 -2.94
C ASP A 607 29.75 22.53 -4.07
N VAL A 608 29.18 21.70 -4.95
CA VAL A 608 29.97 21.17 -6.06
C VAL A 608 29.41 21.58 -7.41
N TRP A 609 28.19 21.15 -7.71
CA TRP A 609 27.66 21.29 -9.07
C TRP A 609 27.26 22.73 -9.37
N GLY A 610 27.59 23.17 -10.58
CA GLY A 610 27.32 24.54 -10.97
C GLY A 610 27.98 24.88 -12.29
N SER A 611 28.32 26.16 -12.44
CA SER A 611 28.93 26.66 -13.66
C SER A 611 30.10 27.58 -13.32
N ILE A 612 31.04 27.69 -14.25
CA ILE A 612 32.19 28.58 -14.13
C ILE A 612 32.14 29.58 -15.28
N SER A 613 32.05 30.86 -14.93
CA SER A 613 32.08 31.96 -15.89
C SER A 613 33.53 32.42 -16.07
N ASP A 614 33.70 33.59 -16.67
CA ASP A 614 35.04 34.16 -16.85
C ASP A 614 35.63 34.60 -15.52
N GLN A 615 36.96 34.69 -15.50
CA GLN A 615 37.79 35.11 -14.36
C GLN A 615 37.61 34.23 -13.12
N GLY A 616 37.29 32.96 -13.34
CA GLY A 616 37.27 31.95 -12.28
C GLY A 616 36.25 32.11 -11.18
N VAL A 617 35.01 32.42 -11.51
CA VAL A 617 33.93 32.54 -10.54
C VAL A 617 33.02 31.33 -10.71
N VAL A 618 32.67 30.70 -9.58
CA VAL A 618 31.87 29.47 -9.57
C VAL A 618 30.51 29.79 -8.98
N THR A 619 29.46 29.59 -9.78
CA THR A 619 28.09 29.78 -9.34
C THR A 619 27.43 28.41 -9.26
N HIS A 620 27.07 28.00 -8.05
CA HIS A 620 26.45 26.70 -7.85
C HIS A 620 24.97 26.76 -8.15
N ILE A 621 24.30 25.61 -8.06
CA ILE A 621 22.87 25.54 -8.38
C ILE A 621 22.05 26.20 -7.28
N THR A 622 22.32 25.85 -6.02
CA THR A 622 21.72 26.50 -4.86
C THR A 622 22.89 27.08 -4.08
N GLY A 623 23.24 28.34 -4.35
CA GLY A 623 24.51 28.88 -3.91
C GLY A 623 24.71 29.05 -2.42
N GLY A 624 25.51 28.15 -1.84
CA GLY A 624 25.97 28.26 -0.47
C GLY A 624 24.93 28.09 0.61
N ASN A 625 23.79 27.48 0.33
CA ASN A 625 22.76 27.36 1.35
C ASN A 625 22.81 26.05 2.12
N PHE A 626 23.75 25.15 1.82
CA PHE A 626 23.87 23.95 2.63
C PHE A 626 24.46 24.25 4.01
N ALA A 627 25.34 25.24 4.09
CA ALA A 627 25.99 25.54 5.37
C ALA A 627 25.05 26.22 6.36
N GLN A 628 23.93 26.78 5.90
CA GLN A 628 23.04 27.53 6.76
C GLN A 628 21.63 26.98 6.82
N SER A 629 21.15 26.28 5.79
CA SER A 629 19.79 25.77 5.81
C SER A 629 19.69 24.28 6.10
N SER A 630 20.75 23.50 5.84
CA SER A 630 20.72 22.07 6.09
C SER A 630 21.04 21.70 7.54
N ILE A 631 21.01 22.68 8.44
CA ILE A 631 21.12 22.46 9.87
C ILE A 631 19.76 22.48 10.56
N THR A 632 18.71 22.88 9.86
CA THR A 632 17.35 22.88 10.36
C THR A 632 16.47 22.03 9.47
N ILE A 633 15.42 21.45 10.06
CA ILE A 633 14.46 20.66 9.27
C ILE A 633 13.63 21.58 8.37
N ASN A 634 13.45 22.85 8.78
CA ASN A 634 12.73 23.79 7.92
C ASN A 634 13.51 24.16 6.67
N GLY A 635 14.85 24.18 6.76
CA GLY A 635 15.64 24.35 5.56
C GLY A 635 15.57 23.14 4.64
N TRP A 636 15.57 21.94 5.23
CA TRP A 636 15.44 20.70 4.46
C TRP A 636 14.09 20.59 3.79
N LEU A 637 13.04 21.05 4.46
CA LEU A 637 11.71 21.09 3.87
C LEU A 637 11.57 22.24 2.88
N ARG A 638 12.33 23.32 3.08
CA ARG A 638 12.14 24.57 2.36
C ARG A 638 13.12 24.75 1.21
N ASP A 639 14.41 24.73 1.49
CA ASP A 639 15.40 24.97 0.47
C ASP A 639 15.83 23.68 -0.24
N PHE A 640 15.34 22.53 0.20
CA PHE A 640 15.55 21.28 -0.52
C PHE A 640 14.26 20.64 -0.99
N LEU A 641 13.30 20.41 -0.09
CA LEU A 641 12.10 19.69 -0.49
C LEU A 641 11.04 20.56 -1.14
N TRP A 642 11.19 21.88 -1.08
CA TRP A 642 10.25 22.81 -1.70
C TRP A 642 10.86 23.60 -2.84
N ALA A 643 12.11 24.06 -2.67
CA ALA A 643 12.76 24.85 -3.71
C ALA A 643 13.20 23.98 -4.87
N GLN A 644 13.72 22.79 -4.58
CA GLN A 644 14.16 21.88 -5.63
C GLN A 644 13.03 21.03 -6.18
N ALA A 645 11.87 21.02 -5.53
CA ALA A 645 10.68 20.40 -6.09
C ALA A 645 9.86 21.35 -6.95
N SER A 646 10.43 22.50 -7.30
CA SER A 646 9.83 23.46 -8.22
C SER A 646 10.18 23.15 -9.68
N GLN A 647 10.59 21.91 -9.96
CA GLN A 647 10.78 21.42 -11.32
C GLN A 647 10.17 20.06 -11.55
N VAL A 648 9.67 19.39 -10.51
CA VAL A 648 8.96 18.13 -10.67
C VAL A 648 7.44 18.36 -10.75
N ILE A 649 6.95 19.50 -10.29
CA ILE A 649 5.51 19.76 -10.28
C ILE A 649 5.07 20.70 -11.39
N GLN A 650 5.95 21.54 -11.92
CA GLN A 650 5.64 22.35 -13.08
C GLN A 650 6.35 21.84 -14.33
N SER A 651 6.69 20.55 -14.35
CA SER A 651 7.19 19.87 -15.53
C SER A 651 6.08 19.40 -16.46
N TYR A 652 4.83 19.64 -16.08
CA TYR A 652 3.69 19.21 -16.88
C TYR A 652 3.61 20.01 -18.18
N GLY A 653 3.25 19.31 -19.25
CA GLY A 653 3.30 19.92 -20.56
C GLY A 653 4.68 19.98 -21.16
N SER A 654 5.63 19.21 -20.62
CA SER A 654 6.99 19.18 -21.15
C SER A 654 7.47 17.74 -21.25
N SER A 655 8.75 17.55 -21.57
CA SER A 655 9.30 16.21 -21.69
C SER A 655 9.53 15.54 -20.35
N LEU A 656 9.60 16.32 -19.27
CA LEU A 656 9.83 15.79 -17.93
C LEU A 656 8.54 15.58 -17.16
N SER A 657 7.41 15.55 -17.85
CA SER A 657 6.12 15.43 -17.21
C SER A 657 5.82 14.02 -16.74
N ALA A 658 6.52 13.02 -17.29
CA ALA A 658 6.40 11.67 -16.77
C ALA A 658 7.01 11.57 -15.39
N TYR A 659 8.01 12.40 -15.10
CA TYR A 659 8.53 12.49 -13.74
C TYR A 659 7.50 13.11 -12.80
N GLY A 660 6.71 14.07 -13.27
CA GLY A 660 5.61 14.59 -12.46
C GLY A 660 4.52 13.55 -12.22
N LEU A 661 4.20 12.78 -13.26
CA LEU A 661 3.20 11.71 -13.14
C LEU A 661 3.67 10.62 -12.19
N LEU A 662 4.94 10.22 -12.27
CA LEU A 662 5.43 9.19 -11.37
C LEU A 662 5.76 9.72 -9.98
N PHE A 663 5.99 11.03 -9.84
CA PHE A 663 6.05 11.69 -8.54
C PHE A 663 4.72 11.57 -7.82
N LEU A 664 3.63 11.92 -8.53
CA LEU A 664 2.31 11.82 -7.93
C LEU A 664 1.86 10.37 -7.74
N GLY A 665 2.11 9.49 -8.72
CA GLY A 665 1.78 8.09 -8.55
C GLY A 665 2.63 7.38 -7.53
N ALA A 666 3.82 7.91 -7.26
CA ALA A 666 4.66 7.40 -6.19
C ALA A 666 4.12 7.81 -4.83
N HIS A 667 3.59 9.04 -4.72
CA HIS A 667 2.81 9.43 -3.55
C HIS A 667 1.59 8.52 -3.37
N PHE A 668 0.97 8.12 -4.48
CA PHE A 668 -0.17 7.21 -4.44
C PHE A 668 0.22 5.84 -3.90
N VAL A 669 1.34 5.30 -4.38
CA VAL A 669 1.80 3.97 -3.94
C VAL A 669 2.23 4.02 -2.47
N TRP A 670 2.77 5.15 -2.03
CA TRP A 670 3.12 5.32 -0.61
C TRP A 670 1.89 5.39 0.29
N ALA A 671 0.89 6.20 -0.09
CA ALA A 671 -0.33 6.23 0.69
C ALA A 671 -1.14 4.94 0.57
N PHE A 672 -0.94 4.19 -0.51
CA PHE A 672 -1.48 2.85 -0.65
C PHE A 672 -0.79 1.87 0.29
N SER A 673 0.51 2.07 0.53
CA SER A 673 1.24 1.27 1.50
C SER A 673 0.69 1.45 2.89
N LEU A 674 0.31 2.69 3.22
CA LEU A 674 -0.22 2.96 4.55
C LEU A 674 -1.58 2.28 4.80
N MET A 675 -2.28 1.87 3.75
CA MET A 675 -3.44 0.99 3.91
C MET A 675 -3.04 -0.39 4.42
N PHE A 676 -2.02 -1.00 3.83
CA PHE A 676 -1.62 -2.34 4.26
C PHE A 676 -0.85 -2.34 5.57
N LEU A 677 -0.06 -1.29 5.83
CA LEU A 677 0.78 -1.26 7.02
C LEU A 677 -0.03 -1.02 8.28
N PHE A 678 -1.02 -0.15 8.20
CA PHE A 678 -1.72 0.27 9.40
C PHE A 678 -2.87 -0.67 9.74
N SER A 679 -3.36 -1.41 8.76
CA SER A 679 -4.50 -2.28 8.94
C SER A 679 -4.05 -3.69 9.28
N GLY A 680 -5.04 -4.56 9.52
CA GLY A 680 -4.77 -5.94 9.83
C GLY A 680 -5.72 -6.87 9.11
N ARG A 681 -5.45 -8.18 9.23
CA ARG A 681 -6.07 -9.17 8.35
C ARG A 681 -7.55 -9.37 8.64
N GLY A 682 -7.95 -9.40 9.92
CA GLY A 682 -9.30 -9.83 10.29
C GLY A 682 -10.40 -8.88 9.84
N TYR A 683 -10.11 -7.57 9.84
CA TYR A 683 -11.02 -6.57 9.28
C TYR A 683 -11.29 -6.83 7.80
N TRP A 684 -10.21 -7.02 7.04
CA TRP A 684 -10.32 -7.25 5.61
C TRP A 684 -10.96 -8.60 5.32
N GLN A 685 -10.75 -9.57 6.21
CA GLN A 685 -11.39 -10.87 6.05
C GLN A 685 -12.90 -10.77 6.22
N GLU A 686 -13.37 -9.98 7.21
CA GLU A 686 -14.82 -9.85 7.36
C GLU A 686 -15.44 -8.95 6.28
N LEU A 687 -14.68 -7.97 5.77
CA LEU A 687 -15.16 -7.18 4.63
C LEU A 687 -15.27 -8.05 3.38
N ILE A 688 -14.27 -8.93 3.16
CA ILE A 688 -14.33 -9.92 2.09
C ILE A 688 -15.48 -10.91 2.33
N GLU A 689 -15.82 -11.21 3.59
CA GLU A 689 -17.00 -12.04 3.87
C GLU A 689 -18.30 -11.36 3.43
N SER A 690 -18.41 -10.05 3.62
CA SER A 690 -19.56 -9.32 3.10
C SER A 690 -19.60 -9.33 1.57
N ILE A 691 -18.42 -9.19 0.94
CA ILE A 691 -18.35 -9.21 -0.52
C ILE A 691 -18.66 -10.62 -1.05
N VAL A 692 -18.22 -11.66 -0.34
CA VAL A 692 -18.54 -13.05 -0.67
C VAL A 692 -20.03 -13.31 -0.50
N TRP A 693 -20.67 -12.66 0.49
CA TRP A 693 -22.13 -12.75 0.61
C TRP A 693 -22.82 -12.13 -0.59
N ALA A 694 -22.33 -10.97 -1.05
CA ALA A 694 -22.89 -10.34 -2.24
C ALA A 694 -22.66 -11.18 -3.49
N HIS A 695 -21.58 -11.96 -3.51
CA HIS A 695 -21.33 -12.89 -4.60
C HIS A 695 -22.19 -14.14 -4.51
N ASN A 696 -22.48 -14.59 -3.29
CA ASN A 696 -23.37 -15.74 -3.07
C ASN A 696 -24.79 -15.39 -3.46
N LYS A 697 -25.18 -14.13 -3.26
CA LYS A 697 -26.50 -13.66 -3.63
C LYS A 697 -26.73 -13.73 -5.14
N LEU A 698 -25.69 -13.43 -5.93
CA LEU A 698 -25.80 -13.43 -7.38
C LEU A 698 -25.13 -14.63 -8.04
N LYS A 699 -24.81 -15.67 -7.24
CA LYS A 699 -24.27 -16.96 -7.70
C LYS A 699 -22.95 -16.81 -8.46
N VAL A 700 -22.10 -15.90 -8.00
CA VAL A 700 -20.81 -15.66 -8.63
C VAL A 700 -19.73 -15.91 -7.57
N ALA A 701 -20.00 -16.86 -6.69
CA ALA A 701 -19.01 -17.30 -5.72
C ALA A 701 -17.91 -18.12 -6.39
N PRO A 702 -16.65 -17.75 -6.25
CA PRO A 702 -15.56 -18.63 -6.71
C PRO A 702 -15.35 -19.80 -5.76
N ALA A 703 -14.92 -20.93 -6.33
CA ALA A 703 -14.59 -22.08 -5.50
C ALA A 703 -13.28 -21.86 -4.75
N ILE A 704 -12.33 -21.17 -5.37
CA ILE A 704 -11.17 -20.67 -4.64
C ILE A 704 -11.67 -19.54 -3.74
N GLN A 705 -11.70 -19.82 -2.43
CA GLN A 705 -12.30 -18.90 -1.47
C GLN A 705 -11.52 -17.61 -1.36
N PRO A 706 -12.18 -16.46 -1.52
CA PRO A 706 -11.50 -15.18 -1.30
C PRO A 706 -11.12 -14.99 0.15
N ARG A 707 -9.83 -14.72 0.37
CA ARG A 707 -9.30 -14.53 1.70
C ARG A 707 -8.55 -13.21 1.74
N ALA A 708 -8.47 -12.63 2.92
CA ALA A 708 -7.58 -11.50 3.13
C ALA A 708 -6.13 -11.98 3.05
N LEU A 709 -5.23 -11.06 2.72
CA LEU A 709 -3.81 -11.37 2.71
C LEU A 709 -3.34 -11.67 4.13
N SER A 710 -2.32 -12.53 4.23
CA SER A 710 -1.78 -12.91 5.52
C SER A 710 -1.09 -11.74 6.19
N ILE A 711 -0.83 -11.89 7.50
CA ILE A 711 -0.25 -10.81 8.29
C ILE A 711 1.18 -10.54 7.85
N VAL A 712 1.96 -11.61 7.63
CA VAL A 712 3.27 -11.49 7.00
C VAL A 712 3.13 -10.96 5.58
N GLN A 713 2.10 -11.41 4.86
CA GLN A 713 1.91 -10.92 3.50
C GLN A 713 1.41 -9.48 3.48
N GLY A 714 0.54 -9.11 4.43
CA GLY A 714 0.08 -7.73 4.50
C GLY A 714 1.20 -6.77 4.85
N ARG A 715 2.09 -7.17 5.76
CA ARG A 715 3.28 -6.37 6.05
C ARG A 715 4.24 -6.33 4.87
N ALA A 716 4.37 -7.44 4.13
CA ALA A 716 5.23 -7.47 2.95
C ALA A 716 4.72 -6.56 1.84
N VAL A 717 3.40 -6.57 1.61
CA VAL A 717 2.77 -5.72 0.60
C VAL A 717 2.89 -4.25 1.01
N GLY A 718 2.70 -3.96 2.30
CA GLY A 718 2.86 -2.61 2.78
C GLY A 718 4.28 -2.08 2.69
N VAL A 719 5.27 -2.91 3.02
CA VAL A 719 6.65 -2.42 2.93
C VAL A 719 7.11 -2.38 1.47
N ALA A 720 6.54 -3.22 0.60
CA ALA A 720 6.89 -3.17 -0.82
C ALA A 720 6.34 -1.91 -1.46
N HIS A 721 5.08 -1.56 -1.17
CA HIS A 721 4.57 -0.27 -1.65
C HIS A 721 5.22 0.92 -0.97
N TYR A 722 5.66 0.79 0.27
CA TYR A 722 6.31 1.92 0.95
C TYR A 722 7.66 2.22 0.32
N LEU A 723 8.46 1.17 0.10
CA LEU A 723 9.74 1.34 -0.56
C LEU A 723 9.58 1.74 -2.02
N LEU A 724 8.63 1.13 -2.73
CA LEU A 724 8.41 1.45 -4.14
C LEU A 724 7.91 2.88 -4.31
N GLY A 725 6.93 3.29 -3.50
CA GLY A 725 6.39 4.62 -3.62
C GLY A 725 7.37 5.70 -3.16
N GLY A 726 8.03 5.50 -2.02
CA GLY A 726 8.97 6.51 -1.56
C GLY A 726 10.22 6.62 -2.42
N ILE A 727 10.75 5.47 -2.85
CA ILE A 727 11.92 5.43 -3.73
C ILE A 727 11.57 5.99 -5.10
N ALA A 728 10.36 5.74 -5.59
CA ALA A 728 9.95 6.31 -6.86
C ALA A 728 9.67 7.79 -6.74
N THR A 729 9.27 8.26 -5.54
CA THR A 729 9.11 9.69 -5.29
C THR A 729 10.45 10.40 -5.37
N THR A 730 11.47 9.82 -4.71
CA THR A 730 12.79 10.43 -4.73
C THR A 730 13.42 10.31 -6.12
N TRP A 731 13.14 9.21 -6.83
CA TRP A 731 13.61 9.03 -8.21
C TRP A 731 13.02 10.08 -9.14
N ALA A 732 11.72 10.34 -9.01
CA ALA A 732 11.06 11.31 -9.87
C ALA A 732 11.50 12.73 -9.55
N PHE A 733 11.61 13.07 -8.26
CA PHE A 733 12.04 14.39 -7.85
C PHE A 733 13.49 14.65 -8.24
N PHE A 734 14.37 13.67 -8.03
CA PHE A 734 15.77 13.79 -8.41
C PHE A 734 15.92 13.91 -9.92
N LEU A 735 15.30 13.01 -10.68
CA LEU A 735 15.46 12.98 -12.12
C LEU A 735 14.67 14.08 -12.83
N ALA A 736 13.79 14.79 -12.14
CA ALA A 736 13.25 16.01 -12.73
C ALA A 736 14.09 17.23 -12.39
N ARG A 737 14.53 17.34 -11.12
CA ARG A 737 15.27 18.52 -10.67
C ARG A 737 16.64 18.60 -11.33
N ILE A 738 17.42 17.54 -11.29
CA ILE A 738 18.80 17.64 -11.73
C ILE A 738 18.91 17.51 -13.25
N ILE A 739 17.87 17.01 -13.92
CA ILE A 739 17.80 17.16 -15.37
C ILE A 739 17.44 18.59 -15.74
N SER A 740 16.50 19.20 -14.99
CA SER A 740 16.03 20.55 -15.28
C SER A 740 17.13 21.59 -15.05
N VAL A 741 17.89 21.47 -13.97
CA VAL A 741 18.93 22.43 -13.66
C VAL A 741 20.30 22.00 -14.17
N GLY A 742 20.41 20.81 -14.76
CA GLY A 742 21.66 20.35 -15.32
C GLY A 742 21.77 20.65 -16.80
N SER B 1 -5.67 -2.43 46.81
CA SER B 1 -6.43 -1.62 45.88
C SER B 1 -5.62 -0.43 45.39
N ARG B 2 -4.76 -0.68 44.41
CA ARG B 2 -3.90 0.37 43.85
C ARG B 2 -4.68 1.18 42.81
N PHE B 3 -4.01 2.16 42.24
CA PHE B 3 -4.51 2.78 41.01
C PHE B 3 -4.43 1.76 39.89
N PRO B 4 -5.48 1.61 39.06
CA PRO B 4 -6.80 2.22 39.14
C PRO B 4 -7.75 1.52 40.11
N LYS B 5 -8.52 2.28 40.89
CA LYS B 5 -9.36 1.65 41.90
C LYS B 5 -10.70 1.21 41.34
N PHE B 6 -11.08 1.67 40.15
CA PHE B 6 -12.37 1.30 39.60
C PHE B 6 -12.36 -0.09 38.98
N SER B 7 -11.19 -0.57 38.58
CA SER B 7 -11.02 -1.91 38.02
C SER B 7 -10.06 -2.68 38.91
N ARG B 8 -10.55 -3.78 39.50
CA ARG B 8 -9.70 -4.61 40.35
C ARG B 8 -8.70 -5.39 39.53
N GLY B 9 -9.04 -5.75 38.29
CA GLY B 9 -8.18 -6.57 37.47
C GLY B 9 -6.96 -5.86 36.95
N LEU B 10 -7.00 -4.53 36.88
CA LEU B 10 -5.84 -3.73 36.49
C LEU B 10 -4.98 -3.34 37.66
N SER B 11 -5.51 -3.39 38.89
CA SER B 11 -4.73 -3.04 40.06
C SER B 11 -3.70 -4.10 40.41
N GLN B 12 -3.94 -5.36 40.04
CA GLN B 12 -2.97 -6.42 40.25
C GLN B 12 -1.99 -6.57 39.11
N ASP B 13 -2.08 -5.72 38.09
CA ASP B 13 -1.11 -5.72 37.00
C ASP B 13 0.20 -5.15 37.53
N PRO B 14 1.30 -5.90 37.50
CA PRO B 14 2.58 -5.38 38.01
C PRO B 14 3.40 -4.58 37.01
N THR B 15 2.82 -4.19 35.88
CA THR B 15 3.55 -3.56 34.78
C THR B 15 3.12 -2.10 34.64
N THR B 16 3.65 -1.45 33.60
CA THR B 16 3.32 -0.06 33.30
C THR B 16 1.93 0.08 32.69
N ARG B 17 1.39 -1.03 32.17
CA ARG B 17 0.08 -1.05 31.52
C ARG B 17 -1.03 -0.65 32.49
N ARG B 18 -0.88 -1.03 33.77
CA ARG B 18 -1.76 -0.58 34.85
C ARG B 18 -1.81 0.93 34.95
N ILE B 19 -0.66 1.59 34.79
CA ILE B 19 -0.62 3.04 34.76
C ILE B 19 -1.30 3.58 33.51
N TRP B 20 -1.16 2.87 32.38
CA TRP B 20 -1.69 3.38 31.12
C TRP B 20 -3.20 3.20 31.03
N PHE B 21 -3.67 1.96 31.19
CA PHE B 21 -5.07 1.61 30.97
C PHE B 21 -6.00 2.28 31.98
N GLY B 22 -5.50 2.57 33.19
CA GLY B 22 -6.28 3.33 34.15
C GLY B 22 -6.57 4.75 33.74
N ILE B 23 -5.70 5.33 32.90
CA ILE B 23 -6.03 6.59 32.27
C ILE B 23 -7.12 6.40 31.22
N ALA B 24 -7.06 5.29 30.48
CA ALA B 24 -7.93 5.13 29.33
C ALA B 24 -9.23 4.41 29.62
N THR B 25 -9.32 3.67 30.73
CA THR B 25 -10.58 3.12 31.21
C THR B 25 -11.20 3.98 32.28
N ALA B 26 -10.76 5.24 32.39
CA ALA B 26 -11.18 6.11 33.48
C ALA B 26 -12.63 6.54 33.35
N HIS B 27 -13.09 6.79 32.13
CA HIS B 27 -14.45 7.26 31.92
C HIS B 27 -15.38 6.18 31.38
N ASP B 28 -14.87 4.97 31.14
CA ASP B 28 -15.72 3.84 30.76
C ASP B 28 -16.34 3.28 32.02
N PHE B 29 -17.39 3.98 32.50
CA PHE B 29 -17.91 3.75 33.84
C PHE B 29 -18.63 2.42 33.97
N GLU B 30 -19.23 1.91 32.89
CA GLU B 30 -20.00 0.69 32.97
C GLU B 30 -19.13 -0.56 32.97
N SER B 31 -17.86 -0.46 32.62
CA SER B 31 -16.92 -1.57 32.66
C SER B 31 -16.21 -1.69 33.99
N HIS B 32 -16.55 -0.84 34.97
CA HIS B 32 -15.91 -0.85 36.26
C HIS B 32 -16.39 -2.03 37.11
N ASP B 33 -15.64 -2.34 38.15
CA ASP B 33 -15.95 -3.44 39.04
C ASP B 33 -16.81 -2.95 40.20
N ASP B 34 -17.69 -3.84 40.69
CA ASP B 34 -18.66 -3.60 41.76
C ASP B 34 -19.54 -2.39 41.44
N MET B 35 -20.04 -2.37 40.20
CA MET B 35 -20.55 -1.16 39.59
C MET B 35 -22.02 -1.36 39.30
N THR B 36 -22.84 -0.36 39.60
CA THR B 36 -24.30 -0.51 39.53
C THR B 36 -24.90 0.54 38.60
N GLU B 37 -26.23 0.48 38.46
CA GLU B 37 -26.98 1.37 37.60
C GLU B 37 -26.99 2.80 38.14
N GLU B 38 -27.28 2.94 39.44
CA GLU B 38 -27.41 4.25 40.07
C GLU B 38 -26.07 4.99 40.07
N ARG B 39 -24.98 4.28 40.39
CA ARG B 39 -23.66 4.89 40.37
C ARG B 39 -23.24 5.27 38.96
N LEU B 40 -23.64 4.47 37.96
CA LEU B 40 -23.39 4.79 36.56
C LEU B 40 -24.03 6.10 36.15
N TYR B 41 -25.33 6.22 36.39
CA TYR B 41 -26.04 7.42 35.95
C TYR B 41 -25.68 8.65 36.78
N GLN B 42 -25.40 8.49 38.08
CA GLN B 42 -25.03 9.65 38.88
C GLN B 42 -23.61 10.12 38.59
N LYS B 43 -22.68 9.19 38.33
CA LYS B 43 -21.33 9.59 37.93
C LYS B 43 -21.33 10.23 36.55
N ILE B 44 -22.18 9.75 35.64
CA ILE B 44 -22.32 10.37 34.33
C ILE B 44 -22.94 11.77 34.45
N PHE B 45 -23.91 11.94 35.35
CA PHE B 45 -24.55 13.23 35.59
C PHE B 45 -23.58 14.25 36.17
N ALA B 46 -22.76 13.84 37.14
CA ALA B 46 -21.76 14.74 37.70
C ALA B 46 -20.61 14.98 36.73
N SER B 47 -20.33 14.02 35.85
CA SER B 47 -19.34 14.24 34.80
C SER B 47 -19.84 15.22 33.75
N HIS B 48 -21.15 15.20 33.49
CA HIS B 48 -21.77 16.23 32.64
C HIS B 48 -21.64 17.60 33.27
N PHE B 49 -21.86 17.69 34.58
CA PHE B 49 -21.71 18.96 35.28
C PHE B 49 -20.27 19.46 35.25
N GLY B 50 -19.31 18.54 35.41
CA GLY B 50 -17.91 18.92 35.29
C GLY B 50 -17.55 19.34 33.87
N GLN B 51 -18.16 18.71 32.87
CA GLN B 51 -17.97 19.12 31.48
C GLN B 51 -18.52 20.51 31.21
N LEU B 52 -19.71 20.80 31.75
CA LEU B 52 -20.30 22.15 31.64
C LEU B 52 -19.44 23.19 32.33
N ALA B 53 -18.88 22.83 33.49
CA ALA B 53 -18.00 23.75 34.22
C ALA B 53 -16.71 23.99 33.47
N ILE B 54 -16.17 22.95 32.80
CA ILE B 54 -14.96 23.12 32.01
C ILE B 54 -15.20 24.02 30.81
N ILE B 55 -16.35 23.83 30.12
CA ILE B 55 -16.73 24.68 28.98
C ILE B 55 -16.89 26.14 29.42
N PHE B 56 -17.58 26.36 30.54
CA PHE B 56 -17.76 27.74 31.00
C PHE B 56 -16.47 28.33 31.59
N LEU B 57 -15.58 27.51 32.18
CA LEU B 57 -14.29 28.01 32.64
C LEU B 57 -13.30 28.19 31.52
N TRP B 58 -13.64 27.68 30.34
CA TRP B 58 -12.87 27.85 29.14
C TRP B 58 -13.26 29.17 28.50
N THR B 59 -14.57 29.34 28.29
CA THR B 59 -15.12 30.60 27.77
C THR B 59 -14.77 31.79 28.66
N SER B 60 -14.71 31.58 29.98
CA SER B 60 -14.31 32.64 30.90
C SER B 60 -12.86 33.06 30.68
N GLY B 61 -12.00 32.15 30.21
CA GLY B 61 -10.61 32.50 30.08
C GLY B 61 -10.34 32.98 28.68
N ASN B 62 -11.29 32.70 27.79
CA ASN B 62 -11.20 33.20 26.43
C ASN B 62 -11.85 34.56 26.33
N LEU B 63 -12.56 34.95 27.38
CA LEU B 63 -13.15 36.27 27.52
C LEU B 63 -12.22 37.15 28.33
N PHE B 64 -11.64 36.59 29.41
CA PHE B 64 -10.66 37.27 30.23
C PHE B 64 -9.40 37.63 29.45
N HIS B 65 -8.97 36.77 28.52
CA HIS B 65 -7.77 37.12 27.75
C HIS B 65 -8.03 38.18 26.69
N VAL B 66 -9.24 38.21 26.13
CA VAL B 66 -9.59 39.29 25.21
C VAL B 66 -9.79 40.60 25.97
N ALA B 67 -10.40 40.53 27.16
CA ALA B 67 -10.64 41.75 27.94
C ALA B 67 -9.36 42.29 28.55
N TRP B 68 -8.40 41.42 28.83
CA TRP B 68 -7.19 41.80 29.54
C TRP B 68 -6.03 42.10 28.62
N GLN B 69 -5.67 41.15 27.75
CA GLN B 69 -4.52 41.29 26.88
C GLN B 69 -4.87 41.54 25.42
N GLY B 70 -6.15 41.62 25.08
CA GLY B 70 -6.58 41.83 23.71
C GLY B 70 -7.14 43.22 23.50
N ASN B 71 -7.03 43.70 22.27
CA ASN B 71 -7.50 45.04 21.92
C ASN B 71 -8.91 44.96 21.31
N PHE B 72 -9.87 44.68 22.18
CA PHE B 72 -11.25 44.55 21.72
C PHE B 72 -11.87 45.90 21.40
N GLU B 73 -11.50 46.95 22.15
CA GLU B 73 -11.99 48.28 21.85
C GLU B 73 -11.36 48.83 20.58
N ALA B 74 -10.06 48.57 20.38
CA ALA B 74 -9.37 49.00 19.18
C ALA B 74 -9.86 48.25 17.95
N TRP B 75 -10.25 46.97 18.13
CA TRP B 75 -10.90 46.25 17.04
C TRP B 75 -12.32 46.73 16.83
N GLY B 76 -12.97 47.24 17.87
CA GLY B 76 -14.31 47.78 17.69
C GLY B 76 -14.31 49.11 16.97
N GLN B 77 -13.24 49.87 17.11
CA GLN B 77 -13.12 51.13 16.36
C GLN B 77 -12.88 50.88 14.87
N ASP B 78 -12.07 49.87 14.54
CA ASP B 78 -11.75 49.57 13.14
C ASP B 78 -11.57 48.07 12.99
N PRO B 79 -12.63 47.35 12.61
CA PRO B 79 -12.55 45.90 12.49
C PRO B 79 -11.94 45.39 11.19
N LEU B 80 -11.56 46.29 10.29
CA LEU B 80 -11.01 45.90 8.99
C LEU B 80 -9.50 45.93 8.94
N HIS B 81 -8.86 46.78 9.75
CA HIS B 81 -7.43 46.99 9.68
C HIS B 81 -6.72 46.68 11.00
N VAL B 82 -7.42 46.06 11.95
CA VAL B 82 -6.84 45.68 13.24
C VAL B 82 -6.96 44.17 13.38
N ARG B 83 -5.84 43.52 13.65
CA ARG B 83 -5.85 42.09 13.91
C ARG B 83 -6.37 41.81 15.32
N PRO B 84 -7.31 40.88 15.48
CA PRO B 84 -7.85 40.59 16.82
C PRO B 84 -6.85 39.82 17.66
N ILE B 85 -6.57 40.32 18.86
CA ILE B 85 -5.54 39.74 19.72
C ILE B 85 -6.17 38.74 20.68
N ALA B 86 -5.67 37.50 20.66
CA ALA B 86 -6.16 36.47 21.57
C ALA B 86 -5.68 36.71 23.00
N HIS B 87 -4.37 36.63 23.19
CA HIS B 87 -3.77 36.75 24.51
C HIS B 87 -2.31 37.14 24.34
N ALA B 88 -1.71 37.64 25.41
CA ALA B 88 -0.31 37.99 25.37
C ALA B 88 0.54 36.74 25.50
N ILE B 89 1.79 36.85 25.07
CA ILE B 89 2.76 35.77 25.14
C ILE B 89 3.82 36.12 26.16
N TRP B 90 4.05 35.23 27.11
CA TRP B 90 5.21 35.33 28.00
C TRP B 90 6.01 34.04 27.81
N ASP B 91 7.00 34.11 26.94
CA ASP B 91 7.87 32.99 26.62
C ASP B 91 9.28 33.35 27.05
N PRO B 92 9.90 32.60 27.96
CA PRO B 92 11.31 32.88 28.31
C PRO B 92 12.30 32.53 27.22
N HIS B 93 11.88 31.87 26.15
CA HIS B 93 12.75 31.38 25.10
C HIS B 93 12.80 32.29 23.89
N PHE B 94 12.00 33.35 23.87
CA PHE B 94 12.11 34.35 22.82
C PHE B 94 13.43 35.10 22.91
N GLY B 95 14.07 35.29 21.76
CA GLY B 95 15.02 36.35 21.60
C GLY B 95 14.32 37.64 21.23
N GLN B 96 15.12 38.70 21.08
CA GLN B 96 14.59 39.99 20.66
C GLN B 96 13.91 40.03 19.28
N PRO B 97 14.35 39.30 18.24
CA PRO B 97 13.51 39.20 17.03
C PRO B 97 12.14 38.58 17.26
N ALA B 98 12.00 37.63 18.18
CA ALA B 98 10.70 37.01 18.41
C ALA B 98 9.77 37.93 19.20
N VAL B 99 10.31 38.72 20.13
CA VAL B 99 9.50 39.71 20.82
C VAL B 99 9.11 40.83 19.86
N GLU B 100 10.05 41.26 19.02
CA GLU B 100 9.78 42.34 18.08
C GLU B 100 8.92 41.92 16.90
N ALA B 101 8.78 40.62 16.64
CA ALA B 101 8.02 40.15 15.49
C ALA B 101 6.61 39.67 15.84
N PHE B 102 6.37 39.24 17.07
CA PHE B 102 5.05 38.83 17.51
C PHE B 102 4.24 39.97 18.11
N THR B 103 4.77 41.19 18.10
CA THR B 103 4.04 42.36 18.58
C THR B 103 3.18 42.90 17.45
N ARG B 104 1.89 42.52 17.47
CA ARG B 104 0.94 42.88 16.42
C ARG B 104 -0.29 43.53 17.03
N GLY B 105 -1.04 44.22 16.18
CA GLY B 105 -2.29 44.83 16.62
C GLY B 105 -2.13 46.05 17.49
N GLY B 106 -0.95 46.68 17.47
CA GLY B 106 -0.71 47.82 18.33
C GLY B 106 -0.62 47.48 19.80
N ALA B 107 0.00 46.36 20.15
CA ALA B 107 0.11 45.93 21.53
C ALA B 107 1.46 46.37 22.11
N SER B 108 1.56 46.27 23.43
CA SER B 108 2.78 46.65 24.15
C SER B 108 3.81 45.53 24.19
N GLY B 109 3.47 44.32 23.77
CA GLY B 109 4.39 43.22 23.81
C GLY B 109 4.04 42.15 22.78
N PRO B 110 4.67 40.98 22.88
CA PRO B 110 4.36 39.89 21.94
C PRO B 110 3.02 39.26 22.29
N VAL B 111 2.12 39.23 21.31
CA VAL B 111 0.75 38.78 21.50
C VAL B 111 0.39 37.78 20.41
N ASN B 112 -0.66 37.01 20.68
CA ASN B 112 -1.18 36.04 19.72
C ASN B 112 -2.44 36.59 19.07
N ILE B 113 -2.52 36.49 17.75
CA ILE B 113 -3.62 37.05 16.99
C ILE B 113 -4.75 36.02 16.97
N ALA B 114 -5.96 36.43 17.33
CA ALA B 114 -7.06 35.48 17.54
C ALA B 114 -7.71 35.11 16.23
N TYR B 115 -7.67 33.83 15.89
CA TYR B 115 -8.26 33.30 14.67
C TYR B 115 -9.45 32.41 14.97
N SER B 116 -10.12 32.67 16.10
CA SER B 116 -11.25 31.90 16.61
C SER B 116 -12.59 32.58 16.39
N GLY B 117 -12.59 33.81 15.87
CA GLY B 117 -13.78 34.57 15.59
C GLY B 117 -14.60 34.92 16.80
N VAL B 118 -13.92 35.29 17.88
CA VAL B 118 -14.60 35.59 19.13
C VAL B 118 -14.84 37.09 19.15
N TYR B 119 -14.05 37.86 18.41
CA TYR B 119 -14.18 39.30 18.38
C TYR B 119 -15.39 39.67 17.53
N GLN B 120 -15.49 39.02 16.36
CA GLN B 120 -16.63 39.18 15.46
C GLN B 120 -17.94 38.76 16.12
N TRP B 121 -17.88 37.69 16.92
CA TRP B 121 -19.05 37.17 17.63
C TRP B 121 -19.47 38.16 18.71
N TRP B 122 -18.54 38.52 19.60
CA TRP B 122 -18.84 39.42 20.72
C TRP B 122 -19.19 40.81 20.24
N TYR B 123 -18.71 41.21 19.07
CA TYR B 123 -19.09 42.50 18.52
C TYR B 123 -20.53 42.46 18.04
N THR B 124 -20.88 41.45 17.21
CA THR B 124 -22.24 41.31 16.71
C THR B 124 -23.28 41.15 17.82
N ILE B 125 -22.92 40.47 18.92
CA ILE B 125 -23.89 40.18 19.98
C ILE B 125 -24.11 41.36 20.91
N GLY B 126 -23.17 42.29 21.00
CA GLY B 126 -23.42 43.50 21.76
C GLY B 126 -22.31 43.93 22.70
N LEU B 127 -21.29 43.11 22.85
CA LEU B 127 -20.19 43.43 23.75
C LEU B 127 -19.27 44.41 23.03
N ARG B 128 -18.95 45.52 23.69
CA ARG B 128 -18.18 46.58 23.06
C ARG B 128 -16.88 46.89 23.77
N THR B 129 -16.90 47.05 25.09
CA THR B 129 -15.71 47.41 25.84
C THR B 129 -15.09 46.19 26.50
N ASN B 130 -13.91 46.40 27.09
CA ASN B 130 -13.25 45.33 27.83
C ASN B 130 -13.95 45.06 29.15
N GLN B 131 -14.64 46.06 29.71
CA GLN B 131 -15.35 45.86 30.98
C GLN B 131 -16.55 44.95 30.82
N ASP B 132 -17.22 45.00 29.66
CA ASP B 132 -18.34 44.11 29.40
C ASP B 132 -17.87 42.66 29.25
N LEU B 133 -16.72 42.45 28.59
CA LEU B 133 -16.16 41.11 28.48
C LEU B 133 -15.64 40.60 29.82
N TYR B 134 -15.10 41.49 30.65
CA TYR B 134 -14.69 41.10 31.99
C TYR B 134 -15.89 40.71 32.86
N GLY B 135 -16.99 41.47 32.75
CA GLY B 135 -18.19 41.12 33.48
C GLY B 135 -18.80 39.82 33.01
N GLY B 136 -18.70 39.55 31.70
CA GLY B 136 -19.11 38.25 31.19
C GLY B 136 -18.22 37.12 31.68
N SER B 137 -16.92 37.37 31.80
CA SER B 137 -16.00 36.35 32.32
C SER B 137 -16.27 36.05 33.79
N ILE B 138 -16.56 37.07 34.61
CA ILE B 138 -16.91 36.85 36.01
C ILE B 138 -18.25 36.13 36.12
N PHE B 139 -19.22 36.49 35.26
CA PHE B 139 -20.52 35.85 35.25
C PHE B 139 -20.43 34.38 34.87
N LEU B 140 -19.56 34.05 33.91
CA LEU B 140 -19.43 32.65 33.55
C LEU B 140 -18.51 31.87 34.49
N LEU B 141 -17.63 32.56 35.22
CA LEU B 141 -16.98 31.96 36.38
C LEU B 141 -18.00 31.57 37.44
N PHE B 142 -18.99 32.44 37.68
CA PHE B 142 -20.07 32.14 38.62
C PHE B 142 -20.95 31.00 38.11
N VAL B 143 -21.20 30.95 36.80
CA VAL B 143 -22.03 29.91 36.23
C VAL B 143 -21.34 28.54 36.30
N SER B 144 -20.04 28.50 35.99
CA SER B 144 -19.26 27.27 36.15
C SER B 144 -19.13 26.86 37.61
N ALA B 145 -19.03 27.83 38.53
CA ALA B 145 -19.02 27.52 39.96
C ALA B 145 -20.35 26.94 40.42
N LEU B 146 -21.46 27.47 39.89
CA LEU B 146 -22.79 26.93 40.18
C LEU B 146 -22.94 25.51 39.64
N PHE B 147 -22.37 25.24 38.47
CA PHE B 147 -22.44 23.90 37.92
C PHE B 147 -21.56 22.92 38.68
N LEU B 148 -20.44 23.39 39.23
CA LEU B 148 -19.65 22.54 40.13
C LEU B 148 -20.38 22.25 41.44
N ILE B 149 -21.08 23.26 41.98
CA ILE B 149 -21.90 23.07 43.18
C ILE B 149 -23.03 22.08 42.91
N ALA B 150 -23.66 22.18 41.74
CA ALA B 150 -24.73 21.24 41.38
C ALA B 150 -24.21 19.85 41.09
N GLY B 151 -23.00 19.73 40.54
CA GLY B 151 -22.40 18.43 40.34
C GLY B 151 -22.02 17.74 41.64
N TRP B 152 -21.48 18.51 42.58
CA TRP B 152 -21.22 17.96 43.91
C TRP B 152 -22.51 17.61 44.64
N LEU B 153 -23.56 18.41 44.43
CA LEU B 153 -24.81 18.26 45.15
C LEU B 153 -25.54 16.99 44.77
N HIS B 154 -25.51 16.62 43.50
CA HIS B 154 -26.23 15.44 43.05
C HIS B 154 -25.48 14.14 43.30
N LEU B 155 -24.26 14.20 43.80
CA LEU B 155 -23.59 13.03 44.34
C LEU B 155 -23.81 12.86 45.83
N GLN B 156 -24.36 13.86 46.51
CA GLN B 156 -24.74 13.71 47.90
C GLN B 156 -25.99 12.85 47.99
N PRO B 157 -26.09 11.98 49.01
CA PRO B 157 -27.21 11.01 49.06
C PRO B 157 -28.57 11.62 49.29
N LYS B 158 -28.66 12.85 49.78
CA LYS B 158 -29.94 13.53 49.89
C LYS B 158 -30.48 13.93 48.53
N TRP B 159 -29.61 14.31 47.60
CA TRP B 159 -30.01 14.83 46.31
C TRP B 159 -29.64 13.89 45.16
N LYS B 160 -29.41 12.62 45.44
CA LYS B 160 -29.14 11.64 44.38
C LYS B 160 -30.43 11.33 43.63
N PRO B 161 -30.47 11.51 42.31
CA PRO B 161 -31.67 11.10 41.56
C PRO B 161 -31.59 9.65 41.09
N SER B 162 -32.72 8.97 41.13
CA SER B 162 -32.79 7.56 40.79
C SER B 162 -32.73 7.37 39.27
N VAL B 163 -32.53 6.11 38.87
CA VAL B 163 -32.42 5.74 37.45
C VAL B 163 -33.75 5.95 36.73
N SER B 164 -34.87 5.80 37.44
CA SER B 164 -36.18 6.09 36.87
C SER B 164 -36.35 7.57 36.54
N TRP B 165 -35.69 8.46 37.29
CA TRP B 165 -35.63 9.86 36.88
C TRP B 165 -34.73 10.05 35.68
N PHE B 166 -33.65 9.27 35.60
CA PHE B 166 -32.71 9.39 34.49
C PHE B 166 -33.27 8.83 33.20
N LYS B 167 -34.04 7.75 33.28
CA LYS B 167 -34.62 7.11 32.12
C LYS B 167 -36.00 7.69 31.76
N ASN B 168 -36.41 8.77 32.41
CA ASN B 168 -37.63 9.50 32.07
C ASN B 168 -37.36 10.30 30.80
N ALA B 169 -37.58 9.65 29.65
CA ALA B 169 -37.26 10.29 28.38
C ALA B 169 -38.29 11.32 27.96
N GLU B 170 -39.56 11.14 28.35
CA GLU B 170 -40.61 12.06 27.95
C GLU B 170 -40.47 13.42 28.63
N SER B 171 -40.22 13.41 29.94
CA SER B 171 -40.02 14.64 30.69
C SER B 171 -38.72 15.34 30.28
N ARG B 172 -37.68 14.56 29.99
CA ARG B 172 -36.42 15.11 29.51
C ARG B 172 -36.59 15.78 28.15
N LEU B 173 -37.35 15.15 27.24
CA LEU B 173 -37.57 15.76 25.93
C LEU B 173 -38.48 16.98 26.01
N ASN B 174 -39.51 16.95 26.86
CA ASN B 174 -40.38 18.12 27.01
C ASN B 174 -39.63 19.30 27.62
N HIS B 175 -38.80 19.06 28.64
CA HIS B 175 -38.08 20.17 29.24
C HIS B 175 -36.81 20.53 28.49
N HIS B 176 -36.38 19.70 27.54
CA HIS B 176 -35.27 20.07 26.67
C HIS B 176 -35.78 20.90 25.49
N LEU B 177 -36.87 20.47 24.87
CA LEU B 177 -37.42 21.22 23.75
C LEU B 177 -38.08 22.51 24.22
N SER B 178 -38.80 22.46 25.34
CA SER B 178 -39.41 23.66 25.91
C SER B 178 -38.37 24.58 26.54
N GLY B 179 -37.50 24.03 27.38
CA GLY B 179 -36.57 24.88 28.12
C GLY B 179 -35.23 25.12 27.47
N LEU B 180 -34.54 24.05 27.06
CA LEU B 180 -33.17 24.19 26.56
C LEU B 180 -33.18 24.82 25.17
N PHE B 181 -34.11 24.42 24.32
CA PHE B 181 -34.16 24.88 22.93
C PHE B 181 -35.19 25.98 22.73
N GLY B 182 -36.15 26.13 23.63
CA GLY B 182 -37.18 27.13 23.44
C GLY B 182 -36.98 28.39 24.25
N VAL B 183 -36.84 28.27 25.57
CA VAL B 183 -36.71 29.44 26.44
C VAL B 183 -35.31 30.04 26.37
N SER B 184 -34.37 29.34 25.74
CA SER B 184 -33.02 29.85 25.59
C SER B 184 -32.90 30.58 24.27
N SER B 185 -33.69 30.19 23.28
CA SER B 185 -33.72 30.90 22.02
C SER B 185 -34.68 32.08 22.09
N LEU B 186 -35.57 32.06 23.08
CA LEU B 186 -36.46 33.19 23.34
C LEU B 186 -35.76 34.17 24.27
N ALA B 187 -34.84 33.63 25.07
CA ALA B 187 -33.97 34.43 25.91
C ALA B 187 -33.01 35.18 25.00
N TRP B 188 -32.35 34.43 24.11
CA TRP B 188 -31.53 34.95 23.01
C TRP B 188 -32.28 36.08 22.34
N THR B 189 -33.43 35.81 21.68
CA THR B 189 -34.25 36.85 21.04
C THR B 189 -34.41 38.11 21.90
N GLY B 190 -34.60 37.93 23.22
CA GLY B 190 -34.64 39.05 24.14
C GLY B 190 -33.33 39.80 24.27
N HIS B 191 -32.21 39.10 24.03
CA HIS B 191 -30.92 39.75 24.00
C HIS B 191 -30.75 40.48 22.68
N LEU B 192 -30.81 39.73 21.57
CA LEU B 192 -30.68 40.25 20.19
C LEU B 192 -31.57 41.48 19.93
N VAL B 193 -32.71 41.58 20.61
CA VAL B 193 -33.66 42.68 20.42
C VAL B 193 -33.36 43.79 21.40
N HIS B 194 -33.04 43.43 22.64
CA HIS B 194 -32.80 44.46 23.67
C HIS B 194 -31.41 45.05 23.55
N VAL B 195 -30.40 44.23 23.29
CA VAL B 195 -29.01 44.64 23.37
C VAL B 195 -28.35 44.73 22.00
N ALA B 196 -28.42 43.65 21.21
CA ALA B 196 -27.55 43.55 20.02
C ALA B 196 -28.01 44.45 18.88
N ILE B 197 -29.32 44.54 18.66
CA ILE B 197 -29.87 45.47 17.67
C ILE B 197 -29.63 46.93 18.06
N PRO B 198 -29.88 47.41 19.31
CA PRO B 198 -29.49 48.81 19.59
C PRO B 198 -28.00 49.04 19.65
N GLU B 199 -27.17 48.05 19.97
CA GLU B 199 -25.73 48.26 19.86
C GLU B 199 -25.26 48.26 18.42
N SER B 200 -25.99 47.60 17.51
CA SER B 200 -25.74 47.79 16.08
C SER B 200 -26.22 49.15 15.61
N ARG B 201 -27.19 49.73 16.30
CA ARG B 201 -27.74 51.04 15.97
C ARG B 201 -27.23 52.13 16.90
N GLY B 202 -26.14 51.87 17.63
CA GLY B 202 -25.45 52.88 18.39
C GLY B 202 -25.93 53.09 19.81
N GLU B 203 -27.11 52.60 20.16
CA GLU B 203 -27.64 52.79 21.51
C GLU B 203 -26.96 51.82 22.46
N HIS B 204 -26.49 52.35 23.59
CA HIS B 204 -25.76 51.56 24.59
C HIS B 204 -26.77 51.03 25.60
N VAL B 205 -27.21 49.80 25.41
CA VAL B 205 -28.18 49.17 26.31
C VAL B 205 -27.44 48.18 27.20
N ARG B 206 -27.49 48.42 28.51
CA ARG B 206 -26.85 47.55 29.49
C ARG B 206 -27.86 47.18 30.57
N TRP B 207 -27.38 46.57 31.66
CA TRP B 207 -28.28 46.18 32.74
C TRP B 207 -28.82 47.38 33.51
N ASN B 208 -28.07 48.50 33.53
CA ASN B 208 -28.52 49.68 34.25
C ASN B 208 -29.68 50.39 33.55
N ASN B 209 -29.74 50.29 32.23
CA ASN B 209 -30.81 50.91 31.45
C ASN B 209 -31.59 49.86 30.64
N LEU B 210 -31.75 48.66 31.19
CA LEU B 210 -32.53 47.62 30.52
C LEU B 210 -34.02 47.94 30.57
N LEU B 211 -34.50 48.43 31.70
CA LEU B 211 -35.92 48.69 31.88
C LEU B 211 -36.35 50.05 31.32
N THR B 212 -35.42 50.86 30.84
CA THR B 212 -35.73 52.18 30.31
C THR B 212 -35.53 52.29 28.80
N ALA B 213 -34.53 51.61 28.25
CA ALA B 213 -34.28 51.66 26.81
C ALA B 213 -35.29 50.77 26.11
N LEU B 214 -36.30 51.39 25.51
CA LEU B 214 -37.36 50.67 24.83
C LEU B 214 -36.84 50.16 23.49
N PRO B 215 -36.98 48.86 23.18
CA PRO B 215 -36.39 48.32 21.94
C PRO B 215 -37.11 48.76 20.68
N HIS B 216 -38.37 49.17 20.78
CA HIS B 216 -39.14 49.63 19.65
C HIS B 216 -39.75 50.99 20.00
N PRO B 217 -40.08 51.81 19.00
CA PRO B 217 -40.86 53.04 19.29
C PRO B 217 -42.21 52.78 19.95
N GLN B 218 -42.89 51.68 19.62
CA GLN B 218 -44.10 51.24 20.32
C GLN B 218 -43.84 49.81 20.75
N GLY B 219 -43.28 49.63 21.95
CA GLY B 219 -42.91 48.32 22.43
C GLY B 219 -44.02 47.66 23.21
N LEU B 220 -44.27 46.38 22.89
CA LEU B 220 -45.22 45.45 23.52
C LEU B 220 -46.68 45.91 23.44
N GLY B 221 -46.98 46.92 22.65
CA GLY B 221 -48.33 47.28 22.30
C GLY B 221 -48.83 46.55 21.07
N PRO B 222 -48.12 46.73 19.93
CA PRO B 222 -48.44 45.93 18.74
C PRO B 222 -48.18 44.43 18.87
N PHE B 223 -47.39 43.98 19.85
CA PHE B 223 -47.21 42.54 20.05
C PHE B 223 -48.49 41.89 20.56
N PHE B 224 -49.10 42.46 21.59
CA PHE B 224 -50.28 41.88 22.21
C PHE B 224 -51.56 42.27 21.48
N ALA B 225 -51.52 43.26 20.59
CA ALA B 225 -52.68 43.63 19.80
C ALA B 225 -52.74 42.89 18.48
N GLY B 226 -51.70 42.12 18.13
CA GLY B 226 -51.70 41.26 16.98
C GLY B 226 -50.95 41.80 15.77
N GLN B 227 -50.84 43.12 15.64
CA GLN B 227 -50.16 43.70 14.48
C GLN B 227 -48.64 43.60 14.68
N TRP B 228 -48.11 42.43 14.32
CA TRP B 228 -46.69 42.16 14.49
C TRP B 228 -45.84 42.84 13.42
N ASN B 229 -46.45 43.29 12.32
CA ASN B 229 -45.72 43.91 11.21
C ASN B 229 -45.13 45.27 11.57
N VAL B 230 -45.58 45.87 12.69
CA VAL B 230 -44.96 47.07 13.24
C VAL B 230 -43.51 46.77 13.64
N TYR B 231 -43.23 45.53 14.07
CA TYR B 231 -41.87 45.10 14.35
C TYR B 231 -41.05 44.82 13.09
N ALA B 232 -41.65 44.90 11.91
CA ALA B 232 -40.93 44.80 10.64
C ALA B 232 -41.15 46.05 9.78
N GLN B 233 -41.39 47.19 10.42
CA GLN B 233 -41.87 48.36 9.69
C GLN B 233 -40.72 49.13 9.04
N ASN B 234 -39.71 49.51 9.82
CA ASN B 234 -38.60 50.33 9.35
C ASN B 234 -37.29 49.57 9.56
N PRO B 235 -36.86 48.77 8.58
CA PRO B 235 -35.63 48.01 8.73
C PRO B 235 -34.40 48.90 8.52
N ASP B 236 -33.23 48.31 8.78
CA ASP B 236 -31.98 49.00 8.52
C ASP B 236 -31.75 49.11 7.02
N SER B 237 -31.37 50.30 6.57
CA SER B 237 -31.17 50.55 5.15
C SER B 237 -29.82 50.01 4.70
N ASN B 238 -29.55 50.14 3.41
CA ASN B 238 -28.26 49.72 2.86
C ASN B 238 -27.15 50.73 3.11
N SER B 239 -27.48 51.92 3.61
CA SER B 239 -26.48 52.91 4.01
C SER B 239 -26.11 52.81 5.47
N HIS B 240 -26.59 51.78 6.17
CA HIS B 240 -26.34 51.63 7.60
C HIS B 240 -24.92 51.15 7.85
N LEU B 241 -24.19 51.90 8.67
CA LEU B 241 -22.90 51.47 9.17
C LEU B 241 -23.10 50.77 10.50
N PHE B 242 -22.40 49.67 10.70
CA PHE B 242 -22.61 48.83 11.87
C PHE B 242 -22.06 49.50 13.12
N GLY B 243 -22.87 49.54 14.18
CA GLY B 243 -22.49 50.18 15.42
C GLY B 243 -22.78 51.66 15.51
N THR B 244 -23.24 52.28 14.42
CA THR B 244 -23.54 53.70 14.40
C THR B 244 -25.03 53.92 14.19
N SER B 245 -25.52 55.06 14.69
CA SER B 245 -26.94 55.36 14.62
C SER B 245 -27.39 55.83 13.25
N GLU B 246 -26.48 56.30 12.41
CA GLU B 246 -26.84 56.86 11.11
C GLU B 246 -27.12 55.75 10.11
N GLY B 247 -28.19 55.93 9.33
CA GLY B 247 -28.63 54.94 8.37
C GLY B 247 -29.43 53.79 8.95
N ALA B 248 -29.73 53.82 10.25
CA ALA B 248 -30.36 52.71 10.93
C ALA B 248 -31.88 52.80 10.88
N GLY B 249 -32.53 51.69 11.21
CA GLY B 249 -33.97 51.62 11.32
C GLY B 249 -34.43 51.43 12.75
N THR B 250 -35.74 51.16 12.88
CA THR B 250 -36.35 50.92 14.17
C THR B 250 -36.94 49.53 14.33
N ALA B 251 -37.07 48.77 13.24
CA ALA B 251 -37.69 47.45 13.31
C ALA B 251 -36.75 46.43 13.94
N ILE B 252 -37.30 45.60 14.83
CA ILE B 252 -36.50 44.66 15.62
C ILE B 252 -36.57 43.26 15.03
N LEU B 253 -37.66 42.94 14.34
CA LEU B 253 -37.85 41.61 13.76
C LEU B 253 -38.15 41.78 12.27
N THR B 254 -37.11 41.84 11.45
CA THR B 254 -37.32 41.91 10.02
C THR B 254 -37.19 40.53 9.39
N PHE B 255 -37.46 40.47 8.10
CA PHE B 255 -37.44 39.25 7.31
C PHE B 255 -36.77 39.53 5.98
N LEU B 256 -35.69 40.33 6.03
CA LEU B 256 -35.08 40.86 4.81
C LEU B 256 -34.35 39.78 4.03
N GLY B 257 -33.60 38.92 4.71
CA GLY B 257 -32.78 37.94 4.06
C GLY B 257 -31.51 38.55 3.49
N GLY B 258 -30.62 37.67 3.04
CA GLY B 258 -29.39 38.17 2.47
C GLY B 258 -28.42 38.66 3.52
N PHE B 259 -27.65 39.69 3.16
CA PHE B 259 -26.56 40.20 3.97
C PHE B 259 -26.67 41.69 4.24
N HIS B 260 -26.12 42.09 5.37
CA HIS B 260 -25.83 43.49 5.62
C HIS B 260 -24.77 43.93 4.63
N PRO B 261 -24.98 45.05 3.90
CA PRO B 261 -24.09 45.36 2.77
C PRO B 261 -22.72 45.87 3.16
N GLN B 262 -22.52 46.27 4.42
CA GLN B 262 -21.21 46.76 4.84
C GLN B 262 -20.38 45.68 5.51
N THR B 263 -21.00 44.79 6.30
CA THR B 263 -20.29 43.71 6.96
C THR B 263 -20.25 42.41 6.17
N GLN B 264 -21.04 42.30 5.08
CA GLN B 264 -21.29 41.03 4.36
C GLN B 264 -21.73 39.91 5.31
N SER B 265 -22.64 40.25 6.21
CA SER B 265 -23.06 39.34 7.26
C SER B 265 -24.56 39.44 7.45
N LEU B 266 -25.13 38.47 8.16
CA LEU B 266 -26.56 38.43 8.40
C LEU B 266 -27.03 39.55 9.32
N TRP B 267 -28.28 39.94 9.12
CA TRP B 267 -28.91 41.04 9.83
C TRP B 267 -29.34 40.59 11.21
N LEU B 268 -29.02 41.38 12.24
CA LEU B 268 -29.38 41.02 13.62
C LEU B 268 -30.89 40.98 13.84
N THR B 269 -31.65 41.65 12.98
CA THR B 269 -33.09 41.70 13.08
C THR B 269 -33.65 40.41 12.50
N ASP B 270 -32.92 39.86 11.52
CA ASP B 270 -33.32 38.59 10.93
C ASP B 270 -32.96 37.48 11.89
N MET B 271 -31.81 37.57 12.55
CA MET B 271 -31.42 36.51 13.47
C MET B 271 -32.29 36.56 14.73
N ALA B 272 -32.84 37.73 15.04
CA ALA B 272 -33.76 37.88 16.17
C ALA B 272 -35.10 37.26 15.81
N HIS B 273 -35.52 37.45 14.57
CA HIS B 273 -36.77 36.84 14.12
C HIS B 273 -36.58 35.34 13.99
N HIS B 274 -35.38 34.93 13.56
CA HIS B 274 -35.01 33.52 13.41
C HIS B 274 -35.08 32.80 14.73
N HIS B 275 -34.83 33.53 15.82
CA HIS B 275 -34.74 32.89 17.12
C HIS B 275 -36.10 32.94 17.78
N LEU B 276 -36.91 33.93 17.40
CA LEU B 276 -38.29 33.96 17.87
C LEU B 276 -39.09 32.87 17.17
N ALA B 277 -38.60 32.38 16.03
CA ALA B 277 -39.30 31.37 15.25
C ALA B 277 -38.85 30.01 15.72
N ILE B 278 -37.54 29.83 16.01
CA ILE B 278 -37.02 28.57 16.54
C ILE B 278 -37.14 28.59 18.08
N ALA B 279 -38.00 29.46 18.59
CA ALA B 279 -38.33 29.52 20.00
C ALA B 279 -39.80 29.22 20.16
N VAL B 280 -40.68 29.87 19.36
CA VAL B 280 -42.09 29.49 19.33
C VAL B 280 -42.26 28.03 18.88
N ILE B 281 -41.46 27.59 17.89
CA ILE B 281 -41.67 26.24 17.37
C ILE B 281 -41.06 25.19 18.29
N PHE B 282 -40.12 25.57 19.15
CA PHE B 282 -39.55 24.61 20.07
C PHE B 282 -40.30 24.56 21.39
N ILE B 283 -40.93 25.66 21.80
CA ILE B 283 -41.78 25.59 22.99
C ILE B 283 -43.08 24.87 22.62
N ILE B 284 -43.57 25.06 21.40
CA ILE B 284 -44.76 24.32 20.96
C ILE B 284 -44.44 22.83 20.76
N ALA B 285 -43.27 22.52 20.19
CA ALA B 285 -42.83 21.14 20.05
C ALA B 285 -42.45 20.49 21.38
N GLY B 286 -42.19 21.28 22.42
CA GLY B 286 -41.94 20.74 23.75
C GLY B 286 -43.14 20.41 24.59
N HIS B 287 -44.35 20.61 24.05
CA HIS B 287 -45.58 20.17 24.69
C HIS B 287 -46.12 18.92 24.03
N MET B 288 -45.23 18.01 23.64
CA MET B 288 -45.59 16.85 22.84
C MET B 288 -45.77 15.59 23.68
N TYR B 289 -44.84 15.29 24.57
CA TYR B 289 -44.83 14.01 25.27
C TYR B 289 -45.53 14.11 26.61
N ARG B 290 -45.93 12.95 27.13
CA ARG B 290 -46.73 12.87 28.35
C ARG B 290 -45.82 12.74 29.55
N THR B 291 -45.93 13.66 30.51
CA THR B 291 -45.14 13.59 31.73
C THR B 291 -45.99 13.36 32.97
N ASN B 292 -46.88 14.31 33.28
CA ASN B 292 -47.54 14.34 34.58
C ASN B 292 -49.00 14.75 34.51
N PHE B 293 -49.54 15.07 33.34
CA PHE B 293 -50.79 15.81 33.26
C PHE B 293 -51.83 15.15 32.37
N GLY B 294 -51.66 13.89 32.04
CA GLY B 294 -52.65 13.16 31.25
C GLY B 294 -52.53 13.30 29.74
N ILE B 295 -52.34 14.52 29.25
CA ILE B 295 -52.14 14.72 27.82
C ILE B 295 -50.70 14.41 27.46
N GLY B 296 -50.47 14.19 26.18
CA GLY B 296 -49.14 13.95 25.67
C GLY B 296 -49.01 12.60 25.01
N HIS B 297 -47.76 12.24 24.72
CA HIS B 297 -47.43 10.98 24.07
C HIS B 297 -46.61 10.10 24.99
N SER B 298 -46.84 8.80 24.89
CA SER B 298 -45.90 7.79 25.32
C SER B 298 -45.14 7.31 24.10
N MET B 299 -43.82 7.49 24.10
CA MET B 299 -43.01 7.14 22.94
C MET B 299 -42.90 5.64 22.74
N LYS B 300 -43.12 4.85 23.80
CA LYS B 300 -43.18 3.40 23.66
C LYS B 300 -44.33 2.98 22.77
N GLU B 301 -45.50 3.57 22.94
CA GLU B 301 -46.64 3.23 22.09
C GLU B 301 -46.56 3.87 20.70
N ILE B 302 -45.81 4.97 20.57
CA ILE B 302 -45.53 5.51 19.23
C ILE B 302 -44.65 4.54 18.45
N LEU B 303 -43.59 4.03 19.09
CA LEU B 303 -42.72 3.07 18.43
C LEU B 303 -43.39 1.71 18.24
N GLU B 304 -44.27 1.31 19.15
CA GLU B 304 -45.03 0.08 18.97
C GLU B 304 -46.04 0.20 17.85
N ALA B 305 -46.69 1.35 17.72
CA ALA B 305 -47.73 1.54 16.71
C ALA B 305 -47.18 1.82 15.33
N HIS B 306 -45.88 2.07 15.19
CA HIS B 306 -45.29 2.40 13.90
C HIS B 306 -44.68 1.16 13.25
N THR B 307 -45.57 0.20 12.98
CA THR B 307 -45.20 -1.03 12.28
C THR B 307 -45.93 -1.06 10.95
N PRO B 308 -45.22 -1.16 9.82
CA PRO B 308 -45.88 -1.35 8.53
C PRO B 308 -46.57 -2.70 8.46
N PRO B 309 -47.83 -2.74 8.03
CA PRO B 309 -48.59 -4.00 8.09
C PRO B 309 -48.21 -5.01 7.02
N GLY B 310 -47.42 -4.63 6.02
CA GLY B 310 -46.94 -5.58 5.04
C GLY B 310 -45.78 -6.44 5.48
N GLY B 311 -45.20 -6.14 6.64
CA GLY B 311 -44.10 -6.92 7.17
C GLY B 311 -42.76 -6.64 6.54
N ARG B 312 -42.63 -5.56 5.79
CA ARG B 312 -41.34 -5.22 5.17
C ARG B 312 -40.34 -4.70 6.18
N LEU B 313 -40.82 -4.10 7.26
CA LEU B 313 -39.96 -3.68 8.38
C LEU B 313 -40.02 -4.65 9.54
N GLY B 314 -40.62 -5.82 9.36
CA GLY B 314 -40.72 -6.82 10.41
C GLY B 314 -41.73 -6.42 11.46
N ARG B 315 -41.27 -6.27 12.70
CA ARG B 315 -42.10 -5.74 13.77
C ARG B 315 -42.03 -4.22 13.85
N GLY B 316 -41.33 -3.57 12.93
CA GLY B 316 -41.25 -2.13 12.96
C GLY B 316 -40.31 -1.66 14.04
N HIS B 317 -40.79 -0.78 14.90
CA HIS B 317 -40.00 -0.23 15.99
C HIS B 317 -40.45 -0.72 17.36
N LYS B 318 -41.06 -1.91 17.40
CA LYS B 318 -41.51 -2.48 18.67
C LYS B 318 -40.30 -2.93 19.48
N GLY B 319 -40.28 -2.50 20.74
CA GLY B 319 -39.16 -2.78 21.61
C GLY B 319 -37.99 -1.85 21.48
N LEU B 320 -38.09 -0.81 20.66
CA LEU B 320 -36.98 0.14 20.52
C LEU B 320 -36.95 1.19 21.62
N TYR B 321 -38.08 1.50 22.27
CA TYR B 321 -38.06 2.51 23.34
C TYR B 321 -37.25 2.03 24.53
N ASP B 322 -37.44 0.78 24.94
CA ASP B 322 -36.63 0.21 26.00
C ASP B 322 -35.19 -0.01 25.55
N THR B 323 -35.00 -0.23 24.24
CA THR B 323 -33.64 -0.39 23.69
C THR B 323 -32.85 0.91 23.77
N ILE B 324 -33.47 2.04 23.44
CA ILE B 324 -32.77 3.32 23.59
C ILE B 324 -32.67 3.71 25.06
N ASN B 325 -33.75 3.53 25.83
CA ASN B 325 -33.80 4.05 27.19
C ASN B 325 -32.91 3.26 28.14
N ASN B 326 -32.69 1.97 27.87
CA ASN B 326 -31.78 1.19 28.70
C ASN B 326 -30.32 1.32 28.28
N SER B 327 -30.06 1.63 27.03
CA SER B 327 -28.69 1.69 26.51
C SER B 327 -28.24 3.14 26.44
N LEU B 328 -27.26 3.49 27.26
CA LEU B 328 -26.68 4.82 27.22
C LEU B 328 -25.86 5.04 25.95
N HIS B 329 -25.33 3.96 25.39
CA HIS B 329 -24.53 4.09 24.18
C HIS B 329 -25.39 4.33 22.95
N PHE B 330 -26.64 3.87 22.95
CA PHE B 330 -27.58 4.21 21.88
C PHE B 330 -27.92 5.70 21.92
N GLN B 331 -28.22 6.23 23.11
CA GLN B 331 -28.53 7.66 23.23
C GLN B 331 -27.33 8.53 22.91
N LEU B 332 -26.14 8.10 23.32
CA LEU B 332 -24.94 8.87 23.03
C LEU B 332 -24.57 8.78 21.55
N GLY B 333 -24.80 7.63 20.91
CA GLY B 333 -24.57 7.53 19.48
C GLY B 333 -25.56 8.34 18.66
N LEU B 334 -26.83 8.36 19.07
CA LEU B 334 -27.83 9.22 18.42
C LEU B 334 -27.50 10.69 18.60
N ALA B 335 -27.07 11.07 19.81
CA ALA B 335 -26.72 12.44 20.09
C ALA B 335 -25.48 12.88 19.32
N LEU B 336 -24.49 12.00 19.18
CA LEU B 336 -23.32 12.33 18.39
C LEU B 336 -23.59 12.26 16.88
N ALA B 337 -24.55 11.46 16.43
CA ALA B 337 -24.89 11.48 15.01
C ALA B 337 -25.57 12.78 14.63
N SER B 338 -26.53 13.20 15.46
CA SER B 338 -27.19 14.48 15.27
C SER B 338 -26.22 15.65 15.46
N LEU B 339 -25.29 15.51 16.40
CA LEU B 339 -24.33 16.57 16.67
C LEU B 339 -23.31 16.69 15.54
N GLY B 340 -22.89 15.57 14.94
CA GLY B 340 -22.01 15.69 13.78
C GLY B 340 -22.71 16.27 12.57
N VAL B 341 -24.03 15.97 12.42
CA VAL B 341 -24.72 16.46 11.24
C VAL B 341 -25.10 17.92 11.42
N ILE B 342 -24.99 18.43 12.65
CA ILE B 342 -25.29 19.83 12.87
C ILE B 342 -24.04 20.62 13.16
N THR B 343 -22.91 19.96 13.42
CA THR B 343 -21.65 20.67 13.55
C THR B 343 -21.10 20.88 12.15
N SER B 344 -21.64 20.09 11.22
CA SER B 344 -21.23 20.21 9.84
C SER B 344 -22.20 21.13 9.15
N LEU B 345 -23.39 21.27 9.71
CA LEU B 345 -24.36 22.22 9.21
C LEU B 345 -23.98 23.60 9.74
N VAL B 346 -23.28 23.62 10.88
CA VAL B 346 -22.70 24.84 11.43
C VAL B 346 -21.60 25.32 10.49
N ALA B 347 -20.69 24.39 10.12
CA ALA B 347 -19.55 24.72 9.27
C ALA B 347 -20.01 25.19 7.89
N GLN B 348 -21.09 24.62 7.36
CA GLN B 348 -21.51 24.92 6.00
C GLN B 348 -22.29 26.21 5.94
N HIS B 349 -22.80 26.70 7.08
CA HIS B 349 -23.68 27.86 7.10
C HIS B 349 -23.09 29.05 7.82
N MET B 350 -21.80 29.04 8.15
CA MET B 350 -21.18 30.23 8.74
C MET B 350 -20.11 30.75 7.82
N TYR B 351 -19.92 30.12 6.66
CA TYR B 351 -19.00 30.62 5.67
C TYR B 351 -19.76 31.21 4.51
N SER B 352 -20.89 30.60 4.17
CA SER B 352 -21.72 30.99 3.06
C SER B 352 -22.72 32.04 3.46
N LEU B 353 -23.20 31.96 4.71
CA LEU B 353 -24.10 32.94 5.31
C LEU B 353 -23.45 33.40 6.59
N PRO B 354 -22.43 34.28 6.53
CA PRO B 354 -21.70 34.70 7.74
C PRO B 354 -22.62 35.35 8.75
N PRO B 355 -22.69 34.84 9.97
CA PRO B 355 -23.66 35.39 10.92
C PRO B 355 -23.13 36.52 11.79
N TYR B 356 -21.83 36.79 11.77
CA TYR B 356 -21.22 37.73 12.69
C TYR B 356 -20.59 38.85 11.90
N ALA B 357 -20.65 40.06 12.45
CA ALA B 357 -20.17 41.25 11.76
C ALA B 357 -18.68 41.15 11.52
N PHE B 358 -18.25 41.60 10.32
CA PHE B 358 -16.86 41.60 9.84
C PHE B 358 -16.15 40.25 9.98
N LEU B 359 -16.90 39.16 9.90
CA LEU B 359 -16.35 37.80 9.86
C LEU B 359 -16.02 37.35 8.45
N ALA B 360 -16.78 37.82 7.46
CA ALA B 360 -16.53 37.44 6.07
C ALA B 360 -15.26 38.09 5.53
N GLN B 361 -14.92 39.29 6.01
CA GLN B 361 -13.70 39.95 5.57
C GLN B 361 -12.45 39.32 6.17
N ASP B 362 -12.55 38.76 7.37
CA ASP B 362 -11.40 38.14 8.02
C ASP B 362 -11.34 36.70 7.52
N PHE B 363 -10.36 36.44 6.63
CA PHE B 363 -10.37 35.24 5.80
C PHE B 363 -9.86 34.01 6.55
N THR B 364 -8.72 34.15 7.23
CA THR B 364 -8.10 33.02 7.93
C THR B 364 -8.91 32.60 9.14
N THR B 365 -9.67 33.53 9.71
CA THR B 365 -10.58 33.22 10.79
C THR B 365 -11.73 32.34 10.30
N GLN B 366 -12.29 32.70 9.14
CA GLN B 366 -13.32 31.90 8.48
C GLN B 366 -12.79 30.51 8.10
N ALA B 367 -11.51 30.45 7.69
CA ALA B 367 -10.91 29.17 7.31
C ALA B 367 -10.74 28.27 8.52
N ALA B 368 -10.32 28.87 9.65
CA ALA B 368 -10.16 28.15 10.89
C ALA B 368 -11.52 27.67 11.38
N LEU B 369 -12.53 28.53 11.26
CA LEU B 369 -13.87 28.23 11.77
C LEU B 369 -14.59 27.20 10.92
N TYR B 370 -14.12 26.94 9.69
CA TYR B 370 -14.72 25.88 8.90
C TYR B 370 -14.04 24.57 9.21
N THR B 371 -12.70 24.64 9.31
CA THR B 371 -11.90 23.45 9.54
C THR B 371 -12.11 22.91 10.94
N HIS B 372 -12.42 23.81 11.88
CA HIS B 372 -12.72 23.46 13.26
C HIS B 372 -13.96 22.58 13.31
N HIS B 373 -15.04 23.04 12.70
CA HIS B 373 -16.30 22.34 12.87
C HIS B 373 -16.38 21.14 11.95
N GLN B 374 -15.51 21.06 10.96
CA GLN B 374 -15.48 19.90 10.09
C GLN B 374 -14.58 18.81 10.64
N TYR B 375 -13.67 19.16 11.55
CA TYR B 375 -12.87 18.11 12.16
C TYR B 375 -13.56 17.65 13.43
N ILE B 376 -14.10 18.59 14.21
CA ILE B 376 -14.87 18.26 15.41
C ILE B 376 -16.12 17.48 15.02
N ALA B 377 -16.58 17.63 13.77
CA ALA B 377 -17.75 16.92 13.31
C ALA B 377 -17.34 15.60 12.68
N GLY B 378 -16.09 15.50 12.23
CA GLY B 378 -15.71 14.19 11.76
C GLY B 378 -15.19 13.31 12.87
N PHE B 379 -15.11 13.82 14.10
CA PHE B 379 -14.74 12.98 15.23
C PHE B 379 -15.98 12.70 16.05
N ILE B 380 -16.97 13.57 15.94
CA ILE B 380 -18.22 13.36 16.64
C ILE B 380 -19.04 12.31 15.89
N MET B 381 -19.06 12.38 14.55
CA MET B 381 -19.76 11.36 13.75
C MET B 381 -19.13 9.97 13.88
N THR B 382 -17.79 9.90 13.90
CA THR B 382 -17.12 8.62 14.14
C THR B 382 -17.35 8.12 15.56
N GLY B 383 -17.47 9.03 16.54
CA GLY B 383 -17.83 8.61 17.88
C GLY B 383 -19.25 8.06 17.95
N ALA B 384 -20.16 8.62 17.14
CA ALA B 384 -21.53 8.10 17.02
C ALA B 384 -21.53 6.68 16.50
N PHE B 385 -20.74 6.43 15.46
CA PHE B 385 -20.70 5.10 14.87
C PHE B 385 -19.99 4.09 15.77
N ALA B 386 -18.94 4.55 16.45
CA ALA B 386 -18.25 3.72 17.43
C ALA B 386 -19.16 3.37 18.59
N HIS B 387 -20.02 4.32 19.00
CA HIS B 387 -20.95 4.03 20.07
C HIS B 387 -22.11 3.16 19.61
N GLY B 388 -22.44 3.17 18.32
CA GLY B 388 -23.32 2.14 17.79
C GLY B 388 -22.71 0.76 17.90
N ALA B 389 -21.40 0.66 17.65
CA ALA B 389 -20.71 -0.63 17.81
C ALA B 389 -20.65 -1.07 19.29
N ILE B 390 -20.40 -0.13 20.20
CA ILE B 390 -20.39 -0.46 21.63
C ILE B 390 -21.79 -0.81 22.11
N PHE B 391 -22.83 -0.18 21.55
CA PHE B 391 -24.20 -0.61 21.82
C PHE B 391 -24.44 -2.05 21.35
N PHE B 392 -23.94 -2.40 20.15
CA PHE B 392 -24.20 -3.75 19.66
C PHE B 392 -23.43 -4.81 20.44
N ILE B 393 -22.29 -4.47 21.03
CA ILE B 393 -21.64 -5.45 21.90
C ILE B 393 -22.28 -5.48 23.29
N ARG B 394 -22.19 -4.39 24.05
CA ARG B 394 -22.49 -4.47 25.47
C ARG B 394 -23.90 -4.00 25.83
N ASP B 395 -24.73 -3.64 24.85
CA ASP B 395 -26.06 -3.14 25.19
C ASP B 395 -27.20 -3.68 24.33
N TYR B 396 -26.93 -4.32 23.19
CA TYR B 396 -27.99 -4.79 22.30
C TYR B 396 -28.45 -6.18 22.73
N ASN B 397 -29.73 -6.31 23.06
CA ASN B 397 -30.30 -7.59 23.40
C ASN B 397 -31.10 -8.11 22.21
N PRO B 398 -30.70 -9.22 21.58
CA PRO B 398 -31.49 -9.77 20.48
C PRO B 398 -32.85 -10.33 20.91
N GLU B 399 -33.02 -10.68 22.19
CA GLU B 399 -34.31 -11.14 22.66
C GLU B 399 -35.32 -10.00 22.74
N GLN B 400 -34.89 -8.83 23.21
CA GLN B 400 -35.79 -7.68 23.31
C GLN B 400 -36.07 -7.08 21.94
N ASN B 401 -35.07 -7.04 21.07
CA ASN B 401 -35.24 -6.58 19.70
C ASN B 401 -35.42 -7.80 18.81
N LYS B 402 -36.65 -8.30 18.77
CA LYS B 402 -37.00 -9.48 17.99
C LYS B 402 -37.72 -9.05 16.73
N ASP B 403 -37.00 -9.13 15.59
CA ASP B 403 -37.50 -8.89 14.23
C ASP B 403 -38.02 -7.45 14.09
N ASN B 404 -37.41 -6.51 14.81
CA ASN B 404 -37.68 -5.10 14.61
C ASN B 404 -36.74 -4.55 13.53
N VAL B 405 -36.68 -3.23 13.37
CA VAL B 405 -35.80 -2.65 12.36
C VAL B 405 -34.34 -2.79 12.75
N LEU B 406 -34.04 -2.71 14.05
CA LEU B 406 -32.67 -2.80 14.53
C LEU B 406 -32.13 -4.21 14.42
N ALA B 407 -32.97 -5.22 14.66
CA ALA B 407 -32.57 -6.59 14.42
C ALA B 407 -32.46 -6.89 12.93
N ARG B 408 -33.31 -6.24 12.13
CA ARG B 408 -33.27 -6.48 10.69
C ARG B 408 -32.06 -5.80 10.04
N MET B 409 -31.47 -4.79 10.70
CA MET B 409 -30.16 -4.31 10.27
C MET B 409 -29.10 -5.39 10.41
N LEU B 410 -29.15 -6.18 11.47
CA LEU B 410 -28.24 -7.32 11.57
C LEU B 410 -28.62 -8.43 10.62
N GLU B 411 -29.90 -8.53 10.24
CA GLU B 411 -30.34 -9.58 9.34
C GLU B 411 -29.80 -9.40 7.92
N HIS B 412 -29.67 -8.14 7.46
CA HIS B 412 -29.17 -7.87 6.11
C HIS B 412 -27.90 -7.02 6.14
N LYS B 413 -27.06 -7.22 7.17
CA LYS B 413 -25.87 -6.39 7.37
C LYS B 413 -24.82 -6.59 6.29
N GLU B 414 -24.78 -7.78 5.68
CA GLU B 414 -23.84 -8.00 4.60
C GLU B 414 -24.26 -7.27 3.33
N ALA B 415 -25.56 -7.07 3.14
CA ALA B 415 -26.04 -6.25 2.02
C ALA B 415 -25.64 -4.80 2.19
N ILE B 416 -25.76 -4.26 3.40
CA ILE B 416 -25.38 -2.87 3.67
C ILE B 416 -23.87 -2.67 3.51
N ILE B 417 -23.08 -3.60 4.06
CA ILE B 417 -21.62 -3.48 3.97
C ILE B 417 -21.15 -3.67 2.54
N SER B 418 -21.74 -4.62 1.80
CA SER B 418 -21.33 -4.85 0.42
C SER B 418 -21.77 -3.73 -0.51
N HIS B 419 -22.89 -3.07 -0.23
CA HIS B 419 -23.32 -1.99 -1.11
C HIS B 419 -22.63 -0.67 -0.78
N LEU B 420 -22.28 -0.44 0.49
CA LEU B 420 -21.34 0.63 0.82
C LEU B 420 -19.97 0.38 0.21
N SER B 421 -19.55 -0.90 0.15
CA SER B 421 -18.31 -1.27 -0.50
C SER B 421 -18.36 -1.00 -2.00
N TRP B 422 -19.49 -1.33 -2.65
CA TRP B 422 -19.65 -1.04 -4.07
C TRP B 422 -19.65 0.45 -4.35
N ALA B 423 -20.35 1.23 -3.52
CA ALA B 423 -20.41 2.68 -3.71
C ALA B 423 -19.05 3.32 -3.49
N SER B 424 -18.31 2.87 -2.47
CA SER B 424 -16.97 3.36 -2.22
C SER B 424 -16.02 2.97 -3.35
N LEU B 425 -16.13 1.75 -3.87
CA LEU B 425 -15.27 1.33 -4.97
C LEU B 425 -15.59 2.08 -6.26
N PHE B 426 -16.88 2.33 -6.51
CA PHE B 426 -17.33 3.12 -7.66
C PHE B 426 -16.77 4.52 -7.62
N LEU B 427 -16.96 5.20 -6.49
CA LEU B 427 -16.46 6.56 -6.30
C LEU B 427 -14.94 6.61 -6.36
N GLY B 428 -14.26 5.60 -5.81
CA GLY B 428 -12.80 5.58 -5.85
C GLY B 428 -12.19 5.36 -7.21
N PHE B 429 -12.64 4.31 -7.95
CA PHE B 429 -12.18 4.15 -9.34
C PHE B 429 -12.54 5.34 -10.21
N HIS B 430 -13.73 5.91 -10.04
CA HIS B 430 -14.13 6.98 -10.93
C HIS B 430 -13.42 8.29 -10.61
N THR B 431 -13.32 8.65 -9.33
CA THR B 431 -12.66 9.89 -8.95
C THR B 431 -11.16 9.80 -9.18
N LEU B 432 -10.53 8.67 -8.83
CA LEU B 432 -9.11 8.51 -9.06
C LEU B 432 -8.79 8.42 -10.56
N GLY B 433 -9.61 7.70 -11.32
CA GLY B 433 -9.38 7.60 -12.75
C GLY B 433 -9.56 8.91 -13.49
N LEU B 434 -10.55 9.71 -13.07
CA LEU B 434 -10.73 11.01 -13.71
C LEU B 434 -9.64 12.00 -13.30
N TYR B 435 -9.21 12.01 -12.02
CA TYR B 435 -8.12 12.89 -11.63
C TYR B 435 -6.79 12.48 -12.26
N VAL B 436 -6.52 11.17 -12.33
CA VAL B 436 -5.29 10.68 -12.94
C VAL B 436 -5.33 10.89 -14.44
N HIS B 437 -6.50 10.77 -15.06
CA HIS B 437 -6.66 11.08 -16.47
C HIS B 437 -6.40 12.56 -16.77
N ASN B 438 -6.97 13.47 -15.96
CA ASN B 438 -6.70 14.89 -16.12
C ASN B 438 -5.25 15.26 -15.83
N ASP B 439 -4.61 14.53 -14.90
CA ASP B 439 -3.18 14.66 -14.68
C ASP B 439 -2.37 14.24 -15.90
N VAL B 440 -2.75 13.14 -16.54
CA VAL B 440 -2.04 12.66 -17.71
C VAL B 440 -2.20 13.64 -18.87
N MET B 441 -3.40 14.21 -19.03
CA MET B 441 -3.62 15.16 -20.12
C MET B 441 -2.93 16.50 -19.89
N LEU B 442 -2.85 16.97 -18.64
CA LEU B 442 -1.98 18.15 -18.41
C LEU B 442 -0.51 17.81 -18.52
N ALA B 443 -0.13 16.58 -18.21
CA ALA B 443 1.25 16.16 -18.40
C ALA B 443 1.59 16.04 -19.87
N PHE B 444 0.66 15.53 -20.68
CA PHE B 444 0.91 15.28 -22.09
C PHE B 444 0.66 16.50 -22.96
N GLY B 445 0.60 17.70 -22.36
CA GLY B 445 0.51 18.94 -23.08
C GLY B 445 -0.85 19.28 -23.63
N THR B 446 -1.89 18.51 -23.28
CA THR B 446 -3.23 18.67 -23.84
C THR B 446 -4.27 18.90 -22.74
N PRO B 447 -4.47 20.15 -22.26
CA PRO B 447 -5.53 20.37 -21.25
C PRO B 447 -6.94 20.10 -21.76
N GLU B 448 -7.16 20.16 -23.07
CA GLU B 448 -8.48 19.96 -23.67
C GLU B 448 -8.93 18.51 -23.66
N LYS B 449 -8.04 17.55 -23.42
CA LYS B 449 -8.38 16.14 -23.44
C LYS B 449 -8.89 15.64 -22.10
N GLN B 450 -9.04 16.51 -21.11
CA GLN B 450 -9.59 16.14 -19.82
C GLN B 450 -11.06 15.73 -19.93
N ILE B 451 -11.47 14.80 -19.09
CA ILE B 451 -12.88 14.55 -18.86
C ILE B 451 -13.30 15.54 -17.78
N LEU B 452 -13.91 16.63 -18.20
CA LEU B 452 -14.42 17.64 -17.30
C LEU B 452 -15.93 17.55 -17.31
N ILE B 453 -16.52 17.32 -16.15
CA ILE B 453 -17.96 17.16 -16.04
C ILE B 453 -18.49 18.35 -15.27
N GLU B 454 -19.32 19.15 -15.93
CA GLU B 454 -19.98 20.26 -15.26
C GLU B 454 -21.02 19.71 -14.28
N PRO B 455 -20.95 20.10 -13.00
CA PRO B 455 -21.89 19.54 -12.01
C PRO B 455 -23.28 20.16 -12.14
N VAL B 456 -24.01 19.71 -13.17
CA VAL B 456 -25.24 20.35 -13.57
C VAL B 456 -26.39 20.10 -12.60
N PHE B 457 -26.29 19.07 -11.75
CA PHE B 457 -27.33 18.86 -10.75
C PHE B 457 -27.25 19.91 -9.65
N ALA B 458 -26.06 20.14 -9.12
CA ALA B 458 -25.90 21.17 -8.09
C ALA B 458 -25.95 22.57 -8.68
N GLN B 459 -25.56 22.73 -9.95
CA GLN B 459 -25.76 24.00 -10.63
C GLN B 459 -27.24 24.26 -10.88
N TRP B 460 -28.02 23.20 -11.15
CA TRP B 460 -29.46 23.34 -11.25
C TRP B 460 -30.07 23.69 -9.90
N ILE B 461 -29.52 23.18 -8.81
CA ILE B 461 -29.99 23.54 -7.47
C ILE B 461 -29.63 24.99 -7.15
N GLN B 462 -28.44 25.45 -7.58
CA GLN B 462 -28.08 26.86 -7.42
C GLN B 462 -28.97 27.78 -8.24
N SER B 463 -29.32 27.37 -9.46
CA SER B 463 -30.28 28.14 -10.25
C SER B 463 -31.69 28.05 -9.68
N ALA B 464 -32.00 26.96 -8.98
CA ALA B 464 -33.23 26.85 -8.21
C ALA B 464 -33.23 27.77 -7.00
N HIS B 465 -32.04 28.13 -6.51
CA HIS B 465 -31.92 29.09 -5.42
C HIS B 465 -32.01 30.52 -5.90
N GLY B 466 -31.64 30.78 -7.15
CA GLY B 466 -31.72 32.12 -7.68
C GLY B 466 -30.49 32.59 -8.42
N LYS B 467 -29.55 31.69 -8.68
CA LYS B 467 -28.35 32.03 -9.43
C LYS B 467 -28.66 32.09 -10.91
N ALA B 468 -28.50 33.27 -11.50
CA ALA B 468 -28.73 33.46 -12.93
C ALA B 468 -27.47 33.28 -13.76
N LEU B 469 -26.42 32.71 -13.17
CA LEU B 469 -25.15 32.54 -13.89
C LEU B 469 -25.23 31.42 -14.91
N TYR B 470 -25.87 30.30 -14.56
CA TYR B 470 -25.94 29.16 -15.45
C TYR B 470 -27.09 29.24 -16.45
N GLY B 471 -28.09 30.05 -16.18
CA GLY B 471 -29.18 30.25 -17.11
C GLY B 471 -30.13 29.08 -17.25
N PHE B 472 -30.32 28.30 -16.18
CA PHE B 472 -31.32 27.23 -16.22
C PHE B 472 -32.73 27.80 -16.23
N ASP B 473 -32.98 28.77 -15.33
CA ASP B 473 -34.21 29.58 -15.26
C ASP B 473 -35.46 28.73 -15.07
N VAL B 474 -35.51 28.02 -13.93
CA VAL B 474 -36.60 27.13 -13.60
C VAL B 474 -37.49 27.74 -12.53
N LEU B 475 -36.93 28.05 -11.36
CA LEU B 475 -37.67 28.55 -10.21
C LEU B 475 -36.70 29.36 -9.36
N LEU B 476 -37.14 30.55 -8.92
CA LEU B 476 -36.39 31.60 -8.21
C LEU B 476 -35.31 32.28 -9.04
N SER B 477 -35.05 31.79 -10.25
CA SER B 477 -34.28 32.52 -11.25
C SER B 477 -35.13 32.95 -12.43
N SER B 478 -36.28 32.31 -12.62
CA SER B 478 -37.29 32.75 -13.55
C SER B 478 -38.43 33.41 -12.78
N ALA B 479 -39.03 34.43 -13.38
CA ALA B 479 -40.12 35.16 -12.75
C ALA B 479 -41.48 34.49 -12.94
N ASP B 480 -41.54 33.37 -13.68
CA ASP B 480 -42.79 32.69 -13.97
C ASP B 480 -43.10 31.58 -12.98
N SER B 481 -42.26 31.37 -11.95
CA SER B 481 -42.55 30.32 -10.99
C SER B 481 -43.36 30.88 -9.82
N PRO B 482 -44.28 30.08 -9.26
CA PRO B 482 -45.04 30.56 -8.09
C PRO B 482 -44.21 30.71 -6.83
N ALA B 483 -43.09 29.99 -6.70
CA ALA B 483 -42.23 30.16 -5.54
C ALA B 483 -41.53 31.51 -5.55
N PHE B 484 -41.13 31.98 -6.74
CA PHE B 484 -40.52 33.30 -6.89
C PHE B 484 -41.52 34.39 -6.55
N ASN B 485 -42.73 34.31 -7.11
CA ASN B 485 -43.76 35.32 -6.86
C ASN B 485 -44.29 35.27 -5.44
N ALA B 486 -44.19 34.12 -4.77
CA ALA B 486 -44.46 34.05 -3.35
C ALA B 486 -43.29 34.58 -2.52
N GLY B 487 -42.09 34.65 -3.09
CA GLY B 487 -40.95 35.13 -2.33
C GLY B 487 -40.40 36.50 -2.68
N GLN B 488 -40.76 37.05 -3.85
CA GLN B 488 -40.13 38.27 -4.37
C GLN B 488 -40.52 39.53 -3.61
N THR B 489 -41.54 39.49 -2.77
CA THR B 489 -41.86 40.62 -1.90
C THR B 489 -41.51 40.36 -0.45
N LEU B 490 -40.97 39.19 -0.12
CA LEU B 490 -40.88 38.77 1.27
C LEU B 490 -39.45 38.61 1.75
N TRP B 491 -38.63 37.77 1.11
CA TRP B 491 -37.23 37.61 1.48
C TRP B 491 -36.28 37.69 0.30
N LEU B 492 -36.75 37.40 -0.91
CA LEU B 492 -35.88 37.34 -2.09
C LEU B 492 -35.16 38.64 -2.52
N PRO B 493 -35.63 39.87 -2.25
CA PRO B 493 -34.75 41.04 -2.51
C PRO B 493 -33.43 41.06 -1.74
N GLY B 494 -33.35 40.44 -0.57
CA GLY B 494 -32.08 40.32 0.08
C GLY B 494 -31.30 39.12 -0.43
N TRP B 495 -32.01 38.00 -0.63
CA TRP B 495 -31.37 36.74 -0.97
C TRP B 495 -30.77 36.75 -2.37
N LEU B 496 -31.47 37.34 -3.34
CA LEU B 496 -30.96 37.38 -4.71
C LEU B 496 -29.79 38.33 -4.84
N ASP B 497 -29.81 39.44 -4.09
CA ASP B 497 -28.65 40.33 -4.07
C ASP B 497 -27.46 39.69 -3.36
N ALA B 498 -27.71 38.82 -2.38
CA ALA B 498 -26.61 38.11 -1.74
C ALA B 498 -26.07 36.96 -2.59
N ILE B 499 -26.93 36.30 -3.36
CA ILE B 499 -26.50 35.11 -4.11
C ILE B 499 -26.01 35.45 -5.52
N ASN B 500 -26.41 36.60 -6.07
CA ASN B 500 -25.90 37.04 -7.37
C ASN B 500 -24.59 37.80 -7.25
N ASN B 501 -24.16 38.10 -6.02
CA ASN B 501 -22.84 38.69 -5.81
C ASN B 501 -21.82 37.58 -5.98
N ASN B 502 -20.68 37.93 -6.56
CA ASN B 502 -19.63 36.95 -6.85
C ASN B 502 -18.44 37.09 -5.92
N SER B 503 -18.47 38.05 -4.99
CA SER B 503 -17.37 38.21 -4.06
C SER B 503 -17.59 37.42 -2.79
N ASN B 504 -18.85 37.17 -2.43
CA ASN B 504 -19.13 36.40 -1.23
C ASN B 504 -19.00 34.91 -1.49
N SER B 505 -19.17 34.13 -0.44
CA SER B 505 -19.11 32.67 -0.49
C SER B 505 -20.49 32.02 -0.45
N LEU B 506 -21.54 32.78 -0.75
CA LEU B 506 -22.90 32.24 -0.76
C LEU B 506 -23.13 31.58 -2.11
N PHE B 507 -23.06 30.24 -2.12
CA PHE B 507 -23.37 29.38 -3.28
C PHE B 507 -22.47 29.72 -4.46
N LEU B 508 -21.19 29.37 -4.29
CA LEU B 508 -20.13 29.77 -5.20
C LEU B 508 -20.30 29.12 -6.56
N THR B 509 -19.66 29.72 -7.56
CA THR B 509 -19.68 29.18 -8.90
C THR B 509 -18.83 27.93 -8.96
N ILE B 510 -19.48 26.79 -9.22
CA ILE B 510 -18.83 25.50 -9.17
C ILE B 510 -18.53 25.04 -10.59
N GLY B 511 -17.53 24.17 -10.70
CA GLY B 511 -17.09 23.68 -11.99
C GLY B 511 -16.74 22.20 -11.95
N PRO B 512 -16.02 21.73 -12.98
CA PRO B 512 -15.62 20.32 -13.02
C PRO B 512 -14.70 19.88 -11.89
N GLY B 513 -13.84 20.76 -11.42
CA GLY B 513 -13.04 20.46 -10.24
C GLY B 513 -13.89 20.29 -9.00
N ASP B 514 -14.96 21.08 -8.89
CA ASP B 514 -15.91 20.94 -7.79
C ASP B 514 -16.67 19.62 -7.85
N PHE B 515 -17.03 19.19 -9.07
CA PHE B 515 -17.64 17.88 -9.31
C PHE B 515 -16.71 16.76 -8.83
N LEU B 516 -15.44 16.84 -9.24
CA LEU B 516 -14.47 15.81 -8.93
C LEU B 516 -14.18 15.75 -7.44
N VAL B 517 -14.08 16.89 -6.78
CA VAL B 517 -13.79 16.82 -5.35
C VAL B 517 -15.07 16.53 -4.56
N HIS B 518 -16.26 16.75 -5.13
CA HIS B 518 -17.47 16.30 -4.46
C HIS B 518 -17.61 14.79 -4.52
N HIS B 519 -17.14 14.18 -5.61
CA HIS B 519 -17.00 12.72 -5.60
C HIS B 519 -15.87 12.23 -4.72
N ALA B 520 -14.82 13.03 -4.52
CA ALA B 520 -13.86 12.72 -3.46
C ALA B 520 -14.51 12.77 -2.08
N ILE B 521 -15.38 13.75 -1.85
CA ILE B 521 -16.11 13.89 -0.59
C ILE B 521 -17.07 12.71 -0.41
N ALA B 522 -17.77 12.32 -1.47
CA ALA B 522 -18.67 11.17 -1.41
C ALA B 522 -17.90 9.87 -1.22
N LEU B 523 -16.71 9.75 -1.82
CA LEU B 523 -15.79 8.66 -1.52
C LEU B 523 -15.40 8.63 -0.05
N GLY B 524 -15.10 9.80 0.52
CA GLY B 524 -14.66 9.84 1.90
C GLY B 524 -15.76 9.48 2.89
N LEU B 525 -16.94 10.08 2.71
CA LEU B 525 -18.10 9.73 3.55
C LEU B 525 -18.54 8.29 3.34
N HIS B 526 -18.49 7.79 2.10
CA HIS B 526 -18.93 6.43 1.83
C HIS B 526 -17.95 5.40 2.37
N THR B 527 -16.65 5.65 2.28
CA THR B 527 -15.71 4.68 2.81
C THR B 527 -15.61 4.75 4.32
N THR B 528 -15.72 5.94 4.91
CA THR B 528 -15.79 6.05 6.36
C THR B 528 -17.06 5.38 6.90
N THR B 529 -18.19 5.59 6.21
CA THR B 529 -19.43 4.90 6.54
C THR B 529 -19.30 3.39 6.33
N LEU B 530 -18.55 2.97 5.32
CA LEU B 530 -18.28 1.55 5.08
C LEU B 530 -17.57 0.90 6.26
N ILE B 531 -16.46 1.51 6.71
CA ILE B 531 -15.71 0.94 7.84
C ILE B 531 -16.51 1.01 9.12
N LEU B 532 -17.31 2.06 9.29
CA LEU B 532 -18.00 2.25 10.55
C LEU B 532 -19.27 1.41 10.66
N VAL B 533 -20.06 1.32 9.58
CA VAL B 533 -21.18 0.38 9.50
C VAL B 533 -20.69 -1.06 9.57
N LYS B 534 -19.54 -1.35 8.97
CA LYS B 534 -18.95 -2.67 9.09
C LYS B 534 -18.52 -2.98 10.53
N GLY B 535 -17.97 -1.99 11.24
CA GLY B 535 -17.63 -2.20 12.64
C GLY B 535 -18.85 -2.34 13.52
N ALA B 536 -19.89 -1.55 13.25
CA ALA B 536 -21.09 -1.57 14.09
C ALA B 536 -21.91 -2.83 13.88
N LEU B 537 -21.94 -3.36 12.66
CA LEU B 537 -22.81 -4.50 12.38
C LEU B 537 -22.08 -5.83 12.52
N ASP B 538 -20.77 -5.87 12.31
CA ASP B 538 -19.97 -7.03 12.71
C ASP B 538 -19.43 -6.90 14.13
N ALA B 539 -20.10 -6.11 14.98
CA ALA B 539 -19.63 -5.90 16.35
C ALA B 539 -19.83 -7.14 17.20
N ARG B 540 -20.99 -7.79 17.09
CA ARG B 540 -21.28 -8.96 17.91
C ARG B 540 -20.50 -10.17 17.43
N GLY B 541 -20.33 -10.31 16.12
CA GLY B 541 -19.62 -11.45 15.58
C GLY B 541 -19.66 -11.42 14.07
N SER B 542 -18.92 -12.35 13.49
CA SER B 542 -18.83 -12.45 12.04
C SER B 542 -18.54 -13.90 11.68
N LYS B 543 -18.29 -14.15 10.40
CA LYS B 543 -17.99 -15.50 9.96
C LYS B 543 -16.56 -15.91 10.33
N LEU B 544 -15.65 -14.94 10.49
CA LEU B 544 -14.32 -15.27 10.98
C LEU B 544 -14.35 -15.57 12.48
N MET B 545 -15.12 -14.80 13.23
CA MET B 545 -15.15 -14.96 14.68
C MET B 545 -16.56 -14.62 15.14
N PRO B 546 -17.37 -15.62 15.51
CA PRO B 546 -18.76 -15.36 15.88
C PRO B 546 -18.96 -14.84 17.29
N ASP B 547 -17.95 -14.86 18.15
CA ASP B 547 -18.11 -14.47 19.54
C ASP B 547 -17.33 -13.19 19.85
N LYS B 548 -17.43 -12.20 18.96
CA LYS B 548 -16.80 -10.91 19.17
C LYS B 548 -17.47 -10.13 20.30
N LYS B 549 -18.73 -10.40 20.59
CA LYS B 549 -19.42 -9.72 21.69
C LYS B 549 -18.90 -10.18 23.04
N GLU B 550 -18.45 -11.43 23.15
CA GLU B 550 -17.97 -11.96 24.43
C GLU B 550 -16.52 -11.60 24.71
N PHE B 551 -15.84 -10.97 23.76
CA PHE B 551 -14.49 -10.47 23.94
C PHE B 551 -14.46 -8.98 24.23
N GLY B 552 -15.61 -8.38 24.46
CA GLY B 552 -15.68 -6.95 24.66
C GLY B 552 -15.66 -6.18 23.36
N TYR B 553 -15.56 -4.86 23.50
CA TYR B 553 -15.52 -3.98 22.34
C TYR B 553 -14.11 -3.82 21.80
N SER B 554 -13.20 -3.31 22.63
CA SER B 554 -11.85 -3.00 22.19
C SER B 554 -10.86 -4.09 22.60
N PHE B 555 -11.05 -5.27 22.05
CA PHE B 555 -10.06 -6.32 22.21
C PHE B 555 -9.07 -6.29 21.06
N PRO B 556 -7.78 -6.67 21.28
CA PRO B 556 -6.76 -6.53 20.23
C PRO B 556 -6.95 -7.39 19.00
N CYS B 557 -7.02 -8.70 19.20
CA CYS B 557 -7.10 -9.66 18.10
C CYS B 557 -7.63 -10.96 18.68
N ASP B 558 -7.52 -12.03 17.89
CA ASP B 558 -7.99 -13.34 18.31
C ASP B 558 -6.92 -14.39 18.02
N GLY B 559 -5.73 -13.97 17.63
CA GLY B 559 -4.62 -14.87 17.43
C GLY B 559 -4.27 -15.05 15.97
N PRO B 560 -3.10 -15.65 15.70
CA PRO B 560 -2.71 -15.90 14.31
C PRO B 560 -3.45 -17.05 13.65
N GLY B 561 -4.19 -17.85 14.42
CA GLY B 561 -4.94 -18.95 13.84
C GLY B 561 -6.13 -18.47 13.05
N ARG B 562 -6.68 -19.41 12.28
CA ARG B 562 -7.75 -19.18 11.29
C ARG B 562 -7.36 -18.08 10.31
N GLY B 563 -6.15 -18.23 9.75
CA GLY B 563 -5.61 -17.29 8.79
C GLY B 563 -4.92 -16.07 9.39
N GLY B 564 -5.51 -15.50 10.45
CA GLY B 564 -5.00 -14.30 11.04
C GLY B 564 -6.12 -13.33 11.34
N THR B 565 -6.19 -12.84 12.56
CA THR B 565 -7.32 -12.05 13.03
C THR B 565 -6.89 -10.68 13.55
N CYS B 566 -6.00 -10.02 12.83
CA CYS B 566 -5.56 -8.68 13.20
C CYS B 566 -6.65 -7.68 12.86
N ASP B 567 -6.86 -6.71 13.75
CA ASP B 567 -7.85 -5.63 13.61
C ASP B 567 -9.26 -6.16 13.41
N ILE B 568 -9.58 -7.26 14.08
CA ILE B 568 -10.89 -7.88 13.86
C ILE B 568 -11.98 -7.15 14.63
N SER B 569 -11.64 -6.42 15.69
CA SER B 569 -12.62 -5.82 16.58
C SER B 569 -13.29 -4.60 15.94
N ALA B 570 -14.38 -4.17 16.58
CA ALA B 570 -15.11 -3.00 16.11
C ALA B 570 -14.39 -1.70 16.45
N TRP B 571 -13.63 -1.69 17.55
CA TRP B 571 -12.74 -0.57 17.86
C TRP B 571 -11.68 -0.40 16.80
N ASP B 572 -11.23 -1.50 16.21
CA ASP B 572 -10.24 -1.40 15.15
C ASP B 572 -10.85 -0.89 13.87
N ALA B 573 -12.14 -1.13 13.63
CA ALA B 573 -12.81 -0.48 12.51
C ALA B 573 -12.99 1.02 12.75
N PHE B 574 -13.26 1.40 14.00
CA PHE B 574 -13.26 2.82 14.35
C PHE B 574 -11.88 3.44 14.14
N TYR B 575 -10.84 2.70 14.55
CA TYR B 575 -9.44 3.07 14.38
C TYR B 575 -9.07 3.27 12.92
N LEU B 576 -9.49 2.35 12.05
CA LEU B 576 -9.23 2.48 10.63
C LEU B 576 -10.08 3.56 9.98
N ALA B 577 -11.22 3.91 10.56
CA ALA B 577 -12.03 4.98 10.01
C ALA B 577 -11.69 6.36 10.57
N VAL B 578 -10.84 6.45 11.60
CA VAL B 578 -10.31 7.76 11.97
C VAL B 578 -9.34 8.27 10.90
N PHE B 579 -8.57 7.36 10.30
CA PHE B 579 -7.77 7.72 9.12
C PHE B 579 -8.66 8.15 7.96
N TRP B 580 -9.80 7.49 7.79
CA TRP B 580 -10.72 7.90 6.72
C TRP B 580 -11.46 9.19 7.00
N MET B 581 -11.82 9.49 8.25
CA MET B 581 -12.33 10.85 8.47
C MET B 581 -11.25 11.90 8.32
N LEU B 582 -10.00 11.59 8.69
CA LEU B 582 -8.92 12.56 8.51
C LEU B 582 -8.69 12.83 7.03
N ASN B 583 -8.70 11.77 6.22
CA ASN B 583 -8.57 11.92 4.77
C ASN B 583 -9.78 12.62 4.16
N THR B 584 -10.99 12.32 4.66
CA THR B 584 -12.22 12.94 4.16
C THR B 584 -12.26 14.42 4.44
N ILE B 585 -12.05 14.81 5.71
CA ILE B 585 -12.09 16.21 6.09
C ILE B 585 -10.84 16.94 5.60
N GLY B 586 -9.74 16.22 5.36
CA GLY B 586 -8.62 16.82 4.67
C GLY B 586 -8.95 17.19 3.25
N TRP B 587 -9.68 16.32 2.54
CA TRP B 587 -10.15 16.64 1.19
C TRP B 587 -11.17 17.78 1.22
N VAL B 588 -12.07 17.76 2.20
CA VAL B 588 -13.12 18.79 2.34
C VAL B 588 -12.49 20.16 2.58
N THR B 589 -11.58 20.24 3.54
CA THR B 589 -10.98 21.51 3.88
C THR B 589 -9.89 21.94 2.91
N PHE B 590 -9.29 21.00 2.17
CA PHE B 590 -8.45 21.35 1.03
C PHE B 590 -9.27 22.04 -0.03
N TYR B 591 -10.45 21.48 -0.35
CA TYR B 591 -11.35 22.08 -1.32
C TYR B 591 -11.87 23.43 -0.84
N TRP B 592 -12.22 23.53 0.44
CA TRP B 592 -12.69 24.80 1.00
C TRP B 592 -11.59 25.86 0.92
N HIS B 593 -10.40 25.52 1.41
CA HIS B 593 -9.33 26.51 1.50
C HIS B 593 -8.77 26.90 0.15
N TRP B 594 -8.81 26.00 -0.83
CA TRP B 594 -8.35 26.39 -2.16
C TRP B 594 -9.43 27.05 -3.00
N LYS B 595 -10.70 26.68 -2.82
CA LYS B 595 -11.78 27.39 -3.47
C LYS B 595 -11.91 28.81 -2.93
N HIS B 596 -11.60 29.00 -1.65
CA HIS B 596 -11.67 30.32 -1.04
C HIS B 596 -10.38 31.11 -1.18
N ILE B 597 -9.21 30.45 -1.21
CA ILE B 597 -7.94 31.17 -1.29
C ILE B 597 -7.73 31.70 -2.71
N THR B 598 -8.47 31.18 -3.69
CA THR B 598 -8.49 31.73 -5.03
C THR B 598 -9.63 32.72 -5.22
N LEU B 599 -10.70 32.58 -4.44
CA LEU B 599 -11.78 33.56 -4.46
C LEU B 599 -11.35 34.88 -3.82
N TRP B 600 -10.59 34.80 -2.74
CA TRP B 600 -10.33 35.97 -1.92
C TRP B 600 -9.33 36.93 -2.57
N GLN B 601 -8.40 36.41 -3.36
CA GLN B 601 -7.52 37.26 -4.15
C GLN B 601 -7.99 37.43 -5.59
N GLY B 602 -9.16 36.90 -5.93
CA GLY B 602 -9.80 37.23 -7.18
C GLY B 602 -9.73 36.18 -8.27
N ASN B 603 -8.57 35.54 -8.44
CA ASN B 603 -8.35 34.64 -9.57
C ASN B 603 -8.97 33.28 -9.28
N VAL B 604 -10.29 33.18 -9.50
CA VAL B 604 -10.98 31.91 -9.40
C VAL B 604 -10.68 30.99 -10.58
N ALA B 605 -10.09 31.53 -11.66
CA ALA B 605 -9.67 30.73 -12.80
C ALA B 605 -8.52 29.79 -12.46
N GLN B 606 -7.70 30.13 -11.46
CA GLN B 606 -6.66 29.21 -10.99
C GLN B 606 -7.28 27.94 -10.42
N PHE B 607 -8.33 28.06 -9.61
CA PHE B 607 -9.05 26.88 -9.15
C PHE B 607 -9.83 26.23 -10.27
N ASN B 608 -10.40 27.02 -11.18
CA ASN B 608 -11.21 26.44 -12.26
C ASN B 608 -10.38 25.69 -13.29
N GLU B 609 -9.10 25.99 -13.41
CA GLU B 609 -8.21 25.26 -14.30
C GLU B 609 -7.36 24.22 -13.60
N SER B 610 -7.11 24.37 -12.29
CA SER B 610 -6.11 23.56 -11.62
C SER B 610 -6.67 22.52 -10.66
N SER B 611 -7.94 22.62 -10.26
CA SER B 611 -8.48 21.68 -9.30
C SER B 611 -8.96 20.37 -9.92
N THR B 612 -8.97 20.28 -11.24
CA THR B 612 -9.42 19.09 -11.92
C THR B 612 -8.38 17.99 -11.95
N TYR B 613 -7.13 18.30 -11.64
CA TYR B 613 -6.04 17.35 -11.66
C TYR B 613 -5.17 17.57 -10.42
N LEU B 614 -4.57 16.48 -9.94
CA LEU B 614 -3.92 16.49 -8.64
C LEU B 614 -2.57 17.20 -8.60
N MET B 615 -1.95 17.44 -9.75
CA MET B 615 -0.73 18.25 -9.74
C MET B 615 -1.05 19.72 -9.51
N GLY B 616 -2.25 20.16 -9.90
CA GLY B 616 -2.68 21.49 -9.51
C GLY B 616 -2.91 21.60 -8.01
N TRP B 617 -3.43 20.53 -7.42
CA TRP B 617 -3.61 20.48 -5.97
C TRP B 617 -2.27 20.44 -5.24
N LEU B 618 -1.29 19.73 -5.79
CA LEU B 618 0.02 19.66 -5.15
C LEU B 618 0.81 20.94 -5.34
N ARG B 619 0.74 21.53 -6.54
CA ARG B 619 1.60 22.64 -6.93
C ARG B 619 0.96 24.00 -6.62
N ASP B 620 -0.27 24.21 -7.08
CA ASP B 620 -0.90 25.52 -6.91
C ASP B 620 -1.59 25.68 -5.57
N TYR B 621 -1.76 24.61 -4.80
CA TYR B 621 -2.33 24.73 -3.45
C TYR B 621 -1.36 24.31 -2.36
N LEU B 622 -0.82 23.10 -2.41
CA LEU B 622 0.06 22.65 -1.33
C LEU B 622 1.44 23.27 -1.41
N TRP B 623 1.93 23.57 -2.61
CA TRP B 623 3.25 24.16 -2.78
C TRP B 623 3.21 25.68 -2.89
N LEU B 624 2.20 26.22 -3.58
CA LEU B 624 2.15 27.66 -3.82
C LEU B 624 1.78 28.43 -2.56
N ASN B 625 0.79 27.94 -1.81
CA ASN B 625 0.38 28.63 -0.60
C ASN B 625 1.36 28.42 0.55
N SER B 626 2.22 27.42 0.47
CA SER B 626 3.24 27.18 1.48
C SER B 626 4.51 27.98 1.24
N SER B 627 4.45 29.06 0.45
CA SER B 627 5.64 29.85 0.18
C SER B 627 6.08 30.63 1.41
N GLN B 628 5.15 31.34 2.04
CA GLN B 628 5.45 32.11 3.24
C GLN B 628 5.20 31.32 4.52
N LEU B 629 4.72 30.08 4.41
CA LEU B 629 4.62 29.21 5.57
C LEU B 629 5.99 28.80 6.07
N ILE B 630 6.75 28.08 5.24
CA ILE B 630 8.04 27.53 5.63
C ILE B 630 9.16 28.55 5.61
N ASN B 631 8.91 29.74 5.06
CA ASN B 631 9.80 30.88 5.22
C ASN B 631 9.42 31.73 6.42
N GLY B 632 8.68 31.17 7.37
CA GLY B 632 8.38 31.86 8.61
C GLY B 632 9.61 32.11 9.45
N TYR B 633 10.57 31.19 9.43
CA TYR B 633 11.89 31.47 9.95
C TYR B 633 12.94 30.93 8.98
N ASN B 634 13.97 31.71 8.75
CA ASN B 634 15.03 31.45 7.80
C ASN B 634 16.36 31.53 8.54
N PRO B 635 17.48 31.19 7.87
CA PRO B 635 18.78 31.63 8.38
C PRO B 635 18.93 33.14 8.43
N PHE B 636 18.28 33.87 7.52
CA PHE B 636 18.38 35.33 7.51
C PHE B 636 17.59 35.95 8.65
N GLY B 637 16.44 35.39 8.99
CA GLY B 637 15.65 35.95 10.07
C GLY B 637 14.36 35.17 10.22
N MET B 638 13.49 35.68 11.09
CA MET B 638 12.21 35.05 11.35
C MET B 638 11.08 36.07 11.24
N ASN B 639 9.94 35.61 10.77
CA ASN B 639 8.75 36.42 10.59
C ASN B 639 7.75 36.16 11.70
N SER B 640 6.56 36.73 11.55
CA SER B 640 5.48 36.50 12.49
C SER B 640 4.77 35.17 12.29
N LEU B 641 5.03 34.49 11.18
CA LEU B 641 4.47 33.17 10.93
C LEU B 641 5.37 32.06 11.45
N SER B 642 6.42 32.41 12.21
CA SER B 642 7.45 31.45 12.61
C SER B 642 6.90 30.38 13.52
N VAL B 643 5.90 30.73 14.35
CA VAL B 643 5.28 29.76 15.25
C VAL B 643 4.43 28.83 14.43
N TRP B 644 3.98 29.29 13.26
CA TRP B 644 3.16 28.50 12.36
C TRP B 644 4.07 27.70 11.44
N ALA B 645 5.35 28.06 11.39
CA ALA B 645 6.35 27.34 10.62
C ALA B 645 6.94 26.21 11.43
N TRP B 646 6.95 26.38 12.75
CA TRP B 646 7.41 25.35 13.67
C TRP B 646 6.32 24.31 13.89
N MET B 647 5.07 24.78 14.03
CA MET B 647 3.87 23.95 14.23
C MET B 647 3.55 23.12 13.00
N PHE B 648 4.07 23.53 11.85
CA PHE B 648 3.92 22.77 10.63
C PHE B 648 4.89 21.61 10.66
N LEU B 649 6.16 21.92 10.98
CA LEU B 649 7.19 20.92 11.12
C LEU B 649 6.89 19.98 12.29
N PHE B 650 6.32 20.55 13.36
CA PHE B 650 5.92 19.81 14.54
C PHE B 650 4.88 18.76 14.18
N GLY B 651 3.95 19.13 13.29
CA GLY B 651 2.96 18.17 12.83
C GLY B 651 3.59 17.04 12.06
N HIS B 652 4.57 17.35 11.21
CA HIS B 652 5.30 16.33 10.47
C HIS B 652 6.15 15.46 11.37
N LEU B 653 6.44 15.90 12.58
CA LEU B 653 7.06 15.00 13.54
C LEU B 653 6.01 14.03 14.06
N VAL B 654 4.92 14.56 14.62
CA VAL B 654 4.02 13.77 15.47
C VAL B 654 3.26 12.75 14.64
N TRP B 655 2.76 13.18 13.48
CA TRP B 655 2.15 12.33 12.47
C TRP B 655 3.07 11.18 12.07
N ALA B 656 4.34 11.50 11.77
CA ALA B 656 5.29 10.46 11.40
C ALA B 656 5.66 9.60 12.60
N THR B 657 5.62 10.20 13.80
CA THR B 657 5.85 9.43 15.03
C THR B 657 4.75 8.41 15.23
N GLY B 658 3.53 8.73 14.76
CA GLY B 658 2.43 7.79 14.82
C GLY B 658 2.68 6.57 13.98
N PHE B 659 3.43 6.73 12.89
CA PHE B 659 3.81 5.63 12.02
C PHE B 659 4.64 4.60 12.79
N MET B 660 5.46 5.08 13.73
CA MET B 660 6.21 4.21 14.63
C MET B 660 5.33 3.29 15.46
N PHE B 661 4.15 3.76 15.84
CA PHE B 661 3.20 2.89 16.52
C PHE B 661 2.26 2.18 15.57
N LEU B 662 2.11 2.66 14.33
CA LEU B 662 1.13 2.04 13.44
C LEU B 662 1.74 1.03 12.50
N ILE B 663 3.06 1.05 12.32
CA ILE B 663 3.77 0.09 11.48
C ILE B 663 4.50 -0.94 12.33
N SER B 664 5.42 -0.49 13.17
CA SER B 664 6.10 -1.39 14.10
C SER B 664 5.13 -1.81 15.19
N TRP B 665 5.11 -3.09 15.50
CA TRP B 665 4.16 -3.67 16.44
C TRP B 665 4.93 -4.31 17.60
N ARG B 666 4.19 -4.97 18.50
CA ARG B 666 4.52 -4.97 19.92
C ARG B 666 5.78 -5.75 20.27
N GLY B 667 5.94 -6.98 19.76
CA GLY B 667 6.90 -7.89 20.33
C GLY B 667 8.35 -7.55 20.05
N TYR B 668 8.60 -6.80 18.98
CA TYR B 668 9.90 -6.17 18.76
C TYR B 668 10.26 -5.27 19.95
N TRP B 669 9.33 -4.37 20.31
CA TRP B 669 9.56 -3.46 21.41
C TRP B 669 9.55 -4.18 22.75
N GLN B 670 8.83 -5.30 22.86
CA GLN B 670 8.85 -6.05 24.10
C GLN B 670 10.19 -6.73 24.33
N GLU B 671 10.78 -7.31 23.28
CA GLU B 671 12.13 -7.84 23.42
C GLU B 671 13.18 -6.74 23.60
N LEU B 672 12.94 -5.57 22.99
CA LEU B 672 13.82 -4.42 23.18
C LEU B 672 13.80 -3.92 24.62
N ILE B 673 12.61 -3.84 25.22
CA ILE B 673 12.47 -3.43 26.60
C ILE B 673 12.96 -4.54 27.55
N GLU B 674 12.91 -5.81 27.11
CA GLU B 674 13.55 -6.89 27.88
C GLU B 674 15.07 -6.71 27.95
N THR B 675 15.69 -6.35 26.82
CA THR B 675 17.13 -6.04 26.82
C THR B 675 17.42 -4.79 27.64
N LEU B 676 16.53 -3.79 27.59
CA LEU B 676 16.70 -2.59 28.40
C LEU B 676 16.58 -2.87 29.89
N ALA B 677 15.67 -3.79 30.26
CA ALA B 677 15.51 -4.18 31.66
C ALA B 677 16.72 -4.94 32.16
N TRP B 678 17.30 -5.80 31.32
CA TRP B 678 18.57 -6.44 31.66
C TRP B 678 19.69 -5.41 31.84
N ALA B 679 19.74 -4.42 30.94
CA ALA B 679 20.79 -3.41 30.98
C ALA B 679 20.68 -2.54 32.23
N HIS B 680 19.46 -2.18 32.63
CA HIS B 680 19.30 -1.44 33.87
C HIS B 680 19.57 -2.30 35.09
N GLU B 681 19.23 -3.58 35.04
CA GLU B 681 19.43 -4.45 36.18
C GLU B 681 20.87 -4.90 36.35
N ARG B 682 21.72 -4.69 35.34
CA ARG B 682 23.13 -5.05 35.44
C ARG B 682 24.09 -3.86 35.43
N THR B 683 23.60 -2.64 35.21
CA THR B 683 24.50 -1.49 35.15
C THR B 683 24.88 -1.06 36.56
N PRO B 684 26.18 -0.96 36.86
CA PRO B 684 26.61 -0.45 38.18
C PRO B 684 26.27 1.01 38.33
N LEU B 685 25.67 1.35 39.49
CA LEU B 685 25.30 2.66 40.07
C LEU B 685 23.86 2.98 39.66
N ALA B 686 23.35 2.23 38.69
CA ALA B 686 21.99 2.39 38.20
C ALA B 686 21.12 1.21 38.56
N ASN B 687 21.71 0.10 39.00
CA ASN B 687 20.95 -1.07 39.38
C ASN B 687 20.25 -0.82 40.72
N LEU B 688 20.86 0.04 41.55
CA LEU B 688 20.29 0.48 42.83
C LEU B 688 18.90 1.07 42.66
N VAL B 689 18.68 1.80 41.57
CA VAL B 689 17.36 2.33 41.27
C VAL B 689 16.49 1.20 40.71
N ARG B 690 15.32 1.01 41.28
CA ARG B 690 14.38 -0.02 40.86
C ARG B 690 13.17 0.62 40.20
N TRP B 691 12.44 -0.18 39.47
CA TRP B 691 11.09 0.15 39.04
C TRP B 691 10.08 -0.64 39.87
N LYS B 692 8.93 -0.02 40.15
CA LYS B 692 7.83 -0.79 40.71
C LYS B 692 6.92 -1.32 39.61
N ASP B 693 6.66 -0.49 38.60
CA ASP B 693 6.00 -0.96 37.40
C ASP B 693 7.01 -1.69 36.52
N LYS B 694 6.69 -2.91 36.13
CA LYS B 694 7.57 -3.64 35.23
C LYS B 694 7.51 -3.02 33.85
N PRO B 695 8.64 -2.64 33.25
CA PRO B 695 8.63 -2.01 31.93
C PRO B 695 8.23 -3.02 30.86
N VAL B 696 7.13 -2.74 30.18
CA VAL B 696 6.65 -3.55 29.08
C VAL B 696 6.44 -2.65 27.88
N ALA B 697 6.25 -3.27 26.73
CA ALA B 697 5.90 -2.52 25.55
C ALA B 697 4.44 -2.08 25.65
N LEU B 698 4.08 -1.10 24.81
CA LEU B 698 2.70 -0.66 24.70
C LEU B 698 1.86 -1.78 24.14
N SER B 699 0.70 -2.03 24.76
CA SER B 699 -0.15 -3.12 24.29
C SER B 699 -0.82 -2.75 22.98
N ILE B 700 -1.46 -3.75 22.38
CA ILE B 700 -1.77 -3.71 20.95
C ILE B 700 -2.84 -2.67 20.64
N VAL B 701 -3.93 -2.68 21.41
CA VAL B 701 -4.95 -1.63 21.35
C VAL B 701 -4.38 -0.26 21.71
N GLN B 702 -3.55 -0.21 22.75
CA GLN B 702 -2.86 1.02 23.14
C GLN B 702 -1.93 1.51 22.03
N ALA B 703 -1.23 0.60 21.36
CA ALA B 703 -0.38 0.97 20.23
C ALA B 703 -1.15 1.58 19.07
N ARG B 704 -2.28 0.96 18.70
CA ARG B 704 -3.15 1.53 17.67
C ARG B 704 -3.74 2.87 18.09
N LEU B 705 -4.11 3.02 19.36
CA LEU B 705 -4.62 4.29 19.86
C LEU B 705 -3.55 5.39 19.89
N VAL B 706 -2.33 5.05 20.32
CA VAL B 706 -1.26 6.03 20.41
C VAL B 706 -0.80 6.46 19.01
N GLY B 707 -0.68 5.51 18.09
CA GLY B 707 -0.39 5.87 16.70
C GLY B 707 -1.50 6.65 16.04
N LEU B 708 -2.76 6.33 16.37
CA LEU B 708 -3.90 7.06 15.84
C LEU B 708 -3.96 8.47 16.40
N ALA B 709 -3.68 8.65 17.69
CA ALA B 709 -3.71 9.95 18.31
C ALA B 709 -2.55 10.81 17.86
N HIS B 710 -1.37 10.22 17.67
CA HIS B 710 -0.23 10.94 17.09
C HIS B 710 -0.52 11.35 15.65
N PHE B 711 -1.11 10.43 14.88
CA PHE B 711 -1.53 10.70 13.50
C PHE B 711 -2.52 11.84 13.45
N SER B 712 -3.46 11.86 14.39
CA SER B 712 -4.47 12.90 14.43
C SER B 712 -3.88 14.23 14.90
N VAL B 713 -3.00 14.24 15.91
CA VAL B 713 -2.39 15.48 16.39
C VAL B 713 -1.48 16.08 15.33
N GLY B 714 -0.67 15.26 14.66
CA GLY B 714 0.14 15.74 13.57
C GLY B 714 -0.69 16.23 12.40
N TYR B 715 -1.77 15.51 12.09
CA TYR B 715 -2.65 15.87 10.99
C TYR B 715 -3.37 17.20 11.26
N ILE B 716 -3.82 17.44 12.51
CA ILE B 716 -4.51 18.70 12.85
C ILE B 716 -3.52 19.84 13.06
N PHE B 717 -2.25 19.54 13.24
CA PHE B 717 -1.32 20.63 13.52
C PHE B 717 -0.59 21.03 12.26
N THR B 718 -0.45 20.10 11.32
CA THR B 718 0.14 20.40 10.03
C THR B 718 -0.82 21.23 9.21
N TYR B 719 -2.11 21.04 9.41
CA TYR B 719 -3.09 21.74 8.62
C TYR B 719 -3.54 22.99 9.31
N ALA B 720 -3.60 23.00 10.65
CA ALA B 720 -3.87 24.22 11.39
C ALA B 720 -2.76 25.23 11.10
N ALA B 721 -1.51 24.76 11.00
CA ALA B 721 -0.40 25.66 10.74
C ALA B 721 -0.45 26.16 9.29
N PHE B 722 -0.53 25.23 8.33
CA PHE B 722 -0.54 25.60 6.91
C PHE B 722 -1.73 26.50 6.59
N LEU B 723 -2.91 26.17 7.11
CA LEU B 723 -4.13 26.92 6.87
C LEU B 723 -4.17 28.26 7.56
N ILE B 724 -3.43 28.44 8.67
CA ILE B 724 -3.46 29.70 9.40
C ILE B 724 -2.17 30.50 9.13
N ALA B 725 -1.39 30.03 8.17
CA ALA B 725 -0.15 30.67 7.76
C ALA B 725 -0.14 30.95 6.28
N SER B 726 -0.98 30.28 5.49
CA SER B 726 -1.14 30.50 4.07
C SER B 726 -2.38 31.31 3.76
N THR B 727 -3.09 31.76 4.78
CA THR B 727 -4.12 32.77 4.63
C THR B 727 -3.85 34.02 5.45
N SER B 728 -3.19 33.90 6.61
CA SER B 728 -2.89 35.06 7.45
C SER B 728 -1.57 35.73 7.12
N GLY B 729 -0.77 35.17 6.23
CA GLY B 729 0.47 35.83 5.85
C GLY B 729 0.34 36.45 4.48
N LYS B 730 -0.65 35.99 3.73
CA LYS B 730 -0.97 36.43 2.38
C LYS B 730 -2.47 36.72 2.26
N PHE B 731 -2.94 37.60 3.16
CA PHE B 731 -4.34 37.99 3.36
C PHE B 731 -5.06 38.35 2.06
N GLY B 732 -6.08 37.56 1.75
CA GLY B 732 -6.58 37.41 0.41
C GLY B 732 -6.35 35.97 0.02
N GLU C 1 -62.18 -8.71 -12.81
CA GLU C 1 -62.32 -8.75 -14.26
C GLU C 1 -61.82 -7.46 -14.91
N TRP C 2 -60.76 -6.88 -14.32
CA TRP C 2 -60.04 -5.79 -14.97
C TRP C 2 -59.11 -6.28 -16.08
N LEU C 3 -58.91 -7.58 -16.19
CA LEU C 3 -58.19 -8.17 -17.29
C LEU C 3 -58.79 -9.56 -17.50
N PRO C 4 -59.39 -9.82 -18.66
CA PRO C 4 -59.97 -11.15 -18.92
C PRO C 4 -58.90 -12.23 -18.99
N GLY C 5 -59.10 -13.29 -18.22
CA GLY C 5 -58.12 -14.35 -18.09
C GLY C 5 -57.15 -14.17 -16.96
N ASN C 6 -57.08 -12.99 -16.36
CA ASN C 6 -56.15 -12.77 -15.25
C ASN C 6 -56.67 -13.46 -13.99
N PRO C 7 -55.83 -14.17 -13.25
CA PRO C 7 -56.28 -14.79 -12.00
C PRO C 7 -56.50 -13.75 -10.93
N ARG C 8 -57.73 -13.66 -10.44
CA ARG C 8 -58.06 -12.76 -9.35
C ARG C 8 -57.42 -13.27 -8.06
N PRO C 9 -56.88 -12.38 -7.22
CA PRO C 9 -56.21 -12.83 -5.99
C PRO C 9 -57.20 -13.35 -4.96
N SER C 10 -56.64 -14.00 -3.94
CA SER C 10 -57.45 -14.67 -2.92
C SER C 10 -58.17 -13.67 -2.02
N TYR C 11 -57.61 -12.48 -1.84
CA TYR C 11 -58.25 -11.43 -1.04
C TYR C 11 -59.23 -10.58 -1.83
N LEU C 12 -59.42 -10.86 -3.12
CA LEU C 12 -60.42 -10.15 -3.93
C LEU C 12 -61.26 -11.23 -4.61
N ASP C 13 -62.41 -11.55 -4.01
CA ASP C 13 -63.22 -12.67 -4.49
C ASP C 13 -64.30 -12.27 -5.48
N GLY C 14 -64.66 -10.98 -5.54
CA GLY C 14 -65.71 -10.52 -6.41
C GLY C 14 -67.00 -10.18 -5.71
N SER C 15 -67.14 -10.53 -4.43
CA SER C 15 -68.36 -10.24 -3.69
C SER C 15 -68.48 -8.77 -3.32
N ALA C 16 -67.37 -8.04 -3.28
CA ALA C 16 -67.42 -6.62 -3.01
C ALA C 16 -67.97 -5.87 -4.22
N PRO C 17 -68.65 -4.74 -4.01
CA PRO C 17 -69.09 -3.92 -5.15
C PRO C 17 -67.92 -3.25 -5.83
N GLY C 18 -67.77 -3.49 -7.13
CA GLY C 18 -66.63 -2.98 -7.84
C GLY C 18 -65.37 -3.80 -7.68
N ASP C 19 -65.47 -5.02 -7.19
CA ASP C 19 -64.32 -5.90 -7.06
C ASP C 19 -64.00 -6.46 -8.44
N PHE C 20 -63.18 -5.72 -9.19
CA PHE C 20 -62.71 -6.15 -10.48
C PHE C 20 -61.30 -6.72 -10.42
N GLY C 21 -60.76 -6.90 -9.22
CA GLY C 21 -59.46 -7.53 -9.06
C GLY C 21 -58.26 -6.68 -9.41
N PHE C 22 -58.40 -5.37 -9.46
CA PHE C 22 -57.29 -4.49 -9.86
C PHE C 22 -56.42 -4.20 -8.67
N ASP C 23 -55.40 -5.02 -8.47
CA ASP C 23 -54.35 -4.75 -7.48
C ASP C 23 -53.06 -5.42 -7.91
N PRO C 24 -52.30 -4.79 -8.83
CA PRO C 24 -51.04 -5.41 -9.27
C PRO C 24 -49.94 -5.26 -8.24
N LEU C 25 -49.91 -4.13 -7.52
CA LEU C 25 -48.88 -3.90 -6.53
C LEU C 25 -49.17 -4.53 -5.18
N GLY C 26 -50.37 -5.08 -4.98
CA GLY C 26 -50.71 -5.75 -3.74
C GLY C 26 -50.82 -4.85 -2.52
N LEU C 27 -51.40 -3.66 -2.67
CA LEU C 27 -51.53 -2.75 -1.54
C LEU C 27 -52.60 -3.22 -0.54
N GLY C 28 -53.65 -3.86 -1.03
CA GLY C 28 -54.73 -4.32 -0.16
C GLY C 28 -54.54 -5.74 0.32
N GLU C 29 -53.30 -6.25 0.22
CA GLU C 29 -52.98 -7.63 0.62
C GLU C 29 -53.18 -7.85 2.12
N VAL C 30 -52.84 -6.86 2.94
CA VAL C 30 -53.10 -6.96 4.37
C VAL C 30 -54.60 -6.85 4.64
N PRO C 31 -55.18 -7.75 5.44
CA PRO C 31 -56.65 -7.73 5.62
C PRO C 31 -57.17 -6.50 6.34
N GLU C 32 -56.46 -6.02 7.36
CA GLU C 32 -56.94 -4.85 8.08
C GLU C 32 -56.64 -3.56 7.33
N ASN C 33 -55.64 -3.57 6.44
CA ASN C 33 -55.43 -2.43 5.55
C ASN C 33 -56.52 -2.36 4.50
N LEU C 34 -56.99 -3.54 4.05
CA LEU C 34 -57.98 -3.62 2.99
C LEU C 34 -59.36 -3.15 3.45
N GLU C 35 -59.63 -3.18 4.76
CA GLU C 35 -60.92 -2.69 5.25
C GLU C 35 -60.92 -1.17 5.33
N ARG C 36 -59.74 -0.57 5.46
CA ARG C 36 -59.63 0.87 5.51
C ARG C 36 -59.64 1.40 4.08
N PHE C 37 -59.05 0.65 3.14
CA PHE C 37 -59.02 1.04 1.74
C PHE C 37 -60.41 1.05 1.09
N LYS C 38 -61.39 0.35 1.67
CA LYS C 38 -62.72 0.26 1.08
C LYS C 38 -63.58 1.42 1.53
N GLU C 39 -63.29 1.97 2.71
CA GLU C 39 -63.98 3.13 3.23
C GLU C 39 -63.24 4.40 2.88
N SER C 40 -62.06 4.28 2.28
CA SER C 40 -61.26 5.38 1.79
C SER C 40 -61.53 5.61 0.31
N GLU C 41 -61.71 4.52 -0.44
CA GLU C 41 -62.10 4.57 -1.84
C GLU C 41 -63.49 5.20 -2.04
N LEU C 42 -64.33 5.21 -1.01
CA LEU C 42 -65.69 5.71 -1.16
C LEU C 42 -65.85 7.15 -0.70
N ILE C 43 -65.14 7.55 0.36
CA ILE C 43 -65.16 8.95 0.79
C ILE C 43 -64.49 9.82 -0.25
N HIS C 44 -63.37 9.32 -0.80
CA HIS C 44 -62.65 10.00 -1.88
C HIS C 44 -63.54 10.21 -3.09
N ALA C 45 -64.20 9.12 -3.51
CA ALA C 45 -65.08 9.15 -4.68
C ALA C 45 -66.30 10.03 -4.44
N ARG C 46 -66.87 10.00 -3.24
CA ARG C 46 -68.01 10.87 -2.95
C ARG C 46 -67.61 12.34 -2.88
N TRP C 47 -66.39 12.63 -2.43
CA TRP C 47 -65.92 14.01 -2.51
C TRP C 47 -65.63 14.39 -3.96
N ALA C 48 -65.19 13.42 -4.76
CA ALA C 48 -64.92 13.67 -6.17
C ALA C 48 -66.20 13.87 -6.96
N MET C 49 -67.25 13.13 -6.62
CA MET C 49 -68.54 13.34 -7.27
C MET C 49 -69.27 14.56 -6.73
N LEU C 50 -68.84 15.14 -5.62
CA LEU C 50 -69.28 16.47 -5.23
C LEU C 50 -68.40 17.56 -5.83
N ALA C 51 -67.34 17.18 -6.54
CA ALA C 51 -66.38 18.12 -7.08
C ALA C 51 -66.55 18.36 -8.58
N VAL C 52 -66.92 17.34 -9.35
CA VAL C 52 -67.12 17.48 -10.79
C VAL C 52 -68.32 18.40 -11.11
N PRO C 53 -69.49 18.33 -10.44
CA PRO C 53 -70.44 19.45 -10.57
C PRO C 53 -69.96 20.76 -9.96
N GLY C 54 -69.01 20.72 -9.01
CA GLY C 54 -68.46 21.95 -8.47
C GLY C 54 -67.41 22.62 -9.32
N VAL C 55 -67.00 21.97 -10.41
CA VAL C 55 -66.02 22.53 -11.33
C VAL C 55 -66.67 22.95 -12.64
N LEU C 56 -67.44 22.06 -13.26
CA LEU C 56 -67.99 22.31 -14.58
C LEU C 56 -69.14 23.30 -14.56
N ILE C 57 -70.06 23.17 -13.60
CA ILE C 57 -71.25 24.02 -13.54
C ILE C 57 -70.92 25.46 -13.12
N PRO C 58 -69.96 25.75 -12.21
CA PRO C 58 -69.43 27.13 -12.17
C PRO C 58 -68.74 27.59 -13.44
N GLU C 59 -68.09 26.69 -14.18
CA GLU C 59 -67.44 27.09 -15.42
C GLU C 59 -68.44 27.27 -16.56
N ALA C 60 -69.47 26.42 -16.63
CA ALA C 60 -70.42 26.50 -17.73
C ALA C 60 -71.37 27.69 -17.57
N LEU C 61 -71.52 28.21 -16.36
CA LEU C 61 -72.35 29.39 -16.13
C LEU C 61 -71.58 30.69 -16.21
N GLY C 62 -70.26 30.63 -16.38
CA GLY C 62 -69.46 31.80 -16.67
C GLY C 62 -68.80 32.50 -15.51
N TYR C 63 -68.75 31.89 -14.32
CA TYR C 63 -68.07 32.48 -13.18
C TYR C 63 -66.66 31.94 -13.00
N GLY C 64 -65.98 31.61 -14.09
CA GLY C 64 -64.61 31.15 -14.02
C GLY C 64 -64.49 29.68 -13.66
N ASN C 65 -63.25 29.21 -13.66
CA ASN C 65 -62.95 27.82 -13.37
C ASN C 65 -62.74 27.64 -11.86
N TRP C 66 -62.23 26.49 -11.46
CA TRP C 66 -62.01 26.17 -10.06
C TRP C 66 -60.67 26.68 -9.54
N VAL C 67 -59.87 27.33 -10.38
CA VAL C 67 -58.60 27.93 -9.97
C VAL C 67 -58.73 29.43 -9.76
N SER C 68 -59.32 30.14 -10.73
CA SER C 68 -59.49 31.58 -10.63
C SER C 68 -60.57 31.99 -9.64
N ALA C 69 -61.45 31.07 -9.26
CA ALA C 69 -62.41 31.28 -8.18
C ALA C 69 -61.83 30.90 -6.83
N GLN C 70 -60.55 30.55 -6.79
CA GLN C 70 -59.87 30.09 -5.59
C GLN C 70 -58.69 30.97 -5.22
N LYS C 71 -58.27 31.86 -6.11
CA LYS C 71 -57.11 32.73 -5.89
C LYS C 71 -57.45 33.99 -5.11
N TRP C 72 -58.72 34.20 -4.75
CA TRP C 72 -59.08 35.41 -4.01
C TRP C 72 -58.60 35.39 -2.57
N ALA C 73 -58.38 34.20 -2.00
CA ALA C 73 -57.95 34.13 -0.61
C ALA C 73 -56.48 34.52 -0.44
N ALA C 74 -55.65 34.27 -1.46
CA ALA C 74 -54.28 34.76 -1.42
C ALA C 74 -54.21 36.28 -1.59
N THR C 75 -55.16 36.85 -2.33
CA THR C 75 -55.28 38.29 -2.42
C THR C 75 -55.80 38.83 -1.08
N PRO C 76 -55.27 39.97 -0.61
CA PRO C 76 -55.84 40.60 0.59
C PRO C 76 -57.30 41.04 0.43
N GLY C 77 -57.70 41.44 -0.77
CA GLY C 77 -59.11 41.70 -1.01
C GLY C 77 -59.65 40.94 -2.21
N GLY C 78 -60.53 39.96 -1.97
CA GLY C 78 -61.14 39.21 -3.04
C GLY C 78 -62.65 39.23 -2.99
N GLN C 79 -63.19 39.43 -1.79
CA GLN C 79 -64.60 39.65 -1.42
C GLN C 79 -65.50 38.43 -1.62
N ALA C 80 -64.98 37.30 -2.13
CA ALA C 80 -65.64 35.98 -2.19
C ALA C 80 -66.94 36.02 -2.98
N THR C 81 -66.80 36.27 -4.28
CA THR C 81 -67.95 36.32 -5.18
C THR C 81 -68.52 34.92 -5.38
N TYR C 82 -69.79 34.74 -4.98
CA TYR C 82 -70.50 33.48 -5.13
C TYR C 82 -71.72 33.73 -6.01
N LEU C 83 -71.78 33.03 -7.15
CA LEU C 83 -72.80 33.20 -8.20
C LEU C 83 -72.88 34.65 -8.69
N GLY C 84 -71.70 35.29 -8.79
CA GLY C 84 -71.64 36.69 -9.13
C GLY C 84 -71.99 37.64 -8.01
N ASN C 85 -72.14 37.16 -6.79
CA ASN C 85 -72.54 37.98 -5.66
C ASN C 85 -71.51 37.81 -4.54
N PRO C 86 -70.89 38.90 -4.07
CA PRO C 86 -69.95 38.77 -2.95
C PRO C 86 -70.70 38.56 -1.64
N VAL C 87 -70.39 37.46 -0.96
CA VAL C 87 -71.00 37.16 0.33
C VAL C 87 -70.39 38.06 1.40
N PRO C 88 -71.15 38.50 2.40
CA PRO C 88 -70.57 39.38 3.43
C PRO C 88 -69.63 38.67 4.38
N TRP C 89 -69.83 37.38 4.63
CA TRP C 89 -69.00 36.63 5.56
C TRP C 89 -67.87 35.88 4.85
N GLY C 90 -67.51 36.30 3.65
CA GLY C 90 -66.51 35.59 2.87
C GLY C 90 -65.09 36.06 3.07
N ASN C 91 -64.60 36.00 4.30
CA ASN C 91 -63.20 36.27 4.61
C ASN C 91 -62.49 34.95 4.83
N LEU C 92 -61.18 34.95 4.52
CA LEU C 92 -60.36 33.76 4.69
C LEU C 92 -60.25 33.22 6.13
N PRO C 93 -60.08 34.03 7.20
CA PRO C 93 -60.19 33.44 8.54
C PRO C 93 -61.60 33.03 8.93
N VAL C 94 -62.63 33.59 8.29
CA VAL C 94 -64.00 33.24 8.65
C VAL C 94 -64.40 31.90 8.04
N ILE C 95 -64.16 31.73 6.73
CA ILE C 95 -64.61 30.53 6.05
C ILE C 95 -63.71 29.32 6.33
N LEU C 96 -62.47 29.54 6.79
CA LEU C 96 -61.62 28.41 7.14
C LEU C 96 -61.94 27.90 8.54
N ALA C 97 -62.29 28.80 9.46
CA ALA C 97 -62.64 28.38 10.81
C ALA C 97 -63.99 27.66 10.86
N ILE C 98 -64.91 28.02 9.97
CA ILE C 98 -66.15 27.26 9.84
C ILE C 98 -65.87 25.89 9.22
N GLU C 99 -64.99 25.85 8.21
CA GLU C 99 -64.63 24.59 7.58
C GLU C 99 -63.81 23.68 8.50
N PHE C 100 -63.03 24.28 9.41
CA PHE C 100 -62.30 23.48 10.39
C PHE C 100 -63.17 23.15 11.60
N LEU C 101 -64.42 23.62 11.64
CA LEU C 101 -65.39 23.25 12.66
C LEU C 101 -66.49 22.36 12.12
N ALA C 102 -67.11 22.73 10.99
CA ALA C 102 -68.26 21.98 10.48
C ALA C 102 -67.85 20.65 9.85
N ILE C 103 -66.77 20.65 9.05
CA ILE C 103 -66.31 19.41 8.43
C ILE C 103 -65.65 18.51 9.47
N ALA C 104 -64.94 19.11 10.43
CA ALA C 104 -64.31 18.32 11.47
C ALA C 104 -65.33 17.70 12.42
N PHE C 105 -66.46 18.36 12.64
CA PHE C 105 -67.55 17.71 13.37
C PHE C 105 -68.21 16.62 12.52
N ALA C 106 -68.26 16.81 11.20
CA ALA C 106 -68.84 15.80 10.33
C ALA C 106 -67.93 14.58 10.19
N GLU C 107 -66.63 14.79 10.10
CA GLU C 107 -65.70 13.69 9.92
C GLU C 107 -65.44 12.93 11.23
N SER C 108 -65.54 13.61 12.37
CA SER C 108 -65.40 12.91 13.65
C SER C 108 -66.63 12.07 13.97
N GLN C 109 -67.81 12.56 13.56
CA GLN C 109 -69.02 11.76 13.71
C GLN C 109 -69.05 10.61 12.72
N ARG C 110 -68.38 10.77 11.57
CA ARG C 110 -68.28 9.68 10.61
C ARG C 110 -67.39 8.57 11.10
N ASN C 111 -66.27 8.91 11.76
CA ASN C 111 -65.31 7.92 12.22
C ASN C 111 -65.76 7.19 13.47
N GLY C 112 -66.83 7.63 14.13
CA GLY C 112 -67.29 7.02 15.35
C GLY C 112 -68.11 5.76 15.21
N GLU C 113 -68.40 5.32 14.01
CA GLU C 113 -69.18 4.11 13.81
C GLU C 113 -68.31 2.88 14.00
N PRO C 114 -68.67 1.97 14.91
CA PRO C 114 -67.85 0.75 15.09
C PRO C 114 -68.09 -0.30 14.02
N ASP C 115 -69.26 -0.29 13.38
CA ASP C 115 -69.57 -1.29 12.37
C ASP C 115 -68.79 -0.99 11.09
N PRO C 116 -68.10 -1.97 10.50
CA PRO C 116 -67.34 -1.71 9.27
C PRO C 116 -68.19 -1.67 8.00
N GLU C 117 -69.51 -1.84 8.10
CA GLU C 117 -70.42 -1.71 6.97
C GLU C 117 -71.24 -0.44 7.00
N LYS C 118 -71.63 0.02 8.19
CA LYS C 118 -72.29 1.33 8.32
C LYS C 118 -71.31 2.48 8.14
N ARG C 119 -70.01 2.23 8.29
CA ARG C 119 -69.00 3.20 7.88
C ARG C 119 -68.97 3.38 6.38
N LYS C 120 -69.30 2.32 5.63
CA LYS C 120 -69.29 2.39 4.17
C LYS C 120 -70.53 3.11 3.68
N TYR C 121 -71.70 2.56 3.99
CA TYR C 121 -73.00 3.10 3.60
C TYR C 121 -73.83 3.22 4.87
N PRO C 122 -73.99 4.43 5.41
CA PRO C 122 -74.71 4.54 6.69
C PRO C 122 -76.22 4.38 6.57
N GLY C 123 -76.86 4.99 5.58
CA GLY C 123 -78.31 4.92 5.49
C GLY C 123 -78.98 5.77 6.55
N GLY C 124 -80.29 5.53 6.70
CA GLY C 124 -81.07 6.21 7.72
C GLY C 124 -81.31 7.68 7.41
N ALA C 125 -80.63 8.56 8.14
CA ALA C 125 -80.76 9.99 7.88
C ALA C 125 -80.09 10.40 6.58
N PHE C 126 -79.05 9.69 6.17
CA PHE C 126 -78.34 9.97 4.93
C PHE C 126 -78.99 9.33 3.71
N ASP C 127 -80.07 8.57 3.91
CA ASP C 127 -80.87 8.04 2.81
C ASP C 127 -82.34 8.38 3.08
N PRO C 128 -82.76 9.63 2.80
CA PRO C 128 -84.16 9.99 3.04
C PRO C 128 -85.11 9.55 1.93
N LEU C 129 -84.61 9.25 0.74
CA LEU C 129 -85.46 8.85 -0.38
C LEU C 129 -85.77 7.36 -0.38
N GLY C 130 -85.14 6.59 0.51
CA GLY C 130 -85.49 5.19 0.70
C GLY C 130 -85.06 4.25 -0.40
N PHE C 131 -84.06 4.61 -1.19
CA PHE C 131 -83.55 3.71 -2.22
C PHE C 131 -82.70 2.59 -1.65
N SER C 132 -82.11 2.78 -0.47
CA SER C 132 -81.40 1.68 0.19
C SER C 132 -82.35 0.60 0.67
N LYS C 133 -83.55 1.00 1.11
CA LYS C 133 -84.58 0.04 1.50
C LYS C 133 -85.51 -0.25 0.32
N GLY C 134 -84.90 -0.73 -0.76
CA GLY C 134 -85.62 -1.02 -1.99
C GLY C 134 -85.29 -2.38 -2.56
N ALA C 135 -85.72 -2.63 -3.80
CA ALA C 135 -85.48 -3.93 -4.42
C ALA C 135 -84.03 -4.09 -4.85
N ASN C 136 -83.44 -3.05 -5.42
CA ASN C 136 -82.06 -3.11 -5.89
C ASN C 136 -81.13 -2.48 -4.87
N LEU C 137 -80.15 -3.25 -4.43
CA LEU C 137 -79.17 -2.80 -3.45
C LEU C 137 -77.73 -3.04 -3.90
N GLU C 138 -77.48 -4.16 -4.58
CA GLU C 138 -76.13 -4.52 -4.98
C GLU C 138 -75.67 -3.70 -6.19
N GLU C 139 -76.56 -3.48 -7.16
CA GLU C 139 -76.18 -2.79 -8.37
C GLU C 139 -76.05 -1.29 -8.16
N LEU C 140 -76.71 -0.73 -7.13
CA LEU C 140 -76.53 0.69 -6.83
C LEU C 140 -75.18 0.95 -6.17
N LYS C 141 -74.67 -0.02 -5.40
CA LYS C 141 -73.32 0.08 -4.86
C LYS C 141 -72.28 -0.08 -5.95
N LEU C 142 -72.57 -0.92 -6.95
CA LEU C 142 -71.73 -0.99 -8.15
C LEU C 142 -71.83 0.31 -8.95
N LYS C 143 -73.01 0.93 -8.94
CA LYS C 143 -73.20 2.24 -9.56
C LYS C 143 -72.45 3.32 -8.80
N GLU C 144 -72.26 3.14 -7.48
CA GLU C 144 -71.55 4.13 -6.68
C GLU C 144 -70.07 4.18 -7.02
N ILE C 145 -69.44 3.01 -7.11
CA ILE C 145 -68.00 3.00 -7.35
C ILE C 145 -67.66 3.12 -8.84
N LYS C 146 -68.57 2.81 -9.76
CA LYS C 146 -68.28 3.05 -11.16
C LYS C 146 -68.42 4.53 -11.52
N ASN C 147 -69.43 5.20 -10.95
CA ASN C 147 -69.52 6.65 -11.08
C ASN C 147 -68.44 7.33 -10.27
N GLY C 148 -68.10 6.76 -9.11
CA GLY C 148 -67.10 7.36 -8.25
C GLY C 148 -65.69 7.30 -8.80
N ARG C 149 -65.30 6.16 -9.38
CA ARG C 149 -63.98 6.05 -9.99
C ARG C 149 -63.88 6.89 -11.25
N LEU C 150 -64.98 7.11 -11.95
CA LEU C 150 -64.97 8.00 -13.10
C LEU C 150 -64.72 9.45 -12.67
N ALA C 151 -65.33 9.88 -11.56
CA ALA C 151 -65.08 11.22 -11.05
C ALA C 151 -63.73 11.34 -10.38
N LEU C 152 -63.20 10.23 -9.87
CA LEU C 152 -61.87 10.22 -9.28
C LEU C 152 -60.81 10.39 -10.36
N VAL C 153 -60.99 9.73 -11.50
CA VAL C 153 -60.13 9.92 -12.67
C VAL C 153 -60.34 11.32 -13.23
N ALA C 154 -61.58 11.83 -13.16
CA ALA C 154 -61.89 13.18 -13.64
C ALA C 154 -61.19 14.25 -12.81
N PHE C 155 -61.10 14.07 -11.49
CA PHE C 155 -60.47 15.09 -10.68
C PHE C 155 -58.96 15.04 -10.83
N LEU C 156 -58.41 13.85 -11.12
CA LEU C 156 -56.99 13.73 -11.42
C LEU C 156 -56.71 14.45 -12.73
N GLY C 157 -57.62 14.30 -13.69
CA GLY C 157 -57.54 15.05 -14.93
C GLY C 157 -57.63 16.55 -14.68
N PHE C 158 -58.58 16.94 -13.81
CA PHE C 158 -58.81 18.35 -13.47
C PHE C 158 -57.56 19.00 -12.90
N ALA C 159 -56.84 18.27 -12.03
CA ALA C 159 -55.70 18.85 -11.35
C ALA C 159 -54.50 18.99 -12.29
N VAL C 160 -54.21 17.95 -13.08
CA VAL C 160 -53.01 17.97 -13.92
C VAL C 160 -53.21 18.76 -15.20
N GLN C 161 -54.45 19.14 -15.54
CA GLN C 161 -54.65 20.09 -16.61
C GLN C 161 -54.29 21.50 -16.16
N ALA C 162 -54.47 21.80 -14.87
CA ALA C 162 -54.10 23.11 -14.36
C ALA C 162 -52.58 23.25 -14.21
N ILE C 163 -51.90 22.15 -13.89
CA ILE C 163 -50.44 22.18 -13.82
C ILE C 163 -49.84 22.30 -15.21
N ALA C 164 -50.40 21.57 -16.18
CA ALA C 164 -49.86 21.58 -17.53
C ALA C 164 -50.20 22.87 -18.26
N TYR C 165 -51.43 23.37 -18.10
CA TYR C 165 -51.88 24.61 -18.73
C TYR C 165 -52.40 25.53 -17.64
N PRO C 166 -51.53 26.35 -17.03
CA PRO C 166 -52.00 27.29 -16.00
C PRO C 166 -52.85 28.40 -16.59
N GLY C 167 -53.80 28.88 -15.78
CA GLY C 167 -54.71 29.92 -16.20
C GLY C 167 -55.92 29.45 -16.98
N THR C 168 -56.03 28.16 -17.26
CA THR C 168 -57.15 27.60 -18.00
C THR C 168 -57.86 26.56 -17.15
N GLY C 169 -59.14 26.36 -17.45
CA GLY C 169 -59.93 25.40 -16.72
C GLY C 169 -60.31 24.19 -17.54
N PRO C 170 -60.95 23.20 -16.91
CA PRO C 170 -61.25 21.94 -17.60
C PRO C 170 -62.26 22.05 -18.73
N LEU C 171 -63.25 22.92 -18.62
CA LEU C 171 -64.12 23.16 -19.77
C LEU C 171 -63.41 24.00 -20.83
N GLU C 172 -62.47 24.84 -20.41
CA GLU C 172 -61.63 25.55 -21.37
C GLU C 172 -60.58 24.63 -21.97
N ASN C 173 -60.17 23.58 -21.26
CA ASN C 173 -59.41 22.52 -21.91
C ASN C 173 -60.30 21.68 -22.83
N LEU C 174 -61.59 21.55 -22.50
CA LEU C 174 -62.52 20.87 -23.39
C LEU C 174 -62.81 21.70 -24.63
N LYS C 175 -62.92 23.03 -24.47
CA LYS C 175 -63.16 23.90 -25.62
C LYS C 175 -61.92 24.03 -26.49
N THR C 176 -60.73 23.94 -25.89
CA THR C 176 -59.50 23.92 -26.68
C THR C 176 -59.38 22.61 -27.44
N HIS C 177 -59.81 21.51 -26.83
CA HIS C 177 -59.74 20.21 -27.50
C HIS C 177 -60.83 20.06 -28.56
N LEU C 178 -61.97 20.72 -28.40
CA LEU C 178 -63.07 20.54 -29.34
C LEU C 178 -62.87 21.30 -30.64
N ALA C 179 -61.89 22.21 -30.71
CA ALA C 179 -61.65 22.97 -31.94
C ALA C 179 -60.80 22.16 -32.92
N ASP C 180 -59.59 21.80 -32.51
CA ASP C 180 -58.64 21.05 -33.35
C ASP C 180 -58.08 19.85 -32.59
N PRO C 181 -58.87 18.78 -32.46
CA PRO C 181 -58.55 17.68 -31.51
C PRO C 181 -57.34 16.84 -31.87
N TRP C 182 -56.84 16.93 -33.10
CA TRP C 182 -55.72 16.13 -33.54
C TRP C 182 -54.38 16.84 -33.37
N HIS C 183 -54.36 17.97 -32.66
CA HIS C 183 -53.13 18.75 -32.52
C HIS C 183 -52.84 19.09 -31.07
N ASN C 184 -53.88 19.21 -30.25
CA ASN C 184 -53.78 19.65 -28.86
C ASN C 184 -54.25 18.59 -27.85
N THR C 185 -53.34 17.67 -27.53
CA THR C 185 -53.63 16.53 -26.67
C THR C 185 -52.63 16.47 -25.53
N ILE C 186 -52.59 15.32 -24.83
CA ILE C 186 -51.60 15.06 -23.78
C ILE C 186 -50.18 14.99 -24.33
N ALA C 187 -50.03 14.77 -25.65
CA ALA C 187 -48.72 14.83 -26.31
C ALA C 187 -48.10 16.22 -26.28
N HIS C 188 -48.92 17.28 -26.16
CA HIS C 188 -48.36 18.61 -25.92
C HIS C 188 -47.71 18.71 -24.54
N VAL C 189 -48.19 17.92 -23.59
CA VAL C 189 -47.59 17.85 -22.26
C VAL C 189 -46.44 16.86 -22.23
N ILE C 190 -46.59 15.73 -22.93
CA ILE C 190 -45.55 14.71 -22.98
C ILE C 190 -44.37 15.20 -23.81
N ILE C 191 -44.63 15.70 -25.01
CA ILE C 191 -43.57 16.24 -25.86
C ILE C 191 -43.66 17.77 -25.81
N PRO C 192 -42.72 18.47 -25.17
CA PRO C 192 -42.75 19.92 -25.11
C PRO C 192 -42.31 20.58 -26.42
N ARG D 1 11.82 -47.16 -43.03
CA ARG D 1 11.31 -45.82 -42.82
C ARG D 1 12.40 -44.77 -42.92
N PRO D 2 12.33 -43.90 -43.93
CA PRO D 2 13.24 -42.75 -43.97
C PRO D 2 12.92 -41.76 -42.87
N LEU D 3 13.96 -41.24 -42.25
CA LEU D 3 13.83 -40.34 -41.11
C LEU D 3 14.73 -39.14 -41.31
N TRP D 4 14.37 -38.02 -40.68
CA TRP D 4 15.13 -36.79 -40.86
C TRP D 4 16.49 -36.84 -40.18
N PHE D 5 16.59 -37.56 -39.07
CA PHE D 5 17.83 -37.59 -38.28
C PHE D 5 18.10 -39.07 -38.02
N PRO D 6 18.93 -39.71 -38.88
CA PRO D 6 18.96 -41.19 -38.93
C PRO D 6 19.47 -41.88 -37.67
N GLY D 7 20.21 -41.18 -36.81
CA GLY D 7 20.57 -41.77 -35.53
C GLY D 7 19.50 -41.65 -34.47
N SER D 8 18.59 -40.69 -34.61
CA SER D 8 17.60 -40.40 -33.57
C SER D 8 16.47 -41.43 -33.59
N GLN D 9 15.88 -41.63 -32.42
CA GLN D 9 14.68 -42.46 -32.31
C GLN D 9 13.48 -41.64 -32.75
N PRO D 10 12.58 -42.21 -33.57
CA PRO D 10 11.40 -41.45 -34.01
C PRO D 10 10.43 -41.24 -32.86
N PRO D 11 9.66 -40.15 -32.89
CA PRO D 11 8.71 -39.88 -31.80
C PRO D 11 7.53 -40.84 -31.82
N GLU D 12 6.88 -40.96 -30.66
CA GLU D 12 5.76 -41.88 -30.51
C GLU D 12 4.53 -41.39 -31.25
N TRP D 13 4.31 -40.07 -31.27
CA TRP D 13 3.13 -39.52 -31.94
C TRP D 13 3.25 -39.54 -33.45
N LEU D 14 4.47 -39.55 -33.99
CA LEU D 14 4.72 -39.69 -35.42
C LEU D 14 5.04 -41.15 -35.69
N ASP D 15 3.99 -41.94 -35.96
CA ASP D 15 4.13 -43.37 -36.18
C ASP D 15 4.32 -43.74 -37.64
N GLY D 16 4.44 -42.77 -38.53
CA GLY D 16 4.59 -43.01 -39.94
C GLY D 16 3.29 -43.22 -40.70
N SER D 17 2.15 -43.12 -40.01
CA SER D 17 0.86 -43.28 -40.70
C SER D 17 0.50 -42.07 -41.53
N LEU D 18 0.96 -40.89 -41.13
CA LEU D 18 0.68 -39.67 -41.87
C LEU D 18 1.52 -39.60 -43.14
N PRO D 19 0.98 -39.00 -44.21
CA PRO D 19 1.80 -38.76 -45.40
C PRO D 19 2.92 -37.77 -45.13
N GLY D 20 4.10 -38.05 -45.69
CA GLY D 20 5.26 -37.21 -45.47
C GLY D 20 5.80 -37.21 -44.07
N ASP D 21 5.71 -38.34 -43.37
CA ASP D 21 6.12 -38.41 -41.97
C ASP D 21 7.58 -38.86 -41.97
N PHE D 22 8.45 -38.00 -41.46
CA PHE D 22 9.88 -38.33 -41.33
C PHE D 22 10.37 -38.13 -39.90
N GLY D 23 9.46 -38.11 -38.93
CA GLY D 23 9.84 -38.07 -37.53
C GLY D 23 10.37 -36.74 -37.04
N PHE D 24 10.18 -35.66 -37.79
CA PHE D 24 10.74 -34.36 -37.44
C PHE D 24 9.81 -33.67 -36.45
N ASP D 25 10.12 -33.85 -35.17
CA ASP D 25 9.44 -33.13 -34.09
C ASP D 25 10.39 -32.94 -32.93
N PRO D 26 11.33 -31.97 -33.04
CA PRO D 26 12.25 -31.73 -31.91
C PRO D 26 11.59 -30.97 -30.77
N LEU D 27 10.70 -30.04 -31.10
CA LEU D 27 9.95 -29.34 -30.07
C LEU D 27 8.73 -30.12 -29.59
N GLY D 28 8.31 -31.14 -30.33
CA GLY D 28 7.24 -32.02 -29.92
C GLY D 28 5.87 -31.39 -29.83
N LEU D 29 5.54 -30.46 -30.73
CA LEU D 29 4.27 -29.76 -30.65
C LEU D 29 3.09 -30.60 -31.14
N GLY D 30 3.34 -31.73 -31.80
CA GLY D 30 2.28 -32.60 -32.23
C GLY D 30 2.10 -33.80 -31.32
N SER D 31 2.40 -33.63 -30.03
CA SER D 31 2.35 -34.74 -29.09
C SER D 31 0.91 -35.11 -28.75
N ASP D 32 0.02 -34.12 -28.67
CA ASP D 32 -1.38 -34.39 -28.39
C ASP D 32 -2.04 -34.96 -29.64
N PRO D 33 -2.75 -36.09 -29.53
CA PRO D 33 -3.45 -36.65 -30.70
C PRO D 33 -4.54 -35.75 -31.26
N GLU D 34 -5.23 -34.98 -30.42
CA GLU D 34 -6.24 -34.06 -30.92
C GLU D 34 -5.61 -32.86 -31.63
N LEU D 35 -4.46 -32.40 -31.12
CA LEU D 35 -3.74 -31.31 -31.76
C LEU D 35 -2.92 -31.75 -32.96
N LEU D 36 -2.60 -33.04 -33.06
CA LEU D 36 -1.87 -33.55 -34.22
C LEU D 36 -2.76 -33.58 -35.45
N LYS D 37 -4.03 -33.95 -35.29
CA LYS D 37 -4.98 -33.96 -36.40
C LYS D 37 -5.30 -32.56 -36.87
N TRP D 38 -5.26 -31.58 -35.96
CA TRP D 38 -5.42 -30.18 -36.36
C TRP D 38 -4.19 -29.68 -37.12
N PHE D 39 -3.00 -30.12 -36.71
CA PHE D 39 -1.76 -29.63 -37.32
C PHE D 39 -1.52 -30.26 -38.68
N VAL D 40 -1.94 -31.52 -38.87
CA VAL D 40 -1.91 -32.14 -40.20
C VAL D 40 -2.87 -31.41 -41.14
N GLN D 41 -4.06 -31.07 -40.63
CA GLN D 41 -4.99 -30.23 -41.38
C GLN D 41 -4.45 -28.82 -41.60
N ALA D 42 -3.67 -28.31 -40.66
CA ALA D 42 -3.01 -27.02 -40.87
C ALA D 42 -1.90 -27.11 -41.89
N GLU D 43 -1.20 -28.24 -41.94
CA GLU D 43 -0.09 -28.40 -42.88
C GLU D 43 -0.58 -28.64 -44.30
N LEU D 44 -1.76 -29.24 -44.47
CA LEU D 44 -2.31 -29.51 -45.80
C LEU D 44 -2.66 -28.22 -46.53
N VAL D 45 -3.41 -27.33 -45.87
CA VAL D 45 -3.76 -26.07 -46.51
C VAL D 45 -2.58 -25.11 -46.57
N HIS D 46 -1.59 -25.28 -45.69
CA HIS D 46 -0.35 -24.52 -45.83
C HIS D 46 0.43 -24.97 -47.05
N CYS D 47 0.45 -26.27 -47.32
CA CYS D 47 1.20 -26.81 -48.45
C CYS D 47 0.57 -26.38 -49.77
N ARG D 48 -0.75 -26.47 -49.87
CA ARG D 48 -1.42 -26.18 -51.12
C ARG D 48 -1.53 -24.69 -51.39
N TRP D 49 -1.58 -23.86 -50.35
CA TRP D 49 -1.54 -22.41 -50.58
C TRP D 49 -0.15 -21.94 -50.96
N ALA D 50 0.90 -22.61 -50.47
CA ALA D 50 2.25 -22.21 -50.84
C ALA D 50 2.61 -22.67 -52.23
N MET D 51 2.13 -23.85 -52.65
CA MET D 51 2.30 -24.27 -54.03
C MET D 51 1.49 -23.41 -54.98
N LEU D 52 0.30 -22.99 -54.57
CA LEU D 52 -0.40 -21.94 -55.32
C LEU D 52 0.30 -20.60 -55.16
N GLY D 53 0.94 -20.37 -54.02
CA GLY D 53 1.75 -19.17 -53.86
C GLY D 53 3.00 -19.18 -54.71
N ALA D 54 3.66 -20.33 -54.82
CA ALA D 54 4.89 -20.41 -55.61
C ALA D 54 4.63 -20.36 -57.10
N ALA D 55 3.43 -20.70 -57.55
CA ALA D 55 3.08 -20.57 -58.95
C ALA D 55 2.66 -19.15 -59.32
N GLY D 56 2.48 -18.27 -58.34
CA GLY D 56 2.18 -16.88 -58.62
C GLY D 56 3.34 -15.97 -58.32
N ILE D 57 4.38 -16.52 -57.72
CA ILE D 57 5.60 -15.78 -57.43
C ILE D 57 6.71 -16.12 -58.41
N PHE D 58 7.01 -17.41 -58.59
CA PHE D 58 8.16 -17.82 -59.38
C PHE D 58 7.82 -18.17 -60.82
N ILE D 59 6.58 -18.55 -61.11
CA ILE D 59 6.19 -18.82 -62.50
C ILE D 59 5.98 -17.53 -63.31
N PRO D 60 5.15 -16.54 -62.92
CA PRO D 60 4.99 -15.37 -63.82
C PRO D 60 6.17 -14.42 -63.81
N GLU D 61 7.00 -14.42 -62.77
CA GLU D 61 8.20 -13.60 -62.79
C GLU D 61 9.29 -14.20 -63.66
N ALA D 62 9.30 -15.51 -63.83
CA ALA D 62 10.16 -16.13 -64.83
C ALA D 62 9.68 -15.80 -66.24
N LEU D 63 8.37 -15.71 -66.43
CA LEU D 63 7.82 -15.25 -67.70
C LEU D 63 7.99 -13.74 -67.87
N THR D 64 8.09 -12.98 -66.77
CA THR D 64 8.38 -11.56 -66.87
C THR D 64 9.83 -11.33 -67.31
N LYS D 65 10.75 -12.15 -66.80
CA LYS D 65 12.16 -12.04 -67.22
C LYS D 65 12.34 -12.52 -68.64
N ALA D 66 11.62 -13.57 -69.04
CA ALA D 66 11.71 -14.09 -70.40
C ALA D 66 10.88 -13.29 -71.40
N GLY D 67 10.08 -12.33 -70.94
CA GLY D 67 9.30 -11.50 -71.84
C GLY D 67 8.01 -12.14 -72.32
N ILE D 68 7.60 -13.26 -71.73
CA ILE D 68 6.34 -13.89 -72.12
C ILE D 68 5.15 -13.06 -71.64
N LEU D 69 5.22 -12.57 -70.40
CA LEU D 69 4.15 -11.78 -69.82
C LEU D 69 4.71 -10.49 -69.24
N ASN D 70 3.87 -9.46 -69.20
CA ASN D 70 4.24 -8.17 -68.63
C ASN D 70 3.61 -7.95 -67.26
N THR D 71 3.47 -9.01 -66.47
CA THR D 71 2.93 -8.90 -65.13
C THR D 71 3.94 -8.22 -64.20
N PRO D 72 3.46 -7.48 -63.19
CA PRO D 72 4.40 -6.86 -62.24
C PRO D 72 5.03 -7.87 -61.28
N SER D 73 5.95 -7.40 -60.45
CA SER D 73 6.57 -8.27 -59.46
C SER D 73 5.56 -8.64 -58.37
N TRP D 74 5.85 -9.75 -57.69
CA TRP D 74 4.91 -10.27 -56.70
C TRP D 74 4.83 -9.39 -55.45
N THR D 75 5.90 -8.65 -55.15
CA THR D 75 5.88 -7.77 -53.99
C THR D 75 5.01 -6.54 -54.26
N VAL D 76 5.02 -6.04 -55.48
CA VAL D 76 4.27 -4.84 -55.84
C VAL D 76 3.01 -5.18 -56.63
N ALA D 77 2.56 -6.43 -56.59
CA ALA D 77 1.35 -6.80 -57.32
C ALA D 77 0.08 -6.32 -56.65
N GLY D 78 0.07 -6.27 -55.31
CA GLY D 78 -1.09 -5.74 -54.61
C GLY D 78 -1.20 -4.23 -54.67
N ASP D 79 -0.09 -3.54 -54.95
CA ASP D 79 -0.09 -2.09 -55.06
C ASP D 79 -0.73 -1.61 -56.37
N GLN D 80 -0.85 -2.49 -57.35
CA GLN D 80 -1.39 -2.12 -58.66
C GLN D 80 -2.90 -1.86 -58.58
N GLN D 81 -3.39 -1.09 -59.55
CA GLN D 81 -4.78 -0.67 -59.59
C GLN D 81 -5.59 -1.64 -60.44
N TYR D 82 -6.77 -2.02 -59.94
CA TYR D 82 -7.67 -2.93 -60.61
C TYR D 82 -9.04 -2.30 -60.71
N PHE D 83 -10.01 -3.05 -61.24
CA PHE D 83 -11.38 -2.56 -61.33
C PHE D 83 -12.10 -2.60 -59.99
N THR D 84 -11.56 -3.32 -59.01
CA THR D 84 -12.07 -3.35 -57.65
C THR D 84 -10.96 -2.90 -56.72
N ASP D 85 -11.32 -2.06 -55.74
CA ASP D 85 -10.36 -1.56 -54.78
C ASP D 85 -9.86 -2.69 -53.88
N ALA D 86 -8.59 -2.61 -53.49
CA ALA D 86 -7.96 -3.69 -52.76
C ALA D 86 -8.46 -3.79 -51.31
N THR D 87 -9.04 -2.72 -50.78
CA THR D 87 -9.69 -2.82 -49.48
C THR D 87 -10.98 -3.63 -49.56
N THR D 88 -11.78 -3.40 -50.60
CA THR D 88 -13.01 -4.14 -50.81
C THR D 88 -12.83 -5.37 -51.68
N LEU D 89 -11.61 -5.63 -52.16
CA LEU D 89 -11.30 -6.96 -52.69
C LEU D 89 -11.16 -7.98 -51.57
N PHE D 90 -10.78 -7.53 -50.37
CA PHE D 90 -10.59 -8.44 -49.25
C PHE D 90 -11.93 -8.95 -48.73
N VAL D 91 -12.92 -8.07 -48.57
CA VAL D 91 -14.19 -8.48 -47.99
C VAL D 91 -15.04 -9.27 -48.99
N ILE D 92 -14.77 -9.16 -50.28
CA ILE D 92 -15.33 -10.12 -51.23
C ILE D 92 -14.70 -11.49 -51.01
N GLU D 93 -13.37 -11.51 -50.83
CA GLU D 93 -12.65 -12.76 -50.60
C GLU D 93 -12.96 -13.36 -49.23
N ILE D 94 -13.12 -12.51 -48.21
CA ILE D 94 -13.45 -12.98 -46.85
C ILE D 94 -14.83 -13.62 -46.82
N ILE D 95 -15.80 -13.01 -47.53
CA ILE D 95 -17.14 -13.59 -47.67
C ILE D 95 -17.08 -14.90 -48.45
N LEU D 96 -16.30 -14.94 -49.55
CA LEU D 96 -16.19 -16.14 -50.36
C LEU D 96 -15.40 -17.25 -49.65
N PHE D 97 -14.51 -16.89 -48.73
CA PHE D 97 -13.79 -17.90 -47.96
C PHE D 97 -14.41 -18.20 -46.61
N ALA D 98 -15.46 -17.48 -46.22
CA ALA D 98 -16.27 -17.92 -45.09
C ALA D 98 -17.12 -19.12 -45.46
N TRP D 99 -17.42 -19.29 -46.75
CA TRP D 99 -18.04 -20.50 -47.28
C TRP D 99 -17.03 -21.55 -47.68
N ALA D 100 -15.81 -21.15 -48.05
CA ALA D 100 -14.82 -22.12 -48.48
C ALA D 100 -14.08 -22.73 -47.28
N GLU D 101 -13.63 -21.90 -46.35
CA GLU D 101 -12.91 -22.40 -45.18
C GLU D 101 -13.80 -22.65 -43.98
N GLY D 102 -14.93 -21.95 -43.89
CA GLY D 102 -15.89 -22.23 -42.82
C GLY D 102 -16.57 -23.57 -42.99
N ARG D 103 -16.86 -23.96 -44.23
CA ARG D 103 -17.35 -25.31 -44.48
C ARG D 103 -16.23 -26.33 -44.38
N ARG D 104 -14.99 -25.90 -44.60
CA ARG D 104 -13.83 -26.74 -44.31
C ARG D 104 -13.58 -26.87 -42.81
N TRP D 105 -13.99 -25.87 -42.04
CA TRP D 105 -13.88 -25.92 -40.58
C TRP D 105 -14.76 -27.02 -39.99
N ALA D 106 -15.92 -27.29 -40.59
CA ALA D 106 -16.79 -28.34 -40.08
C ALA D 106 -16.26 -29.73 -40.38
N ASP D 107 -15.51 -29.89 -41.48
CA ASP D 107 -14.98 -31.20 -41.85
C ASP D 107 -13.86 -31.63 -40.91
N ILE D 108 -13.08 -30.69 -40.40
CA ILE D 108 -12.06 -31.02 -39.42
C ILE D 108 -12.69 -31.40 -38.09
N ILE D 109 -13.74 -30.69 -37.69
CA ILE D 109 -14.42 -30.98 -36.44
C ILE D 109 -15.28 -32.24 -36.56
N ASN D 110 -16.19 -32.26 -37.53
CA ASN D 110 -17.09 -33.39 -37.75
C ASN D 110 -16.81 -33.98 -39.13
N PRO D 111 -16.11 -35.11 -39.21
CA PRO D 111 -15.86 -35.72 -40.54
C PRO D 111 -17.12 -36.32 -41.13
N GLY D 112 -17.26 -36.17 -42.45
CA GLY D 112 -18.38 -36.74 -43.17
C GLY D 112 -19.71 -36.06 -42.95
N CYS D 113 -19.72 -34.74 -42.83
CA CYS D 113 -20.96 -33.99 -42.61
C CYS D 113 -21.22 -32.92 -43.65
N VAL D 114 -20.19 -32.28 -44.17
CA VAL D 114 -20.33 -31.27 -45.22
C VAL D 114 -19.99 -31.82 -46.60
N ASN D 115 -20.07 -33.14 -46.77
CA ASN D 115 -19.79 -33.76 -48.07
C ASN D 115 -20.98 -33.73 -49.01
N VAL D 116 -22.13 -33.20 -48.60
CA VAL D 116 -23.33 -33.17 -49.41
C VAL D 116 -23.62 -31.73 -49.81
N ASP D 117 -23.82 -31.51 -51.10
CA ASP D 117 -24.16 -30.19 -51.66
C ASP D 117 -25.53 -29.76 -51.17
N PRO D 118 -25.67 -28.58 -50.55
CA PRO D 118 -26.97 -28.19 -49.97
C PRO D 118 -28.00 -27.76 -50.98
N VAL D 119 -27.58 -27.16 -52.09
CA VAL D 119 -28.52 -26.72 -53.11
C VAL D 119 -29.12 -27.91 -53.85
N PHE D 120 -28.28 -28.86 -54.24
CA PHE D 120 -28.73 -30.09 -54.89
C PHE D 120 -28.24 -31.29 -54.09
N PRO D 121 -29.12 -32.02 -53.41
CA PRO D 121 -28.67 -33.10 -52.51
C PRO D 121 -28.13 -34.33 -53.24
N ASN D 122 -28.34 -34.45 -54.56
CA ASN D 122 -27.80 -35.58 -55.29
C ASN D 122 -26.30 -35.48 -55.49
N ASN D 123 -25.77 -34.25 -55.55
CA ASN D 123 -24.33 -34.06 -55.69
C ASN D 123 -23.64 -34.25 -54.35
N LYS D 124 -22.57 -35.04 -54.35
CA LYS D 124 -21.83 -35.30 -53.13
C LYS D 124 -20.37 -35.54 -53.47
N LEU D 125 -19.50 -35.39 -52.47
CA LEU D 125 -18.07 -35.58 -52.66
C LEU D 125 -17.70 -37.03 -52.36
N THR D 126 -16.92 -37.62 -53.25
CA THR D 126 -16.44 -38.99 -53.07
C THR D 126 -15.12 -39.00 -52.28
N GLY D 127 -15.25 -38.64 -51.01
CA GLY D 127 -14.09 -38.59 -50.12
C GLY D 127 -14.37 -39.18 -48.76
N THR D 128 -13.38 -39.87 -48.20
CA THR D 128 -13.52 -40.54 -46.91
C THR D 128 -12.52 -40.09 -45.86
N ASP D 129 -11.51 -39.32 -46.22
CA ASP D 129 -10.46 -38.91 -45.30
C ASP D 129 -10.53 -37.40 -45.11
N VAL D 130 -10.17 -36.95 -43.92
CA VAL D 130 -10.21 -35.53 -43.57
C VAL D 130 -9.03 -34.84 -44.24
N GLY D 131 -9.31 -33.76 -44.96
CA GLY D 131 -8.29 -33.03 -45.68
C GLY D 131 -8.17 -33.37 -47.14
N TYR D 132 -8.85 -34.41 -47.60
CA TYR D 132 -8.84 -34.87 -48.98
C TYR D 132 -10.29 -35.04 -49.40
N PRO D 133 -10.94 -33.97 -49.85
CA PRO D 133 -12.40 -34.02 -50.00
C PRO D 133 -12.87 -34.81 -51.21
N GLY D 134 -12.13 -34.82 -52.30
CA GLY D 134 -12.56 -35.57 -53.47
C GLY D 134 -13.69 -34.88 -54.21
N GLY D 135 -14.51 -35.68 -54.89
CA GLY D 135 -15.62 -35.15 -55.64
C GLY D 135 -15.20 -34.57 -56.97
N LEU D 136 -16.18 -34.06 -57.71
CA LEU D 136 -15.90 -33.50 -59.03
C LEU D 136 -15.27 -32.12 -58.96
N TRP D 137 -15.57 -31.34 -57.92
CA TRP D 137 -15.04 -29.98 -57.82
C TRP D 137 -13.56 -29.97 -57.42
N PHE D 138 -13.09 -30.99 -56.74
CA PHE D 138 -11.73 -31.00 -56.21
C PHE D 138 -10.86 -32.10 -56.79
N ASP D 139 -11.43 -33.22 -57.20
CA ASP D 139 -10.70 -34.32 -57.84
C ASP D 139 -11.44 -34.74 -59.10
N PRO D 140 -11.37 -33.94 -60.17
CA PRO D 140 -12.13 -34.28 -61.39
C PRO D 140 -11.53 -35.40 -62.20
N LEU D 141 -10.27 -35.78 -61.96
CA LEU D 141 -9.63 -36.86 -62.68
C LEU D 141 -9.64 -38.19 -61.92
N GLY D 142 -9.99 -38.18 -60.64
CA GLY D 142 -10.12 -39.40 -59.88
C GLY D 142 -8.83 -40.08 -59.51
N TRP D 143 -7.70 -39.37 -59.56
CA TRP D 143 -6.41 -39.98 -59.23
C TRP D 143 -6.23 -40.17 -57.73
N GLY D 144 -6.90 -39.35 -56.91
CA GLY D 144 -6.77 -39.44 -55.48
C GLY D 144 -7.63 -40.50 -54.80
N GLN D 145 -8.48 -41.17 -55.55
CA GLN D 145 -9.34 -42.24 -55.03
C GLN D 145 -8.92 -43.54 -55.69
N THR D 146 -7.98 -44.24 -55.06
CA THR D 146 -7.46 -45.50 -55.56
C THR D 146 -7.74 -46.61 -54.56
N GLY D 147 -7.90 -47.83 -55.08
CA GLY D 147 -8.16 -48.97 -54.21
C GLY D 147 -6.98 -49.36 -53.34
N ASP D 148 -5.77 -49.34 -53.90
CA ASP D 148 -4.58 -49.70 -53.14
C ASP D 148 -4.17 -48.54 -52.24
N ALA D 149 -3.69 -48.87 -51.05
CA ALA D 149 -3.33 -47.87 -50.05
C ALA D 149 -1.86 -47.47 -50.08
N ALA D 150 -0.98 -48.31 -50.64
CA ALA D 150 0.44 -47.96 -50.69
C ALA D 150 0.70 -46.89 -51.74
N LYS D 151 0.06 -47.00 -52.90
CA LYS D 151 0.17 -45.96 -53.93
C LYS D 151 -0.55 -44.69 -53.50
N LEU D 152 -1.65 -44.82 -52.78
CA LEU D 152 -2.40 -43.66 -52.29
C LEU D 152 -1.63 -42.89 -51.22
N LYS D 153 -0.87 -43.61 -50.39
CA LYS D 153 -0.08 -42.95 -49.36
C LYS D 153 1.12 -42.22 -49.96
N ASP D 154 1.75 -42.84 -50.97
CA ASP D 154 2.90 -42.23 -51.63
C ASP D 154 2.50 -41.00 -52.45
N LEU D 155 1.32 -41.03 -53.07
CA LEU D 155 0.83 -39.86 -53.78
C LEU D 155 0.48 -38.72 -52.82
N ARG D 156 -0.02 -39.03 -51.63
CA ARG D 156 -0.21 -37.99 -50.62
C ARG D 156 1.12 -37.55 -50.03
N THR D 157 2.11 -38.45 -49.99
CA THR D 157 3.45 -38.08 -49.56
C THR D 157 4.11 -37.19 -50.61
N ARG D 158 3.82 -37.46 -51.89
CA ARG D 158 4.31 -36.61 -52.97
C ARG D 158 3.69 -35.22 -52.92
N GLU D 159 2.45 -35.13 -52.42
CA GLU D 159 1.78 -33.83 -52.28
C GLU D 159 2.38 -33.01 -51.15
N ILE D 160 2.69 -33.66 -50.02
CA ILE D 160 3.24 -32.96 -48.86
C ILE D 160 4.64 -32.46 -49.16
N LYS D 161 5.50 -33.33 -49.71
CA LYS D 161 6.89 -32.94 -49.94
C LYS D 161 7.04 -31.91 -51.05
N ASN D 162 6.12 -31.91 -52.02
CA ASN D 162 6.06 -30.80 -52.96
C ASN D 162 5.57 -29.53 -52.29
N GLY D 163 4.72 -29.68 -51.26
CA GLY D 163 4.24 -28.51 -50.55
C GLY D 163 5.31 -27.84 -49.72
N ARG D 164 6.03 -28.61 -48.89
CA ARG D 164 6.99 -28.07 -47.94
C ARG D 164 8.23 -27.48 -48.60
N LEU D 165 8.52 -27.86 -49.84
CA LEU D 165 9.53 -27.13 -50.61
C LEU D 165 9.05 -25.73 -50.96
N ALA D 166 7.75 -25.57 -51.23
CA ALA D 166 7.22 -24.25 -51.57
C ALA D 166 7.07 -23.35 -50.34
N MET D 167 6.74 -23.94 -49.18
CA MET D 167 6.75 -23.18 -47.92
C MET D 167 8.15 -22.70 -47.55
N LEU D 168 9.19 -23.40 -47.96
CA LEU D 168 10.52 -22.83 -47.90
C LEU D 168 10.72 -21.77 -48.98
N ALA D 169 10.06 -21.93 -50.12
CA ALA D 169 10.26 -21.03 -51.25
C ALA D 169 9.54 -19.70 -51.08
N VAL D 170 8.27 -19.73 -50.64
CA VAL D 170 7.52 -18.50 -50.44
C VAL D 170 8.08 -17.71 -49.25
N LEU D 171 8.47 -18.42 -48.17
CA LEU D 171 9.23 -17.78 -47.11
C LEU D 171 10.59 -17.30 -47.62
N GLY D 172 11.20 -18.07 -48.51
CA GLY D 172 12.42 -17.64 -49.17
C GLY D 172 12.23 -16.44 -50.06
N ALA D 173 11.06 -16.32 -50.70
CA ALA D 173 10.79 -15.15 -51.52
C ALA D 173 10.52 -13.91 -50.67
N VAL D 174 9.98 -14.10 -49.46
CA VAL D 174 9.69 -12.97 -48.57
C VAL D 174 10.98 -12.33 -48.07
N VAL D 175 11.92 -13.15 -47.59
CA VAL D 175 13.16 -12.62 -47.02
C VAL D 175 14.09 -12.10 -48.11
N GLN D 176 14.04 -12.69 -49.31
CA GLN D 176 14.82 -12.17 -50.43
C GLN D 176 14.35 -10.79 -50.87
N ALA D 177 13.03 -10.54 -50.82
CA ALA D 177 12.51 -9.22 -51.12
C ALA D 177 12.85 -8.22 -50.01
N ASN D 178 12.94 -8.68 -48.77
CA ASN D 178 13.31 -7.81 -47.67
C ASN D 178 14.80 -7.50 -47.65
N TYR D 179 15.62 -8.42 -48.15
CA TYR D 179 17.08 -8.26 -48.10
C TYR D 179 17.62 -7.65 -49.39
N THR D 180 17.32 -8.26 -50.52
CA THR D 180 17.91 -7.84 -51.80
C THR D 180 17.08 -6.80 -52.53
N HIS D 181 15.80 -6.66 -52.18
CA HIS D 181 14.82 -5.79 -52.85
C HIS D 181 14.73 -6.09 -54.35
N THR D 182 14.81 -7.39 -54.68
CA THR D 182 14.89 -7.85 -56.04
C THR D 182 14.02 -9.11 -56.16
N GLY D 183 13.43 -9.32 -57.33
CA GLY D 183 12.64 -10.50 -57.60
C GLY D 183 13.45 -11.77 -57.55
N PRO D 184 12.85 -12.84 -57.01
CA PRO D 184 13.60 -14.10 -56.80
C PRO D 184 14.05 -14.81 -58.07
N ILE D 185 13.41 -14.56 -59.22
CA ILE D 185 13.96 -15.06 -60.48
C ILE D 185 15.22 -14.27 -60.83
N ASP D 186 15.22 -12.97 -60.57
CA ASP D 186 16.41 -12.16 -60.79
C ASP D 186 17.49 -12.46 -59.76
N ASN D 187 17.11 -12.90 -58.56
CA ASN D 187 18.10 -13.40 -57.61
C ASN D 187 18.68 -14.73 -58.05
N LEU D 188 17.89 -15.54 -58.75
CA LEU D 188 18.40 -16.82 -59.27
C LEU D 188 19.40 -16.59 -60.39
N LEU D 189 19.08 -15.68 -61.32
CA LEU D 189 19.97 -15.44 -62.45
C LEU D 189 21.23 -14.67 -62.03
N ALA D 190 21.15 -13.86 -60.98
CA ALA D 190 22.35 -13.27 -60.41
C ALA D 190 23.20 -14.34 -59.72
N HIS D 191 22.56 -15.32 -59.09
CA HIS D 191 23.28 -16.41 -58.47
C HIS D 191 23.76 -17.44 -59.50
N LEU D 192 23.08 -17.56 -60.64
CA LEU D 192 23.53 -18.50 -61.66
C LEU D 192 24.75 -18.01 -62.41
N ALA D 193 25.03 -16.70 -62.37
CA ALA D 193 26.22 -16.17 -63.02
C ALA D 193 27.47 -16.44 -62.18
N ASP D 194 27.50 -15.92 -60.95
CA ASP D 194 28.63 -16.09 -60.04
C ASP D 194 28.06 -16.61 -58.73
N PRO D 195 27.93 -17.94 -58.57
CA PRO D 195 27.39 -18.47 -57.32
C PRO D 195 28.34 -18.38 -56.13
N GLY D 196 29.63 -18.13 -56.37
CA GLY D 196 30.55 -17.98 -55.26
C GLY D 196 30.32 -16.71 -54.46
N HIS D 197 29.96 -15.62 -55.14
CA HIS D 197 29.84 -14.31 -54.51
C HIS D 197 28.41 -13.83 -54.36
N ASN D 198 27.55 -14.05 -55.36
CA ASN D 198 26.18 -13.55 -55.32
C ASN D 198 25.34 -14.47 -54.43
N THR D 199 25.39 -14.19 -53.14
CA THR D 199 24.70 -14.99 -52.11
C THR D 199 24.09 -14.03 -51.11
N ILE D 200 23.72 -14.56 -49.94
CA ILE D 200 23.21 -13.72 -48.85
C ILE D 200 24.32 -12.84 -48.27
N PHE D 201 25.58 -13.26 -48.40
CA PHE D 201 26.71 -12.48 -47.90
C PHE D 201 27.28 -11.54 -48.95
N ALA D 202 26.57 -11.32 -50.06
CA ALA D 202 26.93 -10.29 -51.01
C ALA D 202 26.54 -8.90 -50.52
N LEU D 203 25.64 -8.83 -49.52
CA LEU D 203 25.18 -7.60 -48.86
C LEU D 203 24.57 -6.58 -49.82
N ARG E 1 55.72 -49.36 -20.30
CA ARG E 1 55.29 -49.02 -18.94
C ARG E 1 55.82 -47.65 -18.52
N SER E 2 56.00 -46.75 -19.49
CA SER E 2 56.47 -45.41 -19.19
C SER E 2 55.36 -44.59 -18.53
N LEU E 3 55.70 -43.93 -17.42
CA LEU E 3 54.72 -43.19 -16.63
C LEU E 3 55.33 -41.85 -16.24
N ILE E 4 54.72 -40.75 -16.69
CA ILE E 4 55.18 -39.41 -16.36
C ILE E 4 54.01 -38.59 -15.84
N PHE E 5 54.31 -37.72 -14.86
CA PHE E 5 53.43 -36.64 -14.40
C PHE E 5 52.14 -37.16 -13.78
N ALA E 6 52.24 -38.29 -13.10
CA ALA E 6 51.07 -39.04 -12.64
C ALA E 6 50.84 -38.83 -11.15
N SER E 7 49.64 -39.21 -10.70
CA SER E 7 49.25 -39.17 -9.30
C SER E 7 48.41 -40.40 -9.00
N LYS E 8 48.22 -40.69 -7.72
CA LYS E 8 47.40 -41.84 -7.33
C LYS E 8 45.93 -41.63 -7.66
N GLN E 9 45.47 -40.37 -7.72
CA GLN E 9 44.15 -40.08 -8.25
C GLN E 9 44.09 -40.37 -9.74
N SER E 10 45.18 -40.10 -10.46
CA SER E 10 45.20 -40.27 -11.91
C SER E 10 45.28 -41.73 -12.33
N LEU E 11 45.99 -42.57 -11.57
CA LEU E 11 46.12 -43.98 -11.91
C LEU E 11 44.96 -44.82 -11.42
N SER E 12 43.96 -44.22 -10.75
CA SER E 12 42.78 -44.98 -10.37
C SER E 12 41.91 -45.32 -11.58
N TYR E 13 41.95 -44.50 -12.62
CA TYR E 13 41.20 -44.76 -13.84
C TYR E 13 42.06 -44.93 -15.08
N LEU E 14 43.30 -44.42 -15.09
CA LEU E 14 44.20 -44.60 -16.22
C LEU E 14 44.99 -45.88 -15.98
N ASP E 15 44.41 -47.01 -16.38
CA ASP E 15 45.00 -48.32 -16.14
C ASP E 15 45.83 -48.85 -17.29
N GLY E 16 45.93 -48.11 -18.40
CA GLY E 16 46.77 -48.50 -19.51
C GLY E 16 46.06 -49.08 -20.72
N THR E 17 44.74 -49.14 -20.71
CA THR E 17 44.01 -49.62 -21.88
C THR E 17 43.89 -48.56 -22.97
N LEU E 18 44.20 -47.31 -22.67
CA LEU E 18 44.19 -46.23 -23.63
C LEU E 18 45.46 -46.25 -24.48
N PRO E 19 45.42 -45.69 -25.69
CA PRO E 19 46.66 -45.60 -26.50
C PRO E 19 47.72 -44.70 -25.89
N GLY E 20 47.38 -43.48 -25.55
CA GLY E 20 48.35 -42.56 -24.98
C GLY E 20 48.30 -42.48 -23.47
N ASP E 21 48.12 -43.62 -22.82
CA ASP E 21 47.98 -43.70 -21.37
C ASP E 21 49.36 -43.59 -20.73
N TYR E 22 49.82 -42.36 -20.56
CA TYR E 22 51.06 -42.08 -19.86
C TYR E 22 50.84 -41.55 -18.45
N GLY E 23 49.59 -41.51 -17.99
CA GLY E 23 49.28 -41.10 -16.63
C GLY E 23 49.21 -39.61 -16.41
N PHE E 24 49.38 -38.79 -17.43
CA PHE E 24 49.39 -37.33 -17.28
C PHE E 24 47.95 -36.86 -17.10
N ASP E 25 47.54 -36.69 -15.85
CA ASP E 25 46.28 -36.03 -15.52
C ASP E 25 46.38 -35.43 -14.12
N PRO E 26 47.05 -34.27 -13.99
CA PRO E 26 47.16 -33.65 -12.66
C PRO E 26 45.87 -33.06 -12.17
N LEU E 27 45.02 -32.57 -13.07
CA LEU E 27 43.77 -31.93 -12.69
C LEU E 27 42.67 -32.94 -12.39
N GLY E 28 42.74 -34.14 -12.94
CA GLY E 28 41.72 -35.14 -12.70
C GLY E 28 40.48 -34.92 -13.52
N LEU E 29 40.62 -35.01 -14.85
CA LEU E 29 39.55 -34.72 -15.79
C LEU E 29 38.83 -35.95 -16.31
N MET E 30 39.46 -37.12 -16.38
CA MET E 30 38.80 -38.31 -16.89
C MET E 30 38.33 -39.19 -15.70
N ASP E 31 37.89 -38.54 -14.64
CA ASP E 31 37.42 -39.28 -13.47
C ASP E 31 36.02 -39.82 -13.73
N PRO E 32 35.80 -41.13 -13.58
CA PRO E 32 34.45 -41.69 -13.81
C PRO E 32 33.47 -41.46 -12.68
N GLU E 33 33.90 -40.88 -11.56
CA GLU E 33 33.00 -40.63 -10.44
C GLU E 33 32.02 -39.51 -10.75
N GLY E 34 32.50 -38.47 -11.45
CA GLY E 34 31.66 -37.35 -11.81
C GLY E 34 31.52 -37.19 -13.31
N ALA E 35 31.30 -38.30 -14.01
CA ALA E 35 31.15 -38.28 -15.46
C ALA E 35 29.85 -37.60 -15.85
N GLY E 36 29.94 -36.63 -16.76
CA GLY E 36 28.77 -35.87 -17.16
C GLY E 36 28.54 -35.84 -18.65
N GLY E 37 28.35 -34.65 -19.20
CA GLY E 37 28.04 -34.51 -20.61
C GLY E 37 29.27 -34.55 -21.49
N PHE E 38 30.24 -33.69 -21.21
CA PHE E 38 31.47 -33.63 -21.98
C PHE E 38 32.72 -33.92 -21.16
N ILE E 39 32.67 -33.82 -19.84
CA ILE E 39 33.76 -34.25 -18.98
C ILE E 39 33.39 -35.65 -18.48
N ASP E 40 33.79 -36.66 -19.23
CA ASP E 40 33.47 -38.05 -18.94
C ASP E 40 34.49 -38.94 -19.64
N PRO E 41 34.73 -40.16 -19.13
CA PRO E 41 35.75 -41.03 -19.75
C PRO E 41 35.36 -41.63 -21.10
N GLN E 42 34.17 -41.36 -21.64
CA GLN E 42 33.79 -41.88 -22.94
C GLN E 42 33.99 -40.88 -24.07
N TRP E 43 33.87 -39.58 -23.77
CA TRP E 43 33.99 -38.52 -24.77
C TRP E 43 35.41 -37.96 -24.85
N LEU E 44 36.09 -37.84 -23.70
CA LEU E 44 37.40 -37.21 -23.60
C LEU E 44 38.53 -37.93 -24.34
N PRO E 45 38.68 -39.27 -24.31
CA PRO E 45 39.64 -39.88 -25.25
C PRO E 45 39.23 -39.72 -26.70
N TYR E 46 37.94 -39.72 -26.98
CA TYR E 46 37.42 -39.49 -28.32
C TYR E 46 37.51 -38.02 -28.72
N ALA E 47 37.52 -37.10 -27.74
CA ALA E 47 37.76 -35.69 -28.05
C ALA E 47 39.21 -35.44 -28.42
N GLU E 48 40.14 -36.14 -27.76
CA GLU E 48 41.56 -36.02 -28.07
C GLU E 48 41.87 -36.60 -29.45
N ILE E 49 41.09 -37.59 -29.89
CA ILE E 49 41.28 -38.18 -31.21
C ILE E 49 40.89 -37.19 -32.30
N ILE E 50 39.72 -36.57 -32.17
CA ILE E 50 39.23 -35.66 -33.21
C ILE E 50 40.01 -34.35 -33.18
N ASN E 51 40.36 -33.86 -31.99
CA ASN E 51 41.26 -32.71 -31.90
C ASN E 51 42.67 -33.07 -32.35
N GLY E 52 43.08 -34.33 -32.18
CA GLY E 52 44.38 -34.74 -32.67
C GLY E 52 44.44 -34.81 -34.19
N ARG E 53 43.41 -35.40 -34.81
CA ARG E 53 43.41 -35.58 -36.25
C ARG E 53 43.17 -34.27 -37.00
N PHE E 54 42.40 -33.35 -36.40
CA PHE E 54 42.24 -32.04 -37.01
C PHE E 54 43.49 -31.18 -36.83
N ALA E 55 44.26 -31.41 -35.76
CA ALA E 55 45.52 -30.70 -35.61
C ALA E 55 46.62 -31.29 -36.49
N MET E 56 46.62 -32.60 -36.72
CA MET E 56 47.55 -33.18 -37.70
C MET E 56 47.21 -32.75 -39.11
N LEU E 57 45.93 -32.56 -39.42
CA LEU E 57 45.56 -31.85 -40.64
C LEU E 57 45.80 -30.35 -40.53
N GLY E 58 45.91 -29.84 -39.31
CA GLY E 58 46.13 -28.42 -39.10
C GLY E 58 47.59 -28.01 -39.06
N ALA E 59 48.42 -28.79 -38.35
CA ALA E 59 49.84 -28.46 -38.26
C ALA E 59 50.56 -28.73 -39.57
N ALA E 60 50.15 -29.77 -40.30
CA ALA E 60 50.72 -30.01 -41.62
C ALA E 60 50.18 -29.01 -42.62
N GLY E 61 48.92 -28.60 -42.49
CA GLY E 61 48.29 -27.74 -43.48
C GLY E 61 48.66 -26.28 -43.38
N ALA E 62 49.08 -25.81 -42.20
CA ALA E 62 49.45 -24.42 -42.02
C ALA E 62 50.89 -24.14 -42.40
N ILE E 63 51.67 -25.17 -42.69
CA ILE E 63 53.07 -24.99 -43.07
C ILE E 63 53.33 -25.45 -44.50
N ALA E 64 52.46 -26.29 -45.08
CA ALA E 64 52.65 -26.79 -46.44
C ALA E 64 52.63 -25.75 -47.56
N PRO E 65 51.75 -24.72 -47.59
CA PRO E 65 51.93 -23.67 -48.63
C PRO E 65 53.17 -22.81 -48.44
N GLU E 66 53.76 -22.76 -47.24
CA GLU E 66 54.98 -21.99 -47.06
C GLU E 66 56.24 -22.78 -47.41
N VAL E 67 56.24 -24.09 -47.13
CA VAL E 67 57.39 -24.92 -47.50
C VAL E 67 57.46 -25.11 -49.01
N LEU E 68 56.31 -25.35 -49.64
CA LEU E 68 56.26 -25.59 -51.08
C LEU E 68 56.54 -24.33 -51.90
N GLY E 69 56.42 -23.14 -51.30
CA GLY E 69 56.77 -21.93 -52.01
C GLY E 69 58.25 -21.63 -52.06
N ARG E 70 58.99 -22.04 -51.04
CA ARG E 70 60.44 -21.83 -51.03
C ARG E 70 61.14 -22.78 -51.99
N ILE E 71 60.63 -24.01 -52.13
CA ILE E 71 61.24 -24.97 -53.05
C ILE E 71 60.73 -24.85 -54.47
N GLY E 72 59.69 -24.04 -54.70
CA GLY E 72 59.23 -23.75 -56.04
C GLY E 72 58.40 -24.83 -56.69
N LEU E 73 57.27 -25.17 -56.08
CA LEU E 73 56.31 -26.07 -56.68
C LEU E 73 54.89 -25.51 -56.76
N ILE E 74 54.59 -24.43 -56.05
CA ILE E 74 53.30 -23.77 -56.12
C ILE E 74 53.55 -22.31 -56.49
N PRO E 75 52.55 -21.63 -57.07
CA PRO E 75 52.69 -20.18 -57.32
C PRO E 75 52.79 -19.38 -56.04
N GLN E 76 53.48 -18.24 -56.13
CA GLN E 76 53.75 -17.41 -54.97
C GLN E 76 52.52 -16.67 -54.45
N GLU E 77 51.45 -16.58 -55.26
CA GLU E 77 50.21 -15.99 -54.80
C GLU E 77 49.53 -16.86 -53.75
N THR E 78 49.64 -18.19 -53.90
CA THR E 78 49.11 -19.13 -52.92
C THR E 78 50.17 -19.59 -51.92
N ALA E 79 51.44 -19.18 -52.10
CA ALA E 79 52.52 -19.55 -51.18
C ALA E 79 52.60 -18.53 -50.05
N ILE E 80 51.57 -18.56 -49.21
CA ILE E 80 51.31 -17.54 -48.20
C ILE E 80 51.13 -18.21 -46.84
N PRO E 81 51.40 -17.51 -45.73
CA PRO E 81 51.12 -18.06 -44.41
C PRO E 81 49.63 -18.25 -44.16
N TRP E 82 49.34 -19.04 -43.13
CA TRP E 82 47.98 -19.52 -42.89
C TRP E 82 47.06 -18.41 -42.40
N PHE E 83 47.59 -17.42 -41.66
CA PHE E 83 46.73 -16.40 -41.07
C PHE E 83 46.28 -15.38 -42.11
N GLN E 84 47.14 -15.04 -43.06
CA GLN E 84 46.78 -14.13 -44.15
C GLN E 84 46.31 -14.88 -45.40
N SER E 85 45.41 -15.84 -45.18
CA SER E 85 44.90 -16.72 -46.23
C SER E 85 43.38 -16.74 -46.24
N GLY E 86 42.74 -15.65 -45.81
CA GLY E 86 41.31 -15.60 -45.71
C GLY E 86 40.74 -16.09 -44.40
N VAL E 87 41.58 -16.62 -43.51
CA VAL E 87 41.10 -17.06 -42.21
C VAL E 87 40.81 -15.87 -41.32
N ILE E 88 41.79 -14.99 -41.17
CA ILE E 88 41.64 -13.73 -40.47
C ILE E 88 41.82 -12.61 -41.50
N PRO E 89 40.73 -12.08 -42.04
CA PRO E 89 40.83 -11.03 -43.09
C PRO E 89 41.40 -9.69 -42.62
N PRO E 90 41.41 -9.36 -41.28
CA PRO E 90 42.34 -8.33 -40.80
C PRO E 90 43.81 -8.47 -41.18
N VAL E 91 44.46 -9.59 -40.85
CA VAL E 91 45.88 -9.71 -41.13
C VAL E 91 46.17 -10.06 -42.58
N GLY E 92 45.15 -10.36 -43.37
CA GLY E 92 45.32 -10.63 -44.77
C GLY E 92 44.18 -11.43 -45.36
N ASN E 93 43.77 -11.06 -46.57
CA ASN E 93 42.67 -11.72 -47.25
C ASN E 93 43.14 -12.10 -48.65
N TYR E 94 42.93 -13.35 -49.03
CA TYR E 94 43.26 -13.83 -50.36
C TYR E 94 41.97 -14.17 -51.09
N SER E 95 41.89 -13.76 -52.35
CA SER E 95 40.67 -13.91 -53.14
C SER E 95 40.61 -15.33 -53.71
N TYR E 96 39.67 -16.13 -53.21
CA TYR E 96 39.41 -17.46 -53.75
C TYR E 96 38.32 -17.35 -54.80
N TRP E 97 37.76 -18.49 -55.21
CA TRP E 97 36.61 -18.48 -56.11
C TRP E 97 35.35 -17.98 -55.42
N ALA E 98 35.30 -18.00 -54.08
CA ALA E 98 34.21 -17.45 -53.31
C ALA E 98 34.77 -16.65 -52.15
N ASP E 99 33.99 -15.66 -51.69
CA ASP E 99 34.31 -14.97 -50.46
C ASP E 99 34.15 -15.94 -49.28
N PRO E 100 34.96 -15.78 -48.22
CA PRO E 100 34.98 -16.80 -47.14
C PRO E 100 33.70 -16.90 -46.32
N TYR E 101 32.81 -15.91 -46.38
CA TYR E 101 31.54 -16.04 -45.69
C TYR E 101 30.61 -17.00 -46.41
N THR E 102 30.62 -16.98 -47.75
CA THR E 102 29.91 -18.00 -48.51
C THR E 102 30.60 -19.36 -48.38
N LEU E 103 31.93 -19.36 -48.32
CA LEU E 103 32.69 -20.59 -48.15
C LEU E 103 32.48 -21.20 -46.77
N PHE E 104 32.14 -20.38 -45.77
CA PHE E 104 31.81 -20.90 -44.44
C PHE E 104 30.47 -21.63 -44.46
N VAL E 105 29.50 -21.13 -45.24
CA VAL E 105 28.22 -21.82 -45.36
C VAL E 105 28.39 -23.13 -46.12
N LEU E 106 29.26 -23.14 -47.13
CA LEU E 106 29.62 -24.37 -47.81
C LEU E 106 30.40 -25.30 -46.89
N GLU E 107 31.15 -24.73 -45.94
CA GLU E 107 31.90 -25.53 -44.98
C GLU E 107 30.99 -26.26 -44.01
N MET E 108 30.10 -25.52 -43.32
CA MET E 108 29.20 -26.14 -42.37
C MET E 108 28.08 -26.95 -43.01
N ALA E 109 27.84 -26.79 -44.32
CA ALA E 109 26.96 -27.73 -44.99
C ALA E 109 27.65 -29.08 -45.18
N LEU E 110 28.91 -29.06 -45.61
CA LEU E 110 29.65 -30.30 -45.78
C LEU E 110 30.17 -30.86 -44.46
N MET E 111 30.52 -30.00 -43.49
CA MET E 111 30.81 -30.48 -42.15
C MET E 111 29.54 -30.97 -41.46
N GLY E 112 28.40 -30.34 -41.75
CA GLY E 112 27.14 -30.80 -41.17
C GLY E 112 26.66 -32.11 -41.73
N PHE E 113 27.09 -32.46 -42.93
CA PHE E 113 26.85 -33.78 -43.49
C PHE E 113 27.95 -34.77 -43.15
N ALA E 114 28.97 -34.34 -42.40
CA ALA E 114 30.07 -35.21 -42.01
C ALA E 114 30.24 -35.34 -40.51
N GLU E 115 29.97 -34.30 -39.73
CA GLU E 115 30.13 -34.36 -38.29
C GLU E 115 28.85 -34.68 -37.55
N HIS E 116 27.68 -34.47 -38.16
CA HIS E 116 26.45 -35.00 -37.59
C HIS E 116 26.42 -36.51 -37.68
N ARG E 117 26.94 -37.07 -38.78
CA ARG E 117 27.10 -38.52 -38.89
C ARG E 117 28.14 -39.03 -37.89
N ARG E 118 29.18 -38.24 -37.64
CA ARG E 118 30.17 -38.61 -36.64
C ARG E 118 29.61 -38.46 -35.22
N ALA E 119 28.64 -37.57 -35.03
CA ALA E 119 28.08 -37.36 -33.70
C ALA E 119 27.22 -38.53 -33.26
N GLN E 120 26.31 -38.99 -34.13
CA GLN E 120 25.34 -39.99 -33.73
C GLN E 120 25.91 -41.39 -33.66
N ASP E 121 27.10 -41.62 -34.22
CA ASP E 121 27.80 -42.87 -34.00
C ASP E 121 28.42 -42.95 -32.60
N TYR E 122 28.73 -41.80 -32.02
CA TYR E 122 29.22 -41.78 -30.65
C TYR E 122 28.11 -42.12 -29.67
N TYR E 123 26.91 -41.58 -29.89
CA TYR E 123 25.81 -41.81 -28.96
C TYR E 123 25.25 -43.22 -29.09
N LYS E 124 25.23 -43.76 -30.31
CA LYS E 124 24.90 -45.17 -30.52
C LYS E 124 25.69 -45.70 -31.72
N PRO E 125 26.58 -46.66 -31.50
CA PRO E 125 27.43 -47.14 -32.60
C PRO E 125 26.66 -48.03 -33.57
N GLY E 126 26.91 -47.83 -34.86
CA GLY E 126 26.30 -48.63 -35.90
C GLY E 126 24.89 -48.23 -36.29
N SER E 127 24.34 -47.19 -35.68
CA SER E 127 22.97 -46.77 -35.94
C SER E 127 22.84 -45.84 -37.14
N MET E 128 23.95 -45.48 -37.77
CA MET E 128 23.92 -44.60 -38.93
C MET E 128 23.95 -45.35 -40.25
N GLY E 129 24.51 -46.56 -40.27
CA GLY E 129 24.53 -47.36 -41.48
C GLY E 129 23.28 -48.16 -41.75
N LYS E 130 22.12 -47.57 -41.53
CA LYS E 130 20.82 -48.18 -41.80
C LYS E 130 19.97 -47.38 -42.77
N GLN E 131 19.92 -46.06 -42.62
CA GLN E 131 19.18 -45.20 -43.53
C GLN E 131 19.95 -45.04 -44.84
N TYR E 132 19.21 -44.81 -45.92
CA TYR E 132 19.82 -44.70 -47.24
C TYR E 132 20.58 -43.38 -47.37
N PHE E 133 21.85 -43.46 -47.73
CA PHE E 133 22.69 -42.29 -47.99
C PHE E 133 23.54 -42.60 -49.22
N LEU E 134 23.00 -42.28 -50.40
CA LEU E 134 23.69 -42.31 -51.71
C LEU E 134 24.22 -43.70 -52.09
N GLY E 135 23.66 -44.77 -51.53
CA GLY E 135 24.14 -46.10 -51.83
C GLY E 135 25.45 -46.49 -51.17
N LEU E 136 25.93 -45.67 -50.24
CA LEU E 136 27.23 -45.88 -49.59
C LEU E 136 27.10 -45.99 -48.07
N GLU E 137 25.90 -46.24 -47.57
CA GLU E 137 25.67 -46.32 -46.13
C GLU E 137 26.18 -47.62 -45.51
N LYS E 138 26.46 -48.64 -46.33
CA LYS E 138 26.95 -49.90 -45.79
C LYS E 138 28.37 -49.79 -45.28
N PHE E 139 29.20 -48.98 -45.94
CA PHE E 139 30.58 -48.79 -45.52
C PHE E 139 30.70 -47.90 -44.29
N LEU E 140 29.73 -47.02 -44.05
CA LEU E 140 29.77 -46.09 -42.93
C LEU E 140 29.03 -46.65 -41.72
N GLY E 141 29.51 -47.79 -41.24
CA GLY E 141 28.91 -48.42 -40.08
C GLY E 141 29.68 -48.16 -38.80
N GLY E 142 31.00 -48.29 -38.86
CA GLY E 142 31.85 -48.03 -37.72
C GLY E 142 31.94 -49.22 -36.78
N SER E 143 32.89 -49.12 -35.85
CA SER E 143 33.11 -50.13 -34.83
C SER E 143 32.40 -49.71 -33.54
N GLY E 144 32.64 -50.46 -32.47
CA GLY E 144 32.08 -50.08 -31.18
C GLY E 144 32.72 -48.82 -30.62
N ASN E 145 34.03 -48.70 -30.76
CA ASN E 145 34.73 -47.49 -30.36
C ASN E 145 34.56 -46.45 -31.47
N PRO E 146 33.93 -45.30 -31.20
CA PRO E 146 33.63 -44.35 -32.29
C PRO E 146 34.84 -43.58 -32.79
N ALA E 147 35.97 -43.63 -32.09
CA ALA E 147 37.17 -42.94 -32.59
C ALA E 147 37.79 -43.68 -33.76
N TYR E 148 37.59 -44.99 -33.85
CA TYR E 148 38.18 -45.82 -34.90
C TYR E 148 37.08 -46.65 -35.55
N PRO E 149 36.46 -46.13 -36.62
CA PRO E 149 35.48 -46.93 -37.37
C PRO E 149 36.11 -48.10 -38.10
N GLY E 150 37.14 -47.81 -38.91
CA GLY E 150 37.87 -48.85 -39.62
C GLY E 150 37.09 -49.59 -40.69
N GLY E 151 36.23 -48.88 -41.40
CA GLY E 151 35.42 -49.51 -42.43
C GLY E 151 36.14 -49.58 -43.76
N PRO E 152 35.38 -49.79 -44.84
CA PRO E 152 35.98 -49.79 -46.18
C PRO E 152 36.42 -48.42 -46.67
N ILE E 153 36.04 -47.34 -46.00
CA ILE E 153 36.41 -45.99 -46.40
C ILE E 153 37.51 -45.43 -45.52
N PHE E 154 37.35 -45.55 -44.19
CA PHE E 154 38.32 -45.01 -43.25
C PHE E 154 39.49 -45.96 -42.99
N ASN E 155 39.49 -47.14 -43.59
CA ASN E 155 40.61 -48.06 -43.53
C ASN E 155 40.81 -48.68 -44.91
N PHE E 156 40.81 -47.85 -45.95
CA PHE E 156 40.73 -48.32 -47.33
C PHE E 156 42.06 -48.88 -47.86
N LEU E 157 43.15 -48.76 -47.11
CA LEU E 157 44.31 -49.61 -47.35
C LEU E 157 44.35 -50.83 -46.43
N GLY E 158 43.51 -50.86 -45.40
CA GLY E 158 43.50 -51.97 -44.46
C GLY E 158 44.76 -52.09 -43.62
N PHE E 159 45.37 -50.97 -43.27
CA PHE E 159 46.64 -50.97 -42.56
C PHE E 159 46.36 -51.08 -41.07
N GLY E 160 46.92 -52.11 -40.43
CA GLY E 160 46.63 -52.38 -39.04
C GLY E 160 45.61 -53.49 -38.86
N LYS E 161 45.80 -54.61 -39.56
CA LYS E 161 44.85 -55.71 -39.47
C LYS E 161 45.00 -56.47 -38.15
N ASN E 162 46.24 -56.68 -37.70
CA ASN E 162 46.46 -57.37 -36.44
C ASN E 162 46.07 -56.49 -35.25
N GLU E 163 45.56 -57.12 -34.20
CA GLU E 163 45.10 -56.38 -33.03
C GLU E 163 46.28 -55.83 -32.23
N LYS E 164 47.38 -56.57 -32.17
CA LYS E 164 48.59 -56.06 -31.52
C LYS E 164 49.23 -54.96 -32.34
N GLU E 165 49.18 -55.06 -33.67
CA GLU E 165 49.74 -54.02 -34.53
C GLU E 165 48.90 -52.75 -34.48
N LEU E 166 47.57 -52.89 -34.45
CA LEU E 166 46.69 -51.73 -34.48
C LEU E 166 46.72 -50.96 -33.16
N GLN E 167 46.86 -51.68 -32.03
CA GLN E 167 46.88 -51.03 -30.72
C GLN E 167 48.17 -50.24 -30.51
N GLU E 168 49.31 -50.79 -30.95
CA GLU E 168 50.58 -50.07 -30.84
C GLU E 168 50.64 -48.90 -31.82
N LEU E 169 49.98 -49.02 -32.97
CA LEU E 169 49.90 -47.92 -33.93
C LEU E 169 48.96 -46.82 -33.46
N LYS E 170 48.01 -47.14 -32.58
CA LYS E 170 47.17 -46.11 -31.97
C LYS E 170 47.96 -45.22 -31.02
N VAL E 171 49.04 -45.75 -30.44
CA VAL E 171 49.92 -44.94 -29.59
C VAL E 171 50.67 -43.93 -30.44
N LYS E 172 51.08 -44.32 -31.64
CA LYS E 172 51.78 -43.39 -32.54
C LYS E 172 50.83 -42.34 -33.12
N GLU E 173 49.53 -42.62 -33.15
CA GLU E 173 48.59 -41.63 -33.65
C GLU E 173 48.36 -40.51 -32.65
N VAL E 174 48.21 -40.86 -31.37
CA VAL E 174 47.94 -39.83 -30.36
C VAL E 174 49.20 -39.04 -30.01
N LYS E 175 50.37 -39.67 -30.07
CA LYS E 175 51.60 -38.95 -29.76
C LYS E 175 51.96 -37.99 -30.89
N ASN E 176 51.70 -38.39 -32.13
CA ASN E 176 51.76 -37.42 -33.23
C ASN E 176 50.57 -36.48 -33.19
N GLY E 177 49.43 -36.93 -32.65
CA GLY E 177 48.30 -36.05 -32.48
C GLY E 177 48.55 -34.96 -31.45
N ARG E 178 49.13 -35.33 -30.29
CA ARG E 178 49.38 -34.36 -29.23
C ARG E 178 50.46 -33.36 -29.60
N LEU E 179 51.46 -33.79 -30.37
CA LEU E 179 52.48 -32.88 -30.85
C LEU E 179 51.91 -31.86 -31.83
N ALA E 180 50.90 -32.26 -32.59
CA ALA E 180 50.28 -31.35 -33.55
C ALA E 180 49.39 -30.31 -32.88
N MET E 181 48.76 -30.64 -31.75
CA MET E 181 48.00 -29.64 -31.01
C MET E 181 48.91 -28.58 -30.41
N MET E 182 50.07 -28.99 -29.88
CA MET E 182 51.05 -28.02 -29.41
C MET E 182 51.72 -27.28 -30.57
N ALA E 183 51.71 -27.87 -31.77
CA ALA E 183 52.20 -27.16 -32.94
C ALA E 183 51.23 -26.07 -33.37
N VAL E 184 49.93 -26.37 -33.41
CA VAL E 184 48.94 -25.37 -33.81
C VAL E 184 48.81 -24.27 -32.76
N LEU E 185 48.87 -24.65 -31.48
CA LEU E 185 49.00 -23.66 -30.41
C LEU E 185 50.32 -22.91 -30.51
N GLY E 186 51.39 -23.61 -30.91
CA GLY E 186 52.63 -22.94 -31.25
C GLY E 186 52.52 -22.10 -32.50
N TYR E 187 51.69 -22.52 -33.47
CA TYR E 187 51.45 -21.69 -34.64
C TYR E 187 50.64 -20.45 -34.30
N PHE E 188 49.77 -20.55 -33.30
CA PHE E 188 48.88 -19.45 -32.96
C PHE E 188 49.64 -18.32 -32.26
N THR E 189 50.53 -18.67 -31.33
CA THR E 189 51.25 -17.67 -30.56
C THR E 189 52.35 -17.01 -31.39
N GLN E 190 52.96 -17.75 -32.31
CA GLN E 190 53.95 -17.16 -33.21
C GLN E 190 53.32 -16.24 -34.24
N ALA E 191 52.05 -16.47 -34.59
CA ALA E 191 51.39 -15.59 -35.54
C ALA E 191 51.05 -14.23 -34.94
N ILE E 192 50.85 -14.18 -33.63
CA ILE E 192 50.55 -12.93 -32.95
C ILE E 192 51.82 -12.21 -32.52
N PHE E 193 52.81 -12.96 -32.03
CA PHE E 193 54.05 -12.35 -31.55
C PHE E 193 54.96 -11.93 -32.71
N THR E 194 55.36 -12.90 -33.54
CA THR E 194 56.27 -12.58 -34.64
C THR E 194 55.56 -11.89 -35.79
N GLY E 195 54.31 -12.23 -36.07
CA GLY E 195 53.58 -11.66 -37.18
C GLY E 195 53.94 -12.20 -38.53
N VAL E 196 54.72 -13.29 -38.59
CA VAL E 196 55.15 -13.90 -39.83
C VAL E 196 54.88 -15.39 -39.68
N GLY E 197 54.77 -16.09 -40.81
CA GLY E 197 54.40 -17.49 -40.85
C GLY E 197 55.38 -18.43 -40.19
N PRO E 198 54.93 -19.64 -39.85
CA PRO E 198 55.75 -20.54 -39.03
C PRO E 198 56.96 -21.12 -39.74
N PHE E 199 56.93 -21.26 -41.07
CA PHE E 199 58.12 -21.74 -41.75
C PHE E 199 59.19 -20.67 -41.84
N GLN E 200 58.79 -19.40 -41.91
CA GLN E 200 59.76 -18.31 -41.80
C GLN E 200 60.29 -18.20 -40.38
N ASN E 201 59.47 -18.58 -39.38
CA ASN E 201 59.94 -18.61 -38.00
C ASN E 201 60.97 -19.69 -37.77
N LEU E 202 60.84 -20.82 -38.47
CA LEU E 202 61.87 -21.86 -38.38
C LEU E 202 63.14 -21.44 -39.10
N LEU E 203 63.00 -20.77 -40.25
CA LEU E 203 64.18 -20.35 -41.02
C LEU E 203 64.90 -19.18 -40.37
N ASP E 204 64.18 -18.34 -39.64
CA ASP E 204 64.83 -17.26 -38.90
C ASP E 204 65.60 -17.80 -37.70
N HIS E 205 65.06 -18.83 -37.05
CA HIS E 205 65.72 -19.41 -35.88
C HIS E 205 66.89 -20.29 -36.26
N LEU E 206 66.86 -20.89 -37.45
CA LEU E 206 67.93 -21.80 -37.87
C LEU E 206 69.20 -21.05 -38.30
N ALA E 207 69.10 -19.76 -38.59
CA ALA E 207 70.27 -18.96 -38.95
C ALA E 207 70.96 -18.40 -37.71
N ASP E 208 70.23 -17.61 -36.92
CA ASP E 208 70.74 -17.03 -35.68
C ASP E 208 69.81 -17.46 -34.54
N PRO E 209 70.13 -18.56 -33.84
CA PRO E 209 69.22 -19.01 -32.78
C PRO E 209 69.27 -18.15 -31.53
N VAL E 210 70.40 -17.48 -31.25
CA VAL E 210 70.49 -16.63 -30.07
C VAL E 210 69.96 -15.22 -30.30
N HIS E 211 69.60 -14.89 -31.54
CA HIS E 211 69.04 -13.59 -31.86
C HIS E 211 67.64 -13.66 -32.45
N ASN E 212 67.07 -14.86 -32.60
CA ASN E 212 65.73 -15.02 -33.14
C ASN E 212 64.94 -16.03 -32.31
N ASN E 213 65.04 -15.94 -31.00
CA ASN E 213 64.28 -16.79 -30.10
C ASN E 213 62.98 -16.09 -29.68
N VAL E 214 62.30 -16.64 -28.68
CA VAL E 214 61.08 -16.02 -28.16
C VAL E 214 61.41 -14.75 -27.37
N LEU E 215 62.57 -14.70 -26.72
CA LEU E 215 62.92 -13.57 -25.88
C LEU E 215 63.32 -12.35 -26.71
N THR E 216 64.03 -12.58 -27.81
CA THR E 216 64.44 -11.46 -28.66
C THR E 216 63.28 -10.92 -29.47
N ASN E 217 62.45 -11.80 -30.03
CA ASN E 217 61.36 -11.40 -30.91
C ASN E 217 60.11 -11.30 -30.05
N LEU E 218 59.91 -10.11 -29.47
CA LEU E 218 58.79 -9.74 -28.60
C LEU E 218 58.62 -10.67 -27.39
N ARG F 1 -33.67 -32.90 -40.34
CA ARG F 1 -33.99 -31.55 -40.81
C ARG F 1 -32.70 -30.78 -41.10
N PRO F 2 -32.76 -29.83 -42.03
CA PRO F 2 -31.61 -28.94 -42.23
C PRO F 2 -31.41 -28.01 -41.05
N LEU F 3 -30.16 -27.65 -40.81
CA LEU F 3 -29.79 -26.81 -39.69
C LEU F 3 -29.02 -25.59 -40.18
N TRP F 4 -28.81 -24.63 -39.28
CA TRP F 4 -28.07 -23.42 -39.61
C TRP F 4 -26.58 -23.69 -39.80
N LEU F 5 -26.06 -24.77 -39.23
CA LEU F 5 -24.65 -25.07 -39.31
C LEU F 5 -24.48 -26.57 -39.45
N PRO F 6 -23.97 -27.06 -40.58
CA PRO F 6 -23.76 -28.50 -40.73
C PRO F 6 -22.61 -28.98 -39.85
N GLY F 7 -22.80 -30.16 -39.26
CA GLY F 7 -21.84 -30.67 -38.29
C GLY F 7 -22.00 -30.14 -36.90
N SER F 8 -23.01 -29.29 -36.65
CA SER F 8 -23.27 -28.75 -35.34
C SER F 8 -24.50 -29.43 -34.75
N GLU F 9 -24.42 -29.77 -33.47
CA GLU F 9 -25.54 -30.42 -32.79
C GLU F 9 -26.65 -29.41 -32.54
N ALA F 10 -27.88 -29.82 -32.84
CA ALA F 10 -29.04 -28.99 -32.55
C ALA F 10 -29.25 -28.89 -31.04
N PRO F 11 -29.70 -27.73 -30.55
CA PRO F 11 -29.99 -27.59 -29.13
C PRO F 11 -31.19 -28.43 -28.69
N LYS F 12 -31.21 -28.78 -27.40
CA LYS F 12 -32.24 -29.68 -26.89
C LYS F 12 -33.61 -29.00 -26.81
N TRP F 13 -33.65 -27.67 -26.79
CA TRP F 13 -34.93 -26.97 -26.70
C TRP F 13 -35.55 -26.84 -28.09
N LEU F 14 -34.75 -26.46 -29.09
CA LEU F 14 -35.24 -26.42 -30.47
C LEU F 14 -35.21 -27.84 -31.01
N ASP F 15 -36.36 -28.51 -30.97
CA ASP F 15 -36.44 -29.92 -31.37
C ASP F 15 -36.94 -30.12 -32.79
N GLY F 16 -37.38 -29.07 -33.46
CA GLY F 16 -37.84 -29.16 -34.83
C GLY F 16 -39.34 -29.16 -35.03
N SER F 17 -40.13 -28.93 -33.98
CA SER F 17 -41.57 -28.83 -34.14
C SER F 17 -41.95 -27.44 -34.64
N LEU F 18 -41.26 -26.43 -34.12
CA LEU F 18 -41.57 -25.03 -34.40
C LEU F 18 -41.31 -24.72 -35.88
N PRO F 19 -42.25 -24.07 -36.58
CA PRO F 19 -41.98 -23.64 -37.96
C PRO F 19 -40.80 -22.69 -38.04
N GLY F 20 -39.84 -23.01 -38.91
CA GLY F 20 -38.69 -22.16 -39.09
C GLY F 20 -37.53 -22.53 -38.19
N ASP F 21 -37.43 -23.80 -37.79
CA ASP F 21 -36.44 -24.22 -36.80
C ASP F 21 -35.24 -24.78 -37.54
N TYR F 22 -34.11 -24.09 -37.42
CA TYR F 22 -32.86 -24.54 -38.02
C TYR F 22 -31.78 -24.70 -36.96
N GLY F 23 -32.19 -24.91 -35.71
CA GLY F 23 -31.31 -25.14 -34.59
C GLY F 23 -30.39 -23.97 -34.31
N PHE F 24 -30.88 -22.75 -34.48
CA PHE F 24 -30.05 -21.55 -34.39
C PHE F 24 -30.29 -20.82 -33.07
N ASP F 25 -29.69 -21.35 -32.01
CA ASP F 25 -29.62 -20.62 -30.74
C ASP F 25 -28.19 -20.71 -30.15
N PRO F 26 -27.15 -20.18 -30.85
CA PRO F 26 -25.77 -20.35 -30.37
C PRO F 26 -25.47 -19.73 -29.01
N LEU F 27 -26.15 -18.65 -28.66
CA LEU F 27 -25.90 -17.92 -27.43
C LEU F 27 -26.83 -18.34 -26.29
N ASP F 28 -27.75 -19.28 -26.56
CA ASP F 28 -28.66 -19.89 -25.59
C ASP F 28 -29.64 -18.88 -25.00
N LEU F 29 -30.46 -18.31 -25.87
CA LEU F 29 -31.39 -17.24 -25.48
C LEU F 29 -32.79 -17.78 -25.26
N ALA F 30 -32.99 -19.08 -25.47
CA ALA F 30 -34.27 -19.75 -25.33
C ALA F 30 -34.09 -21.11 -24.68
N ALA F 31 -33.03 -21.26 -23.85
CA ALA F 31 -32.74 -22.53 -23.20
C ALA F 31 -33.78 -22.88 -22.15
N GLU F 32 -33.93 -22.02 -21.11
CA GLU F 32 -34.80 -22.07 -19.94
C GLU F 32 -36.18 -22.67 -20.20
N PRO F 33 -36.74 -23.41 -19.24
CA PRO F 33 -38.09 -23.97 -19.45
C PRO F 33 -39.15 -22.89 -19.38
N GLY F 34 -40.02 -22.88 -20.39
CA GLY F 34 -41.03 -21.85 -20.48
C GLY F 34 -40.59 -20.60 -21.22
N ARG F 35 -39.35 -20.54 -21.69
CA ARG F 35 -38.84 -19.35 -22.35
C ARG F 35 -39.12 -19.37 -23.85
N LEU F 36 -39.13 -20.55 -24.47
CA LEU F 36 -39.34 -20.64 -25.92
C LEU F 36 -40.78 -20.35 -26.32
N ASN F 37 -41.69 -20.26 -25.35
CA ASN F 37 -43.07 -19.87 -25.61
C ASN F 37 -43.16 -18.37 -25.78
N TRP F 38 -42.29 -17.63 -25.09
CA TRP F 38 -42.22 -16.18 -25.20
C TRP F 38 -41.45 -15.76 -26.44
N MET F 39 -40.45 -16.53 -26.85
CA MET F 39 -39.60 -16.08 -27.95
C MET F 39 -40.21 -16.40 -29.30
N VAL F 40 -41.27 -17.19 -29.36
CA VAL F 40 -41.93 -17.39 -30.64
C VAL F 40 -42.91 -16.25 -30.88
N GLN F 41 -43.61 -15.84 -29.81
CA GLN F 41 -44.53 -14.71 -29.86
C GLN F 41 -43.79 -13.42 -30.16
N ALA F 42 -42.53 -13.34 -29.74
CA ALA F 42 -41.70 -12.18 -29.95
C ALA F 42 -41.22 -12.17 -31.39
N GLU F 43 -40.88 -13.35 -31.90
CA GLU F 43 -40.54 -13.52 -33.30
C GLU F 43 -41.72 -13.24 -34.21
N LEU F 44 -42.95 -13.53 -33.76
CA LEU F 44 -44.06 -13.40 -34.70
C LEU F 44 -44.51 -11.96 -34.87
N VAL F 45 -44.50 -11.16 -33.81
CA VAL F 45 -44.82 -9.74 -33.96
C VAL F 45 -43.71 -9.03 -34.71
N HIS F 46 -42.44 -9.35 -34.38
CA HIS F 46 -41.30 -8.71 -35.03
C HIS F 46 -41.25 -9.04 -36.51
N CYS F 47 -41.57 -10.28 -36.89
CA CYS F 47 -41.56 -10.64 -38.30
C CYS F 47 -42.72 -9.99 -39.03
N ARG F 48 -43.89 -9.93 -38.39
CA ARG F 48 -45.02 -9.29 -39.04
C ARG F 48 -44.92 -7.76 -39.03
N TRP F 49 -44.26 -7.17 -38.02
CA TRP F 49 -44.05 -5.73 -38.09
C TRP F 49 -42.97 -5.37 -39.10
N ALA F 50 -42.04 -6.29 -39.38
CA ALA F 50 -41.00 -6.03 -40.37
C ALA F 50 -41.51 -6.22 -41.79
N MET F 51 -42.38 -7.22 -42.00
CA MET F 51 -43.08 -7.31 -43.28
C MET F 51 -44.06 -6.18 -43.48
N LEU F 52 -44.67 -5.66 -42.40
CA LEU F 52 -45.34 -4.37 -42.52
C LEU F 52 -44.33 -3.24 -42.68
N GLY F 53 -43.16 -3.38 -42.06
CA GLY F 53 -42.11 -2.37 -42.22
C GLY F 53 -41.52 -2.38 -43.61
N ALA F 54 -41.28 -3.55 -44.18
CA ALA F 54 -40.67 -3.61 -45.51
C ALA F 54 -41.64 -3.19 -46.61
N ALA F 55 -42.94 -3.33 -46.37
CA ALA F 55 -43.93 -2.86 -47.34
C ALA F 55 -44.18 -1.37 -47.25
N GLY F 56 -43.65 -0.69 -46.23
CA GLY F 56 -43.80 0.75 -46.13
C GLY F 56 -42.50 1.51 -46.32
N ILE F 57 -41.39 0.78 -46.33
CA ILE F 57 -40.07 1.37 -46.54
C ILE F 57 -39.64 1.21 -47.99
N PHE F 58 -39.76 0.01 -48.54
CA PHE F 58 -39.22 -0.26 -49.87
C PHE F 58 -40.24 -0.07 -50.98
N ILE F 59 -41.48 -0.53 -50.80
CA ILE F 59 -42.52 -0.46 -51.82
C ILE F 59 -42.96 0.98 -52.14
N PRO F 60 -43.22 1.90 -51.18
CA PRO F 60 -43.47 3.28 -51.60
C PRO F 60 -42.24 4.01 -52.12
N GLU F 61 -41.04 3.61 -51.71
CA GLU F 61 -39.83 4.22 -52.26
C GLU F 61 -39.52 3.71 -53.66
N LEU F 62 -39.85 2.45 -53.95
CA LEU F 62 -39.69 1.91 -55.30
C LEU F 62 -40.65 2.58 -56.28
N LEU F 63 -41.89 2.81 -55.85
CA LEU F 63 -42.87 3.47 -56.70
C LEU F 63 -42.64 4.98 -56.78
N THR F 64 -41.87 5.54 -55.84
CA THR F 64 -41.41 6.92 -56.00
C THR F 64 -40.35 7.01 -57.09
N LYS F 65 -39.50 5.98 -57.20
CA LYS F 65 -38.49 5.94 -58.25
C LYS F 65 -39.12 5.80 -59.63
N ILE F 66 -40.19 5.01 -59.75
CA ILE F 66 -40.98 5.01 -60.97
C ILE F 66 -41.73 6.32 -61.12
N GLY F 67 -42.24 6.86 -60.00
CA GLY F 67 -42.88 8.15 -59.99
C GLY F 67 -44.39 8.16 -60.09
N ILE F 68 -45.06 7.15 -59.54
CA ILE F 68 -46.52 7.09 -59.58
C ILE F 68 -47.15 7.29 -58.21
N LEU F 69 -46.36 7.60 -57.19
CA LEU F 69 -46.90 7.94 -55.87
C LEU F 69 -46.39 9.27 -55.35
N ASN F 70 -45.12 9.61 -55.62
CA ASN F 70 -44.42 10.80 -55.13
C ASN F 70 -44.45 10.90 -53.61
N THR F 71 -44.36 9.76 -52.94
CA THR F 71 -44.29 9.71 -51.48
C THR F 71 -42.89 10.11 -51.01
N PRO F 72 -42.79 10.77 -49.86
CA PRO F 72 -41.46 11.09 -49.32
C PRO F 72 -40.78 9.85 -48.76
N SER F 73 -39.49 10.01 -48.48
CA SER F 73 -38.71 8.92 -47.91
C SER F 73 -39.14 8.63 -46.47
N TRP F 74 -38.93 7.38 -46.05
CA TRP F 74 -39.43 6.92 -44.76
C TRP F 74 -38.69 7.54 -43.58
N TYR F 75 -37.40 7.84 -43.75
CA TYR F 75 -36.63 8.48 -42.69
C TYR F 75 -36.87 9.99 -42.62
N LYS F 76 -37.47 10.57 -43.66
CA LYS F 76 -37.96 11.95 -43.62
C LYS F 76 -39.47 12.02 -43.51
N ALA F 77 -40.14 10.88 -43.35
CA ALA F 77 -41.59 10.85 -43.21
C ALA F 77 -42.07 11.32 -41.85
N GLY F 78 -41.20 11.32 -40.84
CA GLY F 78 -41.57 11.90 -39.55
C GLY F 78 -41.62 13.41 -39.56
N ASP F 79 -40.92 14.05 -40.50
CA ASP F 79 -41.00 15.50 -40.66
C ASP F 79 -42.20 15.95 -41.48
N ALA F 80 -42.88 15.02 -42.16
CA ALA F 80 -44.01 15.39 -43.01
C ALA F 80 -45.22 15.75 -42.17
N THR F 81 -45.94 16.77 -42.64
CA THR F 81 -47.14 17.23 -41.95
C THR F 81 -48.37 16.48 -42.45
N TYR F 82 -49.36 16.35 -41.58
CA TYR F 82 -50.58 15.61 -41.87
C TYR F 82 -51.76 16.41 -41.32
N PHE F 83 -52.92 15.77 -41.24
CA PHE F 83 -54.08 16.35 -40.59
C PHE F 83 -53.97 16.32 -39.06
N ALA F 84 -53.01 15.57 -38.53
CA ALA F 84 -52.78 15.46 -37.10
C ALA F 84 -51.34 15.86 -36.77
N ASP F 85 -51.11 16.22 -35.52
CA ASP F 85 -49.77 16.52 -35.05
C ASP F 85 -48.97 15.23 -34.95
N GLN F 86 -47.68 15.31 -35.29
CA GLN F 86 -46.81 14.13 -35.29
C GLN F 86 -46.57 13.62 -33.88
N GLY F 87 -46.49 14.52 -32.89
CA GLY F 87 -46.43 14.09 -31.51
C GLY F 87 -47.73 13.48 -31.04
N THR F 88 -48.86 14.03 -31.50
CA THR F 88 -50.18 13.52 -31.11
C THR F 88 -50.41 12.11 -31.63
N LEU F 89 -49.99 11.84 -32.88
CA LEU F 89 -50.12 10.52 -33.49
C LEU F 89 -49.31 9.44 -32.79
N PHE F 90 -48.28 9.82 -32.03
CA PHE F 90 -47.57 8.84 -31.21
C PHE F 90 -48.46 8.34 -30.08
N ILE F 91 -49.10 9.25 -29.35
CA ILE F 91 -49.84 8.84 -28.17
C ILE F 91 -51.17 8.17 -28.54
N VAL F 92 -51.82 8.61 -29.62
CA VAL F 92 -53.00 7.92 -30.14
C VAL F 92 -52.66 6.51 -30.61
N GLU F 93 -51.43 6.31 -31.11
CA GLU F 93 -50.97 4.97 -31.44
C GLU F 93 -50.80 4.11 -30.19
N LEU F 94 -50.13 4.63 -29.16
CA LEU F 94 -49.88 3.83 -27.96
C LEU F 94 -51.08 3.75 -27.03
N LEU F 95 -52.15 4.52 -27.23
CA LEU F 95 -53.42 4.13 -26.65
C LEU F 95 -54.07 3.00 -27.43
N LEU F 96 -53.93 2.99 -28.76
CA LEU F 96 -54.42 1.86 -29.52
C LEU F 96 -53.48 0.66 -29.43
N MET F 97 -52.19 0.91 -29.21
CA MET F 97 -51.27 -0.19 -28.92
C MET F 97 -51.43 -0.70 -27.50
N ALA F 98 -52.00 0.11 -26.59
CA ALA F 98 -52.29 -0.37 -25.25
C ALA F 98 -53.44 -1.38 -25.28
N TRP F 99 -54.35 -1.24 -26.24
CA TRP F 99 -55.43 -2.20 -26.34
C TRP F 99 -54.99 -3.45 -27.08
N ALA F 100 -54.37 -3.28 -28.25
CA ALA F 100 -54.13 -4.40 -29.16
C ALA F 100 -53.03 -5.32 -28.65
N GLU F 101 -52.05 -4.78 -27.93
CA GLU F 101 -50.97 -5.62 -27.43
C GLU F 101 -51.31 -6.26 -26.08
N SER F 102 -52.17 -5.62 -25.27
CA SER F 102 -52.56 -6.22 -24.01
C SER F 102 -53.58 -7.33 -24.20
N ARG F 103 -54.38 -7.26 -25.27
CA ARG F 103 -55.15 -8.42 -25.68
C ARG F 103 -54.23 -9.53 -26.17
N ARG F 104 -53.13 -9.15 -26.81
CA ARG F 104 -52.12 -10.11 -27.22
C ARG F 104 -51.28 -10.56 -26.04
N TRP F 105 -51.13 -9.72 -25.01
CA TRP F 105 -50.35 -10.10 -23.82
C TRP F 105 -51.05 -11.18 -23.03
N ALA F 106 -52.38 -11.13 -22.96
CA ALA F 106 -53.11 -12.13 -22.21
C ALA F 106 -53.17 -13.46 -22.94
N ASP F 107 -53.02 -13.45 -24.27
CA ASP F 107 -53.02 -14.68 -25.05
C ASP F 107 -51.75 -15.48 -24.82
N ILE F 108 -50.61 -14.78 -24.67
CA ILE F 108 -49.36 -15.46 -24.36
C ILE F 108 -49.38 -15.98 -22.93
N ALA F 109 -49.91 -15.19 -22.01
CA ALA F 109 -49.94 -15.58 -20.60
C ALA F 109 -50.98 -16.66 -20.35
N ARG F 110 -52.23 -16.40 -20.73
CA ARG F 110 -53.33 -17.35 -20.54
C ARG F 110 -53.96 -17.66 -21.88
N PRO F 111 -53.50 -18.71 -22.57
CA PRO F 111 -54.06 -19.03 -23.89
C PRO F 111 -55.49 -19.52 -23.82
N GLY F 112 -56.27 -19.17 -24.83
CA GLY F 112 -57.67 -19.52 -24.87
C GLY F 112 -58.56 -18.71 -23.95
N SER F 113 -58.13 -17.51 -23.57
CA SER F 113 -58.89 -16.68 -22.64
C SER F 113 -59.49 -15.43 -23.27
N VAL F 114 -58.80 -14.80 -24.22
CA VAL F 114 -59.24 -13.52 -24.76
C VAL F 114 -59.66 -13.67 -26.22
N ASN F 115 -60.09 -14.86 -26.61
CA ASN F 115 -60.65 -15.05 -27.93
C ASN F 115 -62.09 -14.58 -28.05
N THR F 116 -62.75 -14.30 -26.92
CA THR F 116 -64.11 -13.79 -26.93
C THR F 116 -64.12 -12.27 -26.95
N ASP F 117 -65.21 -11.73 -27.48
CA ASP F 117 -65.36 -10.29 -27.64
C ASP F 117 -65.60 -9.62 -26.29
N PRO F 118 -65.03 -8.44 -26.06
CA PRO F 118 -65.34 -7.69 -24.83
C PRO F 118 -66.73 -7.08 -24.83
N ILE F 119 -67.36 -6.86 -25.98
CA ILE F 119 -68.65 -6.18 -26.06
C ILE F 119 -69.76 -7.13 -26.46
N PHE F 120 -69.66 -7.74 -27.65
CA PHE F 120 -70.70 -8.62 -28.19
C PHE F 120 -70.18 -10.05 -28.21
N PRO F 121 -70.39 -10.82 -27.14
CA PRO F 121 -69.65 -12.09 -26.95
C PRO F 121 -70.04 -13.23 -27.88
N ASN F 122 -70.97 -13.03 -28.82
CA ASN F 122 -71.21 -14.04 -29.83
C ASN F 122 -70.08 -14.08 -30.86
N ASN F 123 -69.37 -12.97 -31.03
CA ASN F 123 -68.22 -12.91 -31.94
C ASN F 123 -67.00 -13.46 -31.23
N LYS F 124 -66.58 -14.67 -31.60
CA LYS F 124 -65.45 -15.34 -30.97
C LYS F 124 -64.40 -15.67 -32.03
N LEU F 125 -63.14 -15.50 -31.67
CA LEU F 125 -62.05 -15.84 -32.57
C LEU F 125 -61.87 -17.35 -32.63
N THR F 126 -61.64 -17.86 -33.84
CA THR F 126 -61.55 -19.30 -34.09
C THR F 126 -60.13 -19.84 -33.98
N GLY F 127 -59.18 -19.01 -33.57
CA GLY F 127 -57.80 -19.49 -33.46
C GLY F 127 -57.61 -20.37 -32.23
N THR F 128 -56.86 -21.44 -32.43
CA THR F 128 -56.58 -22.43 -31.38
C THR F 128 -55.15 -22.36 -30.87
N ASP F 129 -54.19 -22.16 -31.76
CA ASP F 129 -52.79 -22.08 -31.37
C ASP F 129 -52.45 -20.68 -30.86
N VAL F 130 -51.43 -20.61 -30.02
CA VAL F 130 -51.01 -19.34 -29.44
C VAL F 130 -50.24 -18.57 -30.50
N GLY F 131 -50.65 -17.33 -30.75
CA GLY F 131 -50.00 -16.52 -31.75
C GLY F 131 -50.66 -16.51 -33.10
N TYR F 132 -51.77 -17.24 -33.25
CA TYR F 132 -52.49 -17.33 -34.52
C TYR F 132 -53.96 -17.05 -34.29
N PRO F 133 -54.34 -15.77 -34.17
CA PRO F 133 -55.73 -15.43 -33.85
C PRO F 133 -56.65 -15.52 -35.07
N GLY F 134 -57.11 -16.75 -35.33
CA GLY F 134 -58.01 -16.96 -36.45
C GLY F 134 -59.40 -16.39 -36.15
N GLY F 135 -59.97 -15.75 -37.15
CA GLY F 135 -61.27 -15.14 -36.99
C GLY F 135 -61.61 -14.34 -38.23
N LEU F 136 -62.79 -13.71 -38.19
CA LEU F 136 -63.24 -12.95 -39.35
C LEU F 136 -62.45 -11.65 -39.52
N TRP F 137 -61.94 -11.10 -38.42
CA TRP F 137 -61.19 -9.85 -38.50
C TRP F 137 -59.77 -10.06 -39.01
N PHE F 138 -59.19 -11.24 -38.81
CA PHE F 138 -57.77 -11.44 -39.09
C PHE F 138 -57.50 -12.44 -40.20
N ASP F 139 -58.28 -13.52 -40.28
CA ASP F 139 -58.12 -14.52 -41.33
C ASP F 139 -59.50 -14.73 -41.95
N PRO F 140 -59.98 -13.81 -42.78
CA PRO F 140 -61.33 -13.96 -43.35
C PRO F 140 -61.42 -15.02 -44.43
N LEU F 141 -60.31 -15.40 -45.03
CA LEU F 141 -60.29 -16.41 -46.07
C LEU F 141 -60.12 -17.83 -45.54
N GLY F 142 -59.87 -17.98 -44.25
CA GLY F 142 -59.74 -19.29 -43.63
C GLY F 142 -58.53 -20.10 -44.06
N TRP F 143 -57.39 -19.44 -44.25
CA TRP F 143 -56.17 -20.11 -44.69
C TRP F 143 -55.34 -20.65 -43.54
N GLY F 144 -55.72 -20.39 -42.30
CA GLY F 144 -55.01 -20.84 -41.13
C GLY F 144 -55.47 -22.16 -40.55
N SER F 145 -56.31 -22.89 -41.26
CA SER F 145 -56.82 -24.18 -40.80
C SER F 145 -56.57 -25.25 -41.86
N GLY F 146 -56.43 -26.48 -41.40
CA GLY F 146 -56.18 -27.61 -42.28
C GLY F 146 -55.38 -28.67 -41.56
N SER F 147 -54.64 -29.46 -42.35
CA SER F 147 -53.77 -30.47 -41.80
C SER F 147 -52.56 -29.84 -41.13
N GLU F 148 -51.98 -30.57 -40.17
CA GLU F 148 -50.86 -30.04 -39.41
C GLU F 148 -49.59 -29.95 -40.25
N ASP F 149 -49.41 -30.87 -41.20
CA ASP F 149 -48.30 -30.77 -42.13
C ASP F 149 -48.50 -29.61 -43.13
N LYS F 150 -49.75 -29.36 -43.51
CA LYS F 150 -50.03 -28.23 -44.39
C LYS F 150 -49.94 -26.91 -43.65
N LEU F 151 -50.33 -26.90 -42.36
CA LEU F 151 -50.27 -25.66 -41.57
C LEU F 151 -48.84 -25.30 -41.21
N LYS F 152 -47.96 -26.30 -41.07
CA LYS F 152 -46.57 -26.03 -40.73
C LYS F 152 -45.83 -25.35 -41.88
N GLU F 153 -46.22 -25.65 -43.13
CA GLU F 153 -45.56 -25.05 -44.28
C GLU F 153 -45.89 -23.57 -44.41
N ILE F 154 -47.15 -23.19 -44.17
CA ILE F 154 -47.51 -21.78 -44.31
C ILE F 154 -47.02 -20.99 -43.10
N ARG F 155 -46.86 -21.64 -41.95
CA ARG F 155 -46.20 -21.01 -40.80
C ARG F 155 -44.69 -20.96 -41.00
N THR F 156 -44.13 -21.87 -41.78
CA THR F 156 -42.73 -21.73 -42.12
C THR F 156 -42.51 -20.57 -43.09
N LYS F 157 -43.44 -20.38 -44.04
CA LYS F 157 -43.39 -19.25 -44.96
C LYS F 157 -43.63 -17.87 -44.36
N GLU F 158 -44.35 -17.74 -43.22
CA GLU F 158 -44.41 -16.46 -42.53
C GLU F 158 -43.03 -16.03 -42.01
N VAL F 159 -42.31 -16.94 -41.36
CA VAL F 159 -41.12 -16.54 -40.63
C VAL F 159 -39.91 -16.49 -41.54
N LYS F 160 -39.92 -17.21 -42.67
CA LYS F 160 -38.78 -17.13 -43.57
C LYS F 160 -38.89 -15.86 -44.40
N ASN F 161 -40.11 -15.50 -44.79
CA ASN F 161 -40.34 -14.16 -45.31
C ASN F 161 -40.23 -13.12 -44.21
N GLY F 162 -40.41 -13.50 -42.95
CA GLY F 162 -40.34 -12.52 -41.89
C GLY F 162 -38.93 -12.21 -41.47
N ARG F 163 -38.04 -13.22 -41.48
CA ARG F 163 -36.65 -13.01 -41.06
C ARG F 163 -35.88 -12.24 -42.12
N LEU F 164 -36.31 -12.35 -43.37
CA LEU F 164 -35.72 -11.60 -44.46
C LEU F 164 -36.10 -10.13 -44.31
N ALA F 165 -37.35 -9.87 -43.91
CA ALA F 165 -37.83 -8.50 -43.75
C ALA F 165 -37.17 -7.83 -42.54
N MET F 166 -36.91 -8.59 -41.47
CA MET F 166 -36.18 -8.07 -40.32
C MET F 166 -34.78 -7.64 -40.71
N LEU F 167 -34.10 -8.46 -41.52
CA LEU F 167 -32.76 -8.13 -41.99
C LEU F 167 -32.82 -6.94 -42.94
N ALA F 168 -33.84 -6.93 -43.81
CA ALA F 168 -34.13 -5.82 -44.71
C ALA F 168 -34.28 -4.50 -43.96
N VAL F 169 -35.24 -4.44 -43.03
CA VAL F 169 -35.54 -3.23 -42.27
C VAL F 169 -34.33 -2.79 -41.43
N LEU F 170 -33.59 -3.75 -40.85
CA LEU F 170 -32.36 -3.40 -40.14
C LEU F 170 -31.28 -2.87 -41.10
N GLY F 171 -31.41 -3.16 -42.39
CA GLY F 171 -30.43 -2.77 -43.37
C GLY F 171 -30.72 -1.35 -43.80
N ALA F 172 -32.00 -1.07 -44.11
CA ALA F 172 -32.46 0.29 -44.42
C ALA F 172 -32.11 1.28 -43.31
N PHE F 173 -32.14 0.83 -42.04
CA PHE F 173 -31.86 1.71 -40.90
C PHE F 173 -30.42 2.17 -40.92
N VAL F 174 -29.49 1.25 -41.19
CA VAL F 174 -28.07 1.57 -41.12
C VAL F 174 -27.66 2.27 -42.41
N GLN F 175 -28.33 1.95 -43.52
CA GLN F 175 -28.10 2.63 -44.80
C GLN F 175 -28.49 4.10 -44.73
N ALA F 176 -29.61 4.40 -44.08
CA ALA F 176 -30.04 5.78 -43.93
C ALA F 176 -29.23 6.53 -42.88
N ASN F 177 -28.43 5.83 -42.08
CA ASN F 177 -27.61 6.46 -41.04
C ASN F 177 -26.25 6.89 -41.57
N VAL F 178 -25.61 6.08 -42.40
CA VAL F 178 -24.26 6.37 -42.85
C VAL F 178 -24.19 6.85 -44.30
N THR F 179 -25.23 6.62 -45.11
CA THR F 179 -25.23 7.10 -46.49
C THR F 179 -26.24 8.20 -46.76
N HIS F 180 -27.32 8.29 -45.95
CA HIS F 180 -28.39 9.29 -46.04
C HIS F 180 -29.09 9.29 -47.40
N VAL F 181 -29.16 8.12 -48.04
CA VAL F 181 -29.89 7.91 -49.29
C VAL F 181 -30.90 6.79 -49.04
N GLY F 182 -32.11 6.93 -49.62
CA GLY F 182 -33.13 5.91 -49.52
C GLY F 182 -32.71 4.60 -50.16
N PRO F 183 -33.29 3.48 -49.70
CA PRO F 183 -32.72 2.17 -50.03
C PRO F 183 -33.07 1.62 -51.41
N ILE F 184 -34.05 2.16 -52.12
CA ILE F 184 -34.22 1.76 -53.52
C ILE F 184 -33.14 2.41 -54.38
N ASP F 185 -32.75 3.65 -54.05
CA ASP F 185 -31.63 4.28 -54.73
C ASP F 185 -30.30 3.65 -54.36
N ASN F 186 -30.21 3.04 -53.17
CA ASN F 186 -29.04 2.26 -52.82
C ASN F 186 -28.93 0.97 -53.63
N LEU F 187 -30.07 0.37 -53.99
CA LEU F 187 -30.05 -0.76 -54.90
C LEU F 187 -29.65 -0.32 -56.31
N PHE F 188 -30.18 0.80 -56.77
CA PHE F 188 -29.89 1.26 -58.12
C PHE F 188 -28.49 1.85 -58.25
N ALA F 189 -27.88 2.28 -57.15
CA ALA F 189 -26.47 2.64 -57.16
C ALA F 189 -25.57 1.42 -57.01
N HIS F 190 -26.13 0.25 -56.70
CA HIS F 190 -25.34 -0.98 -56.64
C HIS F 190 -25.42 -1.80 -57.92
N LEU F 191 -26.40 -1.55 -58.77
CA LEU F 191 -26.45 -2.18 -60.08
C LEU F 191 -25.71 -1.39 -61.15
N ALA F 192 -25.17 -0.22 -60.80
CA ALA F 192 -24.35 0.56 -61.72
C ALA F 192 -22.87 0.25 -61.51
N ASP F 193 -22.36 0.51 -60.30
CA ASP F 193 -21.00 0.17 -59.90
C ASP F 193 -21.02 -0.64 -58.62
N PRO F 194 -21.09 -1.98 -58.73
CA PRO F 194 -21.22 -2.80 -57.51
C PRO F 194 -19.96 -2.87 -56.69
N TYR F 195 -18.78 -2.80 -57.31
CA TYR F 195 -17.52 -2.91 -56.60
C TYR F 195 -17.03 -1.58 -56.04
N HIS F 196 -17.74 -0.49 -56.31
CA HIS F 196 -17.40 0.81 -55.76
C HIS F 196 -18.45 1.35 -54.80
N THR F 197 -19.61 0.70 -54.68
CA THR F 197 -20.65 1.06 -53.74
C THR F 197 -20.81 -0.09 -52.76
N THR F 198 -19.98 -0.09 -51.72
CA THR F 198 -19.87 -1.18 -50.77
C THR F 198 -19.77 -0.52 -49.40
N ILE F 199 -19.99 -1.29 -48.32
CA ILE F 199 -20.01 -0.77 -46.95
C ILE F 199 -18.66 -0.20 -46.52
N LEU F 200 -17.55 -0.63 -47.14
CA LEU F 200 -16.26 -0.02 -46.83
C LEU F 200 -16.11 1.34 -47.49
N GLN F 201 -16.67 1.51 -48.69
CA GLN F 201 -16.63 2.81 -49.35
C GLN F 201 -17.56 3.80 -48.68
N SER F 202 -18.68 3.33 -48.15
CA SER F 202 -19.60 4.19 -47.40
C SER F 202 -19.21 4.34 -45.94
N LEU F 203 -18.21 3.58 -45.49
CA LEU F 203 -17.69 3.56 -44.11
C LEU F 203 -18.77 3.27 -43.06
N ALA G 1 -5.71 -15.50 35.99
CA ALA G 1 -5.52 -14.39 35.08
C ALA G 1 -6.41 -14.53 33.85
N HIS G 2 -5.86 -15.10 32.78
CA HIS G 2 -6.66 -15.37 31.60
C HIS G 2 -7.59 -16.55 31.85
N SER G 3 -8.78 -16.47 31.25
CA SER G 3 -9.81 -17.50 31.41
C SER G 3 -9.88 -18.32 30.14
N VAL G 4 -9.47 -19.58 30.22
CA VAL G 4 -9.53 -20.51 29.10
C VAL G 4 -10.71 -21.44 29.34
N LYS G 5 -11.63 -21.48 28.38
CA LYS G 5 -12.85 -22.25 28.50
C LYS G 5 -12.91 -23.31 27.41
N ILE G 6 -13.28 -24.53 27.80
CA ILE G 6 -13.43 -25.64 26.88
C ILE G 6 -14.92 -25.88 26.69
N TYR G 7 -15.35 -26.05 25.45
CA TYR G 7 -16.75 -26.25 25.13
C TYR G 7 -16.97 -27.69 24.69
N ASP G 8 -18.24 -28.07 24.58
CA ASP G 8 -18.60 -29.47 24.35
C ASP G 8 -18.47 -29.90 22.90
N THR G 9 -18.00 -29.02 22.01
CA THR G 9 -17.75 -29.36 20.62
C THR G 9 -16.41 -30.07 20.43
N CYS G 10 -15.64 -30.27 21.50
CA CYS G 10 -14.31 -30.86 21.41
C CYS G 10 -14.37 -32.33 21.03
N ILE G 11 -13.43 -32.74 20.20
CA ILE G 11 -13.33 -34.12 19.73
C ILE G 11 -12.20 -34.88 20.39
N GLY G 12 -11.49 -34.26 21.35
CA GLY G 12 -10.38 -34.91 22.01
C GLY G 12 -9.18 -35.17 21.13
N CYS G 13 -8.84 -34.24 20.25
CA CYS G 13 -7.75 -34.43 19.30
C CYS G 13 -6.38 -34.16 19.90
N THR G 14 -6.33 -33.58 21.11
CA THR G 14 -5.21 -33.41 22.04
C THR G 14 -4.25 -32.28 21.57
N GLN G 15 -4.37 -31.78 20.33
CA GLN G 15 -3.43 -30.80 19.76
C GLN G 15 -3.51 -29.41 20.39
N CYS G 16 -4.55 -29.12 21.17
CA CYS G 16 -4.56 -27.90 21.97
C CYS G 16 -3.58 -28.00 23.13
N VAL G 17 -3.46 -29.20 23.72
CA VAL G 17 -2.48 -29.43 24.78
C VAL G 17 -1.06 -29.43 24.20
N ARG G 18 -0.89 -30.02 23.02
CA ARG G 18 0.43 -30.11 22.40
C ARG G 18 0.94 -28.75 21.94
N ALA G 19 0.04 -27.83 21.61
CA ALA G 19 0.43 -26.49 21.22
C ALA G 19 0.61 -25.54 22.40
N CYS G 20 0.28 -25.99 23.62
CA CYS G 20 0.33 -25.11 24.78
C CYS G 20 1.78 -24.93 25.24
N PRO G 21 2.29 -23.72 25.32
CA PRO G 21 3.69 -23.50 25.76
C PRO G 21 3.85 -23.19 27.24
N THR G 22 2.79 -23.14 28.04
CA THR G 22 2.90 -22.90 29.48
C THR G 22 2.12 -23.92 30.29
N ASP G 23 1.80 -25.09 29.70
CA ASP G 23 1.25 -26.27 30.39
C ASP G 23 -0.09 -25.98 31.06
N VAL G 24 -0.95 -25.23 30.38
CA VAL G 24 -2.26 -24.91 30.94
C VAL G 24 -3.24 -26.06 30.74
N LEU G 25 -3.27 -26.62 29.54
CA LEU G 25 -4.32 -27.55 29.18
C LEU G 25 -3.91 -28.99 29.50
N GLU G 26 -4.91 -29.78 29.88
CA GLU G 26 -4.74 -31.21 30.13
C GLU G 26 -5.98 -31.93 29.65
N MET G 27 -5.82 -33.20 29.33
CA MET G 27 -6.90 -34.00 28.76
C MET G 27 -7.51 -34.86 29.87
N VAL G 28 -8.78 -34.60 30.19
CA VAL G 28 -9.50 -35.31 31.24
C VAL G 28 -10.46 -36.28 30.56
N PRO G 29 -10.93 -37.34 31.22
CA PRO G 29 -11.90 -38.23 30.58
C PRO G 29 -13.25 -37.56 30.40
N TRP G 30 -13.98 -38.02 29.39
CA TRP G 30 -15.24 -37.41 28.98
C TRP G 30 -16.04 -38.48 28.25
N ASP G 31 -17.33 -38.20 28.06
CA ASP G 31 -18.23 -39.14 27.41
C ASP G 31 -18.92 -38.56 26.19
N GLY G 32 -18.44 -37.43 25.67
CA GLY G 32 -19.13 -36.73 24.60
C GLY G 32 -18.47 -36.77 23.25
N CYS G 33 -17.51 -37.68 23.04
CA CYS G 33 -16.82 -37.76 21.77
C CYS G 33 -16.33 -39.19 21.54
N LYS G 34 -15.81 -39.43 20.34
CA LYS G 34 -15.26 -40.74 20.00
C LYS G 34 -13.97 -41.02 20.76
N ALA G 35 -13.16 -39.98 20.99
CA ALA G 35 -11.91 -40.14 21.71
C ALA G 35 -12.11 -40.29 23.22
N SER G 36 -13.32 -39.99 23.71
CA SER G 36 -13.72 -40.10 25.13
C SER G 36 -12.83 -39.27 26.04
N GLN G 37 -12.45 -38.08 25.58
CA GLN G 37 -11.64 -37.17 26.36
C GLN G 37 -11.92 -35.74 25.93
N ILE G 38 -11.88 -34.82 26.90
CA ILE G 38 -12.04 -33.40 26.63
C ILE G 38 -10.89 -32.67 27.32
N ALA G 39 -10.56 -31.50 26.80
CA ALA G 39 -9.53 -30.67 27.42
C ALA G 39 -10.11 -29.94 28.63
N SER G 40 -9.22 -29.46 29.48
CA SER G 40 -9.59 -28.63 30.61
C SER G 40 -8.41 -27.71 30.92
N ALA G 41 -8.67 -26.64 31.64
CA ALA G 41 -7.65 -25.64 31.97
C ALA G 41 -7.56 -25.47 33.49
N PRO G 42 -6.87 -26.37 34.19
CA PRO G 42 -6.69 -26.17 35.64
C PRO G 42 -5.68 -25.08 35.96
N ARG G 43 -4.57 -25.03 35.24
CA ARG G 43 -3.54 -24.01 35.43
C ARG G 43 -3.77 -22.82 34.50
N THR G 44 -4.97 -22.27 34.53
CA THR G 44 -5.31 -21.13 33.70
C THR G 44 -4.69 -19.83 34.22
N GLU G 45 -4.17 -19.83 35.45
CA GLU G 45 -3.42 -18.70 35.95
C GLU G 45 -2.02 -18.62 35.32
N ASP G 46 -1.54 -19.72 34.73
CA ASP G 46 -0.27 -19.74 34.04
C ASP G 46 -0.41 -19.40 32.56
N CYS G 47 -1.60 -19.05 32.10
CA CYS G 47 -1.86 -18.83 30.68
C CYS G 47 -1.30 -17.48 30.26
N VAL G 48 -0.39 -17.50 29.27
CA VAL G 48 0.09 -16.25 28.70
C VAL G 48 -1.00 -15.59 27.85
N GLY G 49 -1.86 -16.38 27.24
CA GLY G 49 -2.88 -15.86 26.33
C GLY G 49 -2.52 -15.93 24.87
N CYS G 50 -1.56 -16.79 24.49
CA CYS G 50 -1.02 -16.79 23.13
C CYS G 50 -1.97 -17.35 22.09
N LYS G 51 -2.99 -18.11 22.52
CA LYS G 51 -4.00 -18.75 21.67
C LYS G 51 -3.38 -19.66 20.61
N ARG G 52 -2.32 -20.36 21.00
CA ARG G 52 -1.78 -21.44 20.17
C ARG G 52 -2.74 -22.62 20.14
N CYS G 53 -3.50 -22.81 21.23
CA CYS G 53 -4.51 -23.85 21.28
C CYS G 53 -5.66 -23.56 20.33
N GLU G 54 -6.04 -22.29 20.20
CA GLU G 54 -7.08 -21.90 19.25
C GLU G 54 -6.60 -22.03 17.82
N SER G 55 -5.29 -21.84 17.57
CA SER G 55 -4.75 -22.04 16.24
C SER G 55 -4.69 -23.53 15.87
N ALA G 56 -4.54 -24.40 16.86
CA ALA G 56 -4.45 -25.84 16.62
C ALA G 56 -5.76 -26.58 16.79
N CYS G 57 -6.85 -25.89 17.09
CA CYS G 57 -8.13 -26.55 17.28
C CYS G 57 -8.81 -26.73 15.93
N PRO G 58 -9.09 -27.95 15.48
CA PRO G 58 -9.74 -28.16 14.19
C PRO G 58 -11.26 -28.07 14.21
N THR G 59 -11.86 -27.83 15.36
CA THR G 59 -13.31 -27.78 15.47
C THR G 59 -13.80 -26.39 15.06
N ASP G 60 -14.84 -26.36 14.23
CA ASP G 60 -15.48 -25.12 13.79
C ASP G 60 -16.88 -25.02 14.41
N PHE G 61 -17.10 -24.03 15.28
CA PHE G 61 -16.10 -23.08 15.75
C PHE G 61 -15.37 -23.68 16.96
N LEU G 62 -14.43 -22.93 17.53
CA LEU G 62 -13.39 -23.49 18.39
C LEU G 62 -13.96 -24.03 19.68
N SER G 63 -13.33 -25.10 20.17
CA SER G 63 -13.73 -25.71 21.42
C SER G 63 -12.95 -25.14 22.59
N VAL G 64 -11.64 -24.99 22.43
CA VAL G 64 -10.85 -24.21 23.37
C VAL G 64 -10.97 -22.73 23.00
N ARG G 65 -11.17 -21.90 24.01
CA ARG G 65 -11.34 -20.47 23.77
C ARG G 65 -10.70 -19.71 24.92
N VAL G 66 -9.80 -18.78 24.58
CA VAL G 66 -9.04 -18.01 25.54
C VAL G 66 -9.58 -16.59 25.54
N TYR G 67 -10.00 -16.11 26.70
CA TYR G 67 -10.51 -14.75 26.85
C TYR G 67 -9.48 -13.95 27.62
N LEU G 68 -8.97 -12.89 27.00
CA LEU G 68 -7.93 -12.07 27.61
C LEU G 68 -8.57 -11.16 28.65
N GLY G 69 -8.29 -11.45 29.92
CA GLY G 69 -8.85 -10.69 31.01
C GLY G 69 -7.79 -9.92 31.77
N ALA G 70 -7.81 -10.04 33.10
CA ALA G 70 -6.79 -9.40 33.92
C ALA G 70 -5.44 -10.05 33.70
N GLU G 71 -4.42 -9.22 33.49
CA GLU G 71 -3.10 -9.70 33.12
C GLU G 71 -2.13 -9.45 34.26
N THR G 72 -1.42 -10.49 34.67
CA THR G 72 -0.47 -10.46 35.77
C THR G 72 0.91 -10.77 35.21
N THR G 73 1.87 -11.00 36.11
CA THR G 73 3.23 -11.30 35.68
C THR G 73 3.36 -12.70 35.07
N ARG G 74 2.40 -13.58 35.29
CA ARG G 74 2.38 -14.85 34.56
C ARG G 74 2.00 -14.63 33.09
N SER G 75 0.94 -13.86 32.87
CA SER G 75 0.33 -13.64 31.56
C SER G 75 0.98 -12.51 30.79
N MET G 76 1.98 -11.84 31.35
CA MET G 76 2.76 -10.86 30.62
C MET G 76 4.05 -11.45 30.06
N GLY G 77 4.44 -12.63 30.54
CA GLY G 77 5.65 -13.29 30.05
C GLY G 77 6.98 -12.64 30.33
N LEU G 78 7.16 -12.07 31.51
CA LEU G 78 8.36 -11.32 31.86
C LEU G 78 9.32 -12.19 32.64
N ALA G 79 10.60 -11.81 32.57
CA ALA G 79 11.65 -12.45 33.34
C ALA G 79 12.32 -11.49 34.32
N TYR G 80 11.82 -10.26 34.44
CA TYR G 80 12.42 -9.26 35.32
C TYR G 80 11.38 -8.71 36.29
N PHE H 1 -0.52 -39.78 43.07
CA PHE H 1 0.86 -39.63 42.61
C PHE H 1 1.66 -38.78 43.58
N THR H 2 2.72 -39.35 44.14
CA THR H 2 3.61 -38.59 45.00
C THR H 2 4.49 -37.68 44.15
N PRO H 3 4.50 -36.37 44.41
CA PRO H 3 5.34 -35.47 43.61
C PRO H 3 6.81 -35.65 43.92
N PRO H 4 7.69 -35.52 42.94
CA PRO H 4 9.12 -35.68 43.20
C PRO H 4 9.69 -34.50 43.96
N THR H 5 10.66 -34.80 44.83
CA THR H 5 11.29 -33.79 45.66
C THR H 5 12.57 -33.30 44.99
N LEU H 6 12.76 -31.99 44.99
CA LEU H 6 13.96 -31.40 44.42
C LEU H 6 15.17 -31.71 45.29
N ASN H 7 16.17 -32.36 44.71
CA ASN H 7 17.28 -32.90 45.49
C ASN H 7 18.23 -31.81 45.96
N ALA H 8 18.44 -30.78 45.12
CA ALA H 8 19.39 -29.66 45.33
C ALA H 8 20.82 -30.14 45.55
N ASP H 9 21.18 -31.27 44.95
CA ASP H 9 22.55 -31.76 44.93
C ASP H 9 22.99 -32.25 43.56
N THR H 10 22.08 -32.45 42.62
CA THR H 10 22.43 -32.73 41.25
C THR H 10 23.08 -31.49 40.62
N PRO H 11 24.11 -31.65 39.78
CA PRO H 11 24.76 -30.49 39.19
C PRO H 11 24.19 -30.05 37.86
N ALA H 12 24.67 -28.90 37.41
CA ALA H 12 24.21 -28.13 36.27
C ALA H 12 24.89 -28.61 34.99
N PRO H 13 24.28 -28.35 33.82
CA PRO H 13 25.01 -28.55 32.57
C PRO H 13 26.17 -27.59 32.41
N ILE H 14 27.17 -28.01 31.65
CA ILE H 14 28.37 -27.19 31.44
C ILE H 14 27.99 -26.06 30.50
N PHE H 15 27.86 -24.85 31.04
CA PHE H 15 27.41 -23.69 30.31
C PHE H 15 28.38 -22.54 30.58
N GLY H 16 28.74 -21.82 29.52
CA GLY H 16 29.70 -20.73 29.64
C GLY H 16 29.15 -19.44 30.20
N GLY H 17 27.85 -19.36 30.40
CA GLY H 17 27.25 -18.15 30.93
C GLY H 17 26.42 -17.46 29.86
N SER H 18 25.27 -16.94 30.27
CA SER H 18 24.40 -16.21 29.35
C SER H 18 23.86 -14.98 30.05
N THR H 19 23.51 -13.99 29.24
CA THR H 19 22.84 -12.79 29.72
C THR H 19 21.32 -12.90 29.66
N GLY H 20 20.80 -14.01 29.16
CA GLY H 20 19.37 -14.27 29.11
C GLY H 20 18.83 -14.99 30.32
N GLY H 21 19.64 -15.16 31.37
CA GLY H 21 19.25 -15.96 32.51
C GLY H 21 18.37 -15.25 33.53
N LEU H 22 18.66 -15.47 34.81
CA LEU H 22 17.80 -15.01 35.89
C LEU H 22 18.04 -13.53 36.16
N LEU H 23 17.00 -12.72 35.99
CA LEU H 23 16.99 -11.32 36.41
C LEU H 23 16.40 -11.24 37.82
N ARG H 24 15.99 -10.03 38.25
CA ARG H 24 15.54 -9.82 39.63
C ARG H 24 14.17 -10.42 39.91
N LYS H 25 13.44 -10.90 38.89
CA LYS H 25 12.20 -11.64 39.12
C LYS H 25 12.49 -12.95 39.86
N ALA H 26 13.64 -13.56 39.59
CA ALA H 26 14.10 -14.71 40.36
C ALA H 26 14.32 -14.36 41.82
N GLN H 27 14.82 -13.15 42.08
CA GLN H 27 15.19 -12.78 43.45
C GLN H 27 13.99 -12.44 44.30
N VAL H 28 12.92 -11.87 43.72
CA VAL H 28 11.80 -11.40 44.54
C VAL H 28 10.47 -12.08 44.21
N GLU H 29 10.28 -12.67 43.03
CA GLU H 29 8.96 -13.18 42.68
C GLU H 29 8.93 -14.70 42.54
N GLU H 30 9.68 -15.27 41.60
CA GLU H 30 9.74 -16.71 41.36
C GLU H 30 10.85 -17.00 40.35
N PHE H 31 11.32 -18.25 40.37
CA PHE H 31 12.11 -18.78 39.28
C PHE H 31 11.83 -20.27 39.18
N TYR H 32 12.14 -20.84 38.02
CA TYR H 32 11.71 -22.18 37.66
C TYR H 32 12.93 -23.08 37.52
N VAL H 33 12.86 -24.26 38.12
CA VAL H 33 13.94 -25.23 38.09
C VAL H 33 13.43 -26.47 37.39
N ILE H 34 14.11 -26.89 36.32
CA ILE H 34 13.72 -28.07 35.56
C ILE H 34 14.78 -29.14 35.77
N THR H 35 14.32 -30.35 36.11
CA THR H 35 15.18 -31.47 36.46
C THR H 35 14.84 -32.64 35.54
N TRP H 36 15.88 -33.23 34.93
CA TRP H 36 15.67 -34.34 34.00
C TRP H 36 16.86 -35.27 34.07
N GLU H 37 16.62 -36.52 33.69
CA GLU H 37 17.62 -37.59 33.73
C GLU H 37 18.13 -37.86 32.32
N SER H 38 19.45 -37.86 32.16
CA SER H 38 20.06 -37.95 30.84
C SER H 38 20.74 -39.29 30.60
N PRO H 39 20.71 -39.77 29.36
CA PRO H 39 21.51 -40.96 29.03
C PRO H 39 23.01 -40.70 28.99
N LYS H 40 23.44 -39.59 28.38
CA LYS H 40 24.86 -39.35 28.13
C LYS H 40 25.11 -37.86 28.01
N GLU H 41 26.38 -37.51 27.78
CA GLU H 41 26.81 -36.12 27.63
C GLU H 41 26.44 -35.64 26.23
N GLN H 42 25.43 -34.79 26.14
CA GLN H 42 24.96 -34.25 24.87
C GLN H 42 25.10 -32.72 24.88
N ILE H 43 24.70 -32.09 23.78
CA ILE H 43 24.67 -30.63 23.66
C ILE H 43 23.26 -30.22 23.27
N PHE H 44 22.68 -29.31 24.04
CA PHE H 44 21.31 -28.85 23.82
C PHE H 44 21.30 -27.33 23.67
N GLU H 45 20.25 -26.82 23.04
CA GLU H 45 20.10 -25.39 22.82
C GLU H 45 19.46 -24.78 24.07
N MET H 46 20.13 -23.80 24.66
CA MET H 46 19.64 -23.17 25.87
C MET H 46 18.44 -22.28 25.55
N PRO H 47 17.32 -22.40 26.28
CA PRO H 47 16.15 -21.54 25.98
C PRO H 47 16.36 -20.08 26.30
N THR H 48 17.35 -19.74 27.13
CA THR H 48 17.76 -18.35 27.31
C THR H 48 18.65 -17.85 26.18
N GLY H 49 19.12 -18.73 25.31
CA GLY H 49 20.03 -18.35 24.24
C GLY H 49 21.42 -18.88 24.45
N GLY H 50 21.84 -19.83 23.62
CA GLY H 50 23.15 -20.41 23.68
C GLY H 50 23.08 -21.92 23.65
N ALA H 51 24.23 -22.56 23.87
CA ALA H 51 24.34 -24.01 23.90
C ALA H 51 25.14 -24.42 25.12
N ALA H 52 24.74 -25.54 25.73
CA ALA H 52 25.38 -26.06 26.92
C ALA H 52 25.60 -27.56 26.78
N ILE H 53 26.66 -28.06 27.40
CA ILE H 53 26.90 -29.50 27.48
C ILE H 53 26.15 -30.04 28.70
N MET H 54 25.12 -30.83 28.43
CA MET H 54 24.33 -31.47 29.46
C MET H 54 25.03 -32.73 29.99
N ARG H 55 24.81 -33.02 31.27
CA ARG H 55 25.58 -34.04 31.96
C ARG H 55 25.12 -35.44 31.57
N SER H 56 25.90 -36.44 31.99
CA SER H 56 25.58 -37.82 31.74
C SER H 56 24.59 -38.41 32.74
N GLY H 57 24.31 -37.67 33.82
CA GLY H 57 23.36 -38.12 34.82
C GLY H 57 22.18 -37.18 34.92
N PRO H 58 21.69 -36.95 36.14
CA PRO H 58 20.62 -35.97 36.31
C PRO H 58 21.14 -34.54 36.15
N ASN H 59 20.27 -33.68 35.64
CA ASN H 59 20.63 -32.30 35.34
C ASN H 59 19.66 -31.36 36.04
N LEU H 60 20.15 -30.18 36.39
CA LEU H 60 19.33 -29.14 36.99
C LEU H 60 19.57 -27.85 36.22
N LEU H 61 18.49 -27.21 35.78
CA LEU H 61 18.59 -25.96 35.05
C LEU H 61 17.63 -24.94 35.65
N LYS H 62 18.12 -23.74 35.91
CA LYS H 62 17.35 -22.66 36.51
C LYS H 62 16.85 -21.75 35.40
N LEU H 63 15.54 -21.57 35.33
CA LEU H 63 14.90 -20.76 34.30
C LEU H 63 14.00 -19.73 34.97
N ALA H 64 13.68 -18.68 34.22
CA ALA H 64 12.91 -17.57 34.78
C ALA H 64 11.42 -17.66 34.52
N ARG H 65 11.00 -18.31 33.43
CA ARG H 65 9.60 -18.35 33.03
C ARG H 65 9.15 -19.80 32.87
N LYS H 66 7.83 -20.00 32.99
CA LYS H 66 7.26 -21.31 32.76
C LYS H 66 7.29 -21.69 31.29
N GLU H 67 7.29 -20.70 30.39
CA GLU H 67 7.37 -20.98 28.97
C GLU H 67 8.76 -21.45 28.57
N GLN H 68 9.79 -21.03 29.31
CA GLN H 68 11.15 -21.52 29.04
C GLN H 68 11.31 -22.98 29.42
N CYS H 69 10.52 -23.46 30.37
CA CYS H 69 10.59 -24.87 30.76
C CYS H 69 9.92 -25.78 29.75
N LEU H 70 8.81 -25.33 29.14
CA LEU H 70 8.16 -26.13 28.11
C LEU H 70 8.91 -26.08 26.79
N ALA H 71 9.51 -24.93 26.47
CA ALA H 71 10.29 -24.81 25.24
C ALA H 71 11.54 -25.66 25.31
N LEU H 72 12.17 -25.72 26.49
CA LEU H 72 13.24 -26.68 26.70
C LEU H 72 12.69 -28.11 26.78
N GLY H 73 11.56 -28.28 27.48
CA GLY H 73 11.04 -29.62 27.73
C GLY H 73 10.52 -30.32 26.50
N ALA H 74 9.83 -29.58 25.61
CA ALA H 74 9.42 -30.16 24.34
C ALA H 74 10.58 -30.33 23.38
N ARG H 75 11.69 -29.61 23.59
CA ARG H 75 12.88 -29.82 22.78
C ARG H 75 13.56 -31.12 23.13
N LEU H 76 13.65 -31.45 24.42
CA LEU H 76 14.25 -32.71 24.85
C LEU H 76 13.23 -33.82 25.04
N ARG H 77 12.02 -33.65 24.50
CA ARG H 77 11.06 -34.73 24.39
C ARG H 77 10.89 -35.22 22.96
N THR H 78 11.20 -34.39 21.97
CA THR H 78 11.13 -34.76 20.56
C THR H 78 12.49 -35.09 19.98
N LYS H 79 13.50 -34.24 20.22
CA LYS H 79 14.85 -34.54 19.74
C LYS H 79 15.49 -35.65 20.57
N PHE H 80 15.27 -35.64 21.87
CA PHE H 80 15.80 -36.65 22.77
C PHE H 80 14.65 -37.39 23.43
N LYS H 81 14.89 -38.63 23.84
CA LYS H 81 13.87 -39.43 24.52
C LYS H 81 14.07 -39.34 26.02
N ILE H 82 13.87 -38.12 26.53
CA ILE H 82 14.16 -37.77 27.91
C ILE H 82 12.89 -37.30 28.58
N GLN H 83 12.50 -37.96 29.67
CA GLN H 83 11.40 -37.49 30.50
C GLN H 83 11.88 -36.36 31.40
N TYR H 84 11.06 -35.33 31.54
CA TYR H 84 11.43 -34.14 32.28
C TYR H 84 10.32 -33.76 33.26
N GLN H 85 10.71 -33.05 34.31
CA GLN H 85 9.77 -32.39 35.20
C GLN H 85 10.38 -31.05 35.60
N PHE H 86 9.51 -30.07 35.87
CA PHE H 86 10.00 -28.81 36.39
C PHE H 86 9.19 -28.38 37.61
N TYR H 87 9.69 -27.32 38.25
CA TYR H 87 9.19 -26.85 39.53
C TYR H 87 9.05 -25.33 39.46
N ARG H 88 8.43 -24.77 40.50
CA ARG H 88 8.35 -23.34 40.69
C ARG H 88 8.94 -23.02 42.05
N VAL H 89 10.02 -22.26 42.08
CA VAL H 89 10.75 -21.94 43.30
C VAL H 89 10.51 -20.48 43.64
N PHE H 90 10.07 -20.23 44.86
CA PHE H 90 9.79 -18.93 45.42
C PHE H 90 10.96 -18.46 46.27
N PRO H 91 11.14 -17.14 46.45
CA PRO H 91 12.29 -16.66 47.24
C PRO H 91 12.25 -16.99 48.73
N ASN H 92 11.10 -17.38 49.29
CA ASN H 92 11.08 -17.80 50.69
C ASN H 92 11.63 -19.20 50.90
N GLY H 93 11.79 -19.98 49.83
CA GLY H 93 12.31 -21.34 49.90
C GLY H 93 11.32 -22.42 49.52
N GLU H 94 10.07 -22.10 49.21
CA GLU H 94 9.09 -23.10 48.86
C GLU H 94 9.24 -23.50 47.40
N VAL H 95 9.32 -24.80 47.15
CA VAL H 95 9.42 -25.35 45.81
C VAL H 95 8.07 -25.95 45.44
N GLN H 96 7.46 -25.42 44.38
CA GLN H 96 6.14 -25.84 43.94
C GLN H 96 6.30 -26.68 42.68
N TYR H 97 6.02 -27.98 42.79
CA TYR H 97 6.09 -28.87 41.64
C TYR H 97 4.92 -28.61 40.70
N LEU H 98 5.21 -28.53 39.40
CA LEU H 98 4.26 -27.99 38.44
C LEU H 98 3.85 -28.96 37.35
N HIS H 99 4.78 -29.73 36.78
CA HIS H 99 4.47 -30.50 35.59
C HIS H 99 5.38 -31.72 35.49
N PRO H 100 4.84 -32.91 35.17
CA PRO H 100 3.41 -33.24 35.04
C PRO H 100 2.75 -33.46 36.40
N LYS H 101 1.52 -32.96 36.57
CA LYS H 101 0.89 -32.94 37.89
C LYS H 101 0.53 -34.35 38.37
N ASP H 102 0.04 -35.20 37.46
CA ASP H 102 -0.30 -36.57 37.81
C ASP H 102 0.87 -37.53 37.58
N GLY H 103 2.02 -37.04 37.13
CA GLY H 103 3.13 -37.87 36.75
C GLY H 103 3.15 -38.29 35.30
N VAL H 104 2.01 -38.21 34.62
CA VAL H 104 1.89 -38.50 33.20
C VAL H 104 1.58 -37.18 32.52
N TYR H 105 2.16 -36.96 31.34
CA TYR H 105 2.10 -35.70 30.61
C TYR H 105 0.65 -35.38 30.21
N PRO H 106 0.29 -34.08 30.17
CA PRO H 106 -1.11 -33.70 29.94
C PRO H 106 -1.68 -34.02 28.57
N GLU H 107 -0.83 -34.38 27.60
CA GLU H 107 -1.33 -34.87 26.31
C GLU H 107 -2.04 -36.20 26.47
N LYS H 108 -1.54 -37.07 27.35
CA LYS H 108 -2.18 -38.33 27.66
C LYS H 108 -3.21 -38.14 28.77
N VAL H 109 -4.31 -38.86 28.68
CA VAL H 109 -5.45 -38.73 29.58
C VAL H 109 -5.20 -39.60 30.81
N ASN H 110 -5.56 -39.06 31.99
CA ASN H 110 -5.50 -39.79 33.25
C ASN H 110 -6.86 -39.73 33.93
N ALA H 111 -7.20 -40.80 34.64
CA ALA H 111 -8.49 -40.85 35.32
C ALA H 111 -8.53 -40.02 36.59
N GLY H 112 -7.37 -39.64 37.13
CA GLY H 112 -7.33 -38.91 38.39
C GLY H 112 -7.73 -37.45 38.29
N ARG H 113 -7.37 -36.81 37.18
CA ARG H 113 -7.68 -35.40 36.98
C ARG H 113 -9.15 -35.21 36.66
N THR H 114 -9.66 -34.02 36.97
CA THR H 114 -11.07 -33.69 36.80
C THR H 114 -11.23 -32.54 35.81
N ALA H 115 -12.45 -32.40 35.30
CA ALA H 115 -12.75 -31.36 34.32
C ALA H 115 -13.04 -30.05 35.03
N VAL H 116 -12.26 -29.02 34.72
CA VAL H 116 -12.43 -27.70 35.29
C VAL H 116 -12.22 -26.66 34.17
N GLY H 117 -13.08 -25.65 34.15
CA GLY H 117 -13.11 -24.74 33.02
C GLY H 117 -13.76 -25.30 31.79
N VAL H 118 -14.63 -26.30 31.93
CA VAL H 118 -15.28 -26.96 30.82
C VAL H 118 -16.75 -26.55 30.79
N ASN H 119 -17.21 -26.05 29.65
CA ASN H 119 -18.59 -25.66 29.46
C ASN H 119 -19.34 -26.75 28.72
N ASN H 120 -20.55 -27.07 29.19
CA ASN H 120 -21.38 -28.09 28.57
C ASN H 120 -22.12 -27.59 27.34
N ARG H 121 -22.07 -26.29 27.07
CA ARG H 121 -22.64 -25.67 25.89
C ARG H 121 -21.52 -25.38 24.89
N SER H 122 -21.89 -24.78 23.77
CA SER H 122 -20.92 -24.36 22.76
C SER H 122 -20.75 -22.85 22.82
N ILE H 123 -20.02 -22.30 21.85
CA ILE H 123 -19.82 -20.85 21.77
C ILE H 123 -21.12 -20.16 21.36
N GLY H 124 -21.88 -20.76 20.45
CA GLY H 124 -23.12 -20.15 19.97
C GLY H 124 -24.25 -20.11 20.98
N GLN H 125 -24.16 -20.91 22.04
CA GLN H 125 -25.13 -20.87 23.13
C GLN H 125 -24.65 -20.05 24.32
N ASN H 126 -23.56 -19.30 24.17
CA ASN H 126 -23.17 -18.34 25.20
C ASN H 126 -24.14 -17.17 25.21
N ALA H 127 -24.36 -16.63 26.41
CA ALA H 127 -25.33 -15.57 26.58
C ALA H 127 -24.80 -14.24 26.05
N ASN H 128 -25.72 -13.35 25.69
CA ASN H 128 -25.35 -12.03 25.21
C ASN H 128 -24.88 -11.16 26.38
N PRO H 129 -23.96 -10.22 26.13
CA PRO H 129 -23.51 -9.32 27.22
C PRO H 129 -24.56 -8.31 27.67
N ALA H 130 -25.63 -8.10 26.92
CA ALA H 130 -26.65 -7.12 27.31
C ALA H 130 -27.53 -7.63 28.43
N GLU H 131 -27.72 -8.95 28.54
CA GLU H 131 -28.51 -9.53 29.61
C GLU H 131 -27.67 -9.92 30.82
N LEU H 132 -26.38 -9.60 30.81
CA LEU H 132 -25.49 -9.84 31.95
C LEU H 132 -24.82 -8.54 32.38
N LYS H 133 -25.53 -7.44 32.32
CA LYS H 133 -24.97 -6.15 32.69
C LYS H 133 -24.88 -6.01 34.20
N PHE H 134 -23.73 -5.50 34.67
CA PHE H 134 -23.43 -5.21 36.07
C PHE H 134 -23.53 -6.46 36.95
N ALA H 135 -22.69 -7.44 36.61
CA ALA H 135 -22.56 -8.66 37.38
C ALA H 135 -21.11 -9.11 37.33
N HIS H 136 -20.71 -9.89 38.35
CA HIS H 136 -19.37 -10.45 38.37
C HIS H 136 -19.21 -11.53 37.32
N LYS H 137 -20.28 -12.25 37.01
CA LYS H 137 -20.24 -13.28 35.99
C LYS H 137 -20.21 -12.66 34.60
N GLN H 138 -19.66 -13.40 33.64
CA GLN H 138 -19.55 -12.91 32.28
C GLN H 138 -20.18 -13.96 31.35
N ALA H 139 -20.02 -13.82 30.04
CA ALA H 139 -20.76 -14.65 29.09
C ALA H 139 -20.24 -16.08 28.99
N TYR H 140 -19.08 -16.38 29.58
CA TYR H 140 -18.46 -17.68 29.41
C TYR H 140 -18.25 -18.46 30.70
N ASP H 141 -18.18 -17.80 31.85
CA ASP H 141 -17.87 -18.47 33.10
C ASP H 141 -19.09 -19.05 33.81
N LEU H 142 -20.28 -18.93 33.22
CA LEU H 142 -21.48 -19.54 33.78
C LEU H 142 -22.01 -20.65 32.88
N ILE I 1 -28.29 -43.45 14.82
CA ILE I 1 -28.87 -42.12 14.75
C ILE I 1 -28.36 -41.40 13.50
N GLY I 2 -28.64 -40.10 13.40
CA GLY I 2 -28.25 -39.31 12.27
C GLY I 2 -29.25 -39.41 11.14
N PRO I 3 -29.18 -38.49 10.17
CA PRO I 3 -30.07 -38.57 9.00
C PRO I 3 -29.79 -39.78 8.12
N LYS I 4 -28.57 -39.86 7.60
CA LYS I 4 -28.05 -40.92 6.74
C LYS I 4 -26.57 -40.67 6.51
N ARG I 5 -25.81 -41.74 6.34
CA ARG I 5 -24.44 -41.63 5.89
C ARG I 5 -24.42 -41.43 4.38
N GLY I 6 -23.53 -40.55 3.92
CA GLY I 6 -23.47 -40.25 2.50
C GLY I 6 -24.58 -39.36 1.99
N SER I 7 -25.25 -38.63 2.88
CA SER I 7 -26.37 -37.77 2.51
C SER I 7 -25.95 -36.31 2.51
N ILE I 8 -26.77 -35.48 1.88
CA ILE I 8 -26.54 -34.05 1.78
C ILE I 8 -27.33 -33.37 2.87
N VAL I 9 -26.65 -32.61 3.73
CA VAL I 9 -27.28 -31.89 4.83
C VAL I 9 -26.89 -30.42 4.76
N LYS I 10 -27.70 -29.58 5.41
CA LYS I 10 -27.46 -28.16 5.53
C LYS I 10 -27.30 -27.81 7.00
N VAL I 11 -26.24 -27.07 7.31
CA VAL I 11 -25.89 -26.78 8.70
C VAL I 11 -26.73 -25.62 9.22
N LEU I 12 -27.36 -25.83 10.38
CA LEU I 12 -28.12 -24.78 11.06
C LEU I 12 -27.34 -24.15 12.20
N ARG I 13 -26.08 -24.55 12.41
CA ARG I 13 -25.28 -23.98 13.48
C ARG I 13 -24.82 -22.58 13.09
N ARG I 14 -25.08 -21.61 13.96
CA ARG I 14 -24.85 -20.20 13.64
C ARG I 14 -23.36 -19.87 13.60
N GLU I 15 -22.57 -20.46 14.48
CA GLU I 15 -21.17 -20.09 14.63
C GLU I 15 -20.23 -20.89 13.75
N SER I 16 -20.74 -21.80 12.93
CA SER I 16 -19.89 -22.53 12.01
C SER I 16 -19.61 -21.70 10.77
N TYR I 17 -18.49 -22.03 10.09
CA TYR I 17 -18.19 -21.37 8.82
C TYR I 17 -19.15 -21.81 7.72
N TRP I 18 -19.64 -23.04 7.82
CA TRP I 18 -20.48 -23.63 6.78
C TRP I 18 -21.96 -23.53 7.11
N PHE I 19 -22.37 -22.43 7.75
CA PHE I 19 -23.79 -22.19 7.99
C PHE I 19 -24.49 -21.91 6.66
N ASN I 20 -25.65 -22.56 6.49
CA ASN I 20 -26.43 -22.57 5.23
C ASN I 20 -25.59 -23.04 4.04
N ASP I 21 -24.78 -24.07 4.27
CA ASP I 21 -23.92 -24.62 3.22
C ASP I 21 -24.18 -26.11 3.07
N THR I 22 -24.02 -26.59 1.84
CA THR I 22 -24.24 -27.99 1.53
C THR I 22 -23.04 -28.81 1.98
N GLY I 23 -23.29 -29.84 2.79
CA GLY I 23 -22.25 -30.72 3.26
C GLY I 23 -22.64 -32.18 3.11
N LYS I 24 -21.62 -33.03 3.10
CA LYS I 24 -21.79 -34.47 2.91
C LYS I 24 -21.43 -35.19 4.20
N VAL I 25 -22.36 -35.99 4.70
CA VAL I 25 -22.16 -36.75 5.93
C VAL I 25 -21.26 -37.95 5.64
N VAL I 26 -20.17 -38.08 6.39
CA VAL I 26 -19.27 -39.21 6.22
C VAL I 26 -19.31 -40.20 7.39
N ALA I 27 -19.73 -39.77 8.58
CA ALA I 27 -19.76 -40.67 9.74
C ALA I 27 -20.77 -40.16 10.75
N VAL I 28 -21.58 -41.06 11.27
CA VAL I 28 -22.46 -40.78 12.41
C VAL I 28 -22.10 -41.77 13.52
N ASP I 29 -21.80 -41.23 14.71
CA ASP I 29 -21.45 -42.07 15.84
C ASP I 29 -22.73 -42.53 16.54
N GLN I 30 -22.89 -43.84 16.69
CA GLN I 30 -24.05 -44.41 17.34
C GLN I 30 -23.84 -44.66 18.83
N ALA I 31 -22.69 -44.27 19.37
CA ALA I 31 -22.45 -44.42 20.80
C ALA I 31 -23.28 -43.40 21.57
N PRO I 32 -23.93 -43.80 22.65
CA PRO I 32 -24.73 -42.84 23.44
C PRO I 32 -23.83 -41.90 24.24
N GLY I 33 -24.36 -40.70 24.48
CA GLY I 33 -23.65 -39.68 25.22
C GLY I 33 -22.83 -38.74 24.37
N VAL I 34 -22.67 -39.02 23.08
CA VAL I 34 -21.91 -38.14 22.20
C VAL I 34 -22.79 -36.96 21.80
N ARG I 35 -22.31 -35.74 22.04
CA ARG I 35 -23.11 -34.54 21.79
C ARG I 35 -23.20 -34.23 20.30
N TYR I 36 -22.12 -34.40 19.56
CA TYR I 36 -22.05 -34.03 18.14
C TYR I 36 -21.56 -35.25 17.36
N PRO I 37 -22.46 -36.19 17.04
CA PRO I 37 -22.01 -37.44 16.42
C PRO I 37 -21.84 -37.38 14.91
N VAL I 38 -22.60 -36.52 14.24
CA VAL I 38 -22.64 -36.51 12.78
C VAL I 38 -21.41 -35.76 12.26
N VAL I 39 -20.57 -36.46 11.51
CA VAL I 39 -19.38 -35.89 10.91
C VAL I 39 -19.70 -35.51 9.47
N VAL I 40 -19.59 -34.22 9.16
CA VAL I 40 -19.99 -33.69 7.86
C VAL I 40 -18.74 -33.17 7.15
N ARG I 41 -18.53 -33.62 5.92
CA ARG I 41 -17.42 -33.17 5.10
C ARG I 41 -17.91 -32.14 4.09
N PHE I 42 -17.14 -31.08 3.92
CA PHE I 42 -17.49 -29.97 3.06
C PHE I 42 -16.49 -29.84 1.91
N ASP I 43 -16.98 -29.32 0.78
CA ASP I 43 -16.13 -29.13 -0.38
C ASP I 43 -15.18 -27.96 -0.20
N LYS I 44 -15.53 -27.00 0.66
CA LYS I 44 -14.71 -25.82 0.91
C LYS I 44 -14.17 -25.87 2.34
N VAL I 45 -12.93 -25.41 2.50
CA VAL I 45 -12.28 -25.36 3.81
C VAL I 45 -12.73 -24.10 4.54
N ASN I 46 -12.48 -24.02 5.83
CA ASN I 46 -12.68 -22.80 6.58
C ASN I 46 -11.36 -22.03 6.64
N TYR I 47 -11.27 -21.05 7.53
CA TYR I 47 -10.03 -20.28 7.69
C TYR I 47 -8.93 -21.08 8.35
N ALA I 48 -9.28 -22.11 9.13
CA ALA I 48 -8.31 -23.02 9.69
C ALA I 48 -7.81 -24.05 8.67
N GLY I 49 -8.45 -24.12 7.50
CA GLY I 49 -8.03 -25.03 6.45
C GLY I 49 -8.64 -26.41 6.49
N VAL I 50 -9.47 -26.70 7.48
CA VAL I 50 -10.07 -28.02 7.62
C VAL I 50 -11.46 -28.00 6.99
N SER I 51 -11.96 -29.18 6.64
CA SER I 51 -13.31 -29.32 6.13
C SER I 51 -14.14 -30.31 6.94
N THR I 52 -13.56 -30.89 7.98
CA THR I 52 -14.23 -31.91 8.76
C THR I 52 -14.68 -31.30 10.09
N ASN I 53 -15.98 -31.41 10.38
CA ASN I 53 -16.51 -30.85 11.61
C ASN I 53 -17.63 -31.76 12.10
N ASN I 54 -17.83 -31.79 13.41
CA ASN I 54 -18.88 -32.59 14.03
C ASN I 54 -20.05 -31.73 14.48
N TYR I 55 -21.26 -32.12 14.06
CA TYR I 55 -22.50 -31.44 14.41
C TYR I 55 -23.51 -32.42 14.99
N SER I 56 -24.40 -31.89 15.81
CA SER I 56 -25.53 -32.65 16.33
C SER I 56 -26.57 -32.82 15.23
N PRO I 57 -27.44 -33.84 15.33
CA PRO I 57 -28.58 -33.94 14.39
C PRO I 57 -29.58 -32.82 14.50
N ASP I 58 -29.64 -32.10 15.64
CA ASP I 58 -30.53 -30.96 15.77
C ASP I 58 -30.06 -29.75 14.99
N GLU I 59 -28.77 -29.70 14.61
CA GLU I 59 -28.20 -28.59 13.89
C GLU I 59 -28.12 -28.84 12.38
N LEU I 60 -28.74 -29.92 11.90
CA LEU I 60 -28.69 -30.26 10.48
C LEU I 60 -30.10 -30.61 10.00
N GLU I 61 -30.38 -30.28 8.74
CA GLU I 61 -31.58 -30.73 8.07
C GLU I 61 -31.21 -31.31 6.71
N GLN I 62 -32.03 -32.22 6.22
CA GLN I 62 -31.76 -32.85 4.93
C GLN I 62 -32.16 -31.92 3.79
N SER I 63 -31.22 -31.68 2.88
CA SER I 63 -31.47 -30.82 1.73
C SER I 63 -30.87 -31.42 0.46
N VAL J 1 -26.46 25.96 -22.06
CA VAL J 1 -26.60 24.99 -20.98
C VAL J 1 -25.48 25.17 -19.97
N ALA J 2 -25.88 25.45 -18.72
CA ALA J 2 -25.01 25.59 -17.54
C ALA J 2 -24.00 26.72 -17.70
N GLY J 3 -24.34 27.75 -18.47
CA GLY J 3 -23.48 28.89 -18.66
C GLY J 3 -22.24 28.63 -19.50
N LEU J 4 -22.26 27.59 -20.32
CA LEU J 4 -21.10 27.19 -21.11
C LEU J 4 -21.36 27.49 -22.58
N THR J 5 -20.43 28.22 -23.20
CA THR J 5 -20.48 28.44 -24.63
C THR J 5 -20.10 27.17 -25.37
N PRO J 6 -20.60 26.98 -26.60
CA PRO J 6 -20.10 25.89 -27.43
C PRO J 6 -18.64 26.11 -27.82
N CYS J 7 -17.92 24.99 -28.00
CA CYS J 7 -16.49 25.06 -28.24
C CYS J 7 -16.15 25.53 -29.64
N LYS J 8 -17.10 25.47 -30.58
CA LYS J 8 -16.83 25.97 -31.92
C LYS J 8 -16.81 27.50 -31.96
N GLU J 9 -17.53 28.16 -31.04
CA GLU J 9 -17.56 29.60 -30.96
C GLU J 9 -16.91 30.14 -29.68
N SER J 10 -16.14 29.30 -28.99
CA SER J 10 -15.46 29.72 -27.78
C SER J 10 -14.12 30.34 -28.12
N LYS J 11 -13.89 31.57 -27.63
CA LYS J 11 -12.63 32.24 -27.88
C LYS J 11 -11.50 31.67 -27.04
N GLY J 12 -11.82 31.09 -25.89
CA GLY J 12 -10.79 30.44 -25.08
C GLY J 12 -10.35 29.10 -25.63
N PHE J 13 -11.26 28.39 -26.30
CA PHE J 13 -10.92 27.10 -26.90
C PHE J 13 -10.06 27.29 -28.14
N ALA J 14 -10.31 28.36 -28.90
CA ALA J 14 -9.45 28.70 -30.03
C ALA J 14 -8.11 29.26 -29.59
N LYS J 15 -8.05 29.84 -28.38
CA LYS J 15 -6.78 30.31 -27.84
C LYS J 15 -5.88 29.15 -27.46
N ARG J 16 -6.47 28.06 -26.95
CA ARG J 16 -5.68 26.89 -26.59
C ARG J 16 -5.18 26.14 -27.82
N GLN J 17 -5.91 26.21 -28.94
CA GLN J 17 -5.42 25.64 -30.18
C GLN J 17 -4.25 26.47 -30.73
N LYS J 18 -4.31 27.79 -30.55
CA LYS J 18 -3.25 28.66 -31.04
C LYS J 18 -1.96 28.50 -30.25
N GLN J 19 -2.07 28.36 -28.92
CA GLN J 19 -0.88 28.25 -28.08
C GLN J 19 -0.34 26.84 -27.97
N GLU J 20 -1.03 25.84 -28.53
CA GLU J 20 -0.51 24.49 -28.56
C GLU J 20 0.31 24.22 -29.82
N ILE J 21 -0.13 24.74 -30.96
CA ILE J 21 0.65 24.63 -32.19
C ILE J 21 1.90 25.50 -32.09
N LYS J 22 1.79 26.67 -31.46
CA LYS J 22 2.91 27.59 -31.28
C LYS J 22 3.98 26.99 -30.36
N LYS J 23 3.56 26.21 -29.36
CA LYS J 23 4.52 25.45 -28.56
C LYS J 23 5.21 24.38 -29.39
N LEU J 24 4.46 23.71 -30.26
CA LEU J 24 5.03 22.67 -31.11
C LEU J 24 5.80 23.24 -32.29
N GLU J 25 5.43 24.44 -32.76
CA GLU J 25 6.17 25.08 -33.85
C GLU J 25 7.54 25.55 -33.37
N GLY J 26 7.61 26.05 -32.14
CA GLY J 26 8.91 26.42 -31.57
C GLY J 26 9.78 25.23 -31.24
N ARG J 27 9.18 24.07 -31.01
CA ARG J 27 9.94 22.83 -30.90
C ARG J 27 10.51 22.41 -32.26
N LEU J 28 9.83 22.76 -33.35
CA LEU J 28 10.24 22.41 -34.69
C LEU J 28 11.36 23.31 -35.22
N LYS J 29 11.64 24.45 -34.56
CA LYS J 29 12.61 25.40 -35.07
C LYS J 29 14.05 24.93 -34.93
N LEU J 30 14.32 23.98 -34.04
CA LEU J 30 15.68 23.51 -33.81
C LEU J 30 15.98 22.19 -34.51
N TYR J 31 15.11 21.76 -35.43
CA TYR J 31 15.31 20.55 -36.21
C TYR J 31 15.35 20.89 -37.69
N ALA J 32 15.99 20.00 -38.46
CA ALA J 32 15.95 20.10 -39.91
C ALA J 32 14.54 19.79 -40.40
N PRO J 33 14.07 20.46 -41.46
CA PRO J 33 12.68 20.26 -41.91
C PRO J 33 12.39 18.89 -42.49
N ASP J 34 13.40 18.15 -42.95
CA ASP J 34 13.20 16.80 -43.47
C ASP J 34 13.69 15.72 -42.51
N SER J 35 14.01 16.09 -41.27
CA SER J 35 14.56 15.14 -40.32
C SER J 35 13.47 14.25 -39.72
N ALA J 36 13.90 13.11 -39.20
CA ALA J 36 12.98 12.18 -38.55
C ALA J 36 12.30 12.69 -37.27
N PRO J 37 12.96 13.38 -36.31
CA PRO J 37 12.18 13.95 -35.20
C PRO J 37 11.25 15.09 -35.58
N ALA J 38 11.51 15.79 -36.69
CA ALA J 38 10.60 16.82 -37.14
C ALA J 38 9.33 16.26 -37.75
N LEU J 39 9.38 15.02 -38.25
CA LEU J 39 8.17 14.38 -38.74
C LEU J 39 7.24 13.98 -37.61
N ALA J 40 7.79 13.73 -36.41
CA ALA J 40 6.96 13.39 -35.27
C ALA J 40 6.22 14.61 -34.73
N ILE J 41 6.88 15.76 -34.70
CA ILE J 41 6.22 16.99 -34.27
C ILE J 41 5.24 17.47 -35.33
N ASN J 42 5.55 17.23 -36.62
CA ASN J 42 4.59 17.56 -37.68
C ASN J 42 3.38 16.64 -37.63
N ALA J 43 3.57 15.38 -37.24
CA ALA J 43 2.44 14.50 -36.99
C ALA J 43 1.72 14.86 -35.69
N THR J 44 2.42 15.50 -34.74
CA THR J 44 1.79 15.93 -33.50
C THR J 44 0.88 17.13 -33.75
N ILE J 45 1.29 18.03 -34.63
CA ILE J 45 0.50 19.21 -34.98
C ILE J 45 -0.76 18.81 -35.72
N GLU J 46 -0.66 17.87 -36.66
CA GLU J 46 -1.82 17.38 -37.37
C GLU J 46 -2.74 16.54 -36.47
N LYS J 47 -2.16 15.90 -35.44
CA LYS J 47 -2.98 15.24 -34.44
C LYS J 47 -3.69 16.26 -33.55
N THR J 48 -3.03 17.39 -33.28
CA THR J 48 -3.65 18.45 -32.48
C THR J 48 -4.76 19.15 -33.25
N LYS J 49 -4.53 19.44 -34.53
CA LYS J 49 -5.52 20.12 -35.35
C LYS J 49 -6.72 19.21 -35.66
N ARG J 50 -6.50 17.90 -35.73
CA ARG J 50 -7.61 16.96 -35.85
C ARG J 50 -8.43 16.92 -34.56
N ARG J 51 -7.77 17.06 -33.42
CA ARG J 51 -8.44 16.97 -32.13
C ARG J 51 -9.34 18.18 -31.88
N PHE J 52 -8.83 19.38 -32.16
CA PHE J 52 -9.61 20.60 -31.92
C PHE J 52 -10.76 20.76 -32.91
N GLU J 53 -10.59 20.25 -34.14
CA GLU J 53 -11.68 20.27 -35.10
C GLU J 53 -12.70 19.15 -34.86
N PHE J 54 -12.36 18.16 -34.05
CA PHE J 54 -13.30 17.12 -33.66
C PHE J 54 -14.13 17.54 -32.46
N TYR J 55 -13.53 18.29 -31.52
CA TYR J 55 -14.22 18.70 -30.31
C TYR J 55 -15.26 19.78 -30.61
N GLY J 56 -14.96 20.66 -31.56
CA GLY J 56 -15.92 21.69 -31.92
C GLY J 56 -17.08 21.21 -32.77
N ASN J 57 -16.89 20.11 -33.50
CA ASN J 57 -17.91 19.58 -34.39
C ASN J 57 -18.88 18.63 -33.69
N GLN J 58 -18.62 18.27 -32.44
CA GLN J 58 -19.50 17.39 -31.69
C GLN J 58 -20.44 18.13 -30.76
N GLY J 59 -20.48 19.46 -30.85
CA GLY J 59 -21.31 20.25 -29.96
C GLY J 59 -20.86 20.23 -28.51
N LEU J 60 -19.55 20.19 -28.27
CA LEU J 60 -19.04 20.25 -26.91
C LEU J 60 -19.20 21.64 -26.32
N LEU J 61 -19.35 21.69 -25.01
CA LEU J 61 -19.55 22.93 -24.29
C LEU J 61 -18.26 23.34 -23.60
N CYS J 62 -17.81 24.56 -23.86
CA CYS J 62 -16.56 25.08 -23.33
C CYS J 62 -16.84 26.19 -22.34
N GLY J 63 -16.18 26.14 -21.19
CA GLY J 63 -16.35 27.13 -20.16
C GLY J 63 -15.46 28.34 -20.36
N THR J 64 -15.27 29.08 -19.26
CA THR J 64 -14.40 30.25 -19.28
C THR J 64 -12.92 29.88 -19.30
N ASP J 65 -12.58 28.62 -19.03
CA ASP J 65 -11.21 28.13 -19.09
C ASP J 65 -10.80 27.71 -20.50
N GLY J 66 -11.73 27.73 -21.45
CA GLY J 66 -11.41 27.24 -22.78
C GLY J 66 -11.29 25.74 -22.88
N LEU J 67 -11.97 25.01 -22.00
CA LEU J 67 -11.86 23.58 -21.92
C LEU J 67 -13.21 22.92 -22.12
N PRO J 68 -13.29 21.79 -22.83
CA PRO J 68 -14.58 21.17 -23.11
C PRO J 68 -15.14 20.47 -21.88
N HIS J 69 -16.36 20.85 -21.50
CA HIS J 69 -17.03 20.30 -20.34
C HIS J 69 -18.12 19.33 -20.77
N LEU J 70 -18.31 18.27 -19.99
CA LEU J 70 -19.28 17.23 -20.30
C LEU J 70 -20.54 17.44 -19.49
N ILE J 71 -21.70 17.35 -20.14
CA ILE J 71 -22.99 17.43 -19.48
C ILE J 71 -23.53 16.01 -19.39
N VAL J 72 -23.64 15.49 -18.18
CA VAL J 72 -23.96 14.10 -17.95
C VAL J 72 -25.38 13.92 -17.43
N ASP J 73 -26.19 14.98 -17.46
CA ASP J 73 -27.57 14.89 -16.99
C ASP J 73 -28.45 14.02 -17.88
N GLY J 74 -28.15 13.94 -19.18
CA GLY J 74 -28.97 13.16 -20.08
C GLY J 74 -29.63 14.06 -21.10
N ASP J 75 -28.93 15.15 -21.44
CA ASP J 75 -29.40 16.11 -22.43
C ASP J 75 -29.46 15.51 -23.83
N GLN J 76 -30.47 15.93 -24.59
CA GLN J 76 -30.67 15.42 -25.95
C GLN J 76 -29.57 15.90 -26.89
N ALA J 77 -28.99 17.07 -26.61
CA ALA J 77 -27.82 17.49 -27.36
C ALA J 77 -26.57 16.70 -26.96
N HIS J 78 -26.40 16.47 -25.67
CA HIS J 78 -25.22 15.78 -25.10
C HIS J 78 -25.43 14.29 -24.80
N LEU J 79 -25.69 13.45 -25.81
CA LEU J 79 -25.82 12.02 -25.51
C LEU J 79 -24.48 11.30 -25.58
N GLY J 80 -23.59 11.73 -26.47
CA GLY J 80 -22.31 11.07 -26.63
C GLY J 80 -21.25 11.40 -25.62
N GLU J 81 -21.57 12.28 -24.66
CA GLU J 81 -20.60 12.57 -23.61
C GLU J 81 -20.69 11.52 -22.50
N PHE J 82 -21.90 11.21 -22.06
CA PHE J 82 -22.04 10.22 -21.00
C PHE J 82 -23.01 9.09 -21.32
N VAL J 83 -24.13 9.38 -21.97
CA VAL J 83 -25.20 8.39 -22.11
C VAL J 83 -24.85 7.36 -23.16
N TYR J 84 -24.50 7.81 -24.36
CA TYR J 84 -24.06 6.88 -25.42
C TYR J 84 -22.79 6.09 -25.10
N PRO J 85 -21.66 6.65 -24.63
CA PRO J 85 -20.56 5.75 -24.25
C PRO J 85 -20.76 5.06 -22.91
N GLY J 86 -21.72 5.50 -22.10
CA GLY J 86 -22.05 4.74 -20.90
C GLY J 86 -22.81 3.47 -21.21
N LEU J 87 -23.74 3.54 -22.16
CA LEU J 87 -24.44 2.32 -22.60
C LEU J 87 -23.53 1.41 -23.40
N VAL J 88 -22.54 1.98 -24.09
CA VAL J 88 -21.50 1.18 -24.74
C VAL J 88 -20.64 0.51 -23.68
N PHE J 89 -20.33 1.23 -22.60
CA PHE J 89 -19.51 0.67 -21.52
C PHE J 89 -20.22 -0.45 -20.78
N LEU J 90 -21.48 -0.19 -20.37
CA LEU J 90 -22.19 -1.14 -19.51
C LEU J 90 -22.50 -2.43 -20.23
N TYR J 91 -22.66 -2.35 -21.56
CA TYR J 91 -22.74 -3.54 -22.40
C TYR J 91 -21.45 -4.35 -22.36
N ILE J 92 -20.31 -3.64 -22.43
CA ILE J 92 -19.02 -4.33 -22.37
C ILE J 92 -18.71 -4.79 -20.95
N ALA J 93 -19.04 -3.96 -19.95
CA ALA J 93 -18.81 -4.34 -18.56
C ALA J 93 -19.76 -5.45 -18.11
N GLY J 94 -20.99 -5.44 -18.60
CA GLY J 94 -21.88 -6.56 -18.34
C GLY J 94 -21.48 -7.81 -19.07
N TRP J 95 -20.79 -7.66 -20.21
CA TRP J 95 -20.21 -8.81 -20.91
C TRP J 95 -19.12 -9.46 -20.06
N ILE J 96 -18.29 -8.65 -19.40
CA ILE J 96 -17.26 -9.17 -18.50
C ILE J 96 -17.90 -9.83 -17.30
N GLY J 97 -18.94 -9.21 -16.74
CA GLY J 97 -19.63 -9.76 -15.60
C GLY J 97 -20.49 -10.97 -15.91
N TRP J 98 -20.95 -11.13 -17.15
CA TRP J 98 -21.78 -12.29 -17.45
C TRP J 98 -20.96 -13.51 -17.82
N VAL J 99 -19.80 -13.33 -18.46
CA VAL J 99 -19.00 -14.50 -18.83
C VAL J 99 -18.12 -14.95 -17.66
N GLY J 100 -17.92 -14.09 -16.66
CA GLY J 100 -17.26 -14.53 -15.46
C GLY J 100 -18.21 -15.20 -14.49
N ARG J 101 -19.47 -14.79 -14.52
CA ARG J 101 -20.48 -15.47 -13.70
C ARG J 101 -20.83 -16.83 -14.30
N ALA J 102 -20.96 -16.90 -15.63
CA ALA J 102 -21.32 -18.16 -16.27
C ALA J 102 -20.16 -19.15 -16.28
N TYR J 103 -18.93 -18.66 -16.13
CA TYR J 103 -17.80 -19.57 -16.02
C TYR J 103 -17.78 -20.25 -14.67
N LEU J 104 -18.16 -19.52 -13.61
CA LEU J 104 -18.14 -20.08 -12.27
C LEU J 104 -19.23 -21.11 -12.07
N ILE J 105 -20.38 -20.93 -12.72
CA ILE J 105 -21.43 -21.95 -12.69
C ILE J 105 -20.99 -23.19 -13.47
N ASP J 106 -20.26 -22.99 -14.56
CA ASP J 106 -19.80 -24.11 -15.38
C ASP J 106 -18.68 -24.90 -14.73
N VAL J 107 -17.91 -24.29 -13.81
CA VAL J 107 -16.84 -25.02 -13.14
C VAL J 107 -17.20 -25.43 -11.73
N ARG J 108 -18.34 -24.96 -11.19
CA ARG J 108 -18.78 -25.45 -9.88
C ARG J 108 -19.30 -26.86 -9.96
N THR J 109 -19.85 -27.24 -11.11
CA THR J 109 -20.29 -28.62 -11.36
C THR J 109 -19.19 -29.40 -12.09
N SER J 110 -18.02 -29.46 -11.46
CA SER J 110 -16.87 -30.15 -12.02
C SER J 110 -16.23 -31.01 -10.93
N LYS J 111 -15.24 -31.81 -11.34
CA LYS J 111 -14.58 -32.72 -10.42
C LYS J 111 -13.70 -31.97 -9.43
N LYS J 112 -12.86 -31.07 -9.93
CA LYS J 112 -12.01 -30.21 -9.10
C LYS J 112 -12.32 -28.76 -9.46
N PRO J 113 -13.25 -28.13 -8.73
CA PRO J 113 -13.67 -26.76 -9.11
C PRO J 113 -12.62 -25.69 -8.88
N THR J 114 -11.62 -25.93 -8.04
CA THR J 114 -10.60 -24.92 -7.76
C THR J 114 -9.43 -24.97 -8.74
N GLU J 115 -9.24 -26.08 -9.44
CA GLU J 115 -8.19 -26.14 -10.46
C GLU J 115 -8.62 -25.52 -11.78
N LYS J 116 -9.90 -25.24 -11.95
CA LYS J 116 -10.41 -24.59 -13.15
C LYS J 116 -10.45 -23.08 -13.04
N GLU J 117 -10.03 -22.52 -11.91
CA GLU J 117 -9.90 -21.08 -11.76
C GLU J 117 -8.46 -20.59 -11.79
N ILE J 118 -7.51 -21.37 -11.27
CA ILE J 118 -6.11 -21.05 -11.52
C ILE J 118 -5.72 -21.42 -12.95
N ILE J 119 -6.27 -22.51 -13.48
CA ILE J 119 -6.05 -22.94 -14.85
C ILE J 119 -7.38 -22.84 -15.58
N ILE J 120 -7.60 -21.73 -16.26
CA ILE J 120 -8.90 -21.41 -16.84
C ILE J 120 -9.11 -22.24 -18.10
N ASP J 121 -10.20 -23.01 -18.14
CA ASP J 121 -10.50 -23.90 -19.26
C ASP J 121 -10.91 -23.07 -20.47
N VAL J 122 -9.94 -22.83 -21.36
CA VAL J 122 -10.18 -21.97 -22.54
C VAL J 122 -11.26 -22.46 -23.50
N PRO J 123 -11.37 -23.76 -23.84
CA PRO J 123 -12.57 -24.18 -24.60
C PRO J 123 -13.89 -24.00 -23.84
N LEU J 124 -13.88 -24.11 -22.52
CA LEU J 124 -15.08 -23.77 -21.76
C LEU J 124 -15.25 -22.25 -21.66
N ALA J 125 -14.13 -21.51 -21.57
CA ALA J 125 -14.21 -20.06 -21.47
C ALA J 125 -14.65 -19.42 -22.79
N LEU J 126 -14.02 -19.82 -23.91
CA LEU J 126 -14.30 -19.17 -25.19
C LEU J 126 -15.66 -19.54 -25.75
N ARG J 127 -16.28 -20.62 -25.29
CA ARG J 127 -17.61 -20.95 -25.75
C ARG J 127 -18.70 -20.15 -25.04
N ILE J 128 -18.36 -19.46 -23.95
CA ILE J 128 -19.31 -18.58 -23.29
C ILE J 128 -18.92 -17.11 -23.40
N MET J 129 -17.66 -16.78 -23.72
CA MET J 129 -17.31 -15.41 -24.07
C MET J 129 -18.01 -14.96 -25.34
N SER J 130 -18.27 -15.88 -26.27
CA SER J 130 -19.17 -15.57 -27.38
C SER J 130 -20.60 -15.40 -26.88
N LYS J 131 -20.99 -16.16 -25.86
CA LYS J 131 -22.35 -16.11 -25.33
C LYS J 131 -22.62 -14.88 -24.48
N GLY J 132 -21.61 -14.10 -24.15
CA GLY J 132 -21.80 -12.87 -23.44
C GLY J 132 -22.21 -11.70 -24.29
N LEU J 133 -22.35 -11.91 -25.60
CA LEU J 133 -22.81 -10.87 -26.52
C LEU J 133 -24.23 -10.47 -26.14
N THR J 134 -25.13 -11.46 -26.07
CA THR J 134 -26.52 -11.22 -25.68
C THR J 134 -26.68 -11.52 -24.20
N TRP J 135 -26.28 -10.56 -23.39
CA TRP J 135 -26.33 -10.72 -21.95
C TRP J 135 -27.45 -9.90 -21.27
N PRO J 136 -28.08 -8.77 -21.86
CA PRO J 136 -29.21 -8.17 -21.12
C PRO J 136 -30.43 -9.05 -21.25
N VAL J 137 -30.46 -9.86 -22.31
CA VAL J 137 -31.59 -10.73 -22.56
C VAL J 137 -31.42 -12.00 -21.73
N ALA J 138 -30.19 -12.26 -21.26
CA ALA J 138 -29.90 -13.43 -20.46
C ALA J 138 -29.78 -13.13 -18.97
N ALA J 139 -29.53 -11.86 -18.60
CA ALA J 139 -29.47 -11.48 -17.19
C ALA J 139 -30.85 -11.22 -16.65
N ILE J 140 -31.68 -10.48 -17.39
CA ILE J 140 -33.06 -10.25 -16.99
C ILE J 140 -33.90 -11.49 -17.26
N GLY J 141 -33.47 -12.33 -18.20
CA GLY J 141 -34.11 -13.62 -18.38
C GLY J 141 -33.87 -14.54 -17.19
N GLU J 142 -32.65 -14.51 -16.64
CA GLU J 142 -32.38 -15.26 -15.41
C GLU J 142 -32.96 -14.57 -14.20
N LEU J 143 -33.15 -13.25 -14.25
CA LEU J 143 -33.80 -12.54 -13.16
C LEU J 143 -35.29 -12.86 -13.10
N ARG J 144 -35.94 -12.93 -14.26
CA ARG J 144 -37.36 -13.24 -14.30
C ARG J 144 -37.63 -14.71 -13.99
N SER J 145 -36.72 -15.59 -14.38
CA SER J 145 -36.87 -17.01 -14.07
C SER J 145 -36.37 -17.38 -12.69
N GLY J 146 -35.75 -16.44 -11.97
CA GLY J 146 -35.27 -16.68 -10.63
C GLY J 146 -33.90 -17.34 -10.54
N LYS J 147 -33.24 -17.58 -11.68
CA LYS J 147 -31.93 -18.20 -11.66
C LYS J 147 -30.79 -17.21 -11.44
N LEU J 148 -31.06 -15.91 -11.51
CA LEU J 148 -30.00 -14.92 -11.29
C LEU J 148 -29.65 -14.81 -9.82
N VAL J 149 -30.66 -14.78 -8.96
CA VAL J 149 -30.44 -14.58 -7.53
C VAL J 149 -30.58 -15.90 -6.79
N GLU J 150 -29.89 -16.01 -5.68
CA GLU J 150 -29.96 -17.17 -4.80
C GLU J 150 -30.81 -16.82 -3.58
N LYS J 151 -31.64 -17.77 -3.16
CA LYS J 151 -32.44 -17.60 -1.96
C LYS J 151 -31.55 -17.55 -0.73
N SER J 152 -31.97 -16.77 0.26
CA SER J 152 -31.15 -16.50 1.44
C SER J 152 -31.02 -17.69 2.38
N SER J 153 -31.82 -18.74 2.20
CA SER J 153 -31.66 -19.95 3.00
C SER J 153 -30.46 -20.78 2.58
N ASN J 154 -29.94 -20.56 1.37
CA ASN J 154 -28.78 -21.28 0.87
C ASN J 154 -27.55 -20.39 0.75
N ILE J 155 -27.50 -19.28 1.50
CA ILE J 155 -26.43 -18.31 1.44
C ILE J 155 -25.76 -18.24 2.80
N THR J 156 -24.43 -18.35 2.83
CA THR J 156 -23.65 -18.32 4.06
C THR J 156 -23.74 -16.94 4.70
N VAL J 157 -24.32 -16.88 5.90
CA VAL J 157 -24.60 -15.62 6.60
C VAL J 157 -23.89 -15.66 7.94
N SER J 158 -23.10 -14.62 8.22
CA SER J 158 -22.45 -14.48 9.51
C SER J 158 -23.46 -14.25 10.62
N PRO J 159 -23.25 -14.82 11.81
CA PRO J 159 -24.24 -14.69 12.89
C PRO J 159 -24.28 -13.28 13.47
N ARG J 160 -25.39 -13.01 14.15
CA ARG J 160 -25.69 -11.68 14.66
C ARG J 160 -24.80 -11.34 15.86
N ALA K 1 -56.92 43.93 12.60
CA ALA K 1 -57.31 44.52 13.87
C ALA K 1 -58.31 43.61 14.60
N ASN K 2 -59.01 44.19 15.57
CA ASN K 2 -60.03 43.55 16.41
C ASN K 2 -59.45 42.35 17.15
N THR K 3 -58.51 42.68 18.05
CA THR K 3 -57.81 41.67 18.83
C THR K 3 -58.73 40.94 19.80
N ALA K 4 -59.66 41.68 20.42
CA ALA K 4 -60.53 41.12 21.44
C ALA K 4 -61.58 40.15 20.88
N LEU K 5 -61.87 40.24 19.58
CA LEU K 5 -62.82 39.32 18.96
C LEU K 5 -62.15 38.18 18.20
N THR K 6 -60.99 38.43 17.61
CA THR K 6 -60.29 37.39 16.85
C THR K 6 -59.71 36.32 17.77
N ILE K 7 -59.09 36.74 18.87
CA ILE K 7 -58.49 35.81 19.82
C ILE K 7 -59.57 35.00 20.55
N THR K 8 -60.67 35.67 20.94
CA THR K 8 -61.76 35.03 21.67
C THR K 8 -62.49 34.00 20.80
N LEU K 9 -62.75 34.33 19.53
CA LEU K 9 -63.43 33.40 18.64
C LEU K 9 -62.53 32.22 18.26
N SER K 10 -61.22 32.47 18.09
CA SER K 10 -60.32 31.38 17.71
C SER K 10 -60.01 30.46 18.89
N THR K 11 -59.92 31.01 20.11
CA THR K 11 -59.79 30.15 21.28
C THR K 11 -61.09 29.38 21.54
N GLY K 12 -62.23 30.04 21.32
CA GLY K 12 -63.51 29.37 21.50
C GLY K 12 -63.80 28.34 20.42
N ALA K 13 -63.20 28.49 19.24
CA ALA K 13 -63.37 27.48 18.20
C ALA K 13 -62.55 26.23 18.50
N LEU K 14 -61.32 26.41 18.99
CA LEU K 14 -60.49 25.26 19.32
C LEU K 14 -60.93 24.58 20.60
N LEU K 15 -61.55 25.34 21.53
CA LEU K 15 -62.13 24.72 22.71
C LEU K 15 -63.44 24.02 22.40
N PHE K 16 -64.17 24.49 21.39
CA PHE K 16 -65.34 23.76 20.90
C PHE K 16 -64.92 22.45 20.25
N LEU K 17 -63.81 22.48 19.51
CA LEU K 17 -63.26 21.25 18.94
C LEU K 17 -62.69 20.34 20.01
N GLY K 18 -62.16 20.92 21.08
CA GLY K 18 -61.58 20.11 22.14
C GLY K 18 -62.60 19.45 23.05
N ARG K 19 -63.78 20.05 23.18
CA ARG K 19 -64.81 19.54 24.08
C ARG K 19 -65.82 18.66 23.38
N PHE K 20 -66.26 19.03 22.17
CA PHE K 20 -67.34 18.34 21.49
C PHE K 20 -66.92 17.55 20.27
N VAL K 21 -65.78 17.87 19.66
CA VAL K 21 -65.39 17.23 18.41
C VAL K 21 -64.29 16.20 18.64
N PHE K 22 -63.14 16.66 19.16
CA PHE K 22 -61.97 15.82 19.28
C PHE K 22 -61.77 15.25 20.68
N LEU K 23 -62.76 15.38 21.56
CA LEU K 23 -62.65 14.79 22.89
C LEU K 23 -62.78 13.25 22.90
N PRO K 24 -63.64 12.59 22.11
CA PRO K 24 -63.47 11.13 21.98
C PRO K 24 -62.19 10.72 21.26
N PHE K 25 -61.63 11.57 20.40
CA PHE K 25 -60.35 11.25 19.78
C PHE K 25 -59.20 11.41 20.75
N GLN K 26 -59.30 12.34 21.70
CA GLN K 26 -58.23 12.55 22.65
C GLN K 26 -58.32 11.59 23.83
N ARG K 27 -59.53 11.27 24.28
CA ARG K 27 -59.69 10.35 25.41
C ARG K 27 -59.36 8.92 25.02
N ASP K 28 -59.57 8.55 23.75
CA ASP K 28 -59.17 7.23 23.30
C ASP K 28 -57.67 7.11 23.19
N ASN K 29 -57.00 8.17 22.77
CA ASN K 29 -55.55 8.11 22.57
C ASN K 29 -54.77 8.19 23.88
N VAL K 30 -55.29 8.89 24.89
CA VAL K 30 -54.62 8.89 26.19
C VAL K 30 -54.87 7.61 26.97
N SER K 31 -55.79 6.77 26.52
CA SER K 31 -55.95 5.44 27.09
C SER K 31 -55.25 4.36 26.29
N ARG K 32 -55.18 4.51 24.96
CA ARG K 32 -54.47 3.55 24.13
C ARG K 32 -52.96 3.69 24.31
N GLN K 33 -52.45 4.92 24.28
CA GLN K 33 -51.04 5.14 24.59
C GLN K 33 -50.78 5.03 26.08
N GLY K 34 -51.68 5.58 26.90
CA GLY K 34 -51.56 5.47 28.33
C GLY K 34 -50.44 6.34 28.89
N LEU K 35 -50.05 5.99 30.11
CA LEU K 35 -48.88 6.61 30.72
C LEU K 35 -47.61 6.14 30.01
N PRO K 36 -46.55 6.94 30.03
CA PRO K 36 -45.26 6.46 29.52
C PRO K 36 -44.71 5.32 30.36
N VAL K 37 -44.13 4.33 29.67
CA VAL K 37 -43.78 3.04 30.26
C VAL K 37 -42.32 2.76 29.95
N GLN K 38 -41.51 2.54 30.99
CA GLN K 38 -40.12 2.12 30.84
C GLN K 38 -39.96 0.70 31.35
N ASN K 39 -39.45 -0.19 30.48
CA ASN K 39 -39.11 -1.59 30.78
C ASN K 39 -40.31 -2.40 31.31
N GLY K 40 -41.52 -2.04 30.90
CA GLY K 40 -42.72 -2.71 31.34
C GLY K 40 -43.46 -2.06 32.48
N VAL K 41 -42.87 -1.06 33.14
CA VAL K 41 -43.52 -0.38 34.26
C VAL K 41 -43.56 1.11 34.00
N THR K 42 -44.44 1.79 34.73
CA THR K 42 -44.57 3.24 34.67
C THR K 42 -43.33 3.88 35.32
N HIS K 43 -43.01 5.11 34.90
CA HIS K 43 -41.90 5.87 35.50
C HIS K 43 -42.12 6.10 36.99
N PHE K 44 -43.37 6.38 37.40
CA PHE K 44 -43.67 6.48 38.81
C PHE K 44 -43.61 5.11 39.49
N ASP K 45 -43.96 4.05 38.77
CA ASP K 45 -43.88 2.71 39.34
C ASP K 45 -42.44 2.23 39.47
N ALA K 46 -41.53 2.77 38.66
CA ALA K 46 -40.12 2.38 38.73
C ALA K 46 -39.37 3.10 39.84
N GLY K 47 -39.93 4.15 40.42
CA GLY K 47 -39.29 4.80 41.55
C GLY K 47 -39.20 6.32 41.47
N ASP K 48 -39.60 6.90 40.35
CA ASP K 48 -39.52 8.34 40.15
C ASP K 48 -40.69 9.01 40.83
N SER K 49 -40.43 9.71 41.94
CA SER K 49 -41.48 10.42 42.66
C SER K 49 -41.94 11.66 41.91
N ARG K 50 -41.09 12.24 41.06
CA ARG K 50 -41.44 13.42 40.29
C ARG K 50 -42.25 13.09 39.04
N ALA K 51 -42.40 11.81 38.70
CA ALA K 51 -43.14 11.38 37.52
C ALA K 51 -44.56 10.95 37.86
N GLN K 52 -45.01 11.21 39.08
CA GLN K 52 -46.39 10.85 39.45
C GLN K 52 -47.37 11.78 38.75
N GLU K 53 -48.37 11.19 38.10
CA GLU K 53 -49.40 11.98 37.45
C GLU K 53 -50.30 12.61 38.51
N VAL K 54 -50.49 13.92 38.41
CA VAL K 54 -51.27 14.65 39.39
C VAL K 54 -52.75 14.38 39.18
N THR K 55 -53.48 14.21 40.28
CA THR K 55 -54.91 13.93 40.24
C THR K 55 -55.76 15.03 40.84
N SER K 56 -55.22 15.82 41.78
CA SER K 56 -55.95 16.98 42.28
C SER K 56 -56.02 18.07 41.22
N PHE K 57 -54.95 18.23 40.44
CA PHE K 57 -54.97 19.19 39.33
C PHE K 57 -55.80 18.67 38.17
N LEU K 58 -55.95 17.36 38.05
CA LEU K 58 -56.74 16.74 36.99
C LEU K 58 -58.16 16.40 37.42
N LYS K 59 -58.55 16.75 38.64
CA LYS K 59 -59.89 16.45 39.15
C LYS K 59 -60.86 17.43 38.51
N THR K 60 -61.54 16.99 37.46
CA THR K 60 -62.46 17.83 36.71
C THR K 60 -63.91 17.54 37.11
N ASN K 61 -64.73 18.58 37.01
CA ASN K 61 -66.17 18.47 37.23
C ASN K 61 -66.94 18.47 35.92
N ASP K 62 -66.26 18.50 34.79
CA ASP K 62 -66.91 18.41 33.50
C ASP K 62 -67.44 16.99 33.29
N PRO K 63 -68.66 16.83 32.76
CA PRO K 63 -69.22 15.48 32.59
C PRO K 63 -68.54 14.64 31.53
N ALA K 64 -67.78 15.25 30.60
CA ALA K 64 -67.09 14.50 29.56
C ALA K 64 -65.61 14.30 29.86
N GLY K 65 -65.15 14.71 31.05
CA GLY K 65 -63.76 14.54 31.41
C GLY K 65 -62.83 15.60 30.89
N PHE K 66 -63.36 16.76 30.49
CA PHE K 66 -62.56 17.82 29.92
C PHE K 66 -61.97 18.65 31.06
N THR K 67 -60.67 18.53 31.28
CA THR K 67 -60.03 19.08 32.47
C THR K 67 -59.34 20.41 32.16
N ILE K 68 -58.68 20.97 33.18
CA ILE K 68 -58.01 22.26 33.04
C ILE K 68 -56.69 22.13 32.27
N VAL K 69 -56.14 20.91 32.18
CA VAL K 69 -54.98 20.71 31.30
C VAL K 69 -55.42 20.77 29.85
N ASP K 70 -56.59 20.19 29.54
CA ASP K 70 -57.15 20.30 28.20
C ASP K 70 -57.60 21.72 27.88
N VAL K 71 -57.98 22.50 28.91
CA VAL K 71 -58.18 23.94 28.73
C VAL K 71 -56.86 24.61 28.36
N LEU K 72 -55.78 24.24 29.05
CA LEU K 72 -54.47 24.80 28.80
C LEU K 72 -53.80 24.24 27.55
N ALA K 73 -54.37 23.19 26.94
CA ALA K 73 -53.83 22.61 25.72
C ALA K 73 -54.61 23.05 24.49
N TRP K 74 -55.93 22.89 24.50
CA TRP K 74 -56.76 23.32 23.38
C TRP K 74 -56.89 24.84 23.31
N GLY K 75 -56.87 25.52 24.46
CA GLY K 75 -56.86 26.96 24.45
C GLY K 75 -55.53 27.55 24.02
N ALA K 76 -54.45 26.79 24.20
CA ALA K 76 -53.15 27.22 23.70
C ALA K 76 -53.08 27.13 22.18
N LEU K 77 -53.74 26.13 21.59
CA LEU K 77 -53.84 26.06 20.15
C LEU K 77 -54.76 27.13 19.60
N GLY K 78 -55.77 27.52 20.36
CA GLY K 78 -56.66 28.60 19.93
C GLY K 78 -56.00 29.96 19.95
N HIS K 79 -54.98 30.14 20.79
CA HIS K 79 -54.19 31.36 20.75
C HIS K 79 -53.07 31.27 19.72
N ALA K 80 -52.56 30.07 19.45
CA ALA K 80 -51.58 29.90 18.39
C ALA K 80 -52.21 30.12 17.02
N VAL K 81 -53.43 29.59 16.82
CA VAL K 81 -54.18 29.87 15.61
C VAL K 81 -54.65 31.32 15.60
N GLY K 82 -55.06 31.83 16.77
CA GLY K 82 -55.55 33.20 16.88
C GLY K 82 -54.50 34.25 16.62
N PHE K 83 -53.25 33.98 16.99
CA PHE K 83 -52.16 34.87 16.63
C PHE K 83 -51.55 34.55 15.28
N PHE K 84 -51.84 33.37 14.72
CA PHE K 84 -51.57 33.14 13.30
C PHE K 84 -52.50 33.98 12.44
N ILE K 85 -53.77 34.09 12.84
CA ILE K 85 -54.76 34.83 12.08
C ILE K 85 -54.49 36.34 12.17
N LEU K 86 -54.19 36.82 13.38
CA LEU K 86 -53.97 38.26 13.60
C LEU K 86 -52.71 38.76 12.91
N ALA K 87 -51.67 37.93 12.85
CA ALA K 87 -50.46 38.31 12.14
C ALA K 87 -50.65 38.26 10.62
N THR K 88 -51.50 37.35 10.14
CA THR K 88 -51.76 37.25 8.71
C THR K 88 -52.65 38.38 8.22
N ILE K 89 -53.65 38.76 9.03
CA ILE K 89 -54.54 39.86 8.67
C ILE K 89 -53.80 41.18 8.69
N ASN K 90 -53.05 41.45 9.76
CA ASN K 90 -52.29 42.69 9.89
C ASN K 90 -50.98 42.53 9.13
N ASN K 91 -51.06 42.73 7.82
CA ASN K 91 -49.89 42.63 6.95
C ASN K 91 -50.02 43.56 5.75
N TYR L 1 22.84 -25.22 39.89
CA TYR L 1 23.37 -24.67 41.13
C TYR L 1 22.26 -24.27 42.10
N PHE L 2 21.64 -25.26 42.71
CA PHE L 2 20.52 -25.05 43.62
C PHE L 2 20.84 -25.76 44.93
N ASP L 3 20.57 -25.10 46.05
CA ASP L 3 21.17 -25.50 47.32
C ASP L 3 20.16 -25.91 48.38
N LEU L 4 19.01 -25.21 48.47
CA LEU L 4 17.96 -25.35 49.50
C LEU L 4 18.47 -25.08 50.92
N GLY L 5 19.62 -24.44 51.09
CA GLY L 5 20.07 -24.00 52.39
C GLY L 5 20.36 -22.52 52.39
N GLU L 6 20.68 -22.00 51.20
CA GLU L 6 20.92 -20.58 50.97
C GLU L 6 20.17 -20.19 49.69
N ILE L 7 18.97 -19.65 49.87
CA ILE L 7 18.11 -19.36 48.73
C ILE L 7 18.56 -18.09 48.00
N ASP L 8 19.23 -17.17 48.70
CA ASP L 8 19.67 -15.93 48.06
C ASP L 8 20.91 -16.14 47.18
N ASN L 9 21.79 -17.07 47.56
CA ASN L 9 23.01 -17.30 46.81
C ASN L 9 22.73 -18.10 45.53
N THR L 10 21.59 -18.79 45.46
CA THR L 10 21.25 -19.57 44.28
C THR L 10 20.25 -18.88 43.36
N THR L 11 19.98 -17.59 43.58
CA THR L 11 18.99 -16.89 42.77
C THR L 11 19.51 -15.59 42.16
N GLY L 12 20.69 -15.11 42.54
CA GLY L 12 21.22 -13.87 42.04
C GLY L 12 21.21 -12.71 43.01
N ASN L 13 20.83 -12.94 44.27
CA ASN L 13 20.88 -11.91 45.31
C ASN L 13 22.31 -11.76 45.79
N TRP L 14 23.12 -11.08 44.98
CA TRP L 14 24.53 -10.86 45.26
C TRP L 14 24.81 -9.37 45.31
N ASP L 15 25.56 -8.95 46.33
CA ASP L 15 26.13 -7.62 46.35
C ASP L 15 27.38 -7.67 45.48
N LEU L 16 27.19 -7.33 44.20
CA LEU L 16 28.24 -7.55 43.20
C LEU L 16 29.39 -6.56 43.36
N TYR L 17 29.08 -5.32 43.76
CA TYR L 17 30.10 -4.29 43.90
C TYR L 17 30.07 -3.65 45.29
N GLY L 18 29.42 -4.28 46.26
CA GLY L 18 29.34 -3.71 47.58
C GLY L 18 30.61 -3.87 48.40
N ASN L 19 30.67 -3.10 49.49
CA ASN L 19 31.78 -3.14 50.42
C ASN L 19 31.26 -3.15 51.85
N ASP L 20 32.00 -3.83 52.74
CA ASP L 20 31.61 -3.98 54.14
C ASP L 20 32.50 -3.18 55.06
N ASP L 21 33.13 -2.12 54.54
CA ASP L 21 33.94 -1.23 55.35
C ASP L 21 33.00 -0.39 56.23
N PRO L 22 33.24 -0.31 57.56
CA PRO L 22 32.30 0.43 58.42
C PRO L 22 32.38 1.95 58.26
N ASN L 23 33.59 2.49 58.23
CA ASN L 23 33.77 3.93 58.09
C ASN L 23 35.11 4.23 57.46
N ARG L 24 35.17 5.33 56.72
CA ARG L 24 36.43 5.82 56.16
C ARG L 24 36.63 7.32 56.34
N TYR L 25 35.64 8.05 56.83
CA TYR L 25 35.79 9.47 57.11
C TYR L 25 36.30 9.63 58.55
N ASN L 26 36.28 10.86 59.05
CA ASN L 26 36.57 11.14 60.45
C ASN L 26 35.35 11.78 61.12
N GLY L 27 35.45 11.99 62.43
CA GLY L 27 34.34 12.53 63.19
C GLY L 27 34.07 14.00 62.95
N PHE L 28 35.08 14.75 62.50
CA PHE L 28 34.88 16.18 62.27
C PHE L 28 34.08 16.43 61.00
N GLN L 29 34.32 15.63 59.95
CA GLN L 29 33.57 15.80 58.70
C GLN L 29 32.16 15.26 58.83
N ASN L 30 31.97 14.20 59.61
CA ASN L 30 30.66 13.56 59.73
C ASN L 30 29.68 14.41 60.53
N LYS L 31 30.18 15.09 61.57
CA LYS L 31 29.29 15.90 62.41
C LYS L 31 28.87 17.19 61.73
N PHE L 32 29.62 17.65 60.71
CA PHE L 32 29.25 18.87 60.00
C PHE L 32 28.07 18.63 59.06
N PHE L 33 28.05 17.48 58.38
CA PHE L 33 27.04 17.22 57.36
C PHE L 33 25.69 16.87 57.98
N GLU L 34 25.69 16.12 59.08
CA GLU L 34 24.43 15.76 59.73
C GLU L 34 23.80 16.93 60.48
N THR L 35 24.61 17.92 60.89
CA THR L 35 24.05 19.12 61.49
C THR L 35 23.37 20.00 60.45
N PHE L 36 24.05 20.22 59.31
CA PHE L 36 23.50 21.09 58.27
C PHE L 36 22.35 20.43 57.53
N ALA L 37 22.52 19.16 57.16
CA ALA L 37 21.44 18.40 56.50
C ALA L 37 20.62 17.61 57.51
N GLY L 38 20.13 18.29 58.54
CA GLY L 38 19.28 17.66 59.54
C GLY L 38 17.84 18.06 59.37
N ALA L 39 17.61 19.25 58.80
CA ALA L 39 16.27 19.72 58.47
C ALA L 39 15.83 19.31 57.08
N PHE L 40 16.64 18.53 56.37
CA PHE L 40 16.33 18.06 55.02
C PHE L 40 16.07 16.56 54.98
N THR L 41 15.84 15.95 56.15
CA THR L 41 15.80 14.49 56.22
C THR L 41 14.45 13.93 55.79
N LYS L 42 13.36 14.40 56.39
CA LYS L 42 12.06 13.75 56.23
C LYS L 42 11.48 14.03 54.84
N ARG L 43 11.03 12.97 54.17
CA ARG L 43 10.53 13.07 52.79
C ARG L 43 9.29 13.93 52.69
N GLY L 44 8.36 13.79 53.63
CA GLY L 44 7.18 14.63 53.64
C GLY L 44 7.49 16.08 53.95
N LEU L 45 8.49 16.32 54.80
CA LEU L 45 8.88 17.69 55.10
C LEU L 45 9.67 18.30 53.95
N LEU L 46 10.57 17.52 53.32
CA LEU L 46 11.40 18.05 52.24
C LEU L 46 10.59 18.33 50.98
N LEU L 47 9.55 17.54 50.72
CA LEU L 47 8.70 17.78 49.56
C LEU L 47 7.83 19.02 49.74
N LYS L 48 7.60 19.46 50.98
CA LYS L 48 6.75 20.62 51.21
C LYS L 48 7.50 21.92 50.91
N PHE L 49 8.70 22.09 51.47
CA PHE L 49 9.44 23.32 51.25
C PHE L 49 10.17 23.38 49.92
N LEU L 50 10.30 22.26 49.21
CA LEU L 50 10.87 22.31 47.87
C LEU L 50 9.84 22.78 46.84
N VAL L 51 8.58 22.39 47.01
CA VAL L 51 7.52 22.90 46.15
C VAL L 51 7.23 24.36 46.45
N LEU L 52 7.11 24.70 47.74
CA LEU L 52 6.78 26.07 48.12
C LEU L 52 7.98 27.01 47.92
N GLY L 53 9.19 26.52 48.20
CA GLY L 53 10.38 27.31 47.93
C GLY L 53 10.72 27.38 46.46
N GLY L 54 10.37 26.34 45.70
CA GLY L 54 10.66 26.34 44.28
C GLY L 54 9.71 27.20 43.47
N ALA L 55 8.47 27.36 43.95
CA ALA L 55 7.51 28.23 43.28
C ALA L 55 7.87 29.70 43.49
N THR L 56 8.42 30.04 44.66
CA THR L 56 8.78 31.42 44.93
C THR L 56 10.04 31.84 44.17
N THR L 57 11.00 30.92 44.03
CA THR L 57 12.29 31.27 43.45
C THR L 57 12.25 31.40 41.94
N ILE L 58 11.22 30.84 41.29
CA ILE L 58 11.04 31.04 39.86
C ILE L 58 10.17 32.28 39.59
N GLY L 59 9.31 32.65 40.55
CA GLY L 59 8.52 33.86 40.41
C GLY L 59 9.26 35.11 40.80
N TYR L 60 10.36 34.97 41.55
CA TYR L 60 11.16 36.13 41.93
C TYR L 60 12.00 36.61 40.75
N LEU L 61 12.86 35.74 40.21
CA LEU L 61 13.71 36.14 39.09
C LEU L 61 12.97 36.14 37.76
N GLY L 62 11.76 35.60 37.70
CA GLY L 62 10.89 35.86 36.57
C GLY L 62 10.37 37.28 36.53
N SER L 63 10.28 37.94 37.69
CA SER L 63 9.71 39.27 37.79
C SER L 63 10.76 40.36 38.00
N THR L 64 11.88 40.05 38.65
CA THR L 64 12.93 41.04 38.90
C THR L 64 13.95 41.10 37.78
N SER L 65 13.78 40.27 36.75
CA SER L 65 14.67 40.28 35.59
C SER L 65 14.51 41.56 34.78
N SER L 66 15.58 41.91 34.08
CA SER L 66 15.68 43.16 33.33
C SER L 66 15.60 42.87 31.84
N GLY L 67 15.79 43.93 31.04
CA GLY L 67 15.74 43.79 29.60
C GLY L 67 16.90 43.00 29.02
N ASP L 68 18.11 43.23 29.51
CA ASP L 68 19.26 42.46 29.05
C ASP L 68 19.31 41.06 29.63
N LEU L 69 18.69 40.84 30.80
CA LEU L 69 18.69 39.50 31.40
C LEU L 69 17.77 38.56 30.64
N LEU L 70 16.58 39.03 30.27
CA LEU L 70 15.63 38.22 29.52
C LEU L 70 14.93 39.09 28.48
N ALA L 71 14.78 38.55 27.28
CA ALA L 71 14.23 39.34 26.17
C ALA L 71 12.71 39.53 26.26
N ILE L 72 12.02 38.70 27.04
CA ILE L 72 10.57 38.85 27.12
C ILE L 72 10.19 40.02 28.03
N LYS L 73 11.05 40.40 28.97
CA LYS L 73 10.84 41.61 29.75
C LYS L 73 11.46 42.84 29.11
N ASN L 74 12.22 42.66 28.02
CA ASN L 74 12.76 43.80 27.30
C ASN L 74 11.67 44.50 26.48
N GLY L 75 10.77 43.73 25.89
CA GLY L 75 9.72 44.28 25.08
C GLY L 75 10.20 44.62 23.67
N PRO L 76 9.32 45.18 22.85
CA PRO L 76 9.73 45.59 21.50
C PRO L 76 10.61 46.83 21.55
N LYS L 77 11.60 46.87 20.65
CA LYS L 77 12.52 48.00 20.56
C LYS L 77 12.56 48.58 19.15
N GLN L 78 11.58 48.25 18.31
CA GLN L 78 11.50 48.76 16.96
C GLN L 78 10.04 49.00 16.60
N ALA L 79 9.82 49.52 15.39
CA ALA L 79 8.48 49.73 14.89
C ALA L 79 7.81 48.38 14.59
N PRO L 80 6.51 48.25 14.85
CA PRO L 80 5.83 46.98 14.56
C PRO L 80 5.68 46.73 13.07
N ILE L 81 5.69 45.44 12.72
CA ILE L 81 5.59 45.02 11.32
C ILE L 81 4.12 44.93 10.96
N MET L 82 3.70 45.71 9.98
CA MET L 82 2.32 45.70 9.52
C MET L 82 2.11 44.54 8.56
N GLY L 83 1.00 43.83 8.75
CA GLY L 83 0.68 42.69 7.91
C GLY L 83 0.06 43.10 6.59
N PRO L 84 -0.32 42.10 5.80
CA PRO L 84 -0.99 42.40 4.53
C PRO L 84 -2.43 42.83 4.75
N ARG L 85 -3.01 43.39 3.67
CA ARG L 85 -4.36 43.97 3.61
C ARG L 85 -4.57 45.10 4.61
N GLY L 86 -3.50 45.77 5.02
CA GLY L 86 -3.60 46.86 5.98
C GLY L 86 -3.84 46.45 7.41
N ARG L 87 -3.78 45.16 7.73
CA ARG L 87 -4.07 44.69 9.07
C ARG L 87 -2.89 44.90 10.01
N MET M 1 -2.26 45.44 27.98
CA MET M 1 -1.90 44.82 29.26
C MET M 1 -2.07 45.76 30.45
N THR M 2 -2.80 45.26 31.45
CA THR M 2 -3.01 45.97 32.72
C THR M 2 -1.87 45.68 33.69
N ALA M 3 -1.64 44.42 33.99
CA ALA M 3 -0.59 44.00 34.92
C ALA M 3 0.36 43.11 34.14
N SER M 4 1.53 43.66 33.80
CA SER M 4 2.50 42.95 32.98
C SER M 4 3.25 41.87 33.75
N TYR M 5 3.20 41.88 35.08
CA TYR M 5 4.03 40.98 35.87
C TYR M 5 3.34 39.65 36.19
N LEU M 6 2.02 39.56 36.03
CA LEU M 6 1.35 38.28 36.17
C LEU M 6 1.62 37.31 35.03
N PRO M 7 1.90 37.76 33.78
CA PRO M 7 2.60 36.87 32.84
C PRO M 7 3.90 36.30 33.37
N SER M 8 4.69 37.10 34.09
CA SER M 8 5.97 36.67 34.60
C SER M 8 5.85 35.75 35.81
N ILE M 9 4.66 35.61 36.40
CA ILE M 9 4.44 34.77 37.56
C ILE M 9 3.70 33.49 37.19
N PHE M 10 2.53 33.61 36.53
CA PHE M 10 1.69 32.44 36.36
C PHE M 10 2.20 31.48 35.30
N VAL M 11 2.84 31.98 34.24
CA VAL M 11 3.45 31.12 33.22
C VAL M 11 4.60 30.29 33.80
N PRO M 12 5.51 30.80 34.67
CA PRO M 12 6.39 29.85 35.39
C PRO M 12 5.72 28.88 36.35
N LEU M 13 4.65 29.25 37.07
CA LEU M 13 4.02 28.26 37.95
C LEU M 13 3.20 27.23 37.19
N ILE M 14 2.31 27.66 36.29
CA ILE M 14 1.49 26.69 35.55
C ILE M 14 2.31 25.98 34.47
N GLY M 15 3.46 26.52 34.09
CA GLY M 15 4.29 25.85 33.11
C GLY M 15 5.39 24.96 33.69
N LEU M 16 5.90 25.29 34.87
CA LEU M 16 6.96 24.50 35.50
C LEU M 16 6.54 23.93 36.83
N VAL M 17 5.97 24.75 37.72
CA VAL M 17 5.69 24.30 39.09
C VAL M 17 4.49 23.38 39.12
N PHE M 18 3.40 23.77 38.45
CA PHE M 18 2.18 22.96 38.45
C PHE M 18 2.32 21.58 37.79
N PRO M 19 3.03 21.39 36.65
CA PRO M 19 3.37 20.02 36.27
C PRO M 19 4.28 19.31 37.27
N ALA M 20 5.17 20.03 37.94
CA ALA M 20 6.00 19.39 38.96
C ALA M 20 5.19 19.09 40.22
N ILE M 21 4.12 19.84 40.46
CA ILE M 21 3.18 19.47 41.51
C ILE M 21 2.36 18.26 41.08
N THR M 22 1.82 18.30 39.85
CA THR M 22 0.83 17.31 39.43
C THR M 22 1.48 15.96 39.13
N MET M 23 2.62 15.97 38.44
CA MET M 23 3.23 14.69 38.06
C MET M 23 3.88 14.00 39.25
N ALA M 24 4.40 14.77 40.21
CA ALA M 24 4.98 14.14 41.39
C ALA M 24 3.91 13.61 42.33
N SER M 25 2.78 14.32 42.43
CA SER M 25 1.68 13.84 43.27
C SER M 25 0.96 12.66 42.62
N LEU M 26 0.95 12.62 41.28
CA LEU M 26 0.34 11.47 40.61
C LEU M 26 1.22 10.25 40.71
N PHE M 27 2.55 10.43 40.57
CA PHE M 27 3.48 9.31 40.66
C PHE M 27 3.52 8.69 42.06
N ILE M 28 3.34 9.51 43.10
CA ILE M 28 3.06 8.98 44.43
C ILE M 28 1.74 8.24 44.44
N TYR M 29 0.69 8.80 43.82
CA TYR M 29 -0.64 8.20 43.84
C TYR M 29 -0.71 6.93 43.01
N ILE M 30 -0.07 6.90 41.83
CA ILE M 30 -0.19 5.71 40.99
C ILE M 30 0.68 4.56 41.50
N GLU M 31 1.67 4.84 42.36
CA GLU M 31 2.52 3.80 42.93
C GLU M 31 2.26 3.59 44.42
N GLN M 32 1.12 4.04 44.94
CA GLN M 32 0.71 3.64 46.27
C GLN M 32 0.29 2.18 46.27
N ASP M 33 0.80 1.41 47.23
CA ASP M 33 0.43 0.01 47.33
C ASP M 33 -0.96 -0.17 47.93
N GLU M 34 -1.36 0.75 48.82
CA GLU M 34 -2.67 0.79 49.51
C GLU M 34 -3.01 -0.50 50.25
N MET N 1 1.45 -30.81 -24.94
CA MET N 1 0.22 -30.03 -25.15
C MET N 1 -0.92 -30.54 -24.30
N GLN N 2 -0.76 -31.73 -23.72
CA GLN N 2 -1.61 -32.11 -22.61
C GLN N 2 -1.20 -31.40 -21.32
N ASP N 3 0.01 -30.84 -21.28
CA ASP N 3 0.50 -30.09 -20.14
C ASP N 3 1.12 -28.75 -20.51
N VAL N 4 1.57 -28.58 -21.77
CA VAL N 4 2.07 -27.28 -22.22
C VAL N 4 0.93 -26.29 -22.36
N LYS N 5 -0.19 -26.72 -22.96
CA LYS N 5 -1.36 -25.88 -23.06
C LYS N 5 -2.05 -25.70 -21.73
N THR N 6 -1.83 -26.61 -20.77
CA THR N 6 -2.31 -26.43 -19.41
C THR N 6 -1.57 -25.30 -18.71
N TYR N 7 -0.25 -25.21 -18.94
CA TYR N 7 0.54 -24.09 -18.42
C TYR N 7 0.13 -22.79 -19.10
N LEU N 8 -0.13 -22.84 -20.41
CA LEU N 8 -0.58 -21.68 -21.16
C LEU N 8 -1.98 -21.24 -20.75
N SER N 9 -2.76 -22.12 -20.13
CA SER N 9 -4.10 -21.82 -19.65
C SER N 9 -4.11 -21.38 -18.19
N THR N 10 -2.95 -21.20 -17.58
CA THR N 10 -2.91 -20.78 -16.19
C THR N 10 -3.32 -19.30 -16.05
N ALA N 11 -3.61 -18.92 -14.80
CA ALA N 11 -4.04 -17.56 -14.50
C ALA N 11 -3.05 -16.44 -14.86
N PRO N 12 -1.72 -16.53 -14.61
CA PRO N 12 -0.87 -15.39 -15.03
C PRO N 12 -0.64 -15.32 -16.53
N VAL N 13 -0.56 -16.46 -17.22
CA VAL N 13 -0.30 -16.46 -18.66
C VAL N 13 -1.54 -15.96 -19.41
N LEU N 14 -2.72 -16.41 -18.98
CA LEU N 14 -3.95 -15.95 -19.63
C LEU N 14 -4.27 -14.52 -19.28
N ALA N 15 -3.79 -14.02 -18.14
CA ALA N 15 -3.93 -12.59 -17.87
C ALA N 15 -2.96 -11.79 -18.71
N THR N 16 -1.76 -12.33 -18.97
CA THR N 16 -0.80 -11.65 -19.82
C THR N 16 -1.25 -11.67 -21.28
N LEU N 17 -1.81 -12.79 -21.73
CA LEU N 17 -2.25 -12.91 -23.11
C LEU N 17 -3.53 -12.11 -23.36
N TRP N 18 -4.41 -12.01 -22.37
CA TRP N 18 -5.62 -11.22 -22.58
C TRP N 18 -5.33 -9.73 -22.48
N PHE N 19 -4.61 -9.30 -21.44
CA PHE N 19 -4.29 -7.88 -21.30
C PHE N 19 -3.24 -7.44 -22.31
N GLY N 20 -2.43 -8.35 -22.83
CA GLY N 20 -1.60 -8.02 -23.97
C GLY N 20 -2.44 -7.79 -25.20
N PHE N 21 -3.50 -8.59 -25.38
CA PHE N 21 -4.45 -8.36 -26.46
C PHE N 21 -5.34 -7.15 -26.16
N LEU N 22 -5.70 -6.96 -24.88
CA LEU N 22 -6.58 -5.86 -24.51
C LEU N 22 -5.89 -4.52 -24.64
N ALA N 23 -4.68 -4.39 -24.10
CA ALA N 23 -3.93 -3.15 -24.28
C ALA N 23 -3.43 -3.03 -25.70
N GLY N 24 -3.21 -4.15 -26.38
CA GLY N 24 -2.89 -4.09 -27.80
C GLY N 24 -4.05 -3.57 -28.64
N LEU N 25 -5.28 -3.92 -28.25
CA LEU N 25 -6.44 -3.42 -28.97
C LEU N 25 -6.70 -1.95 -28.66
N LEU N 26 -6.59 -1.56 -27.38
CA LEU N 26 -6.94 -0.20 -26.99
C LEU N 26 -5.89 0.82 -27.43
N ILE N 27 -4.64 0.38 -27.61
CA ILE N 27 -3.64 1.25 -28.21
C ILE N 27 -3.94 1.44 -29.69
N GLU N 28 -4.32 0.37 -30.39
CA GLU N 28 -4.59 0.47 -31.82
C GLU N 28 -5.92 1.16 -32.11
N ILE N 29 -6.85 1.17 -31.14
CA ILE N 29 -8.00 2.06 -31.24
C ILE N 29 -7.56 3.51 -31.07
N ASN N 30 -6.60 3.74 -30.18
CA ASN N 30 -6.10 5.09 -29.89
C ASN N 30 -5.10 5.60 -30.92
N ARG N 31 -4.78 4.81 -31.95
CA ARG N 31 -3.98 5.32 -33.06
C ARG N 31 -4.85 5.82 -34.20
N PHE N 32 -5.74 4.96 -34.70
CA PHE N 32 -6.63 5.35 -35.79
C PHE N 32 -7.77 6.24 -35.33
N PHE N 33 -8.16 6.15 -34.06
CA PHE N 33 -9.17 7.04 -33.48
C PHE N 33 -8.63 7.66 -32.19
N PRO N 34 -7.73 8.64 -32.29
CA PRO N 34 -7.17 9.24 -31.08
C PRO N 34 -8.01 10.42 -30.58
N ASP N 35 -7.68 10.83 -29.34
CA ASP N 35 -8.25 12.00 -28.66
C ASP N 35 -9.77 11.93 -28.55
N ALA N 36 -10.28 10.73 -28.31
CA ALA N 36 -11.71 10.44 -28.35
C ALA N 36 -12.34 10.77 -27.00
N LEU N 37 -13.01 11.92 -26.92
CA LEU N 37 -13.70 12.33 -25.70
C LEU N 37 -15.20 12.16 -25.78
N VAL N 38 -15.77 12.18 -26.99
CA VAL N 38 -17.20 12.07 -27.20
C VAL N 38 -17.45 10.97 -28.22
N LEU N 39 -18.30 10.02 -27.87
CA LEU N 39 -18.72 8.99 -28.82
C LEU N 39 -19.72 9.60 -29.80
N PRO N 40 -19.43 9.61 -31.11
CA PRO N 40 -20.33 10.29 -32.05
C PRO N 40 -21.58 9.47 -32.38
N LEU N 41 -21.47 8.15 -32.29
CA LEU N 41 -22.59 7.27 -32.64
C LEU N 41 -23.67 7.29 -31.55
N TYR O 1 72.47 -8.09 -21.26
CA TYR O 1 71.34 -8.35 -20.38
C TYR O 1 71.63 -9.54 -19.46
N ILE O 2 72.53 -10.42 -19.92
CA ILE O 2 72.88 -11.62 -19.15
C ILE O 2 73.64 -11.22 -17.88
N GLY O 3 74.60 -10.32 -18.01
CA GLY O 3 75.31 -9.82 -16.85
C GLY O 3 74.65 -8.68 -16.11
N SER O 4 73.44 -8.30 -16.51
CA SER O 4 72.73 -7.21 -15.86
C SER O 4 72.17 -7.66 -14.51
N SER O 5 71.86 -6.67 -13.66
CA SER O 5 71.39 -6.97 -12.31
C SER O 5 69.97 -7.51 -12.29
N THR O 6 69.19 -7.31 -13.35
CA THR O 6 67.85 -7.90 -13.42
C THR O 6 67.94 -9.41 -13.60
N ASN O 7 68.88 -9.87 -14.43
CA ASN O 7 69.04 -11.31 -14.69
C ASN O 7 69.61 -12.04 -13.48
N LEU O 8 70.58 -11.43 -12.79
CA LEU O 8 71.23 -12.10 -11.66
C LEU O 8 70.32 -12.22 -10.44
N ILE O 9 69.41 -11.26 -10.24
CA ILE O 9 68.46 -11.38 -9.13
C ILE O 9 67.41 -12.43 -9.45
N MET O 10 66.82 -12.36 -10.65
CA MET O 10 65.72 -13.24 -11.03
C MET O 10 66.16 -14.69 -11.19
N VAL O 11 67.43 -14.93 -11.55
CA VAL O 11 67.95 -16.28 -11.51
C VAL O 11 68.10 -16.73 -10.06
N ALA O 12 68.70 -15.89 -9.21
CA ALA O 12 68.98 -16.29 -7.83
C ALA O 12 67.73 -16.30 -6.96
N SER O 13 66.72 -15.51 -7.29
CA SER O 13 65.46 -15.59 -6.56
C SER O 13 64.71 -16.87 -6.91
N THR O 14 64.81 -17.30 -8.16
CA THR O 14 64.16 -18.55 -8.57
C THR O 14 64.96 -19.77 -8.11
N THR O 15 66.30 -19.69 -8.14
CA THR O 15 67.13 -20.84 -7.81
C THR O 15 67.10 -21.13 -6.31
N LEU O 16 67.17 -20.08 -5.48
CA LEU O 16 67.20 -20.29 -4.04
C LEU O 16 65.85 -20.75 -3.51
N MET O 17 64.75 -20.33 -4.15
CA MET O 17 63.43 -20.77 -3.71
C MET O 17 63.17 -22.20 -4.16
N LEU O 18 63.69 -22.60 -5.32
CA LEU O 18 63.63 -24.00 -5.72
C LEU O 18 64.58 -24.86 -4.89
N PHE O 19 65.70 -24.27 -4.42
CA PHE O 19 66.59 -24.96 -3.50
C PHE O 19 65.91 -25.15 -2.15
N ALA O 20 65.11 -24.16 -1.73
CA ALA O 20 64.42 -24.26 -0.44
C ALA O 20 63.28 -25.25 -0.50
N GLY O 21 62.57 -25.33 -1.62
CA GLY O 21 61.48 -26.27 -1.76
C GLY O 21 61.92 -27.70 -1.95
N ARG O 22 63.15 -27.92 -2.43
CA ARG O 22 63.66 -29.27 -2.65
C ARG O 22 64.38 -29.81 -1.42
N PHE O 23 65.18 -28.99 -0.76
CA PHE O 23 65.96 -29.40 0.39
C PHE O 23 65.23 -29.17 1.72
N GLY O 24 63.90 -29.06 1.68
CA GLY O 24 63.08 -28.99 2.87
C GLY O 24 63.22 -27.73 3.70
N LEU O 25 63.32 -26.58 3.05
CA LEU O 25 63.39 -25.30 3.74
C LEU O 25 62.16 -24.43 3.52
N ALA O 26 61.32 -24.77 2.55
CA ALA O 26 60.14 -24.01 2.20
C ALA O 26 58.94 -24.94 2.21
N PRO O 27 57.73 -24.41 2.41
CA PRO O 27 56.52 -25.23 2.19
C PRO O 27 56.38 -25.66 0.74
N SER O 28 55.89 -26.89 0.57
CA SER O 28 55.73 -27.49 -0.75
C SER O 28 54.43 -28.29 -0.72
N ALA O 29 54.21 -29.10 -1.77
CA ALA O 29 52.98 -29.88 -1.85
C ALA O 29 53.00 -31.06 -0.89
N ASN O 30 54.18 -31.62 -0.62
CA ASN O 30 54.30 -32.83 0.17
C ASN O 30 54.71 -32.57 1.61
N ARG O 31 54.75 -31.30 2.03
CA ARG O 31 55.10 -30.96 3.41
C ARG O 31 54.44 -29.64 3.78
N LYS O 32 53.76 -29.64 4.92
CA LYS O 32 52.86 -28.57 5.31
C LYS O 32 53.45 -27.82 6.50
N SER O 33 53.25 -26.51 6.54
CA SER O 33 53.56 -25.70 7.71
C SER O 33 52.29 -25.51 8.55
N THR O 34 52.42 -25.77 9.84
CA THR O 34 51.32 -25.60 10.78
C THR O 34 51.28 -24.16 11.28
N ALA O 35 50.52 -23.92 12.36
CA ALA O 35 50.46 -22.58 12.94
C ALA O 35 51.76 -22.19 13.63
N GLY O 36 52.56 -23.17 14.05
CA GLY O 36 53.87 -22.95 14.63
C GLY O 36 55.00 -22.85 13.62
N LEU O 37 54.67 -22.80 12.32
CA LEU O 37 55.61 -22.76 11.19
C LEU O 37 56.58 -23.94 11.22
N LYS O 38 56.04 -25.13 11.47
CA LYS O 38 56.82 -26.36 11.56
C LYS O 38 56.46 -27.25 10.38
N LEU O 39 57.48 -27.75 9.68
CA LEU O 39 57.29 -28.54 8.48
C LEU O 39 56.93 -29.97 8.85
N VAL O 40 55.69 -30.37 8.55
CA VAL O 40 55.21 -31.72 8.81
C VAL O 40 54.88 -32.37 7.47
N ASP O 41 55.21 -33.65 7.33
CA ASP O 41 55.06 -34.33 6.06
C ASP O 41 53.63 -34.78 5.83
N ARG O 42 53.23 -34.76 4.56
CA ARG O 42 51.90 -35.17 4.12
C ARG O 42 52.02 -35.88 2.79
N ASP O 43 50.98 -36.63 2.43
CA ASP O 43 50.90 -37.33 1.15
C ASP O 43 49.89 -36.58 0.29
N SER O 44 50.39 -35.74 -0.62
CA SER O 44 49.52 -35.01 -1.54
C SER O 44 49.04 -35.87 -2.69
N GLY O 45 49.66 -37.02 -2.93
CA GLY O 45 49.29 -37.91 -4.00
C GLY O 45 50.10 -37.75 -5.27
N LEU O 46 50.79 -36.62 -5.44
CA LEU O 46 51.53 -36.34 -6.67
C LEU O 46 52.82 -37.15 -6.70
N GLN O 47 53.03 -37.87 -7.81
CA GLN O 47 54.18 -38.76 -7.95
C GLN O 47 55.09 -38.27 -9.06
N THR O 48 56.36 -38.01 -8.72
CA THR O 48 57.41 -37.71 -9.69
C THR O 48 58.63 -38.59 -9.41
N GLY O 49 59.75 -38.30 -10.06
CA GLY O 49 60.96 -39.07 -9.88
C GLY O 49 61.88 -38.60 -8.79
N ASP O 50 61.47 -37.59 -8.02
CA ASP O 50 62.30 -37.06 -6.94
C ASP O 50 62.12 -37.89 -5.68
N PRO O 51 63.21 -38.36 -5.07
CA PRO O 51 63.09 -39.09 -3.80
C PRO O 51 62.69 -38.22 -2.63
N ALA O 52 62.98 -36.91 -2.69
CA ALA O 52 62.64 -36.02 -1.59
C ALA O 52 61.15 -35.70 -1.53
N GLY O 53 60.47 -35.72 -2.68
CA GLY O 53 59.06 -35.37 -2.72
C GLY O 53 58.76 -34.13 -3.55
N PHE O 54 59.77 -33.62 -4.25
CA PHE O 54 59.56 -32.47 -5.12
C PHE O 54 58.79 -32.89 -6.37
N THR O 55 57.70 -32.18 -6.65
CA THR O 55 56.82 -32.56 -7.75
C THR O 55 56.69 -31.39 -8.73
N ALA O 56 55.81 -31.57 -9.73
CA ALA O 56 55.58 -30.55 -10.74
C ALA O 56 54.81 -29.36 -10.20
N THR O 57 54.10 -29.53 -9.08
CA THR O 57 53.42 -28.40 -8.45
C THR O 57 54.43 -27.46 -7.80
N ASP O 58 55.45 -28.01 -7.12
CA ASP O 58 56.41 -27.19 -6.40
C ASP O 58 57.33 -26.40 -7.33
N THR O 59 57.66 -26.96 -8.51
CA THR O 59 58.50 -26.20 -9.42
C THR O 59 57.73 -25.09 -10.12
N LEU O 60 56.40 -25.14 -10.07
CA LEU O 60 55.57 -24.00 -10.45
C LEU O 60 55.30 -23.09 -9.26
N ALA O 61 55.25 -23.65 -8.05
CA ALA O 61 54.99 -22.83 -6.87
C ALA O 61 56.23 -22.06 -6.45
N CYS O 62 57.38 -22.72 -6.42
CA CYS O 62 58.61 -22.04 -6.02
C CYS O 62 59.15 -21.18 -7.14
N GLY O 63 58.81 -21.49 -8.40
CA GLY O 63 59.10 -20.57 -9.47
C GLY O 63 58.29 -19.30 -9.38
N ALA O 64 57.05 -19.40 -8.88
CA ALA O 64 56.22 -18.22 -8.71
C ALA O 64 56.70 -17.38 -7.54
N MET O 65 57.05 -18.02 -6.41
CA MET O 65 57.71 -17.30 -5.33
C MET O 65 59.16 -16.96 -5.66
N GLY O 66 59.74 -17.59 -6.67
CA GLY O 66 60.96 -17.06 -7.26
C GLY O 66 60.72 -15.81 -8.09
N HIS O 67 59.48 -15.62 -8.54
CA HIS O 67 59.13 -14.50 -9.41
C HIS O 67 58.40 -13.39 -8.69
N VAL O 68 57.50 -13.70 -7.75
CA VAL O 68 56.79 -12.68 -7.01
C VAL O 68 57.76 -11.93 -6.09
N ILE O 69 58.65 -12.67 -5.42
CA ILE O 69 59.71 -12.05 -4.63
C ILE O 69 60.73 -11.40 -5.56
N GLY O 70 61.06 -12.06 -6.67
CA GLY O 70 62.12 -11.58 -7.55
C GLY O 70 61.78 -10.30 -8.31
N VAL O 71 60.50 -10.10 -8.64
CA VAL O 71 60.06 -8.85 -9.25
C VAL O 71 60.19 -7.71 -8.24
N GLY O 72 59.82 -7.95 -6.98
CA GLY O 72 59.88 -6.92 -5.96
C GLY O 72 61.29 -6.51 -5.57
N ILE O 73 62.25 -7.46 -5.62
CA ILE O 73 63.63 -7.12 -5.34
C ILE O 73 64.23 -6.28 -6.47
N VAL O 74 63.88 -6.62 -7.73
CA VAL O 74 64.43 -5.91 -8.88
C VAL O 74 63.90 -4.48 -8.95
N LEU O 75 62.59 -4.32 -8.82
CA LEU O 75 62.02 -2.97 -8.85
C LEU O 75 62.19 -2.24 -7.54
N GLY O 76 62.41 -2.95 -6.43
CA GLY O 76 62.81 -2.29 -5.20
C GLY O 76 64.20 -1.70 -5.30
N LEU O 77 65.13 -2.43 -5.92
CA LEU O 77 66.47 -1.92 -6.14
C LEU O 77 66.55 -0.94 -7.30
N LYS O 78 65.56 -0.94 -8.19
CA LYS O 78 65.55 0.02 -9.29
C LYS O 78 65.17 1.41 -8.80
N ALA O 79 64.19 1.49 -7.90
CA ALA O 79 63.79 2.78 -7.35
C ALA O 79 64.79 3.30 -6.33
N THR O 80 65.51 2.40 -5.65
CA THR O 80 66.48 2.80 -4.63
C THR O 80 67.86 3.07 -5.24
N ALA O 81 68.43 2.08 -5.91
CA ALA O 81 69.76 2.22 -6.49
C ALA O 81 69.72 2.04 -8.01
N GLN P 1 38.79 -18.40 28.62
CA GLN P 1 39.64 -18.42 29.80
C GLN P 1 39.49 -17.13 30.61
N VAL P 2 39.18 -16.05 29.91
CA VAL P 2 39.06 -14.74 30.54
C VAL P 2 37.63 -14.47 31.01
N ILE P 3 36.64 -14.83 30.20
CA ILE P 3 35.26 -14.58 30.56
C ILE P 3 34.78 -15.71 31.47
N GLU P 4 34.24 -15.35 32.63
CA GLU P 4 33.58 -16.27 33.51
C GLU P 4 32.10 -15.93 33.63
N PRO P 5 31.26 -16.88 34.04
CA PRO P 5 29.91 -16.53 34.48
C PRO P 5 29.92 -15.76 35.79
N LEU P 6 28.79 -15.12 36.07
CA LEU P 6 28.64 -14.25 37.24
C LEU P 6 28.63 -15.10 38.50
N ASN P 7 29.74 -15.02 39.27
CA ASN P 7 29.99 -15.80 40.49
C ASN P 7 29.90 -17.30 40.25
N GLY P 8 30.34 -17.74 39.08
CA GLY P 8 30.31 -19.15 38.73
C GLY P 8 28.96 -19.68 38.30
N ASP P 9 27.93 -18.84 38.26
CA ASP P 9 26.58 -19.28 37.92
C ASP P 9 26.27 -18.88 36.49
N PRO P 10 26.12 -19.84 35.57
CA PRO P 10 25.87 -19.47 34.16
C PRO P 10 24.44 -19.04 33.87
N PHE P 11 23.51 -19.23 34.80
CA PHE P 11 22.09 -18.99 34.53
C PHE P 11 21.58 -17.73 35.20
N ILE P 12 22.47 -16.91 35.75
CA ILE P 12 22.15 -15.55 36.12
C ILE P 12 22.53 -14.66 34.94
N GLY P 13 21.70 -13.67 34.64
CA GLY P 13 21.90 -12.87 33.44
C GLY P 13 23.06 -11.89 33.50
N GLY P 14 24.28 -12.41 33.51
CA GLY P 14 25.47 -11.58 33.55
C GLY P 14 26.70 -12.43 33.37
N LEU P 15 27.82 -11.75 33.15
CA LEU P 15 29.10 -12.41 32.94
C LEU P 15 30.19 -11.67 33.71
N GLU P 16 31.24 -12.41 34.08
CA GLU P 16 32.38 -11.83 34.79
C GLU P 16 33.45 -11.43 33.77
N THR P 17 33.11 -10.40 33.01
CA THR P 17 33.93 -9.83 31.96
C THR P 17 35.04 -8.95 32.57
N PRO P 18 36.05 -8.55 31.77
CA PRO P 18 37.06 -7.61 32.29
C PRO P 18 36.52 -6.23 32.59
N VAL P 19 35.37 -5.86 32.02
CA VAL P 19 34.77 -4.56 32.30
C VAL P 19 33.96 -4.63 33.59
N THR P 20 33.80 -5.82 34.15
CA THR P 20 32.99 -6.04 35.35
C THR P 20 33.83 -6.48 36.54
N SER P 21 34.69 -7.47 36.37
CA SER P 21 35.42 -8.02 37.52
C SER P 21 36.94 -7.93 37.30
N SER P 22 37.42 -6.76 36.88
CA SER P 22 38.85 -6.50 36.82
C SER P 22 39.41 -6.28 38.22
N PRO P 23 40.73 -6.45 38.40
CA PRO P 23 41.37 -6.01 39.64
C PRO P 23 41.24 -4.51 39.88
N LEU P 24 41.19 -3.70 38.81
CA LEU P 24 41.09 -2.25 38.94
C LEU P 24 39.64 -1.79 38.99
N ILE P 25 38.76 -2.41 38.20
CA ILE P 25 37.38 -1.95 38.11
C ILE P 25 36.61 -2.32 39.38
N ALA P 26 36.76 -3.56 39.84
CA ALA P 26 36.07 -3.99 41.06
C ALA P 26 36.65 -3.36 42.32
N TRP P 27 37.83 -2.75 42.24
CA TRP P 27 38.35 -1.94 43.34
C TRP P 27 37.67 -0.58 43.32
N TYR P 28 37.51 -0.04 42.12
CA TYR P 28 36.91 1.28 41.92
C TYR P 28 35.46 1.26 42.37
N LEU P 29 34.63 0.42 41.71
CA LEU P 29 33.19 0.33 41.97
C LEU P 29 32.83 0.01 43.42
N SER P 30 33.77 -0.51 44.22
CA SER P 30 33.51 -0.93 45.58
C SER P 30 33.81 0.19 46.56
N ASN P 31 34.40 1.28 46.08
CA ASN P 31 34.74 2.41 46.93
C ASN P 31 33.88 3.62 46.59
N LEU P 32 33.09 3.53 45.52
CA LEU P 32 32.21 4.62 45.13
C LEU P 32 31.10 4.75 46.18
N PRO P 33 30.74 5.99 46.61
CA PRO P 33 29.76 6.22 47.70
C PRO P 33 28.40 5.52 47.65
N ALA P 34 28.05 4.84 46.54
CA ALA P 34 26.75 4.23 46.38
C ALA P 34 26.76 2.77 46.84
N TYR P 35 27.96 2.19 46.97
CA TYR P 35 28.14 0.78 47.28
C TYR P 35 28.80 0.58 48.64
N ARG P 36 28.79 1.60 49.50
CA ARG P 36 29.23 1.45 50.89
C ARG P 36 28.03 1.00 51.72
N THR P 37 28.03 -0.25 52.15
CA THR P 37 26.84 -0.82 52.76
C THR P 37 26.77 -0.62 54.27
N ALA P 38 27.84 -0.13 54.91
CA ALA P 38 27.85 0.09 56.34
C ALA P 38 27.94 1.55 56.74
N VAL P 39 28.28 2.44 55.82
CA VAL P 39 28.26 3.87 56.10
C VAL P 39 26.82 4.35 56.18
N ALA P 40 26.55 5.28 57.10
CA ALA P 40 25.23 5.87 57.25
C ALA P 40 24.84 6.61 55.97
N PRO P 41 23.60 6.48 55.49
CA PRO P 41 23.28 6.95 54.14
C PRO P 41 23.09 8.44 53.96
N LEU P 42 23.14 9.25 55.03
CA LEU P 42 23.23 10.69 54.85
C LEU P 42 24.65 11.14 54.50
N LEU P 43 25.67 10.45 55.04
CA LEU P 43 27.05 10.88 54.83
C LEU P 43 27.54 10.57 53.43
N ARG P 44 27.23 9.38 52.93
CA ARG P 44 27.58 8.97 51.57
C ARG P 44 26.69 9.62 50.53
N GLY P 45 25.54 10.16 50.94
CA GLY P 45 24.70 10.94 50.04
C GLY P 45 25.19 12.35 49.83
N VAL P 46 26.08 12.83 50.70
CA VAL P 46 26.68 14.15 50.55
C VAL P 46 27.76 14.09 49.47
N GLU P 47 28.33 12.91 49.24
CA GLU P 47 29.42 12.79 48.28
C GLU P 47 28.84 12.59 46.89
N ILE P 48 27.70 11.91 46.82
CA ILE P 48 26.91 11.76 45.60
C ILE P 48 26.31 13.13 45.20
N GLY P 49 26.27 14.09 46.11
CA GLY P 49 25.65 15.37 45.83
C GLY P 49 26.74 16.35 45.44
N LEU P 50 27.85 16.39 46.21
CA LEU P 50 29.01 17.24 45.90
C LEU P 50 29.53 16.99 44.49
N ALA P 51 29.59 15.72 44.08
CA ALA P 51 30.09 15.34 42.76
C ALA P 51 29.19 15.92 41.67
N HIS P 52 27.92 15.48 41.65
CA HIS P 52 26.95 15.87 40.63
C HIS P 52 26.66 17.36 40.67
N GLY P 53 26.77 17.99 41.84
CA GLY P 53 26.60 19.42 41.92
C GLY P 53 27.70 20.17 41.18
N TYR P 54 28.96 19.78 41.45
CA TYR P 54 30.13 20.37 40.80
C TYR P 54 30.06 20.29 39.27
N LEU P 55 30.04 19.06 38.72
CA LEU P 55 30.06 18.78 37.27
C LEU P 55 28.98 19.52 36.46
N LEU P 56 27.83 19.85 37.07
CA LEU P 56 26.72 20.43 36.32
C LEU P 56 26.80 21.93 36.15
N VAL P 57 27.77 22.61 36.78
CA VAL P 57 27.94 24.02 36.50
C VAL P 57 28.50 24.22 35.10
N GLY P 58 29.37 23.31 34.67
CA GLY P 58 30.05 23.35 33.38
C GLY P 58 29.20 23.45 32.12
N PRO P 59 28.27 22.50 31.89
CA PRO P 59 27.39 22.63 30.72
C PRO P 59 26.32 23.70 30.84
N PHE P 60 26.15 24.33 32.00
CA PHE P 60 25.15 25.38 32.17
C PHE P 60 25.73 26.78 32.06
N VAL P 61 27.05 26.94 32.24
CA VAL P 61 27.68 28.25 32.08
C VAL P 61 28.32 28.40 30.71
N LEU P 62 28.63 27.30 30.02
CA LEU P 62 29.34 27.35 28.75
C LEU P 62 28.45 27.10 27.56
N ALA P 63 27.21 26.67 27.78
CA ALA P 63 26.31 26.34 26.69
C ALA P 63 24.94 26.99 26.81
N GLY P 64 24.59 27.55 27.97
CA GLY P 64 23.25 28.04 28.22
C GLY P 64 22.93 29.30 27.42
N PRO P 65 21.69 29.79 27.59
CA PRO P 65 21.26 30.97 26.81
C PRO P 65 21.97 32.25 27.21
N LEU P 66 22.23 32.45 28.50
CA LEU P 66 22.98 33.62 28.96
C LEU P 66 24.46 33.30 29.12
N ARG P 67 25.07 32.75 28.07
CA ARG P 67 26.48 32.43 28.07
C ARG P 67 27.36 33.53 27.51
N ASN P 68 26.77 34.53 26.83
CA ASN P 68 27.51 35.60 26.18
C ASN P 68 27.39 36.93 26.90
N SER P 69 27.04 36.90 28.18
CA SER P 69 26.93 38.10 28.98
C SER P 69 27.91 38.03 30.15
N ALA P 70 27.91 39.09 30.96
CA ALA P 70 28.69 39.11 32.20
C ALA P 70 27.97 38.44 33.34
N VAL P 71 26.72 38.01 33.13
CA VAL P 71 25.93 37.32 34.13
C VAL P 71 25.99 35.81 33.93
N ARG P 72 26.96 35.33 33.13
CA ARG P 72 27.06 33.90 32.82
C ARG P 72 27.47 33.06 34.01
N GLY P 73 28.13 33.65 35.01
CA GLY P 73 28.35 32.94 36.25
C GLY P 73 27.07 32.80 37.06
N GLU P 74 26.28 33.87 37.12
CA GLU P 74 25.08 33.86 37.95
C GLU P 74 23.95 33.08 37.29
N ALA P 75 23.86 33.13 35.96
CA ALA P 75 22.75 32.48 35.27
C ALA P 75 22.94 30.96 35.24
N GLY P 76 24.18 30.51 35.00
CA GLY P 76 24.40 29.09 34.85
C GLY P 76 24.51 28.34 36.15
N SER P 77 24.94 29.01 37.23
CA SER P 77 25.03 28.35 38.52
C SER P 77 23.65 28.14 39.13
N LEU P 78 22.77 29.13 39.02
CA LEU P 78 21.40 28.96 39.48
C LEU P 78 20.63 28.00 38.58
N ALA P 79 21.03 27.89 37.31
CA ALA P 79 20.49 26.83 36.45
C ALA P 79 21.04 25.47 36.85
N ALA P 80 22.30 25.41 37.29
CA ALA P 80 22.85 24.15 37.78
C ALA P 80 22.26 23.77 39.13
N ALA P 81 21.99 24.77 39.98
CA ALA P 81 21.35 24.51 41.26
C ALA P 81 19.87 24.21 41.09
N GLY P 82 19.26 24.66 39.99
CA GLY P 82 17.88 24.30 39.71
C GLY P 82 17.70 22.84 39.36
N LEU P 83 18.68 22.24 38.68
CA LEU P 83 18.62 20.81 38.39
C LEU P 83 18.89 19.97 39.63
N VAL P 84 19.59 20.52 40.61
CA VAL P 84 19.75 19.84 41.89
C VAL P 84 18.41 19.77 42.63
N ALA P 85 17.66 20.88 42.64
CA ALA P 85 16.41 20.94 43.39
C ALA P 85 15.31 20.10 42.76
N ILE P 86 15.33 19.97 41.42
CA ILE P 86 14.36 19.12 40.74
C ILE P 86 14.66 17.65 41.02
N LEU P 87 15.95 17.28 40.90
CA LEU P 87 16.35 15.89 41.13
C LEU P 87 16.28 15.50 42.60
N THR P 88 16.29 16.48 43.51
CA THR P 88 15.99 16.19 44.91
C THR P 88 14.53 15.80 45.07
N MET P 89 13.62 16.48 44.38
CA MET P 89 12.21 16.09 44.41
C MET P 89 11.97 14.79 43.66
N CYS P 90 12.77 14.53 42.61
CA CYS P 90 12.71 13.23 41.96
C CYS P 90 13.25 12.14 42.86
N LEU P 91 14.26 12.47 43.68
CA LEU P 91 14.73 11.53 44.69
C LEU P 91 13.73 11.41 45.83
N THR P 92 12.97 12.47 46.10
CA THR P 92 11.99 12.44 47.18
C THR P 92 10.81 11.54 46.83
N ILE P 93 10.25 11.69 45.63
CA ILE P 93 9.07 10.92 45.27
C ILE P 93 9.42 9.49 44.91
N TYR P 94 10.69 9.20 44.61
CA TYR P 94 11.10 7.82 44.38
C TYR P 94 11.12 7.05 45.69
N GLY P 95 11.63 7.68 46.76
CA GLY P 95 11.68 7.00 48.04
C GLY P 95 10.32 6.88 48.70
N ILE P 96 9.40 7.77 48.36
CA ILE P 96 8.02 7.64 48.83
C ILE P 96 7.33 6.47 48.13
N ALA P 97 7.55 6.33 46.83
CA ALA P 97 6.88 5.28 46.07
C ALA P 97 7.49 3.91 46.34
N SER P 98 8.83 3.80 46.25
CA SER P 98 9.48 2.49 46.29
C SER P 98 9.47 1.90 47.69
N PHE P 99 9.78 2.69 48.70
CA PHE P 99 9.94 2.19 50.06
C PHE P 99 8.83 2.72 50.96
N LYS P 100 8.26 1.82 51.76
CA LYS P 100 7.22 2.17 52.71
C LYS P 100 7.82 2.28 54.11
N GLU P 101 7.20 3.11 54.94
CA GLU P 101 7.71 3.38 56.28
C GLU P 101 7.46 2.17 57.18
N GLY P 102 8.53 1.59 57.70
CA GLY P 102 8.44 0.42 58.55
C GLY P 102 8.73 -0.89 57.86
N GLU P 103 9.08 -0.88 56.58
CA GLU P 103 9.36 -2.10 55.84
C GLU P 103 10.83 -2.50 56.00
N ALA P 104 11.21 -3.57 55.32
CA ALA P 104 12.58 -4.06 55.32
C ALA P 104 13.37 -3.37 54.21
N SER P 105 14.56 -3.87 53.93
CA SER P 105 15.43 -3.32 52.90
C SER P 105 15.37 -4.18 51.65
N LYS P 106 15.07 -3.55 50.51
CA LYS P 106 15.04 -4.24 49.22
C LYS P 106 16.44 -4.22 48.60
N ALA P 107 17.34 -4.98 49.22
CA ALA P 107 18.75 -4.97 48.91
C ALA P 107 19.30 -6.40 49.00
N PRO P 108 20.32 -6.74 48.20
CA PRO P 108 20.94 -8.06 48.34
C PRO P 108 21.92 -8.07 49.51
N SER P 109 21.63 -8.92 50.51
CA SER P 109 22.47 -8.99 51.70
C SER P 109 23.76 -9.77 51.44
N LEU P 110 23.70 -10.79 50.59
CA LEU P 110 24.88 -11.62 50.34
C LEU P 110 25.83 -10.91 49.38
N THR P 111 27.13 -11.10 49.63
CA THR P 111 28.19 -10.46 48.85
C THR P 111 28.53 -11.34 47.64
N LEU P 112 29.69 -11.07 47.02
CA LEU P 112 30.18 -11.91 45.92
C LEU P 112 30.47 -13.32 46.39
N THR P 113 31.03 -13.47 47.58
CA THR P 113 31.30 -14.78 48.16
C THR P 113 30.07 -15.25 48.93
N GLY P 114 30.23 -16.32 49.70
CA GLY P 114 29.15 -16.88 50.48
C GLY P 114 29.00 -16.30 51.88
N ARG P 115 29.75 -15.27 52.22
CA ARG P 115 29.66 -14.66 53.53
C ARG P 115 28.41 -13.81 53.64
N GLN P 116 27.77 -13.85 54.80
CA GLN P 116 26.56 -13.08 55.06
C GLN P 116 26.92 -11.71 55.61
N LYS P 117 26.37 -10.67 55.00
CA LYS P 117 26.59 -9.29 55.43
C LYS P 117 25.27 -8.70 55.93
N ALA P 118 25.39 -7.53 56.54
CA ALA P 118 24.22 -6.78 56.97
C ALA P 118 23.50 -6.19 55.76
N ALA P 119 22.21 -5.90 55.94
CA ALA P 119 21.39 -5.37 54.86
C ALA P 119 21.77 -3.91 54.58
N ASP P 120 21.76 -3.56 53.30
CA ASP P 120 22.05 -2.19 52.88
C ASP P 120 20.90 -1.27 53.26
N LYS P 121 21.20 -0.24 54.05
CA LYS P 121 20.19 0.64 54.62
C LYS P 121 19.72 1.72 53.65
N LEU P 122 20.33 1.84 52.47
CA LEU P 122 19.91 2.87 51.52
C LEU P 122 18.55 2.58 50.92
N GLN P 123 18.23 1.30 50.69
CA GLN P 123 16.95 0.92 50.10
C GLN P 123 15.88 0.72 51.17
N THR P 124 15.69 1.77 51.97
CA THR P 124 14.67 1.83 53.01
C THR P 124 13.98 3.18 52.92
N ALA P 125 12.89 3.33 53.67
CA ALA P 125 12.15 4.59 53.68
C ALA P 125 12.92 5.68 54.42
N GLU P 126 13.68 5.32 55.45
CA GLU P 126 14.48 6.28 56.20
C GLU P 126 15.88 6.45 55.64
N GLY P 127 16.41 5.42 54.99
CA GLY P 127 17.73 5.53 54.38
C GLY P 127 17.73 6.39 53.13
N TRP P 128 16.70 6.26 52.30
CA TRP P 128 16.55 7.15 51.15
C TRP P 128 16.07 8.54 51.58
N ALA P 129 15.51 8.67 52.77
CA ALA P 129 15.16 9.98 53.32
C ALA P 129 16.40 10.80 53.63
N GLY P 130 17.38 10.22 54.33
CA GLY P 130 18.62 10.91 54.59
C GLY P 130 19.52 11.02 53.38
N PHE P 131 19.34 10.14 52.41
CA PHE P 131 20.07 10.24 51.15
C PHE P 131 19.59 11.43 50.33
N THR P 132 18.29 11.72 50.38
CA THR P 132 17.73 12.84 49.64
C THR P 132 18.19 14.17 50.21
N GLY P 133 18.27 14.28 51.53
CA GLY P 133 18.82 15.49 52.14
C GLY P 133 20.33 15.60 51.98
N GLY P 134 21.01 14.46 51.84
CA GLY P 134 22.43 14.50 51.52
C GLY P 134 22.70 15.00 50.11
N PHE P 135 21.81 14.64 49.17
CA PHE P 135 21.95 15.16 47.80
C PHE P 135 21.59 16.63 47.73
N PHE P 136 20.66 17.09 48.56
CA PHE P 136 20.24 18.49 48.50
C PHE P 136 21.30 19.42 49.07
N PHE P 137 21.88 19.05 50.22
CA PHE P 137 22.94 19.88 50.79
C PHE P 137 24.24 19.73 50.01
N GLY P 138 24.57 18.52 49.60
CA GLY P 138 25.77 18.31 48.81
C GLY P 138 25.68 18.90 47.42
N GLY P 139 24.50 18.81 46.79
CA GLY P 139 24.33 19.36 45.46
C GLY P 139 24.35 20.88 45.43
N LEU P 140 23.70 21.51 46.41
CA LEU P 140 23.71 22.97 46.47
C LEU P 140 25.07 23.52 46.88
N SER P 141 25.86 22.73 47.62
CA SER P 141 27.22 23.15 47.93
C SER P 141 28.19 22.79 46.83
N GLY P 142 27.90 21.74 46.05
CA GLY P 142 28.74 21.41 44.92
C GLY P 142 28.60 22.40 43.78
N VAL P 143 27.39 22.95 43.60
CA VAL P 143 27.17 24.01 42.63
C VAL P 143 27.87 25.29 43.09
N ALA P 144 27.71 25.64 44.36
CA ALA P 144 28.22 26.91 44.87
C ALA P 144 29.75 26.93 44.95
N TRP P 145 30.38 25.79 45.23
CA TRP P 145 31.83 25.75 45.24
C TRP P 145 32.42 25.77 43.83
N ALA P 146 31.72 25.18 42.86
CA ALA P 146 32.17 25.28 41.48
C ALA P 146 31.91 26.67 40.92
N TYR P 147 30.90 27.36 41.44
CA TYR P 147 30.69 28.77 41.07
C TYR P 147 31.74 29.66 41.71
N ILE P 148 32.18 29.32 42.93
CA ILE P 148 33.20 30.10 43.62
C ILE P 148 34.55 29.93 42.94
N LEU P 149 34.89 28.71 42.54
CA LEU P 149 36.19 28.46 41.92
C LEU P 149 36.26 28.91 40.47
N LEU P 150 35.15 29.30 39.86
CA LEU P 150 35.13 29.73 38.47
C LEU P 150 34.83 31.21 38.29
N TYR P 151 33.92 31.77 39.10
CA TYR P 151 33.47 33.14 38.89
C TYR P 151 33.58 34.00 40.13
N VAL P 152 34.30 33.56 41.16
CA VAL P 152 34.62 34.40 42.31
C VAL P 152 36.13 34.52 42.40
N LEU P 153 36.82 33.38 42.51
CA LEU P 153 38.27 33.40 42.49
C LEU P 153 38.83 33.56 41.07
N ASN P 154 38.12 33.05 40.07
CA ASN P 154 38.46 33.14 38.64
C ASN P 154 39.84 32.53 38.35
N LEU P 155 39.94 31.22 38.58
CA LEU P 155 41.19 30.52 38.32
C LEU P 155 41.44 30.41 36.81
N PRO P 156 42.71 30.48 36.38
CA PRO P 156 42.99 30.44 34.93
C PRO P 156 42.81 29.05 34.34
N TYR P 157 41.97 28.96 33.32
CA TYR P 157 41.74 27.73 32.57
C TYR P 157 41.61 28.12 31.10
N PRO P 158 41.89 27.18 30.18
CA PRO P 158 41.64 27.46 28.75
C PRO P 158 40.20 27.78 28.40
N VAL P 159 39.21 27.18 29.06
CA VAL P 159 37.81 27.50 28.82
C VAL P 159 37.10 27.66 30.16
N LYS P 160 36.37 28.76 30.32
CA LYS P 160 35.72 29.08 31.59
C LYS P 160 34.51 29.99 31.37
N SER Q 1 -10.13 49.70 29.20
CA SER Q 1 -9.24 48.71 29.77
C SER Q 1 -9.62 48.39 31.21
N ILE Q 2 -9.48 47.13 31.60
CA ILE Q 2 -9.80 46.72 32.96
C ILE Q 2 -8.67 47.12 33.91
N SER Q 3 -8.99 47.17 35.21
CA SER Q 3 -8.06 47.65 36.22
C SER Q 3 -7.31 46.53 36.94
N ASP Q 4 -6.44 46.95 37.86
CA ASP Q 4 -5.63 46.04 38.68
C ASP Q 4 -6.47 45.26 39.68
N SER Q 5 -7.45 45.93 40.31
CA SER Q 5 -8.24 45.30 41.36
C SER Q 5 -9.24 44.31 40.78
N GLN Q 6 -9.58 44.47 39.50
CA GLN Q 6 -10.50 43.55 38.85
C GLN Q 6 -9.81 42.22 38.54
N ILE Q 7 -8.49 42.25 38.37
CA ILE Q 7 -7.73 41.01 38.22
C ILE Q 7 -7.71 40.23 39.53
N ILE Q 8 -7.69 40.94 40.67
CA ILE Q 8 -7.75 40.30 41.98
C ILE Q 8 -9.12 39.65 42.21
N VAL Q 9 -10.18 40.30 41.74
CA VAL Q 9 -11.53 39.76 41.86
C VAL Q 9 -11.68 38.51 41.00
N ALA Q 10 -11.07 38.50 39.81
CA ALA Q 10 -11.13 37.33 38.95
C ALA Q 10 -10.32 36.16 39.49
N LEU Q 11 -9.15 36.45 40.08
CA LEU Q 11 -8.29 35.38 40.57
C LEU Q 11 -8.85 34.71 41.83
N VAL Q 12 -9.53 35.47 42.68
CA VAL Q 12 -10.20 34.88 43.84
C VAL Q 12 -11.39 34.03 43.38
N SER Q 13 -12.18 34.55 42.44
CA SER Q 13 -13.34 33.82 41.95
C SER Q 13 -12.95 32.59 41.13
N ALA Q 14 -11.77 32.59 40.53
CA ALA Q 14 -11.25 31.37 39.93
C ALA Q 14 -10.71 30.41 40.97
N PHE Q 15 -10.13 30.94 42.06
CA PHE Q 15 -9.68 30.07 43.15
C PHE Q 15 -10.85 29.48 43.93
N ILE Q 16 -11.95 30.22 44.05
CA ILE Q 16 -13.18 29.67 44.61
C ILE Q 16 -13.74 28.59 43.68
N THR Q 17 -13.69 28.84 42.38
CA THR Q 17 -14.11 27.85 41.39
C THR Q 17 -13.15 26.65 41.38
N GLY Q 18 -11.87 26.89 41.64
CA GLY Q 18 -10.93 25.78 41.73
C GLY Q 18 -11.12 24.92 42.96
N ILE Q 19 -11.63 25.51 44.04
CA ILE Q 19 -11.99 24.73 45.23
C ILE Q 19 -13.22 23.88 44.94
N LEU Q 20 -14.21 24.46 44.25
CA LEU Q 20 -15.44 23.72 43.93
C LEU Q 20 -15.19 22.66 42.87
N ALA Q 21 -14.18 22.85 42.02
CA ALA Q 21 -13.73 21.79 41.13
C ALA Q 21 -13.02 20.69 41.91
N LEU Q 22 -12.27 21.07 42.95
CA LEU Q 22 -11.60 20.10 43.79
C LEU Q 22 -12.60 19.34 44.65
N ARG Q 23 -13.72 19.97 45.01
CA ARG Q 23 -14.73 19.33 45.85
C ARG Q 23 -15.52 18.30 45.04
N LEU Q 24 -15.80 18.60 43.77
CA LEU Q 24 -16.48 17.63 42.91
C LEU Q 24 -15.58 16.45 42.58
N GLY Q 25 -14.28 16.70 42.38
CA GLY Q 25 -13.35 15.62 42.09
C GLY Q 25 -13.13 14.69 43.27
N LYS Q 26 -13.31 15.21 44.49
CA LYS Q 26 -13.32 14.33 45.67
C LYS Q 26 -14.61 13.52 45.74
N SER Q 27 -15.74 14.11 45.36
CA SER Q 27 -17.01 13.40 45.40
C SER Q 27 -17.14 12.42 44.25
N LEU Q 28 -16.54 12.74 43.09
CA LEU Q 28 -16.48 11.79 41.98
C LEU Q 28 -15.56 10.61 42.30
N TYR Q 29 -14.57 10.83 43.17
CA TYR Q 29 -13.73 9.75 43.66
C TYR Q 29 -14.53 8.79 44.54
N GLN Q 30 -15.30 9.34 45.48
CA GLN Q 30 -16.11 8.52 46.36
C GLN Q 30 -17.39 8.06 45.67
N ASN R 1 39.17 -15.42 38.32
CA ASN R 1 38.97 -13.98 38.42
C ASN R 1 40.27 -13.26 38.72
N ARG R 2 40.25 -11.93 38.54
CA ARG R 2 41.33 -10.98 38.86
C ARG R 2 42.62 -11.23 38.07
N ASP R 3 42.57 -12.01 37.00
CA ASP R 3 43.73 -12.23 36.14
C ASP R 3 43.29 -12.25 34.68
N TRP R 4 42.46 -11.27 34.29
CA TRP R 4 41.95 -11.21 32.92
C TRP R 4 43.05 -10.88 31.92
N LEU R 5 44.07 -10.14 32.35
CA LEU R 5 45.26 -9.88 31.56
C LEU R 5 46.44 -9.90 32.53
N ARG R 6 47.23 -10.97 32.49
CA ARG R 6 48.40 -11.05 33.34
C ARG R 6 49.45 -10.05 32.86
N ARG R 7 50.29 -9.59 33.79
CA ARG R 7 51.19 -8.50 33.47
C ARG R 7 52.34 -8.98 32.61
N ASP R 8 53.18 -9.87 33.17
CA ASP R 8 54.36 -10.46 32.53
C ASP R 8 55.28 -9.38 31.94
N LEU R 9 55.87 -8.60 32.85
CA LEU R 9 56.46 -7.31 32.49
C LEU R 9 57.76 -7.41 31.71
N SER R 10 57.70 -8.06 30.54
CA SER R 10 58.72 -8.00 29.51
C SER R 10 58.14 -7.76 28.13
N VAL R 11 56.85 -8.05 27.92
CA VAL R 11 56.17 -7.66 26.68
C VAL R 11 56.05 -6.14 26.58
N ILE R 12 55.95 -5.44 27.71
CA ILE R 12 56.01 -3.99 27.72
C ILE R 12 57.45 -3.51 27.50
N GLY R 13 58.43 -4.38 27.73
CA GLY R 13 59.82 -4.08 27.44
C GLY R 13 60.23 -4.52 26.04
N PHE R 14 59.82 -5.71 25.63
CA PHE R 14 60.14 -6.17 24.28
C PHE R 14 59.31 -5.44 23.24
N GLY R 15 58.09 -5.03 23.60
CA GLY R 15 57.32 -4.16 22.72
C GLY R 15 57.85 -2.74 22.69
N LEU R 16 58.58 -2.33 23.75
CA LEU R 16 59.26 -1.04 23.73
C LEU R 16 60.40 -1.06 22.73
N ILE R 17 61.25 -2.10 22.77
CA ILE R 17 62.29 -2.22 21.75
C ILE R 17 61.75 -2.76 20.44
N GLY R 18 60.51 -3.21 20.42
CA GLY R 18 59.82 -3.53 19.18
C GLY R 18 59.31 -2.33 18.41
N TRP R 19 59.35 -1.13 19.00
CA TRP R 19 59.06 0.09 18.25
C TRP R 19 60.11 1.19 18.50
N LEU R 20 61.32 0.80 18.87
CA LEU R 20 62.50 1.67 18.79
C LEU R 20 63.62 1.06 17.95
N ALA R 21 63.91 -0.23 18.11
CA ALA R 21 64.92 -0.86 17.25
C ALA R 21 64.47 -1.01 15.78
N PRO R 22 63.27 -1.50 15.43
CA PRO R 22 62.90 -1.48 14.02
C PRO R 22 62.09 -0.27 13.58
N SER R 23 62.04 0.79 14.39
CA SER R 23 61.27 1.97 14.05
C SER R 23 62.10 3.25 14.01
N SER R 24 63.32 3.25 14.53
CA SER R 24 64.22 4.40 14.45
C SER R 24 65.33 4.17 13.44
N LEU R 25 65.10 3.33 12.44
CA LEU R 25 66.12 3.26 11.40
C LEU R 25 65.80 4.28 10.29
N PRO R 26 66.79 5.02 9.81
CA PRO R 26 66.57 5.88 8.65
C PRO R 26 66.32 5.05 7.40
N VAL R 27 65.42 5.54 6.56
CA VAL R 27 65.07 4.88 5.30
C VAL R 27 65.29 5.86 4.15
N ILE R 28 65.53 5.30 2.97
CA ILE R 28 65.69 6.12 1.77
C ILE R 28 64.32 6.40 1.16
N ASN R 29 63.29 5.66 1.54
CA ASN R 29 61.94 5.82 1.00
C ASN R 29 61.32 7.07 1.61
N GLY R 30 61.07 8.08 0.78
CA GLY R 30 60.50 9.32 1.23
C GLY R 30 61.48 10.32 1.80
N ASN R 31 62.79 9.99 1.76
CA ASN R 31 63.89 10.80 2.31
C ASN R 31 63.67 11.14 3.79
N SER R 32 63.24 10.14 4.57
CA SER R 32 63.07 10.34 6.00
C SER R 32 64.41 10.42 6.71
N LEU R 33 64.52 11.36 7.64
CA LEU R 33 65.73 11.48 8.45
C LEU R 33 65.82 10.33 9.44
N THR R 34 64.74 10.05 10.16
CA THR R 34 64.62 8.89 11.03
C THR R 34 63.14 8.52 11.05
N GLY R 35 62.83 7.26 11.36
CA GLY R 35 61.44 6.83 11.37
C GLY R 35 60.60 7.40 12.50
N LEU R 36 61.23 7.86 13.59
CA LEU R 36 60.45 8.26 14.76
C LEU R 36 60.84 9.58 15.41
N PHE R 37 62.04 10.13 15.18
CA PHE R 37 62.25 11.49 15.68
C PHE R 37 61.56 12.55 14.82
N LEU R 38 61.20 12.21 13.57
CA LEU R 38 60.22 13.04 12.87
C LEU R 38 58.82 12.82 13.45
N GLY R 39 58.56 11.62 13.99
CA GLY R 39 57.37 11.40 14.78
C GLY R 39 57.44 11.93 16.19
N SER R 40 58.64 12.14 16.72
CA SER R 40 58.81 12.80 18.01
C SER R 40 59.09 14.29 17.86
N ILE R 41 59.03 14.81 16.64
CA ILE R 41 59.17 16.25 16.41
C ILE R 41 57.92 17.03 16.78
N GLY R 42 56.79 16.36 16.97
CA GLY R 42 55.58 16.97 17.47
C GLY R 42 55.70 17.58 18.86
N PRO R 43 56.22 16.82 19.83
CA PRO R 43 56.65 17.46 21.09
C PRO R 43 57.77 18.49 20.93
N GLU R 44 58.61 18.35 19.90
CA GLU R 44 59.69 19.32 19.69
C GLU R 44 59.18 20.63 19.10
N LEU R 45 58.10 20.59 18.32
CA LEU R 45 57.65 21.78 17.60
C LEU R 45 56.25 22.22 18.00
N ALA R 46 55.28 21.32 18.03
CA ALA R 46 53.88 21.69 18.23
C ALA R 46 53.48 21.79 19.69
N HIS R 47 54.42 21.63 20.61
CA HIS R 47 54.14 21.75 22.04
C HIS R 47 53.98 23.21 22.43
N PHE R 48 52.77 23.58 22.85
CA PHE R 48 52.51 24.97 23.21
C PHE R 48 51.86 25.02 24.58
N PRO R 49 52.13 26.07 25.38
CA PRO R 49 51.40 26.23 26.64
C PRO R 49 49.95 26.64 26.45
N THR R 50 49.02 25.71 26.67
CA THR R 50 47.54 25.78 26.52
C THR R 50 47.07 26.42 25.20
N GLY R 51 47.92 26.40 24.16
CA GLY R 51 47.59 26.84 22.83
C GLY R 51 47.76 25.79 21.74
N PRO R 52 47.15 24.55 21.86
CA PRO R 52 47.69 23.37 21.16
C PRO R 52 47.64 23.35 19.64
N ALA R 53 48.12 22.23 19.11
CA ALA R 53 48.32 22.01 17.68
C ALA R 53 46.97 21.87 16.98
N LEU R 54 46.74 22.71 15.97
CA LEU R 54 45.51 22.69 15.18
C LEU R 54 45.88 22.84 13.70
N THR R 55 45.36 21.93 12.87
CA THR R 55 45.69 21.78 11.44
C THR R 55 47.22 21.60 11.26
N SER R 56 47.72 20.49 11.80
CA SER R 56 49.15 20.34 11.99
C SER R 56 49.69 19.03 11.43
N PRO R 57 51.00 18.98 11.13
CA PRO R 57 51.66 17.72 10.76
C PRO R 57 51.93 16.73 11.89
N PHE R 58 51.67 17.09 13.15
CA PHE R 58 51.86 16.14 14.25
C PHE R 58 50.87 14.97 14.16
N TRP R 59 49.55 15.24 14.04
CA TRP R 59 48.50 14.20 14.02
C TRP R 59 48.69 12.97 13.13
N LEU R 60 49.63 12.98 12.18
CA LEU R 60 49.72 11.83 11.27
C LEU R 60 50.73 10.84 11.82
N TRP R 61 51.94 11.32 12.11
CA TRP R 61 53.04 10.48 12.59
C TRP R 61 52.56 9.71 13.81
N MET R 62 52.05 10.47 14.81
CA MET R 62 51.46 9.93 16.04
C MET R 62 50.42 8.85 15.75
N VAL R 63 49.58 9.07 14.73
CA VAL R 63 48.50 8.14 14.40
C VAL R 63 49.00 6.90 13.70
N THR R 64 50.29 6.88 13.34
CA THR R 64 51.00 5.75 12.77
C THR R 64 51.89 5.12 13.83
N TRP R 65 52.65 5.95 14.55
CA TRP R 65 53.59 5.45 15.57
C TRP R 65 52.86 4.72 16.67
N HIS R 66 51.64 5.18 17.03
CA HIS R 66 50.84 4.50 18.03
C HIS R 66 50.16 3.27 17.45
N VAL R 67 49.76 3.35 16.18
CA VAL R 67 49.16 2.22 15.49
C VAL R 67 50.19 1.13 15.28
N GLY R 68 51.43 1.51 15.01
CA GLY R 68 52.51 0.54 15.00
C GLY R 68 52.84 0.03 16.38
N LEU R 69 52.64 0.86 17.40
CA LEU R 69 52.85 0.40 18.77
C LEU R 69 51.70 -0.50 19.22
N PHE R 70 50.48 -0.24 18.75
CA PHE R 70 49.34 -1.11 19.04
C PHE R 70 49.17 -2.22 18.01
N ILE R 71 50.24 -2.57 17.28
CA ILE R 71 50.23 -3.74 16.41
C ILE R 71 51.48 -4.58 16.62
N VAL R 72 52.48 -4.04 17.32
CA VAL R 72 53.72 -4.77 17.60
C VAL R 72 53.88 -5.05 19.09
N LEU R 73 53.66 -4.03 19.94
CA LEU R 73 53.73 -4.24 21.38
C LEU R 73 52.54 -5.05 21.91
N THR R 74 51.45 -5.13 21.15
CA THR R 74 50.42 -6.12 21.45
C THR R 74 50.65 -7.44 20.72
N PHE R 75 51.54 -7.49 19.72
CA PHE R 75 51.79 -8.74 19.02
C PHE R 75 52.62 -9.69 19.87
N GLY R 76 53.43 -9.15 20.78
CA GLY R 76 54.10 -9.99 21.76
C GLY R 76 53.19 -10.51 22.85
N GLN R 77 52.04 -9.85 23.06
CA GLN R 77 51.05 -10.35 24.01
C GLN R 77 50.43 -11.65 23.52
N ILE R 78 50.12 -11.74 22.22
CA ILE R 78 49.82 -13.02 21.61
C ILE R 78 51.06 -13.92 21.63
N GLY R 79 52.22 -13.36 21.30
CA GLY R 79 53.42 -14.15 21.09
C GLY R 79 53.97 -14.81 22.36
N PHE R 80 53.94 -14.08 23.48
CA PHE R 80 54.43 -14.68 24.72
C PHE R 80 53.41 -15.63 25.32
N LYS R 81 52.12 -15.30 25.27
CA LYS R 81 51.11 -16.21 25.81
C LYS R 81 50.84 -17.37 24.86
N GLY R 82 51.15 -17.23 23.56
CA GLY R 82 51.06 -18.35 22.66
C GLY R 82 52.13 -19.40 22.92
N ARG R 83 53.28 -18.97 23.46
CA ARG R 83 54.28 -19.92 23.94
C ARG R 83 53.86 -20.52 25.28
N GLN R 84 53.20 -19.73 26.13
CA GLN R 84 52.80 -20.21 27.44
C GLN R 84 51.63 -21.19 27.36
N ASP R 85 50.65 -20.90 26.51
CA ASP R 85 49.49 -21.76 26.34
C ASP R 85 49.68 -22.68 25.15
N GLY R 86 48.79 -23.67 25.05
CA GLY R 86 48.84 -24.63 23.96
C GLY R 86 48.19 -24.09 22.69
N TYR R 87 48.88 -23.18 22.01
CA TYR R 87 48.32 -22.51 20.84
C TYR R 87 48.93 -22.97 19.53
N TRP R 88 50.23 -23.29 19.51
CA TRP R 88 50.88 -23.81 18.32
C TRP R 88 52.04 -24.72 18.68
#